data_2ZUT
#
_entry.id   2ZUT
#
_cell.length_a   67.861
_cell.length_b   111.658
_cell.length_c   118.660
_cell.angle_alpha   105.200
_cell.angle_beta   90.480
_cell.angle_gamma   107.270
#
_symmetry.space_group_name_H-M   'P 1'
#
loop_
_entity.id
_entity.type
_entity.pdbx_description
1 polymer 'Lacto-N-biose phosphorylase'
2 non-polymer 2-acetamido-2-deoxy-alpha-D-galactopyranose
3 non-polymer GLYCEROL
4 non-polymer 'NITRATE ION'
5 non-polymer 'MAGNESIUM ION'
6 water water
#
_entity_poly.entity_id   1
_entity_poly.type   'polypeptide(L)'
_entity_poly.pdbx_seq_one_letter_code
;MTSTGRFTLPSEENFAEKTKELAELWGADAIRNSDGTHLDEAVLALGKKIYNAYFPTRAHNEWITLHMDETPQVYLLTDR
ILAESDTVDIPLMESFFAEQLKPNRDADPHKYWEVVDRTTGEVVDSANWTLDADEDTVHVSGVAAWHEYTVSFLAYIIWD
PVEMYNHLTNDWGDKEHEIPFDIYHPATRKFVFDTFEQWLKDSPQTDVVRFTTFFYQFTLLFDEKRREKVVDWFGCACTV
SPRALDDFEAKYGYRLRPEDFVDGGAYNSAWRVPRKAQRDWIDFLSGFVRENVKQLADMSHAAGKEAMMFLGDQWIGTEP
YKDGFDELGLDAVVGSIGDGTTTRMIADIPGVKYTEGRFLPYFFPDTFYEGNDPSIEGLDNWRKARRAILRSPISRMGYG
GYLSLAAKFPKFVDTVTHIANEFRDIHDRTGGVAAEGELNVAILNSWGKMRSWMAFTVAHALPNKQTYSYYGILESLSGM
RVNVRFISFDDVLAHGIDSDIDVIINGGPVDTAFTGGDVWTNPKLVETVRAWVRGGGAFVGVGEPSSAPRFQTGRFFQLA
DVIGVDEERYQTLSVDKYFPPVVPDHFITADVPVDPAAREAWEQAGYRIPLSGCGGGQSIKPLGGIDFGEPVLNTYPVNE
NVTLLRADGGQVQLATNDYGKGRGVYISGLPYSAANARLLERVLFYASHNEDKYAAWSSSNPECEVAHFPEQGLYCVINN
TDQPQKTTVTLADGTTEDFDLPDSGIAWREALEHHHHHH
;
_entity_poly.pdbx_strand_id   A,B,C,D
#
# COMPACT_ATOMS: atom_id res chain seq x y z
N SER A 3 27.83 22.76 -12.97
CA SER A 3 26.51 23.16 -12.41
C SER A 3 26.64 23.38 -10.91
N THR A 4 26.55 24.63 -10.46
CA THR A 4 26.63 24.93 -9.01
C THR A 4 25.77 26.12 -8.55
N GLY A 5 25.29 26.02 -7.31
CA GLY A 5 24.59 27.13 -6.67
C GLY A 5 23.09 26.92 -6.48
N ARG A 6 22.40 28.01 -6.09
CA ARG A 6 20.93 28.03 -5.88
C ARG A 6 20.46 26.91 -4.98
N PHE A 7 21.31 26.51 -4.05
CA PHE A 7 21.07 25.36 -3.21
C PHE A 7 21.63 25.61 -1.81
N THR A 8 20.75 25.43 -0.83
CA THR A 8 21.06 25.57 0.60
C THR A 8 21.12 24.21 1.28
N LEU A 9 22.28 23.94 1.88
CA LEU A 9 22.57 22.68 2.54
C LEU A 9 22.42 22.82 4.06
N PRO A 10 21.71 21.90 4.74
CA PRO A 10 21.75 21.98 6.19
C PRO A 10 23.01 21.31 6.76
N SER A 11 23.41 21.72 7.96
CA SER A 11 24.61 21.14 8.56
C SER A 11 24.49 21.07 10.06
N GLU A 12 25.46 20.39 10.67
CA GLU A 12 25.48 20.20 12.10
C GLU A 12 26.92 20.11 12.59
N GLU A 13 27.06 20.16 13.91
CA GLU A 13 28.36 20.11 14.57
C GLU A 13 28.98 18.74 14.42
N ASN A 14 30.31 18.71 14.43
CA ASN A 14 31.11 17.49 14.27
C ASN A 14 30.75 16.74 12.99
N PHE A 15 30.80 17.43 11.86
CA PHE A 15 30.37 16.88 10.56
C PHE A 15 30.91 17.71 9.41
N ALA A 16 32.04 18.37 9.64
CA ALA A 16 32.68 19.21 8.63
C ALA A 16 33.05 18.44 7.35
N GLU A 17 33.53 17.21 7.50
CA GLU A 17 33.95 16.43 6.33
C GLU A 17 32.79 16.02 5.42
N LYS A 18 31.74 15.44 6.00
CA LYS A 18 30.54 15.08 5.22
C LYS A 18 29.83 16.30 4.63
N THR A 19 29.80 17.38 5.39
CA THR A 19 29.31 18.68 4.93
C THR A 19 30.06 19.11 3.66
N LYS A 20 31.39 19.13 3.74
CA LYS A 20 32.22 19.58 2.62
C LYS A 20 31.94 18.71 1.39
N GLU A 21 31.85 17.39 1.60
CA GLU A 21 31.66 16.46 0.49
C GLU A 21 30.28 16.66 -0.17
N LEU A 22 29.25 16.75 0.64
CA LEU A 22 27.87 16.88 0.11
C LEU A 22 27.63 18.23 -0.50
N ALA A 23 28.20 19.28 0.11
CA ALA A 23 28.12 20.62 -0.48
C ALA A 23 28.68 20.62 -1.89
N GLU A 24 29.76 19.85 -2.07
CA GLU A 24 30.41 19.76 -3.35
C GLU A 24 29.58 18.90 -4.31
N LEU A 25 29.05 17.79 -3.81
CA LEU A 25 28.28 16.85 -4.63
C LEU A 25 26.96 17.49 -5.14
N TRP A 26 26.32 18.27 -4.26
CA TRP A 26 25.04 18.91 -4.54
C TRP A 26 25.15 20.33 -5.13
N GLY A 27 26.39 20.82 -5.28
CA GLY A 27 26.65 22.21 -5.69
C GLY A 27 25.99 23.26 -4.81
N ALA A 28 26.05 23.07 -3.50
CA ALA A 28 25.47 24.00 -2.54
C ALA A 28 26.32 25.28 -2.43
N ASP A 29 25.64 26.43 -2.38
CA ASP A 29 26.30 27.73 -2.19
C ASP A 29 25.97 28.38 -0.84
N ALA A 30 25.07 27.75 -0.12
CA ALA A 30 24.67 28.24 1.19
C ALA A 30 24.67 27.09 2.15
N ILE A 31 24.96 27.40 3.41
CA ILE A 31 24.86 26.43 4.49
C ILE A 31 23.99 26.99 5.62
N ARG A 32 23.10 26.13 6.12
CA ARG A 32 22.17 26.44 7.21
C ARG A 32 22.61 25.85 8.55
N ASN A 33 22.73 26.73 9.54
CA ASN A 33 23.03 26.36 10.92
C ASN A 33 21.85 25.58 11.49
N SER A 34 22.08 24.87 12.59
CA SER A 34 21.02 24.13 13.32
C SER A 34 21.56 23.61 14.64
N VAL A 43 33.61 23.87 8.50
CA VAL A 43 32.31 24.24 7.91
C VAL A 43 32.31 25.73 7.54
N LEU A 44 32.41 26.59 8.56
CA LEU A 44 32.46 28.04 8.34
C LEU A 44 33.57 28.46 7.38
N ALA A 45 34.54 27.56 7.20
CA ALA A 45 35.74 27.77 6.36
C ALA A 45 35.48 27.59 4.85
N LEU A 46 34.38 26.92 4.52
CA LEU A 46 34.07 26.55 3.14
C LEU A 46 33.76 27.70 2.18
N GLY A 47 33.54 28.89 2.73
CA GLY A 47 33.26 30.08 1.89
C GLY A 47 31.81 30.18 1.42
N LYS A 48 30.93 29.37 2.00
CA LYS A 48 29.51 29.38 1.60
C LYS A 48 28.78 30.53 2.27
N LYS A 49 27.69 30.97 1.66
CA LYS A 49 26.76 31.92 2.28
C LYS A 49 26.16 31.24 3.51
N ILE A 50 26.28 31.88 4.68
CA ILE A 50 25.82 31.26 5.92
C ILE A 50 24.44 31.77 6.35
N TYR A 51 23.49 30.84 6.46
CA TYR A 51 22.14 31.17 6.96
C TYR A 51 22.10 30.83 8.43
N ASN A 52 21.44 31.69 9.20
CA ASN A 52 21.15 31.43 10.58
C ASN A 52 19.72 31.79 10.87
N ALA A 53 19.00 30.85 11.46
CA ALA A 53 17.62 31.06 11.86
C ALA A 53 17.55 32.01 13.03
N TYR A 54 16.52 32.86 13.03
CA TYR A 54 16.27 33.79 14.11
C TYR A 54 14.79 33.73 14.50
N PHE A 55 14.55 33.68 15.80
CA PHE A 55 13.22 33.50 16.37
C PHE A 55 12.88 34.70 17.26
N PRO A 56 12.43 35.82 16.66
CA PRO A 56 12.18 37.06 17.41
C PRO A 56 11.34 36.93 18.69
N THR A 57 10.33 36.07 18.69
CA THR A 57 9.34 36.06 19.79
C THR A 57 9.45 34.91 20.81
N ARG A 58 10.57 34.16 20.76
CA ARG A 58 10.85 33.11 21.75
C ARG A 58 12.37 32.99 22.00
N ALA A 59 12.78 31.91 22.67
CA ALA A 59 14.21 31.65 23.00
C ALA A 59 14.78 32.56 24.07
N HIS A 60 13.92 33.18 24.89
CA HIS A 60 14.40 34.02 25.99
C HIS A 60 13.50 33.97 27.22
N ASN A 61 13.32 32.79 27.79
CA ASN A 61 12.58 32.66 29.05
C ASN A 61 13.09 33.61 30.15
N GLU A 62 14.39 33.93 30.12
CA GLU A 62 15.04 34.79 31.14
C GLU A 62 14.44 36.20 31.12
N TRP A 63 13.88 36.60 29.98
CA TRP A 63 13.18 37.86 29.86
C TRP A 63 11.71 37.73 30.24
N ILE A 64 11.00 36.81 29.57
CA ILE A 64 9.54 36.82 29.66
C ILE A 64 9.01 36.30 31.00
N THR A 65 9.76 35.42 31.68
CA THR A 65 9.34 35.00 33.03
C THR A 65 9.27 36.22 33.96
N LEU A 66 9.98 37.29 33.59
CA LEU A 66 10.00 38.54 34.39
C LEU A 66 8.93 39.54 33.99
N HIS A 67 8.20 39.24 32.91
CA HIS A 67 7.17 40.14 32.39
C HIS A 67 6.03 39.33 31.74
N MET A 68 5.46 38.40 32.50
CA MET A 68 4.48 37.44 31.95
C MET A 68 3.18 38.03 31.41
N ASP A 69 2.90 39.30 31.68
CA ASP A 69 1.69 39.88 31.14
C ASP A 69 1.94 40.41 29.72
N GLU A 70 3.13 40.13 29.20
CA GLU A 70 3.51 40.51 27.85
C GLU A 70 3.63 39.30 26.92
N THR A 71 3.12 38.16 27.37
CA THR A 71 3.00 36.99 26.49
C THR A 71 1.90 37.35 25.48
N PRO A 72 1.94 36.73 24.28
CA PRO A 72 0.76 36.96 23.42
C PRO A 72 -0.48 36.40 24.05
N GLN A 73 -1.66 36.85 23.56
CA GLN A 73 -2.94 36.41 24.08
C GLN A 73 -3.93 36.05 22.96
N VAL A 74 -5.01 35.38 23.36
CA VAL A 74 -6.03 34.88 22.44
C VAL A 74 -7.39 34.86 23.11
N TYR A 75 -8.43 35.22 22.35
CA TYR A 75 -9.79 34.98 22.82
C TYR A 75 -10.15 33.50 22.63
N LEU A 76 -10.57 32.88 23.74
CA LEU A 76 -10.96 31.45 23.76
C LEU A 76 -12.43 31.32 24.04
N LEU A 77 -13.07 30.35 23.40
CA LEU A 77 -14.48 30.11 23.65
C LEU A 77 -14.62 28.81 24.41
N THR A 78 -15.37 28.80 25.52
CA THR A 78 -15.53 27.56 26.28
C THR A 78 -16.47 26.61 25.59
N ASP A 79 -16.57 25.40 26.14
CA ASP A 79 -17.67 24.49 25.76
C ASP A 79 -19.01 25.15 26.05
N ARG A 80 -20.05 24.67 25.34
CA ARG A 80 -21.42 25.08 25.63
C ARG A 80 -21.88 24.35 26.87
N ILE A 81 -22.31 25.09 27.87
CA ILE A 81 -22.76 24.49 29.13
C ILE A 81 -24.26 24.67 29.22
N LEU A 82 -24.97 23.57 29.46
CA LEU A 82 -26.42 23.60 29.53
C LEU A 82 -26.90 24.04 30.91
N ALA A 83 -27.67 25.13 30.97
CA ALA A 83 -28.29 25.53 32.23
C ALA A 83 -29.54 24.68 32.47
N GLU A 84 -29.76 24.27 33.70
CA GLU A 84 -30.95 23.48 34.02
C GLU A 84 -31.82 24.21 35.04
N SER A 85 -31.46 25.48 35.28
CA SER A 85 -32.18 26.40 36.16
C SER A 85 -31.64 27.81 35.86
N ASP A 86 -32.02 28.79 36.68
CA ASP A 86 -31.59 30.17 36.42
C ASP A 86 -30.12 30.51 36.78
N THR A 87 -29.35 29.51 37.22
CA THR A 87 -27.89 29.66 37.39
C THR A 87 -27.13 28.60 36.60
N VAL A 88 -25.87 28.88 36.29
CA VAL A 88 -25.02 27.95 35.55
C VAL A 88 -23.55 28.31 35.79
N ASP A 89 -22.73 27.29 35.99
CA ASP A 89 -21.30 27.45 36.15
C ASP A 89 -20.57 27.00 34.91
N ILE A 90 -19.66 27.85 34.44
CA ILE A 90 -18.91 27.59 33.21
C ILE A 90 -17.43 27.43 33.50
N PRO A 91 -16.91 26.19 33.37
CA PRO A 91 -15.50 25.89 33.41
C PRO A 91 -14.78 26.58 32.25
N LEU A 92 -13.73 27.33 32.52
CA LEU A 92 -13.00 28.03 31.48
C LEU A 92 -12.01 27.13 30.76
N MET A 93 -11.36 26.25 31.51
CA MET A 93 -10.18 25.59 30.95
C MET A 93 -10.30 24.10 30.60
N GLU A 94 -11.47 23.52 30.86
CA GLU A 94 -11.62 22.06 30.72
C GLU A 94 -11.38 21.52 29.32
N SER A 95 -11.54 22.39 28.31
CA SER A 95 -11.38 21.95 26.93
C SER A 95 -10.06 22.38 26.29
N PHE A 96 -9.18 23.04 27.07
CA PHE A 96 -7.94 23.56 26.50
C PHE A 96 -6.73 22.94 27.17
N PHE A 97 -5.60 22.98 26.47
CA PHE A 97 -4.34 22.49 26.98
C PHE A 97 -3.77 23.51 27.99
N ALA A 98 -3.75 23.11 29.26
CA ALA A 98 -3.34 24.04 30.34
C ALA A 98 -1.84 24.35 30.37
N GLU A 99 -1.03 23.55 29.69
CA GLU A 99 0.38 23.86 29.48
C GLU A 99 0.58 24.97 28.45
N GLN A 100 -0.44 25.21 27.62
CA GLN A 100 -0.27 26.24 26.56
C GLN A 100 -0.98 27.57 26.86
N LEU A 101 -2.08 27.50 27.61
CA LEU A 101 -3.05 28.59 27.73
C LEU A 101 -3.46 28.80 29.20
N LYS A 102 -3.56 30.06 29.62
CA LYS A 102 -3.88 30.41 31.00
C LYS A 102 -4.88 31.57 30.92
N PRO A 103 -6.00 31.49 31.63
CA PRO A 103 -6.88 32.67 31.59
C PRO A 103 -6.14 33.92 32.12
N ASN A 104 -6.36 35.05 31.46
CA ASN A 104 -5.83 36.35 31.88
C ASN A 104 -6.72 36.89 33.01
N ARG A 105 -6.17 36.86 34.22
CA ARG A 105 -6.88 37.36 35.40
C ARG A 105 -6.53 38.83 35.67
N ASP A 106 -5.48 39.34 35.02
CA ASP A 106 -5.03 40.72 35.25
C ASP A 106 -5.95 41.76 34.64
N ALA A 107 -6.45 41.47 33.44
CA ALA A 107 -7.22 42.44 32.71
C ALA A 107 -8.69 42.27 33.03
N ASP A 108 -9.32 43.31 33.58
CA ASP A 108 -10.71 43.24 34.01
C ASP A 108 -11.66 42.40 33.12
N PRO A 109 -12.02 41.19 33.60
CA PRO A 109 -12.87 40.29 32.81
C PRO A 109 -14.22 40.91 32.44
N HIS A 110 -14.74 41.80 33.27
CA HIS A 110 -16.01 42.45 32.89
C HIS A 110 -15.87 43.46 31.77
N LYS A 111 -14.64 43.93 31.56
CA LYS A 111 -14.40 44.85 30.44
C LYS A 111 -14.06 44.05 29.15
N TYR A 112 -13.31 42.97 29.30
CA TYR A 112 -12.71 42.28 28.16
C TYR A 112 -13.33 40.94 27.77
N TRP A 113 -14.17 40.38 28.63
CA TRP A 113 -14.82 39.05 28.38
C TRP A 113 -16.28 39.21 28.06
N GLU A 114 -16.88 38.14 27.53
CA GLU A 114 -18.30 38.11 27.25
C GLU A 114 -18.83 36.74 27.61
N VAL A 115 -19.92 36.70 28.37
CA VAL A 115 -20.76 35.49 28.52
C VAL A 115 -21.92 35.61 27.54
N VAL A 116 -22.17 34.53 26.78
CA VAL A 116 -23.21 34.50 25.75
C VAL A 116 -24.21 33.35 25.96
N ASP A 117 -25.51 33.68 25.87
CA ASP A 117 -26.55 32.68 25.74
C ASP A 117 -26.56 32.25 24.27
N ARG A 118 -25.96 31.10 23.97
CA ARG A 118 -25.89 30.65 22.57
C ARG A 118 -27.25 30.29 21.99
N THR A 119 -28.20 29.92 22.85
CA THR A 119 -29.56 29.60 22.41
C THR A 119 -30.31 30.83 21.83
N THR A 120 -30.05 32.03 22.36
CA THR A 120 -30.67 33.26 21.82
C THR A 120 -29.68 34.17 21.08
N GLY A 121 -28.37 33.97 21.28
CA GLY A 121 -27.38 34.90 20.77
C GLY A 121 -27.08 36.09 21.67
N GLU A 122 -27.85 36.23 22.75
CA GLU A 122 -27.73 37.41 23.60
C GLU A 122 -26.51 37.34 24.52
N VAL A 123 -25.85 38.49 24.68
CA VAL A 123 -24.77 38.67 25.66
C VAL A 123 -25.43 38.83 27.05
N VAL A 124 -24.98 38.02 28.00
CA VAL A 124 -25.45 38.12 29.39
C VAL A 124 -24.87 39.42 30.02
N ASP A 125 -25.75 40.26 30.60
CA ASP A 125 -25.28 41.45 31.36
C ASP A 125 -24.11 41.09 32.31
N SER A 126 -23.02 41.84 32.26
CA SER A 126 -21.89 41.49 33.13
C SER A 126 -22.17 41.64 34.64
N ALA A 127 -23.30 42.25 34.98
CA ALA A 127 -23.78 42.26 36.37
C ALA A 127 -24.22 40.85 36.81
N ASN A 128 -24.65 40.03 35.85
CA ASN A 128 -25.14 38.68 36.15
C ASN A 128 -24.08 37.57 36.21
N TRP A 129 -22.80 37.92 36.14
CA TRP A 129 -21.77 36.90 36.21
C TRP A 129 -20.56 37.34 36.97
N THR A 130 -19.86 36.37 37.57
CA THR A 130 -18.67 36.65 38.37
C THR A 130 -17.67 35.57 38.09
N LEU A 131 -16.39 35.93 38.07
CA LEU A 131 -15.31 34.97 37.96
C LEU A 131 -14.88 34.50 39.35
N ASP A 132 -14.91 33.19 39.57
CA ASP A 132 -14.45 32.62 40.84
C ASP A 132 -13.03 33.03 41.17
N ALA A 133 -12.80 33.45 42.42
CA ALA A 133 -11.47 33.91 42.86
C ALA A 133 -10.41 32.82 42.85
N ASP A 134 -10.83 31.57 43.00
CA ASP A 134 -9.95 30.44 43.27
C ASP A 134 -9.90 29.38 42.18
N GLU A 135 -10.93 29.36 41.34
CA GLU A 135 -11.16 28.31 40.35
C GLU A 135 -11.31 29.02 38.99
N ASP A 136 -10.89 28.38 37.90
CA ASP A 136 -11.14 28.93 36.56
C ASP A 136 -12.55 28.64 36.06
N THR A 137 -13.51 29.28 36.74
CA THR A 137 -14.95 29.08 36.58
C THR A 137 -15.72 30.39 36.68
N VAL A 138 -16.67 30.56 35.77
CA VAL A 138 -17.59 31.68 35.81
C VAL A 138 -18.94 31.25 36.30
N HIS A 139 -19.45 31.98 37.30
CA HIS A 139 -20.78 31.75 37.83
C HIS A 139 -21.70 32.78 37.26
N VAL A 140 -22.76 32.28 36.64
CA VAL A 140 -23.75 33.10 35.98
C VAL A 140 -25.08 32.90 36.70
N SER A 141 -25.83 33.97 36.93
CA SER A 141 -27.18 33.86 37.47
C SER A 141 -28.16 34.67 36.64
N GLY A 142 -29.45 34.50 36.91
CA GLY A 142 -30.47 35.19 36.16
C GLY A 142 -30.56 34.72 34.71
N VAL A 143 -30.15 33.49 34.46
CA VAL A 143 -30.16 32.90 33.10
C VAL A 143 -31.45 32.10 32.86
N ALA A 144 -31.68 31.68 31.61
CA ALA A 144 -32.87 30.88 31.28
C ALA A 144 -32.48 29.41 31.34
N ALA A 145 -33.28 28.60 32.04
CA ALA A 145 -33.06 27.14 32.05
C ALA A 145 -33.16 26.62 30.61
N TRP A 146 -32.38 25.59 30.30
CA TRP A 146 -32.46 24.85 29.00
C TRP A 146 -31.82 25.59 27.81
N HIS A 147 -31.07 26.65 28.12
CA HIS A 147 -30.19 27.31 27.14
C HIS A 147 -28.73 26.87 27.32
N GLU A 148 -27.93 27.02 26.26
CA GLU A 148 -26.52 26.72 26.35
C GLU A 148 -25.77 28.05 26.54
N TYR A 149 -24.77 28.06 27.40
CA TYR A 149 -23.98 29.27 27.67
C TYR A 149 -22.52 29.02 27.46
N THR A 150 -21.80 30.05 27.02
CA THR A 150 -20.36 29.98 26.85
C THR A 150 -19.69 31.26 27.42
N VAL A 151 -18.42 31.13 27.74
CA VAL A 151 -17.59 32.31 28.01
C VAL A 151 -16.59 32.50 26.91
N SER A 152 -16.40 33.77 26.50
CA SER A 152 -15.31 34.15 25.64
C SER A 152 -14.34 34.94 26.49
N PHE A 153 -13.15 34.38 26.70
CA PHE A 153 -12.21 34.96 27.65
C PHE A 153 -10.84 35.15 27.05
N LEU A 154 -10.10 36.13 27.58
CA LEU A 154 -8.73 36.34 27.17
C LEU A 154 -7.86 35.34 27.91
N ALA A 155 -6.97 34.69 27.16
CA ALA A 155 -5.98 33.79 27.70
C ALA A 155 -4.57 34.19 27.29
N TYR A 156 -3.61 34.13 28.22
CA TYR A 156 -2.19 34.22 27.89
C TYR A 156 -1.75 32.93 27.24
N ILE A 157 -0.90 33.05 26.22
CA ILE A 157 -0.27 31.90 25.56
C ILE A 157 1.12 31.74 26.17
N ILE A 158 1.28 30.69 26.98
CA ILE A 158 2.44 30.55 27.86
C ILE A 158 3.45 29.58 27.29
N TRP A 159 3.12 28.97 26.15
CA TRP A 159 4.02 28.04 25.47
C TRP A 159 3.93 28.36 23.99
N ASP A 160 5.07 28.63 23.37
CA ASP A 160 5.07 29.00 21.97
C ASP A 160 4.39 27.86 21.14
N PRO A 161 3.31 28.18 20.40
CA PRO A 161 2.61 27.06 19.76
C PRO A 161 3.49 26.13 18.90
N VAL A 162 4.41 26.68 18.12
CA VAL A 162 5.25 25.87 17.25
C VAL A 162 6.30 25.04 18.02
N GLU A 163 7.00 25.70 18.95
CA GLU A 163 7.90 24.98 19.88
C GLU A 163 7.15 23.86 20.60
N MET A 164 5.95 24.14 21.08
CA MET A 164 5.13 23.12 21.70
C MET A 164 4.82 21.97 20.70
N TYR A 165 4.33 22.31 19.51
CA TYR A 165 4.10 21.31 18.48
C TYR A 165 5.33 20.40 18.29
N ASN A 166 6.50 20.99 18.10
CA ASN A 166 7.73 20.20 17.95
C ASN A 166 8.07 19.32 19.17
N HIS A 167 7.82 19.86 20.37
CA HIS A 167 8.07 19.17 21.62
C HIS A 167 7.21 17.90 21.69
N LEU A 168 5.91 18.08 21.46
CA LEU A 168 4.96 16.96 21.50
C LEU A 168 5.21 15.94 20.40
N THR A 169 5.50 16.43 19.20
CA THR A 169 5.75 15.57 18.05
C THR A 169 7.01 14.73 18.23
N ASN A 170 8.02 15.33 18.84
CA ASN A 170 9.32 14.69 18.97
C ASN A 170 9.53 14.05 20.34
N ASP A 171 8.50 14.11 21.17
CA ASP A 171 8.54 13.56 22.52
C ASP A 171 9.77 14.06 23.27
N TRP A 172 9.90 15.39 23.36
CA TRP A 172 10.99 15.99 24.12
C TRP A 172 10.77 15.82 25.63
N GLY A 173 9.61 15.27 26.01
CA GLY A 173 9.27 15.04 27.40
C GLY A 173 9.71 16.16 28.33
N ASP A 174 11.01 16.17 28.62
CA ASP A 174 11.59 16.93 29.72
C ASP A 174 11.95 18.40 29.48
N LYS A 175 12.40 18.74 28.27
CA LYS A 175 12.99 20.07 28.10
C LYS A 175 12.05 21.23 28.36
N GLU A 176 12.63 22.32 28.84
CA GLU A 176 11.92 23.49 29.29
C GLU A 176 11.03 24.03 28.16
N HIS A 177 9.80 24.42 28.49
CA HIS A 177 8.89 24.98 27.49
C HIS A 177 9.26 26.43 27.21
N GLU A 178 9.43 26.77 25.93
CA GLU A 178 9.73 28.15 25.57
C GLU A 178 8.46 29.00 25.59
N ILE A 179 8.56 30.15 26.27
CA ILE A 179 7.42 31.03 26.47
C ILE A 179 7.49 32.09 25.38
N PRO A 180 6.36 32.33 24.67
CA PRO A 180 6.47 33.32 23.61
C PRO A 180 6.27 34.74 24.15
N PHE A 181 6.68 35.75 23.38
CA PHE A 181 6.43 37.13 23.80
C PHE A 181 5.90 38.04 22.70
N ASP A 182 5.24 39.13 23.09
CA ASP A 182 4.48 39.97 22.18
C ASP A 182 5.09 41.38 22.13
N ILE A 183 5.70 41.76 21.00
CA ILE A 183 6.34 43.08 20.88
C ILE A 183 5.34 44.25 20.84
N TYR A 184 4.05 43.98 20.95
CA TYR A 184 3.12 45.09 21.06
C TYR A 184 3.40 45.88 22.34
N HIS A 185 3.89 45.20 23.36
CA HIS A 185 4.25 45.85 24.62
C HIS A 185 5.63 46.48 24.51
N PRO A 186 5.74 47.77 24.90
CA PRO A 186 7.00 48.51 24.66
C PRO A 186 8.25 47.88 25.28
N ALA A 187 8.10 47.34 26.48
CA ALA A 187 9.20 46.69 27.21
C ALA A 187 9.76 45.50 26.44
N THR A 188 8.87 44.56 26.09
CA THR A 188 9.26 43.43 25.24
C THR A 188 9.81 43.89 23.88
N ARG A 189 9.18 44.88 23.27
CA ARG A 189 9.64 45.37 21.99
C ARG A 189 11.11 45.84 22.09
N LYS A 190 11.41 46.65 23.12
CA LYS A 190 12.79 47.10 23.37
C LYS A 190 13.72 45.91 23.61
N PHE A 191 13.29 44.94 24.41
CA PHE A 191 14.12 43.76 24.64
C PHE A 191 14.47 43.05 23.33
N VAL A 192 13.44 42.82 22.50
CA VAL A 192 13.65 42.16 21.20
C VAL A 192 14.60 42.94 20.30
N PHE A 193 14.40 44.25 20.16
CA PHE A 193 15.30 45.01 19.29
C PHE A 193 16.74 45.13 19.81
N ASP A 194 16.90 45.36 21.12
CA ASP A 194 18.25 45.38 21.75
C ASP A 194 18.96 44.04 21.59
N THR A 195 18.20 42.96 21.83
CA THR A 195 18.73 41.60 21.69
C THR A 195 19.18 41.31 20.26
N PHE A 196 18.39 41.71 19.26
CA PHE A 196 18.77 41.53 17.85
C PHE A 196 20.02 42.37 17.52
N GLU A 197 20.03 43.62 18.01
CA GLU A 197 21.19 44.49 17.81
C GLU A 197 22.46 43.76 18.29
N GLN A 198 22.40 43.24 19.52
CA GLN A 198 23.46 42.43 20.13
C GLN A 198 23.84 41.17 19.32
N TRP A 199 22.83 40.39 18.92
CA TRP A 199 23.03 39.15 18.16
C TRP A 199 23.80 39.42 16.87
N LEU A 200 23.40 40.44 16.13
CA LEU A 200 24.06 40.81 14.90
C LEU A 200 25.57 41.05 15.09
N LYS A 201 25.91 41.73 16.20
CA LYS A 201 27.31 41.99 16.57
C LYS A 201 28.04 40.68 16.87
N ASP A 202 27.35 39.79 17.59
CA ASP A 202 27.86 38.46 17.94
C ASP A 202 27.87 37.44 16.80
N SER A 203 27.49 37.85 15.57
CA SER A 203 27.32 36.90 14.46
C SER A 203 27.97 37.36 13.15
N PRO A 204 29.29 37.64 13.19
CA PRO A 204 29.94 38.25 12.03
C PRO A 204 29.96 37.29 10.82
N GLN A 205 29.84 36.01 11.09
CA GLN A 205 29.93 34.98 10.07
C GLN A 205 28.62 34.80 9.29
N THR A 206 27.49 35.17 9.92
CA THR A 206 26.16 35.01 9.33
C THR A 206 25.92 35.98 8.17
N ASP A 207 25.45 35.44 7.04
CA ASP A 207 25.20 36.25 5.84
C ASP A 207 23.70 36.51 5.63
N VAL A 208 22.86 35.56 6.03
CA VAL A 208 21.43 35.63 5.80
C VAL A 208 20.73 35.34 7.10
N VAL A 209 19.91 36.28 7.55
CA VAL A 209 19.11 36.04 8.74
C VAL A 209 17.79 35.43 8.24
N ARG A 210 17.54 34.20 8.65
CA ARG A 210 16.36 33.46 8.28
C ARG A 210 15.32 33.59 9.39
N PHE A 211 14.54 34.65 9.31
CA PHE A 211 13.53 34.93 10.30
C PHE A 211 12.43 33.87 10.21
N THR A 212 12.29 33.11 11.29
CA THR A 212 11.38 31.95 11.35
C THR A 212 10.45 32.06 12.56
N THR A 213 9.53 33.04 12.60
CA THR A 213 9.31 34.02 11.53
C THR A 213 9.42 35.41 12.17
N PHE A 214 8.27 36.04 12.43
CA PHE A 214 8.23 37.40 12.98
C PHE A 214 7.43 37.44 14.27
N PHE A 215 6.28 38.13 14.27
CA PHE A 215 5.71 38.54 15.55
C PHE A 215 4.46 37.84 16.04
N TYR A 216 3.72 37.19 15.12
CA TYR A 216 2.42 36.67 15.47
C TYR A 216 2.21 35.33 14.79
N GLN A 217 2.00 34.33 15.63
CA GLN A 217 1.81 32.95 15.25
C GLN A 217 0.40 32.69 14.65
N PHE A 218 0.31 31.93 13.55
CA PHE A 218 -1.01 31.57 13.01
C PHE A 218 -1.75 30.71 14.03
N THR A 219 -3.08 30.83 14.05
CA THR A 219 -3.96 30.15 15.00
C THR A 219 -3.61 28.67 15.14
N LEU A 220 -3.17 28.29 16.33
CA LEU A 220 -2.68 26.94 16.63
C LEU A 220 -2.91 26.70 18.13
N LEU A 221 -4.05 26.10 18.47
CA LEU A 221 -4.51 25.98 19.84
C LEU A 221 -4.76 24.51 20.12
N PHE A 222 -4.32 24.06 21.30
CA PHE A 222 -4.41 22.65 21.70
C PHE A 222 -5.43 22.40 22.80
N ASP A 223 -5.90 21.14 22.87
CA ASP A 223 -6.94 20.77 23.79
C ASP A 223 -6.37 20.08 25.04
N GLU A 224 -7.23 19.71 25.96
CA GLU A 224 -6.82 19.10 27.23
C GLU A 224 -6.20 17.70 27.08
N LYS A 225 -6.27 17.14 25.87
CA LYS A 225 -5.69 15.84 25.60
C LYS A 225 -4.38 15.97 24.84
N ARG A 226 -3.83 17.20 24.81
CA ARG A 226 -2.59 17.49 24.09
C ARG A 226 -2.73 17.26 22.58
N ARG A 227 -3.94 17.39 22.04
CA ARG A 227 -4.16 17.33 20.59
C ARG A 227 -4.46 18.71 20.03
N GLU A 228 -4.24 18.88 18.73
CA GLU A 228 -4.69 20.13 18.11
C GLU A 228 -6.19 20.30 18.30
N LYS A 229 -6.58 21.52 18.70
CA LYS A 229 -7.99 21.79 18.90
C LYS A 229 -8.51 22.69 17.79
N VAL A 230 -7.73 23.74 17.47
CA VAL A 230 -8.11 24.75 16.46
C VAL A 230 -6.87 25.17 15.67
N VAL A 231 -6.99 25.14 14.35
CA VAL A 231 -5.89 25.60 13.49
C VAL A 231 -6.40 26.39 12.30
N ASP A 232 -5.65 27.44 11.95
CA ASP A 232 -5.89 28.13 10.68
C ASP A 232 -4.61 28.76 10.30
N TRP A 233 -4.06 28.31 9.17
CA TRP A 233 -2.75 28.77 8.73
C TRP A 233 -2.76 30.29 8.48
N PHE A 234 -3.95 30.84 8.24
CA PHE A 234 -4.15 32.30 8.03
C PHE A 234 -4.69 33.02 9.24
N GLY A 235 -4.92 32.30 10.34
CA GLY A 235 -5.74 32.84 11.43
C GLY A 235 -5.05 33.87 12.30
N CYS A 236 -5.83 34.84 12.77
CA CYS A 236 -5.41 35.98 13.65
C CYS A 236 -5.80 35.84 15.12
N ALA A 237 -6.10 34.63 15.59
CA ALA A 237 -6.53 34.44 16.97
C ALA A 237 -5.48 34.92 18.00
N CYS A 238 -4.20 34.62 17.74
CA CYS A 238 -3.14 34.75 18.76
C CYS A 238 -2.46 36.13 18.64
N THR A 239 -3.26 37.17 18.59
CA THR A 239 -2.74 38.48 18.28
C THR A 239 -3.35 39.59 19.11
N VAL A 240 -4.10 39.25 20.16
CA VAL A 240 -4.82 40.30 20.91
C VAL A 240 -4.11 40.61 22.23
N SER A 241 -4.49 41.71 22.86
CA SER A 241 -4.07 42.10 24.20
C SER A 241 -4.99 43.23 24.60
N PRO A 242 -5.19 43.44 25.93
CA PRO A 242 -6.02 44.55 26.37
C PRO A 242 -5.62 45.84 25.67
N ARG A 243 -4.33 46.10 25.57
CA ARG A 243 -3.88 47.38 25.01
C ARG A 243 -4.14 47.46 23.50
N ALA A 244 -3.84 46.39 22.78
CA ALA A 244 -4.13 46.37 21.34
C ALA A 244 -5.63 46.52 21.05
N LEU A 245 -6.49 45.84 21.82
CA LEU A 245 -7.94 45.97 21.62
C LEU A 245 -8.43 47.40 21.89
N ASP A 246 -7.89 48.01 22.95
CA ASP A 246 -8.28 49.36 23.32
C ASP A 246 -7.75 50.39 22.30
N ASP A 247 -6.54 50.20 21.82
CA ASP A 247 -6.01 51.09 20.78
C ASP A 247 -6.82 50.96 19.49
N PHE A 248 -7.19 49.72 19.14
CA PHE A 248 -8.01 49.52 17.94
C PHE A 248 -9.31 50.32 18.04
N GLU A 249 -9.97 50.24 19.18
CA GLU A 249 -11.20 50.99 19.41
C GLU A 249 -11.00 52.50 19.17
N ALA A 250 -9.92 53.06 19.74
CA ALA A 250 -9.58 54.49 19.55
C ALA A 250 -9.42 54.81 18.07
N LYS A 251 -8.68 53.95 17.37
CA LYS A 251 -8.31 54.20 15.97
C LYS A 251 -9.46 53.96 14.96
N TYR A 252 -10.30 52.95 15.20
CA TYR A 252 -11.34 52.59 14.22
C TYR A 252 -12.69 53.14 14.58
N GLY A 253 -12.83 53.60 15.82
CA GLY A 253 -14.03 54.21 16.33
C GLY A 253 -15.13 53.26 16.73
N TYR A 254 -14.80 51.98 16.91
CA TYR A 254 -15.75 51.04 17.44
C TYR A 254 -15.01 49.95 18.18
N ARG A 255 -15.66 49.37 19.19
CA ARG A 255 -15.03 48.36 20.04
C ARG A 255 -15.28 46.97 19.46
N LEU A 256 -14.23 46.19 19.26
CA LEU A 256 -14.41 44.77 18.89
C LEU A 256 -14.99 43.97 20.08
N ARG A 257 -15.98 43.12 19.83
CA ARG A 257 -16.45 42.20 20.86
C ARG A 257 -15.54 41.00 20.88
N PRO A 258 -15.47 40.28 22.04
CA PRO A 258 -14.75 39.03 22.01
C PRO A 258 -15.29 38.14 20.85
N GLU A 259 -16.57 38.28 20.56
CA GLU A 259 -17.26 37.55 19.47
C GLU A 259 -16.64 37.82 18.08
N ASP A 260 -16.04 39.00 17.90
CA ASP A 260 -15.43 39.30 16.59
C ASP A 260 -14.17 38.46 16.34
N PHE A 261 -13.72 37.77 17.40
CA PHE A 261 -12.60 36.88 17.29
C PHE A 261 -13.04 35.41 17.37
N VAL A 262 -13.74 35.04 18.44
CA VAL A 262 -14.16 33.64 18.57
C VAL A 262 -15.19 33.26 17.53
N ASP A 263 -15.95 34.26 17.03
CA ASP A 263 -16.81 34.07 15.85
C ASP A 263 -17.74 32.83 16.04
N GLY A 264 -18.39 32.74 17.19
CA GLY A 264 -19.37 31.67 17.46
C GLY A 264 -18.75 30.28 17.49
N GLY A 265 -17.42 30.21 17.51
CA GLY A 265 -16.72 28.93 17.51
C GLY A 265 -16.02 28.60 16.21
N ALA A 266 -16.23 29.42 15.18
CA ALA A 266 -15.51 29.33 13.91
C ALA A 266 -14.10 29.93 13.96
N TYR A 267 -13.89 30.82 14.92
CA TYR A 267 -12.59 31.50 15.04
C TYR A 267 -12.14 32.18 13.74
N ASN A 268 -13.09 32.69 12.96
CA ASN A 268 -12.73 33.49 11.76
C ASN A 268 -11.92 32.69 10.73
N SER A 269 -12.17 31.38 10.66
CA SER A 269 -11.69 30.53 9.56
C SER A 269 -11.73 31.30 8.25
N ALA A 270 -10.69 31.14 7.44
CA ALA A 270 -10.59 31.79 6.11
C ALA A 270 -11.73 31.37 5.17
N TRP A 271 -12.40 30.27 5.52
CA TRP A 271 -13.56 29.83 4.75
C TRP A 271 -14.80 30.63 5.08
N ARG A 272 -14.81 31.33 6.21
CA ARG A 272 -15.98 32.16 6.56
C ARG A 272 -15.99 33.35 5.59
N VAL A 273 -17.18 33.78 5.17
CA VAL A 273 -17.27 35.01 4.37
C VAL A 273 -16.70 36.15 5.22
N PRO A 274 -15.68 36.88 4.71
CA PRO A 274 -15.04 37.79 5.65
C PRO A 274 -15.91 38.94 6.15
N ARG A 275 -15.81 39.26 7.44
CA ARG A 275 -16.60 40.34 8.03
C ARG A 275 -15.71 41.60 8.10
N LYS A 276 -16.31 42.77 8.12
CA LYS A 276 -15.55 44.01 8.23
C LYS A 276 -14.60 43.98 9.44
N ALA A 277 -15.10 43.51 10.56
CA ALA A 277 -14.25 43.42 11.76
C ALA A 277 -12.98 42.62 11.51
N GLN A 278 -13.04 41.58 10.67
CA GLN A 278 -11.82 40.81 10.36
C GLN A 278 -10.86 41.61 9.51
N ARG A 279 -11.37 42.26 8.48
CA ARG A 279 -10.52 43.06 7.60
C ARG A 279 -9.89 44.21 8.40
N ASP A 280 -10.68 44.85 9.25
CA ASP A 280 -10.10 45.99 10.04
C ASP A 280 -8.96 45.52 10.95
N TRP A 281 -9.17 44.39 11.62
CA TRP A 281 -8.16 43.82 12.49
C TRP A 281 -6.91 43.46 11.70
N ILE A 282 -7.07 42.84 10.50
CA ILE A 282 -5.91 42.56 9.67
C ILE A 282 -5.17 43.86 9.31
N ASP A 283 -5.90 44.91 8.95
CA ASP A 283 -5.31 46.22 8.56
C ASP A 283 -4.49 46.80 9.74
N PHE A 284 -5.10 46.78 10.91
CA PHE A 284 -4.50 47.25 12.16
C PHE A 284 -3.23 46.46 12.50
N LEU A 285 -3.34 45.13 12.53
CA LEU A 285 -2.19 44.28 12.86
C LEU A 285 -1.08 44.45 11.87
N SER A 286 -1.45 44.52 10.60
CA SER A 286 -0.46 44.54 9.53
C SER A 286 0.36 45.83 9.54
N GLY A 287 -0.30 46.96 9.82
CA GLY A 287 0.45 48.22 9.99
C GLY A 287 1.52 48.11 11.09
N PHE A 288 1.15 47.52 12.23
CA PHE A 288 2.12 47.35 13.32
C PHE A 288 3.20 46.30 12.98
N VAL A 289 2.79 45.13 12.51
CA VAL A 289 3.78 44.11 12.09
C VAL A 289 4.75 44.59 11.02
N ARG A 290 4.22 45.25 9.99
CA ARG A 290 5.06 45.68 8.90
C ARG A 290 6.09 46.74 9.34
N GLU A 291 5.68 47.64 10.22
CA GLU A 291 6.61 48.69 10.71
C GLU A 291 7.83 48.04 11.38
N ASN A 292 7.53 47.04 12.19
CA ASN A 292 8.56 46.35 12.93
C ASN A 292 9.39 45.32 12.14
N VAL A 293 8.78 44.68 11.14
CA VAL A 293 9.55 43.88 10.21
C VAL A 293 10.49 44.78 9.41
N LYS A 294 10.01 45.94 8.97
CA LYS A 294 10.91 46.82 8.24
C LYS A 294 12.16 47.15 9.09
N GLN A 295 11.96 47.37 10.39
CA GLN A 295 13.09 47.73 11.28
C GLN A 295 14.10 46.59 11.39
N LEU A 296 13.62 45.36 11.59
CA LEU A 296 14.47 44.17 11.55
C LEU A 296 15.25 44.05 10.26
N ALA A 297 14.61 44.31 9.13
CA ALA A 297 15.26 44.21 7.83
C ALA A 297 16.31 45.31 7.69
N ASP A 298 15.95 46.53 8.08
CA ASP A 298 16.89 47.65 8.09
C ASP A 298 18.12 47.39 8.97
N MET A 299 17.94 46.83 10.16
CA MET A 299 19.08 46.49 11.03
C MET A 299 19.99 45.42 10.42
N SER A 300 19.39 44.35 9.88
CA SER A 300 20.14 43.36 9.10
C SER A 300 20.97 43.99 8.00
N HIS A 301 20.33 44.85 7.22
CA HIS A 301 21.01 45.47 6.08
C HIS A 301 22.17 46.37 6.55
N ALA A 302 21.95 47.09 7.66
CA ALA A 302 23.01 47.94 8.21
C ALA A 302 24.18 47.08 8.70
N ALA A 303 23.90 45.87 9.17
CA ALA A 303 24.97 44.95 9.60
C ALA A 303 25.66 44.16 8.44
N GLY A 304 25.26 44.43 7.21
CA GLY A 304 25.81 43.75 6.04
C GLY A 304 25.20 42.38 5.78
N LYS A 305 23.94 42.19 6.22
CA LYS A 305 23.25 40.91 6.11
C LYS A 305 21.93 41.05 5.37
N GLU A 306 21.44 39.91 4.84
CA GLU A 306 20.16 39.86 4.14
C GLU A 306 19.13 39.38 5.14
N ALA A 307 17.87 39.75 4.91
CA ALA A 307 16.75 39.36 5.77
C ALA A 307 15.84 38.46 4.94
N MET A 308 15.65 37.24 5.39
CA MET A 308 14.83 36.26 4.68
C MET A 308 13.68 35.89 5.60
N MET A 309 12.46 35.79 5.06
CA MET A 309 11.29 35.47 5.87
C MET A 309 10.72 34.09 5.52
N PHE A 310 10.47 33.27 6.52
CA PHE A 310 9.81 31.98 6.33
C PHE A 310 8.31 32.24 6.16
N LEU A 311 7.77 31.75 5.04
CA LEU A 311 6.34 31.86 4.79
C LEU A 311 5.59 30.84 5.65
N GLY A 312 5.33 31.19 6.90
CA GLY A 312 4.75 30.24 7.82
C GLY A 312 5.01 30.67 9.24
N ASP A 313 4.54 29.83 10.18
CA ASP A 313 4.61 30.09 11.62
C ASP A 313 4.21 31.53 11.97
N GLN A 314 5.13 32.33 12.53
CA GLN A 314 4.79 33.70 12.90
C GLN A 314 4.71 34.69 11.74
N TRP A 315 3.88 34.37 10.74
CA TRP A 315 3.79 35.22 9.57
C TRP A 315 2.51 36.12 9.50
N ILE A 316 1.69 36.09 10.53
CA ILE A 316 0.44 36.84 10.58
C ILE A 316 0.74 38.34 10.60
N GLY A 317 0.00 39.10 9.79
CA GLY A 317 0.23 40.57 9.66
C GLY A 317 1.28 40.96 8.62
N THR A 318 1.99 40.01 8.00
CA THR A 318 2.99 40.37 6.99
C THR A 318 2.29 40.68 5.67
N GLU A 319 1.28 39.85 5.35
CA GLU A 319 0.47 40.00 4.12
C GLU A 319 1.28 40.14 2.83
N PRO A 320 2.03 39.07 2.46
CA PRO A 320 2.95 39.15 1.32
C PRO A 320 2.30 39.46 -0.01
N TYR A 321 1.01 39.22 -0.12
CA TYR A 321 0.30 39.55 -1.38
C TYR A 321 -0.46 40.85 -1.35
N LYS A 322 -0.34 41.61 -0.25
CA LYS A 322 -0.99 42.94 -0.20
C LYS A 322 0.01 44.03 -0.60
N ASP A 323 -0.48 45.09 -1.22
CA ASP A 323 0.39 46.16 -1.71
C ASP A 323 1.17 46.68 -0.50
N GLY A 324 2.41 47.05 -0.76
CA GLY A 324 3.26 47.64 0.30
C GLY A 324 4.26 46.64 0.81
N PHE A 325 4.07 45.35 0.50
CA PHE A 325 5.00 44.33 0.98
C PHE A 325 6.42 44.66 0.52
N ASP A 326 6.54 45.14 -0.71
CA ASP A 326 7.84 45.53 -1.25
C ASP A 326 8.59 46.57 -0.38
N GLU A 327 7.85 47.42 0.31
CA GLU A 327 8.47 48.49 1.13
C GLU A 327 9.17 47.99 2.38
N LEU A 328 8.94 46.72 2.74
CA LEU A 328 9.69 46.09 3.85
C LEU A 328 11.19 45.96 3.57
N GLY A 329 11.55 45.79 2.30
CA GLY A 329 12.92 45.58 1.93
C GLY A 329 13.44 44.20 2.29
N LEU A 330 12.52 43.25 2.47
CA LEU A 330 12.94 41.87 2.67
C LEU A 330 13.68 41.38 1.42
N ASP A 331 14.83 40.73 1.62
CA ASP A 331 15.59 40.20 0.48
C ASP A 331 14.92 38.94 -0.11
N ALA A 332 14.29 38.15 0.75
CA ALA A 332 13.81 36.82 0.31
C ALA A 332 12.67 36.29 1.10
N VAL A 333 11.90 35.38 0.48
CA VAL A 333 10.95 34.55 1.23
C VAL A 333 11.36 33.11 0.94
N VAL A 334 11.39 32.30 2.00
CA VAL A 334 11.59 30.86 1.88
C VAL A 334 10.36 30.19 2.43
N GLY A 335 9.95 29.05 1.84
CA GLY A 335 8.77 28.36 2.35
C GLY A 335 8.83 26.87 2.14
N SER A 336 7.88 26.14 2.75
CA SER A 336 7.82 24.68 2.66
C SER A 336 7.17 24.25 1.36
N ILE A 337 7.86 23.37 0.64
CA ILE A 337 7.36 22.83 -0.62
C ILE A 337 6.60 21.54 -0.29
N GLY A 338 5.27 21.61 -0.36
CA GLY A 338 4.42 20.50 0.01
C GLY A 338 3.75 19.85 -1.19
N ASP A 339 3.71 20.59 -2.30
CA ASP A 339 2.90 20.28 -3.49
C ASP A 339 3.00 21.49 -4.42
N GLY A 340 2.30 21.46 -5.56
CA GLY A 340 2.38 22.57 -6.55
C GLY A 340 1.79 23.87 -6.01
N THR A 341 0.67 23.75 -5.31
CA THR A 341 -0.07 24.92 -4.81
C THR A 341 0.79 25.70 -3.78
N THR A 342 1.35 24.96 -2.83
CA THR A 342 2.21 25.58 -1.82
C THR A 342 3.53 26.09 -2.45
N THR A 343 3.98 25.50 -3.58
CA THR A 343 5.13 26.05 -4.32
C THR A 343 4.75 27.43 -4.87
N ARG A 344 3.55 27.51 -5.46
CA ARG A 344 3.12 28.77 -6.05
C ARG A 344 2.87 29.82 -4.97
N MET A 345 2.40 29.40 -3.79
CA MET A 345 2.25 30.36 -2.70
C MET A 345 3.54 31.18 -2.51
N ILE A 346 4.68 30.51 -2.59
CA ILE A 346 5.98 31.16 -2.43
C ILE A 346 6.36 31.88 -3.72
N ALA A 347 6.25 31.18 -4.86
CA ALA A 347 6.84 31.61 -6.13
C ALA A 347 6.28 32.95 -6.60
N ASP A 348 4.98 33.16 -6.39
CA ASP A 348 4.30 34.32 -6.97
C ASP A 348 4.41 35.57 -6.09
N ILE A 349 5.15 35.49 -4.99
CA ILE A 349 5.24 36.65 -4.10
C ILE A 349 6.04 37.76 -4.80
N PRO A 350 5.46 38.97 -4.91
CA PRO A 350 6.25 40.04 -5.52
C PRO A 350 6.95 40.81 -4.38
N GLY A 351 7.87 41.69 -4.71
CA GLY A 351 8.36 42.57 -3.66
C GLY A 351 9.55 42.05 -2.87
N VAL A 352 10.11 40.91 -3.30
CA VAL A 352 11.38 40.44 -2.73
C VAL A 352 12.40 40.27 -3.85
N LYS A 353 13.68 40.13 -3.49
CA LYS A 353 14.75 39.95 -4.48
C LYS A 353 14.79 38.48 -4.98
N TYR A 354 14.52 37.53 -4.10
CA TYR A 354 14.57 36.13 -4.54
C TYR A 354 13.70 35.27 -3.65
N THR A 355 13.36 34.08 -4.15
CA THR A 355 12.52 33.18 -3.38
C THR A 355 13.25 31.84 -3.21
N GLU A 356 12.87 31.08 -2.19
CA GLU A 356 13.52 29.81 -1.95
C GLU A 356 12.53 28.74 -1.50
N GLY A 357 12.74 27.53 -2.00
CA GLY A 357 11.95 26.40 -1.52
C GLY A 357 12.77 25.51 -0.62
N ARG A 358 12.19 25.13 0.51
CA ARG A 358 12.71 24.06 1.33
C ARG A 358 11.91 22.80 0.99
N PHE A 359 12.61 21.89 0.32
CA PHE A 359 12.00 20.67 -0.22
C PHE A 359 11.85 19.54 0.80
N LEU A 360 11.13 18.49 0.41
CA LEU A 360 10.89 17.33 1.27
C LEU A 360 11.68 16.14 0.71
N PRO A 361 11.99 15.15 1.54
CA PRO A 361 11.68 15.03 2.96
C PRO A 361 12.60 15.88 3.85
N TYR A 362 12.08 16.31 4.99
CA TYR A 362 12.91 16.89 6.06
C TYR A 362 13.88 15.79 6.58
N PHE A 363 15.13 16.14 6.84
CA PHE A 363 16.14 15.16 7.29
C PHE A 363 15.97 14.84 8.77
N PHE A 364 15.10 13.86 9.03
CA PHE A 364 14.64 13.50 10.35
C PHE A 364 14.39 12.00 10.39
N PRO A 365 14.43 11.39 11.60
CA PRO A 365 14.21 9.95 11.80
C PRO A 365 12.83 9.38 11.40
N ASP A 366 11.81 10.24 11.29
CA ASP A 366 10.48 9.79 10.85
C ASP A 366 10.46 9.36 9.40
N THR A 367 11.42 9.83 8.62
CA THR A 367 11.48 9.37 7.25
C THR A 367 12.76 8.66 6.93
N PHE A 368 13.85 9.08 7.56
CA PHE A 368 15.17 8.48 7.37
C PHE A 368 15.37 7.39 8.42
N TYR A 369 14.73 6.25 8.20
CA TYR A 369 14.88 5.13 9.08
C TYR A 369 15.08 3.88 8.23
N GLU A 370 15.80 2.91 8.78
CA GLU A 370 16.18 1.71 8.03
C GLU A 370 14.97 0.96 7.49
N GLY A 371 14.99 0.67 6.19
CA GLY A 371 13.88 -0.01 5.53
C GLY A 371 12.98 0.93 4.73
N ASN A 372 13.12 2.23 4.97
CA ASN A 372 12.37 3.22 4.22
C ASN A 372 13.20 3.69 3.04
N ASP A 373 12.55 4.10 1.96
CA ASP A 373 13.26 4.64 0.79
C ASP A 373 12.89 6.13 0.54
N PRO A 374 13.58 7.06 1.25
CA PRO A 374 13.20 8.47 1.16
C PRO A 374 13.45 9.10 -0.22
N SER A 375 14.20 8.43 -1.11
CA SER A 375 14.43 8.94 -2.47
C SER A 375 13.11 9.01 -3.28
N ILE A 376 12.18 8.11 -3.00
CA ILE A 376 10.92 8.10 -3.71
C ILE A 376 10.17 9.40 -3.34
N GLU A 377 10.09 9.71 -2.05
CA GLU A 377 9.43 10.95 -1.60
C GLU A 377 10.17 12.20 -2.11
N GLY A 378 11.51 12.16 -2.10
CA GLY A 378 12.31 13.27 -2.60
C GLY A 378 12.01 13.60 -4.07
N LEU A 379 11.96 12.58 -4.92
CA LEU A 379 11.65 12.81 -6.33
C LEU A 379 10.17 13.15 -6.56
N ASP A 380 9.30 12.57 -5.77
CA ASP A 380 7.88 12.89 -5.89
C ASP A 380 7.68 14.39 -5.58
N ASN A 381 8.33 14.83 -4.51
CA ASN A 381 8.24 16.24 -4.10
C ASN A 381 8.80 17.15 -5.20
N TRP A 382 9.92 16.77 -5.79
CA TRP A 382 10.49 17.54 -6.90
C TRP A 382 9.52 17.61 -8.10
N ARG A 383 8.95 16.46 -8.49
CA ARG A 383 8.01 16.48 -9.62
C ARG A 383 6.84 17.46 -9.38
N LYS A 384 6.22 17.37 -8.20
CA LYS A 384 5.06 18.23 -7.89
C LYS A 384 5.41 19.72 -7.94
N ALA A 385 6.61 20.06 -7.45
CA ALA A 385 7.06 21.45 -7.45
C ALA A 385 7.52 21.90 -8.82
N ARG A 386 8.18 21.00 -9.57
CA ARG A 386 8.74 21.34 -10.87
C ARG A 386 7.68 21.81 -11.85
N ARG A 387 6.55 21.10 -11.93
CA ARG A 387 5.48 21.53 -12.84
C ARG A 387 4.98 22.96 -12.55
N ALA A 388 5.01 23.38 -11.27
CA ALA A 388 4.63 24.73 -10.88
C ALA A 388 5.74 25.76 -11.15
N ILE A 389 6.98 25.32 -10.93
CA ILE A 389 8.17 26.18 -11.08
C ILE A 389 8.30 26.62 -12.54
N LEU A 390 7.92 25.73 -13.46
CA LEU A 390 7.92 26.11 -14.88
C LEU A 390 6.96 27.27 -15.16
N ARG A 391 5.89 27.36 -14.39
CA ARG A 391 4.89 28.40 -14.61
C ARG A 391 5.31 29.64 -13.84
N SER A 392 6.01 29.44 -12.72
CA SER A 392 6.45 30.59 -11.90
C SER A 392 7.73 30.18 -11.15
N PRO A 393 8.90 30.55 -11.71
CA PRO A 393 10.21 30.13 -11.17
C PRO A 393 10.40 30.53 -9.72
N ILE A 394 11.05 29.66 -8.95
CA ILE A 394 11.63 30.07 -7.67
C ILE A 394 13.14 30.14 -7.84
N SER A 395 13.80 31.03 -7.09
CA SER A 395 15.23 31.23 -7.30
C SER A 395 16.14 30.10 -6.77
N ARG A 396 15.78 29.49 -5.65
CA ARG A 396 16.68 28.57 -4.95
C ARG A 396 15.93 27.38 -4.36
N MET A 397 16.65 26.29 -4.10
CA MET A 397 16.12 25.17 -3.36
C MET A 397 17.07 24.83 -2.22
N GLY A 398 16.74 23.80 -1.47
CA GLY A 398 17.53 23.35 -0.33
C GLY A 398 16.69 22.41 0.49
N TYR A 399 17.29 21.90 1.56
CA TYR A 399 16.64 20.97 2.46
C TYR A 399 16.95 21.39 3.89
N GLY A 400 16.24 20.82 4.85
CA GLY A 400 16.47 21.15 6.26
C GLY A 400 16.63 19.88 7.08
N GLY A 401 17.23 20.03 8.26
CA GLY A 401 17.27 18.96 9.26
C GLY A 401 18.67 18.43 9.44
N TYR A 402 18.79 17.14 9.73
CA TYR A 402 20.09 16.56 10.10
C TYR A 402 20.81 15.96 8.88
N LEU A 403 21.87 16.64 8.41
CA LEU A 403 22.61 16.15 7.27
C LEU A 403 23.10 14.72 7.49
N SER A 404 23.51 14.43 8.74
CA SER A 404 24.13 13.14 9.09
C SER A 404 23.16 11.98 8.85
N LEU A 405 21.87 12.27 8.92
CA LEU A 405 20.84 11.31 8.65
C LEU A 405 20.76 11.04 7.17
N ALA A 406 20.73 12.12 6.37
CA ALA A 406 20.58 11.96 4.92
C ALA A 406 21.80 11.25 4.35
N ALA A 407 22.96 11.55 4.92
CA ALA A 407 24.24 10.95 4.49
C ALA A 407 24.30 9.42 4.57
N LYS A 408 23.46 8.82 5.42
CA LYS A 408 23.38 7.36 5.59
C LYS A 408 22.53 6.67 4.51
N PHE A 409 21.98 7.46 3.58
CA PHE A 409 21.08 6.91 2.55
C PHE A 409 21.64 7.30 1.17
N PRO A 410 22.55 6.46 0.63
CA PRO A 410 23.26 6.86 -0.60
C PRO A 410 22.35 7.01 -1.83
N LYS A 411 21.29 6.21 -1.92
CA LYS A 411 20.32 6.31 -3.02
C LYS A 411 19.66 7.70 -2.95
N PHE A 412 19.30 8.11 -1.73
CA PHE A 412 18.74 9.44 -1.52
C PHE A 412 19.73 10.55 -1.89
N VAL A 413 20.98 10.41 -1.43
CA VAL A 413 22.02 11.40 -1.74
C VAL A 413 22.18 11.58 -3.26
N ASP A 414 22.17 10.47 -3.99
CA ASP A 414 22.29 10.53 -5.45
C ASP A 414 21.03 11.13 -6.09
N THR A 415 19.88 10.96 -5.46
CA THR A 415 18.60 11.51 -5.98
C THR A 415 18.70 13.05 -5.84
N VAL A 416 19.15 13.53 -4.69
CA VAL A 416 19.35 14.96 -4.49
C VAL A 416 20.33 15.53 -5.51
N THR A 417 21.40 14.80 -5.84
CA THR A 417 22.38 15.33 -6.80
C THR A 417 21.70 15.60 -8.13
N HIS A 418 20.87 14.63 -8.54
CA HIS A 418 20.07 14.73 -9.77
C HIS A 418 19.11 15.93 -9.70
N ILE A 419 18.38 16.06 -8.58
CA ILE A 419 17.40 17.13 -8.43
C ILE A 419 18.07 18.52 -8.50
N ALA A 420 19.19 18.69 -7.79
CA ALA A 420 19.90 19.98 -7.77
C ALA A 420 20.39 20.37 -9.17
N ASN A 421 20.96 19.40 -9.89
CA ASN A 421 21.44 19.66 -11.24
C ASN A 421 20.28 20.06 -12.14
N GLU A 422 19.14 19.38 -11.99
CA GLU A 422 17.97 19.70 -12.83
C GLU A 422 17.35 21.05 -12.50
N PHE A 423 17.24 21.36 -11.21
CA PHE A 423 16.81 22.68 -10.77
C PHE A 423 17.66 23.78 -11.45
N ARG A 424 18.99 23.65 -11.41
CA ARG A 424 19.87 24.68 -11.99
C ARG A 424 19.77 24.72 -13.51
N ASP A 425 19.65 23.57 -14.17
CA ASP A 425 19.55 23.50 -15.61
C ASP A 425 18.30 24.21 -16.15
N ILE A 426 17.20 24.02 -15.44
CA ILE A 426 15.94 24.71 -15.78
C ILE A 426 16.19 26.21 -15.66
N HIS A 427 16.82 26.62 -14.57
CA HIS A 427 17.10 28.02 -14.40
C HIS A 427 17.98 28.57 -15.50
N ASP A 428 19.05 27.87 -15.83
CA ASP A 428 19.97 28.35 -16.86
C ASP A 428 19.28 28.41 -18.22
N ARG A 429 18.54 27.37 -18.60
CA ARG A 429 17.91 27.35 -19.93
C ARG A 429 16.82 28.41 -20.13
N THR A 430 16.03 28.67 -19.09
CA THR A 430 14.89 29.61 -19.21
C THR A 430 15.20 31.02 -18.74
N GLY A 431 16.37 31.22 -18.10
CA GLY A 431 16.75 32.53 -17.57
C GLY A 431 15.88 33.02 -16.42
N GLY A 432 15.18 32.12 -15.76
CA GLY A 432 14.29 32.46 -14.66
C GLY A 432 12.98 33.13 -15.06
N VAL A 433 12.60 32.96 -16.32
CA VAL A 433 11.39 33.55 -16.90
C VAL A 433 10.29 32.47 -16.88
N ALA A 434 9.06 32.88 -16.60
CA ALA A 434 7.90 31.98 -16.58
C ALA A 434 7.55 31.53 -17.97
N ALA A 435 7.07 30.29 -18.11
CA ALA A 435 6.58 29.85 -19.41
C ALA A 435 5.42 30.70 -19.86
N GLU A 436 5.24 30.72 -21.17
CA GLU A 436 4.06 31.34 -21.81
C GLU A 436 2.74 30.72 -21.30
N GLY A 437 1.78 31.55 -20.88
CA GLY A 437 0.46 31.00 -20.49
C GLY A 437 -0.48 31.07 -21.67
N GLU A 438 -1.27 30.02 -21.91
CA GLU A 438 -2.10 29.99 -23.13
C GLU A 438 -3.52 30.53 -22.98
N LEU A 439 -3.95 30.75 -21.74
CA LEU A 439 -5.22 31.40 -21.42
C LEU A 439 -4.99 32.19 -20.13
N ASN A 440 -5.85 33.17 -19.87
CA ASN A 440 -5.80 33.92 -18.63
C ASN A 440 -7.01 33.54 -17.81
N VAL A 441 -6.75 32.97 -16.64
CA VAL A 441 -7.78 32.41 -15.82
C VAL A 441 -7.79 33.18 -14.50
N ALA A 442 -8.97 33.56 -14.04
CA ALA A 442 -9.11 34.26 -12.75
C ALA A 442 -9.95 33.43 -11.80
N ILE A 443 -9.39 33.17 -10.62
CA ILE A 443 -10.17 32.61 -9.51
C ILE A 443 -10.83 33.77 -8.76
N LEU A 444 -12.14 33.70 -8.67
CA LEU A 444 -12.96 34.75 -8.02
C LEU A 444 -13.51 34.30 -6.68
N ASN A 445 -13.18 35.03 -5.62
CA ASN A 445 -13.71 34.71 -4.28
C ASN A 445 -13.71 36.00 -3.42
N SER A 446 -14.09 35.91 -2.15
CA SER A 446 -14.15 37.11 -1.29
C SER A 446 -12.79 37.74 -0.96
N TRP A 447 -11.74 36.94 -0.99
CA TRP A 447 -10.39 37.41 -0.63
C TRP A 447 -9.57 37.99 -1.80
N GLY A 448 -9.59 37.32 -2.96
CA GLY A 448 -8.81 37.83 -4.09
C GLY A 448 -7.30 37.70 -3.90
N LYS A 449 -6.56 38.72 -4.38
CA LYS A 449 -5.12 38.63 -4.54
C LYS A 449 -4.39 38.38 -3.22
N MET A 450 -4.93 38.89 -2.11
CA MET A 450 -4.23 38.81 -0.83
C MET A 450 -4.15 37.35 -0.36
N ARG A 451 -5.03 36.48 -0.90
CA ARG A 451 -4.92 35.04 -0.63
C ARG A 451 -4.61 34.22 -1.91
N SER A 452 -3.71 34.74 -2.73
CA SER A 452 -3.19 34.03 -3.90
C SER A 452 -2.64 32.66 -3.54
N TRP A 453 -3.18 31.63 -4.20
CA TRP A 453 -2.78 30.23 -3.99
C TRP A 453 -3.15 29.71 -2.60
N MET A 454 -3.97 30.48 -1.90
CA MET A 454 -4.28 30.17 -0.50
C MET A 454 -5.74 29.78 -0.26
N ALA A 455 -6.56 29.82 -1.30
CA ALA A 455 -7.95 29.38 -1.14
C ALA A 455 -8.02 27.89 -0.79
N PHE A 456 -9.03 27.51 -0.01
CA PHE A 456 -9.33 26.13 0.38
C PHE A 456 -8.39 25.53 1.44
N THR A 457 -7.40 26.28 1.87
CA THR A 457 -6.46 25.77 2.87
C THR A 457 -7.02 25.96 4.27
N VAL A 458 -6.85 24.93 5.12
CA VAL A 458 -7.12 25.01 6.53
C VAL A 458 -5.74 24.91 7.24
N ALA A 459 -5.21 23.69 7.34
CA ALA A 459 -3.80 23.49 7.71
C ALA A 459 -2.98 23.42 6.42
N HIS A 460 -1.82 24.07 6.45
CA HIS A 460 -0.86 24.08 5.35
C HIS A 460 -0.56 22.71 4.75
N ALA A 461 -0.79 22.56 3.44
CA ALA A 461 -0.50 21.31 2.72
C ALA A 461 -1.23 20.08 3.25
N LEU A 462 -2.34 20.26 3.95
CA LEU A 462 -3.08 19.11 4.50
C LEU A 462 -4.55 19.07 4.05
N PRO A 463 -4.78 18.86 2.75
CA PRO A 463 -6.20 18.88 2.34
C PRO A 463 -6.90 17.64 2.93
N ASN A 464 -8.19 17.74 3.18
CA ASN A 464 -8.90 16.67 3.88
C ASN A 464 -10.24 16.34 3.17
N LYS A 465 -11.06 15.47 3.76
CA LYS A 465 -12.34 15.09 3.12
C LYS A 465 -13.16 16.33 2.75
N GLN A 466 -13.15 17.36 3.60
CA GLN A 466 -14.02 18.53 3.42
C GLN A 466 -13.51 19.48 2.35
N THR A 467 -12.23 19.40 2.02
CA THR A 467 -11.63 20.44 1.19
C THR A 467 -11.02 19.96 -0.11
N TYR A 468 -10.72 18.64 -0.21
CA TYR A 468 -9.89 18.19 -1.35
C TYR A 468 -10.54 18.35 -2.73
N SER A 469 -11.86 18.32 -2.74
CA SER A 469 -12.64 18.47 -3.98
C SER A 469 -12.48 19.84 -4.59
N TYR A 470 -12.03 20.81 -3.77
CA TYR A 470 -11.81 22.17 -4.20
C TYR A 470 -10.33 22.51 -4.27
N TYR A 471 -9.56 22.09 -3.29
CA TYR A 471 -8.09 22.27 -3.31
C TYR A 471 -7.52 21.71 -4.62
N GLY A 472 -8.07 20.59 -5.10
CA GLY A 472 -7.64 20.01 -6.40
C GLY A 472 -7.72 20.97 -7.57
N ILE A 473 -8.63 21.94 -7.51
CA ILE A 473 -8.64 23.01 -8.51
C ILE A 473 -7.32 23.77 -8.52
N LEU A 474 -6.88 24.23 -7.35
CA LEU A 474 -5.60 24.93 -7.29
C LEU A 474 -4.42 24.03 -7.64
N GLU A 475 -4.40 22.80 -7.12
CA GLU A 475 -3.27 21.92 -7.44
C GLU A 475 -3.19 21.67 -8.95
N SER A 476 -4.34 21.45 -9.61
CA SER A 476 -4.35 21.31 -11.08
C SER A 476 -3.78 22.55 -11.73
N LEU A 477 -4.29 23.72 -11.34
CA LEU A 477 -3.85 24.98 -11.98
C LEU A 477 -2.39 25.32 -11.69
N SER A 478 -1.90 24.87 -10.54
CA SER A 478 -0.56 25.28 -10.09
C SER A 478 0.57 25.01 -11.10
N GLY A 479 0.44 23.94 -11.87
CA GLY A 479 1.43 23.61 -12.88
C GLY A 479 0.89 23.64 -14.30
N MET A 480 -0.33 24.16 -14.47
CA MET A 480 -1.00 24.16 -15.75
C MET A 480 -0.47 25.28 -16.66
N ARG A 481 -0.49 25.05 -17.98
CA ARG A 481 0.01 26.01 -18.98
C ARG A 481 -0.92 27.23 -19.23
N VAL A 482 -1.41 27.83 -18.15
CA VAL A 482 -2.27 29.02 -18.28
C VAL A 482 -1.79 30.03 -17.24
N ASN A 483 -2.10 31.31 -17.44
CA ASN A 483 -1.83 32.35 -16.42
C ASN A 483 -3.00 32.39 -15.41
N VAL A 484 -2.70 32.27 -14.13
CA VAL A 484 -3.75 32.26 -13.10
C VAL A 484 -3.62 33.49 -12.19
N ARG A 485 -4.73 34.19 -11.97
CA ARG A 485 -4.73 35.33 -11.05
C ARG A 485 -5.87 35.11 -10.08
N PHE A 486 -5.88 35.87 -8.98
CA PHE A 486 -6.90 35.74 -7.93
C PHE A 486 -7.52 37.11 -7.76
N ILE A 487 -8.84 37.17 -7.88
CA ILE A 487 -9.56 38.43 -7.83
C ILE A 487 -10.68 38.32 -6.84
N SER A 488 -11.11 39.47 -6.31
CA SER A 488 -12.17 39.53 -5.31
C SER A 488 -13.46 40.11 -5.87
N PHE A 489 -14.58 39.88 -5.17
CA PHE A 489 -15.84 40.51 -5.57
C PHE A 489 -15.75 42.05 -5.52
N ASP A 490 -15.05 42.57 -4.50
CA ASP A 490 -14.79 44.02 -4.47
C ASP A 490 -14.12 44.52 -5.73
N ASP A 491 -13.15 43.77 -6.28
CA ASP A 491 -12.47 44.14 -7.52
C ASP A 491 -13.49 44.25 -8.65
N VAL A 492 -14.33 43.22 -8.76
CA VAL A 492 -15.26 43.13 -9.87
C VAL A 492 -16.34 44.23 -9.77
N LEU A 493 -16.82 44.44 -8.56
CA LEU A 493 -17.85 45.46 -8.32
C LEU A 493 -17.29 46.87 -8.59
N ALA A 494 -16.02 47.08 -8.24
CA ALA A 494 -15.40 48.40 -8.43
C ALA A 494 -15.04 48.69 -9.88
N HIS A 495 -14.47 47.71 -10.59
CA HIS A 495 -13.82 47.95 -11.90
C HIS A 495 -14.27 47.07 -13.06
N GLY A 496 -15.28 46.23 -12.85
CA GLY A 496 -15.67 45.24 -13.85
C GLY A 496 -14.66 44.11 -13.96
N ILE A 497 -14.84 43.26 -14.97
CA ILE A 497 -13.93 42.15 -15.21
C ILE A 497 -12.85 42.63 -16.18
N ASP A 498 -11.58 42.52 -15.81
CA ASP A 498 -10.47 42.94 -16.70
C ASP A 498 -10.62 42.30 -18.07
N SER A 499 -10.39 43.10 -19.12
CA SER A 499 -10.67 42.68 -20.48
C SER A 499 -9.74 41.57 -21.00
N ASP A 500 -8.63 41.31 -20.32
CA ASP A 500 -7.75 40.20 -20.72
C ASP A 500 -8.13 38.83 -20.16
N ILE A 501 -9.05 38.78 -19.23
CA ILE A 501 -9.41 37.48 -18.61
C ILE A 501 -10.20 36.62 -19.60
N ASP A 502 -9.82 35.36 -19.73
CA ASP A 502 -10.56 34.44 -20.61
C ASP A 502 -11.62 33.69 -19.83
N VAL A 503 -11.27 33.30 -18.60
CA VAL A 503 -12.14 32.39 -17.83
C VAL A 503 -12.13 32.82 -16.38
N ILE A 504 -13.32 32.85 -15.79
CA ILE A 504 -13.46 33.03 -14.36
C ILE A 504 -13.90 31.71 -13.73
N ILE A 505 -13.24 31.33 -12.62
CA ILE A 505 -13.66 30.15 -11.87
C ILE A 505 -14.18 30.60 -10.52
N ASN A 506 -15.35 30.09 -10.14
CA ASN A 506 -15.90 30.32 -8.81
C ASN A 506 -16.23 28.94 -8.24
N GLY A 507 -15.56 28.57 -7.14
CA GLY A 507 -15.74 27.21 -6.57
C GLY A 507 -15.87 27.17 -5.05
N GLY A 508 -16.63 26.19 -4.55
CA GLY A 508 -16.70 25.94 -3.11
C GLY A 508 -18.09 25.63 -2.64
N PRO A 509 -18.25 25.41 -1.32
CA PRO A 509 -19.59 25.21 -0.81
C PRO A 509 -20.29 26.54 -0.58
N VAL A 510 -21.62 26.47 -0.46
CA VAL A 510 -22.45 27.64 -0.15
C VAL A 510 -21.99 28.33 1.16
N ASP A 511 -22.15 29.64 1.25
CA ASP A 511 -21.90 30.40 2.48
C ASP A 511 -20.45 30.30 2.93
N THR A 512 -19.54 30.33 1.96
CA THR A 512 -18.13 30.45 2.26
C THR A 512 -17.48 31.62 1.51
N ALA A 513 -16.29 32.03 1.95
CA ALA A 513 -15.48 33.03 1.23
C ALA A 513 -15.22 32.61 -0.21
N PHE A 514 -15.17 31.30 -0.45
CA PHE A 514 -14.78 30.81 -1.75
C PHE A 514 -15.89 30.87 -2.81
N THR A 515 -17.12 30.64 -2.39
CA THR A 515 -18.27 30.95 -3.29
C THR A 515 -18.67 32.40 -3.21
N GLY A 516 -18.83 32.89 -1.98
CA GLY A 516 -19.02 34.32 -1.72
C GLY A 516 -20.19 34.73 -0.85
N GLY A 517 -21.14 33.83 -0.61
CA GLY A 517 -22.28 34.17 0.23
C GLY A 517 -23.20 35.18 -0.45
N ASP A 518 -23.74 36.08 0.35
CA ASP A 518 -24.83 36.95 -0.08
C ASP A 518 -24.43 38.03 -1.09
N VAL A 519 -23.13 38.14 -1.39
CA VAL A 519 -22.63 39.00 -2.50
C VAL A 519 -23.36 38.60 -3.78
N TRP A 520 -23.76 37.32 -3.88
CA TRP A 520 -24.50 36.84 -5.08
C TRP A 520 -25.95 37.30 -5.16
N THR A 521 -26.44 37.95 -4.10
CA THR A 521 -27.72 38.66 -4.13
C THR A 521 -27.58 40.14 -4.54
N ASN A 522 -26.34 40.60 -4.71
CA ASN A 522 -26.09 41.96 -5.19
C ASN A 522 -26.31 41.96 -6.70
N PRO A 523 -27.36 42.66 -7.18
CA PRO A 523 -27.62 42.56 -8.62
C PRO A 523 -26.48 43.09 -9.53
N LYS A 524 -25.67 44.02 -9.05
CA LYS A 524 -24.56 44.52 -9.85
C LYS A 524 -23.58 43.40 -10.18
N LEU A 525 -23.37 42.47 -9.23
CA LEU A 525 -22.39 41.39 -9.48
C LEU A 525 -22.96 40.43 -10.55
N VAL A 526 -24.21 40.04 -10.36
CA VAL A 526 -24.87 39.16 -11.31
C VAL A 526 -24.91 39.80 -12.71
N GLU A 527 -25.31 41.08 -12.78
CA GLU A 527 -25.31 41.81 -14.06
C GLU A 527 -23.95 41.76 -14.73
N THR A 528 -22.89 42.01 -13.97
CA THR A 528 -21.54 42.15 -14.50
C THR A 528 -21.05 40.83 -15.08
N VAL A 529 -21.23 39.77 -14.30
CA VAL A 529 -20.80 38.45 -14.76
C VAL A 529 -21.65 37.96 -15.96
N ARG A 530 -22.96 38.12 -15.89
CA ARG A 530 -23.81 37.68 -17.00
C ARG A 530 -23.48 38.40 -18.30
N ALA A 531 -23.32 39.73 -18.22
CA ALA A 531 -23.00 40.52 -19.42
C ALA A 531 -21.69 40.07 -20.02
N TRP A 532 -20.69 39.86 -19.14
CA TRP A 532 -19.36 39.44 -19.58
C TRP A 532 -19.40 38.06 -20.24
N VAL A 533 -20.10 37.09 -19.62
CA VAL A 533 -20.23 35.76 -20.27
C VAL A 533 -21.00 35.92 -21.61
N ARG A 534 -22.10 36.66 -21.59
CA ARG A 534 -22.89 36.82 -22.83
C ARG A 534 -22.04 37.38 -23.97
N GLY A 535 -21.06 38.21 -23.59
CA GLY A 535 -20.15 38.87 -24.53
C GLY A 535 -18.97 38.03 -24.98
N GLY A 536 -18.85 36.82 -24.47
CA GLY A 536 -17.78 35.89 -24.90
C GLY A 536 -16.92 35.40 -23.74
N GLY A 537 -17.20 35.88 -22.52
CA GLY A 537 -16.55 35.33 -21.32
C GLY A 537 -16.85 33.85 -21.06
N ALA A 538 -16.17 33.27 -20.07
CA ALA A 538 -16.35 31.87 -19.76
C ALA A 538 -16.41 31.78 -18.23
N PHE A 539 -17.41 31.11 -17.71
CA PHE A 539 -17.56 31.04 -16.27
C PHE A 539 -17.59 29.58 -15.87
N VAL A 540 -16.65 29.16 -15.04
CA VAL A 540 -16.60 27.76 -14.59
C VAL A 540 -16.98 27.72 -13.10
N GLY A 541 -18.01 26.95 -12.77
CA GLY A 541 -18.52 26.96 -11.39
C GLY A 541 -18.32 25.57 -10.84
N VAL A 542 -17.70 25.46 -9.66
CA VAL A 542 -17.39 24.18 -9.07
C VAL A 542 -18.07 24.03 -7.71
N GLY A 543 -18.80 22.93 -7.54
CA GLY A 543 -19.44 22.61 -6.25
C GLY A 543 -20.78 23.30 -6.10
N GLU A 544 -20.78 24.47 -5.44
CA GLU A 544 -22.00 25.23 -5.25
C GLU A 544 -21.73 26.68 -5.69
N PRO A 545 -21.32 26.88 -6.97
CA PRO A 545 -20.93 28.22 -7.39
C PRO A 545 -22.09 29.22 -7.34
N SER A 546 -21.77 30.49 -7.03
CA SER A 546 -22.80 31.59 -7.06
C SER A 546 -23.99 31.34 -6.14
N SER A 547 -23.80 30.45 -5.17
CA SER A 547 -24.91 30.03 -4.30
C SER A 547 -25.32 31.08 -3.23
N ALA A 548 -26.62 31.24 -3.06
CA ALA A 548 -27.13 32.09 -1.98
C ALA A 548 -28.39 31.45 -1.49
N PRO A 549 -28.40 31.07 -0.20
CA PRO A 549 -29.55 30.40 0.38
C PRO A 549 -30.71 31.37 0.59
N ARG A 550 -31.92 30.82 0.44
CA ARG A 550 -33.19 31.50 0.73
C ARG A 550 -33.59 32.70 -0.14
N PHE A 551 -32.64 33.31 -0.85
CA PHE A 551 -32.94 34.53 -1.60
C PHE A 551 -34.04 34.32 -2.63
N GLN A 552 -33.95 33.24 -3.41
CA GLN A 552 -34.98 32.86 -4.39
C GLN A 552 -35.40 31.44 -4.11
N THR A 553 -36.68 31.22 -3.90
CA THR A 553 -37.17 29.87 -3.62
C THR A 553 -36.79 28.89 -4.72
N GLY A 554 -36.79 29.34 -5.98
CA GLY A 554 -36.59 28.41 -7.07
C GLY A 554 -35.22 28.47 -7.72
N ARG A 555 -34.26 29.14 -7.07
CA ARG A 555 -32.94 29.30 -7.67
C ARG A 555 -31.89 29.43 -6.56
N PHE A 556 -30.99 28.45 -6.47
CA PHE A 556 -29.98 28.41 -5.37
C PHE A 556 -28.63 28.96 -5.87
N PHE A 557 -28.12 28.35 -6.93
CA PHE A 557 -27.00 28.93 -7.69
C PHE A 557 -27.57 30.11 -8.44
N GLN A 558 -27.11 31.31 -8.10
CA GLN A 558 -27.69 32.52 -8.70
C GLN A 558 -27.39 32.61 -10.19
N LEU A 559 -26.23 32.07 -10.59
CA LEU A 559 -25.90 31.96 -12.00
C LEU A 559 -26.21 30.57 -12.61
N ALA A 560 -27.23 29.91 -12.08
CA ALA A 560 -27.69 28.64 -12.70
C ALA A 560 -28.00 28.79 -14.19
N ASP A 561 -28.51 29.96 -14.60
CA ASP A 561 -28.79 30.21 -16.03
C ASP A 561 -27.53 30.13 -16.92
N VAL A 562 -26.40 30.59 -16.38
CA VAL A 562 -25.13 30.59 -17.12
C VAL A 562 -24.53 29.18 -17.26
N ILE A 563 -24.50 28.43 -16.16
CA ILE A 563 -23.80 27.14 -16.16
C ILE A 563 -24.74 25.99 -16.45
N GLY A 564 -26.04 26.28 -16.41
CA GLY A 564 -27.04 25.31 -16.86
C GLY A 564 -27.47 24.30 -15.82
N VAL A 565 -26.98 24.48 -14.59
CA VAL A 565 -27.23 23.57 -13.51
C VAL A 565 -27.61 24.33 -12.25
N ASP A 566 -28.55 23.75 -11.50
CA ASP A 566 -28.88 24.22 -10.15
C ASP A 566 -28.90 23.05 -9.18
N GLU A 567 -28.93 23.37 -7.88
CA GLU A 567 -29.10 22.38 -6.83
C GLU A 567 -30.50 22.43 -6.24
N GLU A 568 -31.17 21.28 -6.24
CA GLU A 568 -32.49 21.14 -5.62
C GLU A 568 -32.29 21.28 -4.09
N ARG A 569 -33.06 22.17 -3.44
CA ARG A 569 -32.91 22.36 -1.99
C ARG A 569 -34.14 21.95 -1.18
N TYR A 570 -34.90 21.04 -1.78
CA TYR A 570 -36.12 20.47 -1.20
C TYR A 570 -37.28 21.46 -1.15
N GLN A 571 -37.11 22.60 -1.83
CA GLN A 571 -38.19 23.59 -2.06
C GLN A 571 -38.97 23.34 -3.36
N THR A 572 -38.35 22.63 -4.31
CA THR A 572 -38.87 22.50 -5.68
C THR A 572 -39.16 21.07 -6.11
N LEU A 573 -39.49 20.23 -5.14
CA LEU A 573 -39.69 18.82 -5.41
C LEU A 573 -40.96 18.58 -6.24
N SER A 574 -41.93 19.48 -6.13
CA SER A 574 -43.14 19.38 -6.99
C SER A 574 -42.86 19.55 -8.50
N VAL A 575 -41.72 20.15 -8.84
CA VAL A 575 -41.31 20.39 -10.25
C VAL A 575 -40.54 19.16 -10.80
N ASP A 576 -41.12 18.46 -11.76
CA ASP A 576 -40.46 17.31 -12.34
C ASP A 576 -39.21 17.78 -13.00
N LYS A 577 -38.08 17.09 -12.73
CA LYS A 577 -36.82 17.42 -13.40
C LYS A 577 -36.57 16.50 -14.60
N TYR A 578 -36.33 17.09 -15.77
CA TYR A 578 -36.14 16.31 -17.01
C TYR A 578 -34.68 16.45 -17.47
N PHE A 579 -33.95 15.34 -17.49
CA PHE A 579 -32.53 15.38 -17.86
C PHE A 579 -32.41 15.03 -19.36
N PRO A 580 -31.73 15.88 -20.15
CA PRO A 580 -31.45 15.45 -21.53
C PRO A 580 -30.42 14.28 -21.56
N PRO A 581 -30.38 13.54 -22.67
CA PRO A 581 -29.42 12.44 -22.73
C PRO A 581 -27.99 12.96 -22.57
N VAL A 582 -27.18 12.19 -21.85
CA VAL A 582 -25.75 12.50 -21.66
C VAL A 582 -25.02 12.31 -22.98
N VAL A 583 -24.10 13.23 -23.25
CA VAL A 583 -23.22 13.19 -24.43
C VAL A 583 -21.84 12.67 -23.98
N PRO A 584 -21.60 11.35 -24.18
CA PRO A 584 -20.34 10.79 -23.70
C PRO A 584 -19.12 11.12 -24.58
N ASP A 585 -19.31 11.52 -25.82
CA ASP A 585 -18.16 11.90 -26.64
C ASP A 585 -18.15 13.41 -26.77
N HIS A 586 -17.16 14.09 -26.17
CA HIS A 586 -17.14 15.56 -26.19
C HIS A 586 -15.69 16.06 -26.02
N PHE A 587 -15.37 17.20 -26.61
CA PHE A 587 -14.04 17.80 -26.39
C PHE A 587 -13.56 17.75 -24.92
N ILE A 588 -14.44 18.07 -23.96
CA ILE A 588 -13.99 18.17 -22.54
C ILE A 588 -13.52 16.83 -21.98
N THR A 589 -14.23 15.77 -22.37
CA THR A 589 -13.95 14.43 -21.87
C THR A 589 -13.05 13.59 -22.80
N ALA A 590 -12.40 14.25 -23.78
CA ALA A 590 -11.74 13.50 -24.87
C ALA A 590 -10.61 12.61 -24.37
N ASP A 591 -10.00 12.95 -23.24
CA ASP A 591 -8.89 12.17 -22.72
C ASP A 591 -9.29 11.24 -21.55
N VAL A 592 -10.57 11.21 -21.19
CA VAL A 592 -10.99 10.29 -20.12
C VAL A 592 -10.87 8.84 -20.66
N PRO A 593 -10.18 7.95 -19.91
CA PRO A 593 -10.05 6.56 -20.38
C PRO A 593 -11.42 5.90 -20.53
N VAL A 594 -11.63 5.19 -21.63
CA VAL A 594 -12.93 4.56 -21.92
C VAL A 594 -12.98 3.15 -21.29
N ASP A 595 -14.07 2.88 -20.58
CA ASP A 595 -14.27 1.59 -19.96
C ASP A 595 -15.45 0.97 -20.71
N PRO A 596 -15.18 -0.04 -21.56
CA PRO A 596 -16.29 -0.59 -22.34
C PRO A 596 -17.28 -1.43 -21.54
N ALA A 597 -16.86 -2.06 -20.44
CA ALA A 597 -17.84 -2.74 -19.55
C ALA A 597 -18.83 -1.72 -18.96
N ALA A 598 -18.30 -0.60 -18.46
CA ALA A 598 -19.15 0.46 -17.93
C ALA A 598 -20.03 1.11 -18.98
N ARG A 599 -19.46 1.45 -20.14
CA ARG A 599 -20.20 2.17 -21.17
C ARG A 599 -21.33 1.35 -21.79
N GLU A 600 -21.10 0.05 -21.97
CA GLU A 600 -22.13 -0.79 -22.57
C GLU A 600 -23.25 -1.06 -21.57
N ALA A 601 -22.89 -1.27 -20.30
CA ALA A 601 -23.85 -1.37 -19.21
C ALA A 601 -24.72 -0.10 -19.10
N TRP A 602 -24.07 1.06 -19.23
CA TRP A 602 -24.79 2.36 -19.23
C TRP A 602 -25.66 2.57 -20.47
N GLU A 603 -25.13 2.26 -21.66
CA GLU A 603 -25.92 2.34 -22.89
C GLU A 603 -27.15 1.44 -22.88
N GLN A 604 -26.99 0.21 -22.37
CA GLN A 604 -28.06 -0.83 -22.38
C GLN A 604 -29.20 -0.48 -21.44
N ALA A 605 -28.83 -0.12 -20.21
CA ALA A 605 -29.80 0.23 -19.16
C ALA A 605 -30.64 1.46 -19.49
N GLY A 606 -30.09 2.37 -20.31
CA GLY A 606 -30.84 3.55 -20.77
C GLY A 606 -31.28 4.54 -19.67
N TYR A 607 -32.32 5.33 -19.96
CA TYR A 607 -32.74 6.41 -19.08
C TYR A 607 -34.12 6.18 -18.45
N ARG A 608 -34.35 6.77 -17.28
CA ARG A 608 -35.66 6.69 -16.64
C ARG A 608 -36.72 7.32 -17.54
N ILE A 609 -37.83 6.62 -17.68
CA ILE A 609 -39.02 7.11 -18.36
C ILE A 609 -39.75 8.11 -17.41
N PRO A 610 -40.44 9.12 -17.97
CA PRO A 610 -41.13 10.01 -17.03
C PRO A 610 -42.08 9.28 -16.08
N LEU A 611 -42.03 9.68 -14.82
CA LEU A 611 -42.87 9.09 -13.78
C LEU A 611 -43.29 10.18 -12.85
N SER A 612 -44.56 10.13 -12.44
CA SER A 612 -45.15 11.23 -11.64
C SER A 612 -44.29 11.55 -10.42
N GLY A 613 -44.01 12.83 -10.23
CA GLY A 613 -43.22 13.30 -9.09
C GLY A 613 -41.75 12.92 -9.14
N CYS A 614 -41.30 12.30 -10.23
CA CYS A 614 -39.93 11.76 -10.28
C CYS A 614 -39.13 12.23 -11.48
N GLY A 615 -39.71 13.13 -12.27
CA GLY A 615 -39.13 13.58 -13.54
C GLY A 615 -38.78 12.44 -14.49
N GLY A 616 -37.72 12.62 -15.28
CA GLY A 616 -37.28 11.53 -16.17
C GLY A 616 -35.99 11.87 -16.88
N GLY A 617 -35.39 10.89 -17.54
CA GLY A 617 -34.21 11.17 -18.34
C GLY A 617 -32.92 10.85 -17.60
N GLN A 618 -33.00 10.59 -16.29
CA GLN A 618 -31.80 10.21 -15.55
C GLN A 618 -31.34 8.81 -15.96
N SER A 619 -30.03 8.63 -16.17
CA SER A 619 -29.48 7.31 -16.52
C SER A 619 -29.70 6.34 -15.37
N ILE A 620 -30.11 5.13 -15.71
CA ILE A 620 -30.43 4.14 -14.72
C ILE A 620 -29.13 3.52 -14.19
N LYS A 621 -28.15 3.41 -15.06
CA LYS A 621 -26.82 3.00 -14.59
C LYS A 621 -25.79 4.12 -14.77
N PRO A 622 -24.76 4.16 -13.89
CA PRO A 622 -23.82 5.27 -14.01
C PRO A 622 -22.81 5.01 -15.13
N LEU A 623 -22.46 6.05 -15.87
CA LEU A 623 -21.37 5.94 -16.85
C LEU A 623 -20.01 5.88 -16.13
N GLY A 624 -19.79 6.78 -15.16
CA GLY A 624 -18.54 6.77 -14.35
C GLY A 624 -17.28 7.16 -15.12
N GLY A 625 -16.11 6.75 -14.62
CA GLY A 625 -14.87 7.01 -15.36
C GLY A 625 -14.11 8.25 -14.85
N ILE A 626 -14.78 9.07 -14.04
CA ILE A 626 -14.23 10.36 -13.53
C ILE A 626 -14.47 10.47 -12.03
N ASP A 627 -13.40 10.78 -11.28
CA ASP A 627 -13.48 10.97 -9.86
C ASP A 627 -13.81 12.46 -9.61
N PHE A 628 -15.05 12.75 -9.22
CA PHE A 628 -15.44 14.12 -8.91
C PHE A 628 -15.40 14.47 -7.41
N GLY A 629 -14.87 13.56 -6.60
CA GLY A 629 -14.75 13.79 -5.15
C GLY A 629 -16.09 13.82 -4.44
N GLU A 630 -16.28 14.81 -3.58
CA GLU A 630 -17.47 14.84 -2.70
C GLU A 630 -18.72 15.20 -3.52
N PRO A 631 -19.79 14.42 -3.38
CA PRO A 631 -20.98 14.68 -4.17
C PRO A 631 -21.64 16.02 -3.80
N VAL A 632 -22.25 16.68 -4.78
CA VAL A 632 -23.22 17.76 -4.50
C VAL A 632 -24.61 17.19 -4.80
N LEU A 633 -25.38 16.94 -3.74
CA LEU A 633 -26.60 16.13 -3.88
C LEU A 633 -27.65 16.88 -4.71
N ASN A 634 -28.26 16.17 -5.66
CA ASN A 634 -29.47 16.69 -6.33
C ASN A 634 -29.28 17.91 -7.20
N THR A 635 -28.09 18.05 -7.80
CA THR A 635 -27.92 18.99 -8.88
C THR A 635 -28.76 18.45 -10.06
N TYR A 636 -29.30 19.36 -10.87
CA TYR A 636 -30.14 18.99 -12.02
C TYR A 636 -29.97 20.03 -13.15
N PRO A 637 -30.26 19.63 -14.42
CA PRO A 637 -30.13 20.61 -15.48
C PRO A 637 -31.35 21.57 -15.49
N VAL A 638 -31.11 22.86 -15.66
CA VAL A 638 -32.20 23.84 -15.59
C VAL A 638 -33.17 23.73 -16.79
N ASN A 639 -32.66 23.23 -17.91
CA ASN A 639 -33.50 22.95 -19.10
C ASN A 639 -32.83 21.89 -19.96
N GLU A 640 -33.50 21.40 -21.00
CA GLU A 640 -32.94 20.29 -21.78
C GLU A 640 -31.95 20.73 -22.88
N ASN A 641 -31.65 22.02 -22.96
CA ASN A 641 -30.60 22.52 -23.86
C ASN A 641 -29.19 22.56 -23.27
N VAL A 642 -29.09 22.32 -21.97
CA VAL A 642 -27.80 22.16 -21.31
C VAL A 642 -27.18 20.86 -21.80
N THR A 643 -25.87 20.86 -22.01
CA THR A 643 -25.16 19.62 -22.36
C THR A 643 -24.70 18.90 -21.08
N LEU A 644 -25.29 17.74 -20.79
CA LEU A 644 -24.79 16.91 -19.70
C LEU A 644 -23.66 16.00 -20.16
N LEU A 645 -22.52 16.10 -19.46
CA LEU A 645 -21.34 15.29 -19.78
C LEU A 645 -21.20 14.14 -18.81
N ARG A 646 -21.57 14.37 -17.53
CA ARG A 646 -21.73 13.30 -16.53
C ARG A 646 -22.90 13.66 -15.65
N ALA A 647 -23.86 12.75 -15.56
CA ALA A 647 -25.00 12.95 -14.66
C ALA A 647 -25.44 11.58 -14.14
N ASP A 648 -24.55 10.99 -13.33
CA ASP A 648 -24.73 9.67 -12.79
C ASP A 648 -25.42 9.73 -11.44
N GLY A 649 -26.19 8.68 -11.15
CA GLY A 649 -26.79 8.56 -9.82
C GLY A 649 -27.88 9.59 -9.57
N GLY A 650 -28.58 10.00 -10.62
CA GLY A 650 -29.77 10.89 -10.46
C GLY A 650 -29.38 12.33 -10.13
N GLN A 651 -28.15 12.72 -10.44
CA GLN A 651 -27.71 14.12 -10.25
C GLN A 651 -26.60 14.45 -11.25
N VAL A 652 -26.07 15.66 -11.19
CA VAL A 652 -25.20 16.14 -12.24
C VAL A 652 -23.80 16.38 -11.66
N GLN A 653 -22.78 15.88 -12.37
CA GLN A 653 -21.40 16.13 -11.99
C GLN A 653 -20.70 17.08 -12.95
N LEU A 654 -21.07 17.06 -14.24
CA LEU A 654 -20.33 17.79 -15.26
C LEU A 654 -21.25 18.19 -16.43
N ALA A 655 -21.26 19.49 -16.74
CA ALA A 655 -22.19 20.05 -17.74
C ALA A 655 -21.65 21.32 -18.36
N THR A 656 -22.09 21.62 -19.60
CA THR A 656 -21.73 22.87 -20.25
C THR A 656 -23.02 23.46 -20.86
N ASN A 657 -23.04 24.79 -20.97
CA ASN A 657 -24.20 25.52 -21.43
C ASN A 657 -23.71 26.70 -22.26
N ASP A 658 -24.28 26.90 -23.44
CA ASP A 658 -23.91 28.08 -24.25
C ASP A 658 -24.75 29.25 -23.68
N TYR A 659 -24.14 30.43 -23.64
CA TYR A 659 -24.77 31.60 -23.03
C TYR A 659 -24.37 32.79 -23.86
N GLY A 660 -25.17 33.05 -24.91
CA GLY A 660 -24.79 34.06 -25.90
C GLY A 660 -23.51 33.63 -26.59
N LYS A 661 -22.56 34.55 -26.69
CA LYS A 661 -21.27 34.27 -27.29
C LYS A 661 -20.39 33.38 -26.39
N GLY A 662 -20.63 33.41 -25.08
CA GLY A 662 -19.77 32.73 -24.10
C GLY A 662 -20.37 31.41 -23.62
N ARG A 663 -19.76 30.82 -22.59
CA ARG A 663 -20.22 29.49 -22.09
C ARG A 663 -20.07 29.44 -20.61
N GLY A 664 -20.89 28.61 -19.97
CA GLY A 664 -20.72 28.28 -18.58
C GLY A 664 -20.46 26.77 -18.47
N VAL A 665 -19.72 26.36 -17.45
CA VAL A 665 -19.45 24.96 -17.19
C VAL A 665 -19.65 24.70 -15.70
N TYR A 666 -20.31 23.60 -15.39
CA TYR A 666 -20.52 23.15 -14.01
C TYR A 666 -19.70 21.90 -13.76
N ILE A 667 -18.96 21.89 -12.64
CA ILE A 667 -18.24 20.70 -12.23
C ILE A 667 -18.55 20.49 -10.77
N SER A 668 -19.03 19.31 -10.36
CA SER A 668 -19.47 19.17 -8.96
C SER A 668 -18.29 19.16 -7.97
N GLY A 669 -17.14 18.64 -8.39
CA GLY A 669 -15.92 18.63 -7.52
C GLY A 669 -14.74 18.20 -8.38
N LEU A 670 -13.51 18.43 -7.93
CA LEU A 670 -12.34 18.13 -8.76
C LEU A 670 -11.06 17.81 -7.95
N PRO A 671 -10.99 16.59 -7.36
CA PRO A 671 -9.73 16.15 -6.73
C PRO A 671 -8.61 16.21 -7.74
N TYR A 672 -7.39 16.53 -7.29
CA TYR A 672 -6.26 16.58 -8.22
C TYR A 672 -5.87 15.19 -8.72
N SER A 673 -5.68 15.04 -10.04
CA SER A 673 -4.95 13.92 -10.63
C SER A 673 -4.52 14.37 -12.00
N ALA A 674 -3.66 13.61 -12.68
CA ALA A 674 -3.31 13.97 -14.04
C ALA A 674 -4.60 14.05 -14.88
N ALA A 675 -5.46 13.04 -14.77
CA ALA A 675 -6.69 13.04 -15.57
C ALA A 675 -7.57 14.26 -15.29
N ASN A 676 -7.73 14.60 -14.00
CA ASN A 676 -8.63 15.73 -13.68
C ASN A 676 -8.05 17.10 -14.02
N ALA A 677 -6.72 17.21 -14.01
CA ALA A 677 -6.07 18.45 -14.40
C ALA A 677 -6.25 18.63 -15.93
N ARG A 678 -6.19 17.51 -16.66
CA ARG A 678 -6.49 17.53 -18.10
C ARG A 678 -7.96 17.91 -18.36
N LEU A 679 -8.85 17.34 -17.57
CA LEU A 679 -10.29 17.66 -17.70
C LEU A 679 -10.49 19.16 -17.46
N LEU A 680 -9.92 19.68 -16.37
CA LEU A 680 -10.06 21.11 -16.12
C LEU A 680 -9.45 21.92 -17.25
N GLU A 681 -8.26 21.52 -17.73
CA GLU A 681 -7.61 22.24 -18.80
C GLU A 681 -8.50 22.29 -20.05
N ARG A 682 -9.06 21.13 -20.43
CA ARG A 682 -9.98 21.12 -21.57
C ARG A 682 -11.24 21.97 -21.30
N VAL A 683 -11.77 21.94 -20.06
CA VAL A 683 -12.89 22.83 -19.72
C VAL A 683 -12.57 24.33 -20.02
N LEU A 684 -11.37 24.77 -19.65
CA LEU A 684 -10.97 26.19 -19.83
C LEU A 684 -10.92 26.56 -21.31
N PHE A 685 -10.37 25.67 -22.12
CA PHE A 685 -10.25 25.95 -23.58
C PHE A 685 -11.62 25.88 -24.21
N TYR A 686 -12.39 24.89 -23.82
CA TYR A 686 -13.74 24.76 -24.38
C TYR A 686 -14.65 25.95 -24.00
N ALA A 687 -14.66 26.35 -22.72
CA ALA A 687 -15.63 27.33 -22.22
C ALA A 687 -15.29 28.68 -22.83
N SER A 688 -14.01 28.91 -23.08
CA SER A 688 -13.59 30.18 -23.69
C SER A 688 -13.63 30.14 -25.23
N HIS A 689 -14.28 29.13 -25.82
CA HIS A 689 -14.32 28.98 -27.30
C HIS A 689 -12.93 28.99 -27.91
N ASN A 690 -12.00 28.33 -27.24
CA ASN A 690 -10.62 28.33 -27.67
C ASN A 690 -10.16 26.89 -28.00
N GLU A 691 -11.09 26.02 -28.43
CA GLU A 691 -10.73 24.67 -28.85
C GLU A 691 -9.61 24.64 -29.89
N ASP A 692 -9.61 25.56 -30.86
CA ASP A 692 -8.48 25.48 -31.80
C ASP A 692 -7.18 26.09 -31.32
N LYS A 693 -7.20 26.69 -30.14
CA LYS A 693 -5.96 27.11 -29.49
C LYS A 693 -5.38 25.99 -28.59
N TYR A 694 -6.18 24.96 -28.35
CA TYR A 694 -5.79 23.91 -27.39
C TYR A 694 -4.52 23.14 -27.78
N ALA A 695 -4.41 22.74 -29.05
CA ALA A 695 -3.30 21.86 -29.50
C ALA A 695 -1.91 22.49 -29.41
N ALA A 696 -1.77 23.79 -29.66
CA ALA A 696 -0.41 24.37 -29.67
C ALA A 696 0.25 24.25 -28.30
N TRP A 697 1.47 23.70 -28.27
CA TRP A 697 2.24 23.50 -27.04
C TRP A 697 1.51 22.60 -26.03
N SER A 698 1.07 21.44 -26.50
CA SER A 698 0.36 20.50 -25.64
C SER A 698 0.97 19.10 -25.73
N SER A 699 0.75 18.30 -24.69
CA SER A 699 1.20 16.91 -24.61
C SER A 699 -0.03 16.05 -24.86
N SER A 700 0.02 15.11 -25.80
CA SER A 700 -1.07 14.16 -25.97
C SER A 700 -1.36 13.38 -24.65
N ASN A 701 -0.28 12.95 -23.98
CA ASN A 701 -0.39 12.17 -22.76
C ASN A 701 -0.58 13.09 -21.54
N PRO A 702 -1.68 12.89 -20.81
CA PRO A 702 -1.94 13.80 -19.64
C PRO A 702 -0.92 13.69 -18.49
N GLU A 703 -0.09 12.64 -18.52
CA GLU A 703 0.93 12.44 -17.47
C GLU A 703 2.12 13.34 -17.67
N CYS A 704 2.15 14.04 -18.82
CA CYS A 704 3.21 14.98 -19.14
C CYS A 704 2.65 16.37 -19.39
N GLU A 705 3.50 17.38 -19.24
CA GLU A 705 3.09 18.76 -19.50
C GLU A 705 4.17 19.46 -20.32
N VAL A 706 3.79 20.54 -21.00
CA VAL A 706 4.68 21.29 -21.92
C VAL A 706 4.82 22.73 -21.43
N ALA A 707 6.02 23.26 -21.51
CA ALA A 707 6.26 24.66 -21.18
C ALA A 707 6.98 25.30 -22.36
N HIS A 708 6.38 26.36 -22.90
CA HIS A 708 6.92 27.03 -24.08
C HIS A 708 7.55 28.35 -23.67
N PHE A 709 8.77 28.60 -24.14
CA PHE A 709 9.53 29.80 -23.81
C PHE A 709 9.87 30.55 -25.08
N PRO A 710 8.88 31.26 -25.66
CA PRO A 710 9.05 31.91 -26.96
C PRO A 710 10.30 32.78 -27.05
N GLU A 711 10.61 33.54 -26.00
CA GLU A 711 11.73 34.48 -26.06
C GLU A 711 13.11 33.78 -25.98
N GLN A 712 13.15 32.54 -25.48
CA GLN A 712 14.40 31.75 -25.48
C GLN A 712 14.46 30.76 -26.65
N GLY A 713 13.43 30.76 -27.50
CA GLY A 713 13.29 29.77 -28.58
C GLY A 713 13.40 28.31 -28.14
N LEU A 714 12.69 27.97 -27.08
CA LEU A 714 12.72 26.61 -26.47
C LEU A 714 11.33 26.13 -26.06
N TYR A 715 11.14 24.83 -26.04
CA TYR A 715 10.13 24.27 -25.16
C TYR A 715 10.69 23.10 -24.37
N CYS A 716 10.02 22.74 -23.28
CA CYS A 716 10.35 21.48 -22.65
C CYS A 716 9.08 20.65 -22.44
N VAL A 717 9.28 19.37 -22.20
CA VAL A 717 8.18 18.48 -21.85
C VAL A 717 8.65 17.72 -20.64
N ILE A 718 7.75 17.61 -19.65
CA ILE A 718 8.09 16.99 -18.35
C ILE A 718 7.17 15.81 -18.08
N ASN A 719 7.72 14.78 -17.50
CA ASN A 719 6.98 13.59 -17.07
C ASN A 719 6.69 13.79 -15.59
N ASN A 720 5.42 13.94 -15.26
CA ASN A 720 5.01 14.20 -13.88
C ASN A 720 4.89 12.93 -13.02
N THR A 721 5.34 11.78 -13.55
CA THR A 721 5.20 10.50 -12.85
C THR A 721 6.56 9.81 -12.70
N ASP A 722 6.58 8.76 -11.88
CA ASP A 722 7.79 7.94 -11.73
C ASP A 722 7.83 6.74 -12.70
N GLN A 723 6.99 6.76 -13.72
CA GLN A 723 6.94 5.71 -14.76
C GLN A 723 7.39 6.28 -16.11
N PRO A 724 7.89 5.41 -17.02
CA PRO A 724 8.19 5.92 -18.38
C PRO A 724 6.89 6.42 -19.01
N GLN A 725 6.96 7.47 -19.82
CA GLN A 725 5.77 8.04 -20.45
C GLN A 725 6.10 8.40 -21.88
N LYS A 726 5.35 7.84 -22.83
CA LYS A 726 5.46 8.29 -24.20
C LYS A 726 4.41 9.35 -24.45
N THR A 727 4.81 10.39 -25.17
CA THR A 727 3.90 11.48 -25.51
C THR A 727 4.28 12.11 -26.84
N THR A 728 3.29 12.71 -27.49
CA THR A 728 3.48 13.48 -28.68
C THR A 728 3.21 14.92 -28.35
N VAL A 729 4.20 15.78 -28.56
CA VAL A 729 3.98 17.22 -28.39
C VAL A 729 3.55 17.89 -29.69
N THR A 730 2.55 18.77 -29.63
CA THR A 730 2.11 19.52 -30.82
C THR A 730 2.65 20.96 -30.70
N LEU A 731 3.36 21.41 -31.73
CA LEU A 731 3.92 22.78 -31.73
C LEU A 731 2.93 23.76 -32.37
N ALA A 732 3.20 25.06 -32.29
CA ALA A 732 2.30 26.09 -32.81
C ALA A 732 2.11 25.95 -34.32
N ASP A 733 3.14 25.49 -35.01
CA ASP A 733 3.09 25.37 -36.47
C ASP A 733 2.38 24.08 -36.91
N GLY A 734 1.75 23.37 -35.97
CA GLY A 734 1.02 22.14 -36.29
C GLY A 734 1.92 20.92 -36.50
N THR A 735 3.22 21.10 -36.42
CA THR A 735 4.12 19.95 -36.42
C THR A 735 4.11 19.26 -35.05
N THR A 736 4.58 18.02 -35.00
CA THR A 736 4.62 17.26 -33.75
C THR A 736 5.98 16.61 -33.55
N GLU A 737 6.29 16.28 -32.30
CA GLU A 737 7.46 15.47 -31.98
C GLU A 737 7.09 14.41 -30.92
N ASP A 738 7.56 13.19 -31.11
CA ASP A 738 7.32 12.12 -30.16
C ASP A 738 8.46 12.02 -29.16
N PHE A 739 8.11 11.74 -27.90
CA PHE A 739 9.07 11.63 -26.82
C PHE A 739 8.85 10.30 -26.11
N ASP A 740 9.94 9.70 -25.64
CA ASP A 740 9.81 8.58 -24.74
C ASP A 740 10.55 9.04 -23.47
N LEU A 741 9.80 9.59 -22.53
CA LEU A 741 10.42 10.21 -21.35
C LEU A 741 10.63 9.19 -20.24
N PRO A 742 11.84 9.15 -19.67
CA PRO A 742 12.05 8.29 -18.52
C PRO A 742 11.30 8.83 -17.27
N ASP A 743 11.06 7.94 -16.33
CA ASP A 743 10.79 8.24 -14.94
C ASP A 743 11.25 9.67 -14.60
N SER A 744 10.28 10.52 -14.25
CA SER A 744 10.52 11.89 -13.77
C SER A 744 11.31 12.79 -14.72
N GLY A 745 11.37 12.42 -16.01
CA GLY A 745 12.29 13.07 -16.94
C GLY A 745 11.81 14.43 -17.45
N ILE A 746 12.68 15.04 -18.23
CA ILE A 746 12.44 16.31 -18.91
C ILE A 746 13.20 16.24 -20.24
N ALA A 747 12.62 16.85 -21.28
CA ALA A 747 13.29 16.92 -22.59
C ALA A 747 13.12 18.34 -23.06
N TRP A 748 14.19 18.88 -23.63
CA TRP A 748 14.20 20.23 -24.20
C TRP A 748 14.41 20.19 -25.69
N ARG A 749 13.66 21.03 -26.40
CA ARG A 749 13.79 21.12 -27.86
C ARG A 749 13.77 22.58 -28.29
N GLU A 750 14.41 22.86 -29.43
CA GLU A 750 14.31 24.21 -29.98
C GLU A 750 12.89 24.58 -30.47
N ALA A 751 12.58 25.87 -30.36
CA ALA A 751 11.34 26.42 -30.90
C ALA A 751 11.71 27.73 -31.57
N LEU A 752 10.86 28.19 -32.48
CA LEU A 752 11.08 29.48 -33.11
C LEU A 752 11.24 30.54 -32.03
N GLU A 753 12.28 31.37 -32.14
CA GLU A 753 12.52 32.46 -31.20
C GLU A 753 11.66 33.69 -31.60
N HIS A 754 11.10 34.36 -30.60
CA HIS A 754 10.30 35.57 -30.84
C HIS A 754 10.99 36.84 -30.33
N SER B 3 -67.02 -15.82 7.82
CA SER B 3 -66.25 -15.29 6.66
C SER B 3 -67.11 -15.13 5.40
N THR B 4 -67.93 -14.08 5.40
CA THR B 4 -68.65 -13.68 4.21
C THR B 4 -68.80 -12.15 4.16
N GLY B 5 -68.40 -11.54 3.06
CA GLY B 5 -68.52 -10.09 2.88
C GLY B 5 -67.20 -9.33 2.90
N ARG B 6 -67.24 -8.06 3.31
CA ARG B 6 -66.07 -7.17 3.38
C ARG B 6 -65.22 -7.17 2.12
N PHE B 7 -65.87 -7.30 0.96
CA PHE B 7 -65.15 -7.36 -0.32
C PHE B 7 -65.95 -6.71 -1.45
N THR B 8 -65.25 -5.93 -2.28
CA THR B 8 -65.81 -5.19 -3.41
C THR B 8 -65.35 -5.70 -4.78
N LEU B 9 -66.27 -6.30 -5.54
CA LEU B 9 -66.01 -6.81 -6.89
C LEU B 9 -66.18 -5.74 -7.96
N PRO B 10 -65.19 -5.59 -8.86
CA PRO B 10 -65.45 -4.74 -10.03
C PRO B 10 -66.31 -5.51 -11.05
N SER B 11 -66.97 -4.77 -11.94
CA SER B 11 -67.89 -5.34 -12.94
C SER B 11 -67.40 -5.07 -14.35
N GLU B 12 -68.15 -5.58 -15.33
CA GLU B 12 -67.96 -5.18 -16.73
C GLU B 12 -69.04 -5.69 -17.71
N GLU B 13 -68.75 -5.45 -18.98
CA GLU B 13 -69.54 -5.92 -20.12
C GLU B 13 -69.83 -7.42 -20.09
N ASN B 14 -71.12 -7.76 -20.15
CA ASN B 14 -71.59 -9.11 -20.50
C ASN B 14 -70.75 -10.25 -19.92
N PHE B 15 -70.61 -10.21 -18.59
CA PHE B 15 -69.78 -11.15 -17.86
C PHE B 15 -70.54 -11.51 -16.59
N ALA B 16 -71.88 -11.52 -16.71
CA ALA B 16 -72.79 -11.74 -15.58
C ALA B 16 -72.62 -13.13 -14.98
N GLU B 17 -72.40 -14.12 -15.84
CA GLU B 17 -72.19 -15.51 -15.44
C GLU B 17 -71.01 -15.64 -14.48
N LYS B 18 -69.86 -15.12 -14.91
CA LYS B 18 -68.61 -15.23 -14.19
C LYS B 18 -68.53 -14.31 -12.96
N THR B 19 -69.24 -13.18 -13.02
CA THR B 19 -69.42 -12.28 -11.86
C THR B 19 -70.11 -13.01 -10.70
N LYS B 20 -71.20 -13.71 -11.01
CA LYS B 20 -71.96 -14.50 -10.04
C LYS B 20 -71.06 -15.54 -9.35
N GLU B 21 -70.19 -16.17 -10.15
CA GLU B 21 -69.27 -17.23 -9.70
C GLU B 21 -68.10 -16.70 -8.85
N LEU B 22 -67.48 -15.61 -9.29
CA LEU B 22 -66.35 -15.00 -8.59
C LEU B 22 -66.79 -14.22 -7.34
N ALA B 23 -68.02 -13.71 -7.35
CA ALA B 23 -68.60 -13.08 -6.16
C ALA B 23 -68.82 -14.13 -5.07
N GLU B 24 -69.29 -15.29 -5.48
CA GLU B 24 -69.60 -16.39 -4.57
C GLU B 24 -68.33 -17.08 -4.04
N LEU B 25 -67.31 -17.22 -4.89
CA LEU B 25 -66.04 -17.83 -4.49
C LEU B 25 -65.23 -16.90 -3.56
N TRP B 26 -65.34 -15.59 -3.79
CA TRP B 26 -64.58 -14.62 -3.01
C TRP B 26 -65.34 -14.04 -1.83
N GLY B 27 -66.62 -14.39 -1.71
CA GLY B 27 -67.52 -13.81 -0.71
C GLY B 27 -67.65 -12.29 -0.86
N ALA B 28 -67.90 -11.84 -2.08
CA ALA B 28 -68.11 -10.41 -2.36
C ALA B 28 -69.54 -10.04 -1.97
N ASP B 29 -69.69 -8.95 -1.23
CA ASP B 29 -71.02 -8.45 -0.90
C ASP B 29 -71.36 -7.15 -1.66
N ALA B 30 -70.43 -6.68 -2.49
CA ALA B 30 -70.63 -5.45 -3.26
C ALA B 30 -69.99 -5.51 -4.64
N ILE B 31 -70.61 -4.84 -5.60
CA ILE B 31 -70.12 -4.78 -6.99
C ILE B 31 -70.02 -3.33 -7.46
N ARG B 32 -68.90 -3.00 -8.11
CA ARG B 32 -68.61 -1.65 -8.63
C ARG B 32 -68.75 -1.58 -10.16
N ASN B 33 -69.26 -0.46 -10.65
CA ASN B 33 -69.55 -0.30 -12.08
C ASN B 33 -68.39 0.33 -12.86
N SER B 34 -68.13 -0.20 -14.06
CA SER B 34 -67.22 0.41 -15.03
C SER B 34 -67.95 1.49 -15.85
N GLY B 47 -78.19 -10.23 -5.01
CA GLY B 47 -78.65 -8.98 -4.39
C GLY B 47 -77.50 -8.24 -3.72
N LYS B 48 -76.55 -7.80 -4.54
CA LYS B 48 -75.31 -7.19 -4.05
C LYS B 48 -75.44 -5.71 -3.77
N LYS B 49 -74.43 -5.16 -3.09
CA LYS B 49 -74.30 -3.72 -2.92
C LYS B 49 -73.68 -3.16 -4.20
N ILE B 50 -74.28 -2.11 -4.74
CA ILE B 50 -73.86 -1.59 -6.02
C ILE B 50 -73.20 -0.22 -5.84
N TYR B 51 -71.93 -0.14 -6.23
CA TYR B 51 -71.21 1.13 -6.24
C TYR B 51 -71.25 1.77 -7.62
N ASN B 52 -71.56 3.05 -7.66
CA ASN B 52 -71.40 3.84 -8.86
C ASN B 52 -70.52 5.04 -8.59
N ALA B 53 -69.44 5.16 -9.35
CA ALA B 53 -68.57 6.33 -9.24
C ALA B 53 -69.30 7.59 -9.69
N TYR B 54 -68.99 8.71 -9.07
CA TYR B 54 -69.58 9.98 -9.46
C TYR B 54 -68.49 11.05 -9.57
N PHE B 55 -68.55 11.86 -10.62
CA PHE B 55 -67.51 12.83 -10.93
C PHE B 55 -68.10 14.22 -10.98
N PRO B 56 -68.21 14.90 -9.82
CA PRO B 56 -69.00 16.15 -9.76
C PRO B 56 -68.53 17.30 -10.67
N THR B 57 -67.23 17.37 -10.97
CA THR B 57 -66.70 18.50 -11.72
C THR B 57 -66.38 18.19 -13.19
N ARG B 58 -66.86 17.06 -13.71
CA ARG B 58 -66.66 16.76 -15.15
C ARG B 58 -67.85 15.92 -15.71
N ALA B 59 -67.63 15.30 -16.88
CA ALA B 59 -68.62 14.46 -17.57
C ALA B 59 -69.86 15.25 -18.07
N HIS B 60 -69.71 16.57 -18.20
CA HIS B 60 -70.79 17.44 -18.76
C HIS B 60 -70.29 18.55 -19.69
N ASN B 61 -69.66 18.16 -20.79
CA ASN B 61 -69.18 19.14 -21.74
C ASN B 61 -70.33 20.00 -22.25
N GLU B 62 -71.54 19.40 -22.32
CA GLU B 62 -72.74 20.14 -22.77
C GLU B 62 -73.06 21.33 -21.87
N TRP B 63 -72.68 21.26 -20.59
CA TRP B 63 -72.80 22.43 -19.69
C TRP B 63 -71.68 23.45 -19.87
N ILE B 64 -70.45 22.99 -19.66
CA ILE B 64 -69.33 23.91 -19.46
C ILE B 64 -68.89 24.67 -20.71
N THR B 65 -69.09 24.09 -21.89
CA THR B 65 -68.75 24.79 -23.15
C THR B 65 -69.59 26.07 -23.34
N LEU B 66 -70.74 26.15 -22.67
CA LEU B 66 -71.55 27.36 -22.70
C LEU B 66 -71.27 28.34 -21.56
N HIS B 67 -70.30 28.02 -20.70
CA HIS B 67 -69.98 28.83 -19.51
C HIS B 67 -68.48 28.66 -19.25
N MET B 68 -67.67 28.87 -20.28
CA MET B 68 -66.22 28.56 -20.24
C MET B 68 -65.39 29.39 -19.24
N ASP B 69 -65.93 30.52 -18.76
CA ASP B 69 -65.23 31.26 -17.70
C ASP B 69 -65.40 30.65 -16.31
N GLU B 70 -66.15 29.54 -16.22
CA GLU B 70 -66.38 28.82 -14.97
C GLU B 70 -65.60 27.52 -14.81
N THR B 71 -64.62 27.29 -15.69
CA THR B 71 -63.69 26.16 -15.52
C THR B 71 -62.80 26.48 -14.29
N PRO B 72 -62.21 25.46 -13.64
CA PRO B 72 -61.27 25.88 -12.59
C PRO B 72 -60.05 26.58 -13.19
N GLN B 73 -59.32 27.33 -12.35
CA GLN B 73 -58.18 28.12 -12.79
C GLN B 73 -57.01 27.90 -11.86
N VAL B 74 -55.84 28.33 -12.31
CA VAL B 74 -54.57 28.12 -11.61
C VAL B 74 -53.61 29.25 -11.95
N TYR B 75 -52.85 29.72 -10.96
CA TYR B 75 -51.74 30.60 -11.24
C TYR B 75 -50.55 29.79 -11.77
N LEU B 76 -50.04 30.20 -12.93
CA LEU B 76 -48.85 29.58 -13.56
C LEU B 76 -47.67 30.52 -13.60
N LEU B 77 -46.45 29.98 -13.44
CA LEU B 77 -45.23 30.78 -13.54
C LEU B 77 -44.53 30.41 -14.85
N THR B 78 -44.21 31.41 -15.66
CA THR B 78 -43.48 31.19 -16.91
C THR B 78 -42.04 30.78 -16.60
N ASP B 79 -41.31 30.39 -17.64
CA ASP B 79 -39.87 30.19 -17.48
C ASP B 79 -39.25 31.55 -17.18
N ARG B 80 -38.01 31.54 -16.69
CA ARG B 80 -37.29 32.77 -16.42
C ARG B 80 -36.67 33.24 -17.71
N ILE B 81 -36.94 34.49 -18.10
CA ILE B 81 -36.40 35.00 -19.35
C ILE B 81 -35.38 36.06 -19.06
N LEU B 82 -34.20 35.97 -19.71
CA LEU B 82 -33.14 36.93 -19.48
C LEU B 82 -33.35 38.19 -20.29
N ALA B 83 -33.33 39.34 -19.62
CA ALA B 83 -33.33 40.60 -20.35
C ALA B 83 -31.92 40.94 -20.78
N GLU B 84 -31.76 41.41 -22.01
CA GLU B 84 -30.45 41.76 -22.54
C GLU B 84 -30.37 43.24 -22.85
N SER B 85 -31.47 43.95 -22.53
CA SER B 85 -31.56 45.41 -22.58
C SER B 85 -32.72 45.79 -21.65
N ASP B 86 -33.24 46.99 -21.79
CA ASP B 86 -34.30 47.51 -20.94
C ASP B 86 -35.70 47.01 -21.32
N THR B 87 -35.79 46.12 -22.30
CA THR B 87 -37.04 45.45 -22.62
C THR B 87 -36.86 43.94 -22.72
N VAL B 88 -37.93 43.20 -22.40
CA VAL B 88 -37.91 41.76 -22.58
C VAL B 88 -39.33 41.24 -22.88
N ASP B 89 -39.43 40.23 -23.72
CA ASP B 89 -40.73 39.58 -23.98
C ASP B 89 -40.78 38.24 -23.31
N ILE B 90 -41.92 37.93 -22.71
CA ILE B 90 -42.07 36.69 -21.95
C ILE B 90 -43.21 35.89 -22.54
N PRO B 91 -42.91 34.78 -23.21
CA PRO B 91 -43.95 33.86 -23.68
C PRO B 91 -44.66 33.24 -22.48
N LEU B 92 -46.01 33.26 -22.47
CA LEU B 92 -46.77 32.67 -21.38
C LEU B 92 -46.86 31.14 -21.42
N MET B 93 -46.96 30.58 -22.61
CA MET B 93 -47.43 29.19 -22.72
C MET B 93 -46.38 28.19 -23.22
N GLU B 94 -45.17 28.67 -23.53
CA GLU B 94 -44.15 27.81 -24.14
C GLU B 94 -43.78 26.62 -23.29
N SER B 95 -44.00 26.70 -21.99
CA SER B 95 -43.55 25.64 -21.10
C SER B 95 -44.70 24.80 -20.59
N PHE B 96 -45.93 25.10 -21.04
CA PHE B 96 -47.10 24.38 -20.57
C PHE B 96 -47.85 23.63 -21.68
N PHE B 97 -48.65 22.64 -21.27
CA PHE B 97 -49.47 21.85 -22.20
C PHE B 97 -50.70 22.70 -22.62
N ALA B 98 -50.69 23.17 -23.87
CA ALA B 98 -51.77 24.05 -24.36
C ALA B 98 -53.11 23.33 -24.51
N GLU B 99 -53.12 22.01 -24.47
CA GLU B 99 -54.41 21.29 -24.44
C GLU B 99 -55.06 21.25 -23.05
N GLN B 100 -54.30 21.58 -22.00
CA GLN B 100 -54.79 21.54 -20.62
C GLN B 100 -55.07 22.94 -20.05
N LEU B 101 -54.26 23.92 -20.48
CA LEU B 101 -54.20 25.23 -19.87
C LEU B 101 -54.22 26.32 -20.91
N LYS B 102 -54.87 27.44 -20.58
CA LYS B 102 -55.04 28.55 -21.50
C LYS B 102 -55.01 29.82 -20.66
N PRO B 103 -54.23 30.83 -21.08
CA PRO B 103 -54.28 32.07 -20.30
C PRO B 103 -55.71 32.66 -20.24
N ASN B 104 -56.07 33.11 -19.04
CA ASN B 104 -57.31 33.85 -18.81
C ASN B 104 -57.14 35.29 -19.27
N ARG B 105 -57.72 35.60 -20.43
CA ARG B 105 -57.67 36.94 -20.98
C ARG B 105 -58.89 37.77 -20.58
N ASP B 106 -59.84 37.13 -19.91
CA ASP B 106 -61.11 37.77 -19.49
C ASP B 106 -60.94 38.63 -18.24
N ALA B 107 -60.20 38.12 -17.26
CA ALA B 107 -59.98 38.82 -16.01
C ALA B 107 -58.76 39.76 -16.09
N ASP B 108 -58.98 41.06 -15.88
CA ASP B 108 -57.94 42.09 -16.07
C ASP B 108 -56.53 41.65 -15.63
N PRO B 109 -55.62 41.42 -16.60
CA PRO B 109 -54.29 40.93 -16.22
C PRO B 109 -53.53 41.88 -15.29
N HIS B 110 -53.75 43.19 -15.42
CA HIS B 110 -53.06 44.12 -14.53
C HIS B 110 -53.54 44.09 -13.10
N LYS B 111 -54.77 43.60 -12.92
CA LYS B 111 -55.33 43.33 -11.60
C LYS B 111 -54.88 41.99 -11.05
N TYR B 112 -54.89 40.96 -11.90
CA TYR B 112 -54.76 39.56 -11.40
C TYR B 112 -53.38 38.89 -11.59
N TRP B 113 -52.53 39.49 -12.40
CA TRP B 113 -51.19 38.90 -12.69
C TRP B 113 -50.08 39.71 -12.05
N GLU B 114 -48.87 39.17 -12.08
CA GLU B 114 -47.72 39.82 -11.53
C GLU B 114 -46.51 39.48 -12.38
N VAL B 115 -45.72 40.49 -12.75
CA VAL B 115 -44.43 40.29 -13.39
C VAL B 115 -43.36 40.57 -12.31
N VAL B 116 -42.39 39.65 -12.19
CA VAL B 116 -41.39 39.67 -11.12
C VAL B 116 -39.98 39.68 -11.72
N ASP B 117 -39.16 40.62 -11.26
CA ASP B 117 -37.74 40.59 -11.52
C ASP B 117 -37.17 39.55 -10.52
N ARG B 118 -36.87 38.34 -10.99
CA ARG B 118 -36.40 37.27 -10.08
C ARG B 118 -34.99 37.54 -9.54
N THR B 119 -34.21 38.33 -10.26
CA THR B 119 -32.88 38.74 -9.82
C THR B 119 -32.92 39.63 -8.54
N THR B 120 -33.94 40.47 -8.40
CA THR B 120 -34.09 41.34 -7.20
C THR B 120 -35.24 40.90 -6.28
N GLY B 121 -36.10 40.04 -6.78
CA GLY B 121 -37.34 39.70 -6.08
C GLY B 121 -38.44 40.77 -6.17
N GLU B 122 -38.20 41.88 -6.87
CA GLU B 122 -39.20 42.98 -6.90
C GLU B 122 -40.29 42.74 -7.95
N VAL B 123 -41.51 43.18 -7.63
CA VAL B 123 -42.60 43.16 -8.58
C VAL B 123 -42.39 44.30 -9.58
N VAL B 124 -42.47 44.00 -10.87
CA VAL B 124 -42.37 45.05 -11.88
C VAL B 124 -43.69 45.83 -11.89
N ASP B 125 -43.60 47.16 -11.83
CA ASP B 125 -44.80 48.01 -11.88
C ASP B 125 -45.72 47.62 -13.07
N SER B 126 -47.03 47.47 -12.85
CA SER B 126 -47.92 47.09 -13.96
C SER B 126 -47.94 48.11 -15.13
N ALA B 127 -47.52 49.36 -14.87
CA ALA B 127 -47.43 50.38 -15.92
C ALA B 127 -46.30 50.05 -16.85
N ASN B 128 -45.44 49.11 -16.44
CA ASN B 128 -44.26 48.73 -17.20
C ASN B 128 -44.41 47.42 -17.99
N TRP B 129 -45.61 46.86 -18.07
CA TRP B 129 -45.82 45.70 -18.94
C TRP B 129 -47.19 45.64 -19.58
N THR B 130 -47.27 44.94 -20.72
CA THR B 130 -48.53 44.78 -21.46
C THR B 130 -48.69 43.34 -21.90
N LEU B 131 -49.94 42.90 -22.07
CA LEU B 131 -50.22 41.62 -22.69
C LEU B 131 -50.45 41.84 -24.18
N ASP B 132 -49.65 41.18 -25.03
CA ASP B 132 -49.86 41.33 -26.48
C ASP B 132 -51.32 41.03 -26.88
N ALA B 133 -51.86 41.78 -27.85
CA ALA B 133 -53.26 41.57 -28.25
C ALA B 133 -53.48 40.24 -28.99
N ASP B 134 -52.48 39.79 -29.74
CA ASP B 134 -52.64 38.66 -30.66
C ASP B 134 -51.88 37.40 -30.30
N GLU B 135 -50.89 37.51 -29.40
CA GLU B 135 -50.24 36.33 -28.87
C GLU B 135 -50.13 36.30 -27.37
N ASP B 136 -49.87 35.10 -26.88
CA ASP B 136 -49.76 34.89 -25.46
C ASP B 136 -48.35 35.24 -24.98
N THR B 137 -48.05 36.54 -25.00
CA THR B 137 -46.72 37.07 -24.71
C THR B 137 -46.87 38.38 -23.98
N VAL B 138 -46.03 38.59 -22.96
CA VAL B 138 -46.02 39.82 -22.20
C VAL B 138 -44.78 40.64 -22.58
N HIS B 139 -44.99 41.92 -22.87
CA HIS B 139 -43.93 42.86 -23.23
C HIS B 139 -43.58 43.69 -21.99
N VAL B 140 -42.36 43.52 -21.48
CA VAL B 140 -41.91 44.27 -20.33
C VAL B 140 -40.95 45.35 -20.78
N SER B 141 -41.12 46.54 -20.25
CA SER B 141 -40.23 47.64 -20.62
C SER B 141 -39.74 48.35 -19.37
N GLY B 142 -38.72 49.17 -19.56
CA GLY B 142 -38.11 49.94 -18.46
C GLY B 142 -37.47 49.05 -17.40
N VAL B 143 -36.97 47.88 -17.79
CA VAL B 143 -36.36 46.98 -16.81
C VAL B 143 -34.85 46.95 -16.90
N ALA B 144 -34.22 46.18 -16.02
CA ALA B 144 -32.76 46.12 -15.97
C ALA B 144 -32.24 44.97 -16.82
N ALA B 145 -31.26 45.31 -17.65
CA ALA B 145 -30.57 44.30 -18.44
C ALA B 145 -29.92 43.30 -17.47
N TRP B 146 -29.94 42.03 -17.87
CA TRP B 146 -29.17 40.94 -17.22
C TRP B 146 -29.84 40.38 -15.98
N HIS B 147 -31.13 40.73 -15.80
CA HIS B 147 -31.96 40.15 -14.77
C HIS B 147 -32.89 39.12 -15.43
N GLU B 148 -33.38 38.17 -14.66
CA GLU B 148 -34.33 37.19 -15.14
C GLU B 148 -35.71 37.64 -14.73
N TYR B 149 -36.66 37.58 -15.67
CA TYR B 149 -38.03 37.99 -15.43
C TYR B 149 -39.01 36.83 -15.62
N THR B 150 -40.11 36.84 -14.87
CA THR B 150 -41.16 35.84 -15.05
C THR B 150 -42.55 36.53 -15.01
N VAL B 151 -43.57 35.84 -15.53
CA VAL B 151 -44.95 36.29 -15.36
C VAL B 151 -45.68 35.22 -14.57
N SER B 152 -46.47 35.65 -13.58
CA SER B 152 -47.40 34.78 -12.89
C SER B 152 -48.81 35.15 -13.38
N PHE B 153 -49.42 34.23 -14.11
CA PHE B 153 -50.70 34.53 -14.77
C PHE B 153 -51.78 33.54 -14.42
N LEU B 154 -53.04 33.99 -14.45
CA LEU B 154 -54.19 33.11 -14.29
C LEU B 154 -54.38 32.32 -15.57
N ALA B 155 -54.61 31.03 -15.40
CA ALA B 155 -54.92 30.16 -16.54
C ALA B 155 -56.17 29.34 -16.27
N TYR B 156 -57.06 29.26 -17.26
CA TYR B 156 -58.17 28.31 -17.21
C TYR B 156 -57.61 26.92 -17.44
N ILE B 157 -58.15 25.97 -16.69
CA ILE B 157 -57.84 24.56 -16.87
C ILE B 157 -58.97 24.02 -17.75
N ILE B 158 -58.62 23.65 -18.98
CA ILE B 158 -59.65 23.27 -19.98
C ILE B 158 -59.75 21.77 -20.22
N TRP B 159 -58.93 21.00 -19.50
CA TRP B 159 -59.01 19.56 -19.56
C TRP B 159 -58.80 19.06 -18.15
N ASP B 160 -59.78 18.30 -17.66
CA ASP B 160 -59.71 17.69 -16.32
C ASP B 160 -58.37 16.98 -16.12
N PRO B 161 -57.62 17.34 -15.07
CA PRO B 161 -56.26 16.79 -15.01
C PRO B 161 -56.19 15.26 -14.95
N VAL B 162 -57.09 14.64 -14.20
CA VAL B 162 -57.06 13.19 -14.12
C VAL B 162 -57.59 12.50 -15.39
N GLU B 163 -58.67 13.01 -15.99
CA GLU B 163 -59.22 12.38 -17.21
C GLU B 163 -58.12 12.47 -18.30
N MET B 164 -57.47 13.63 -18.35
CA MET B 164 -56.29 13.87 -19.20
C MET B 164 -55.15 12.87 -18.95
N TYR B 165 -54.80 12.66 -17.68
CA TYR B 165 -53.78 11.67 -17.33
C TYR B 165 -54.19 10.27 -17.83
N ASN B 166 -55.46 9.91 -17.61
CA ASN B 166 -55.96 8.61 -18.13
C ASN B 166 -55.92 8.48 -19.67
N HIS B 167 -56.28 9.56 -20.37
CA HIS B 167 -56.23 9.66 -21.82
C HIS B 167 -54.80 9.43 -22.32
N LEU B 168 -53.87 10.22 -21.81
CA LEU B 168 -52.46 10.06 -22.18
C LEU B 168 -51.92 8.69 -21.85
N THR B 169 -52.20 8.21 -20.64
CA THR B 169 -51.67 6.93 -20.16
C THR B 169 -52.15 5.77 -21.05
N ASN B 170 -53.39 5.87 -21.50
CA ASN B 170 -54.02 4.76 -22.21
C ASN B 170 -54.02 4.94 -23.72
N ASP B 171 -53.46 6.07 -24.15
CA ASP B 171 -53.49 6.52 -25.55
C ASP B 171 -54.90 6.50 -26.14
N TRP B 172 -55.77 7.38 -25.64
CA TRP B 172 -57.15 7.45 -26.13
C TRP B 172 -57.29 8.27 -27.43
N GLY B 173 -56.16 8.74 -27.97
CA GLY B 173 -56.13 9.46 -29.24
C GLY B 173 -57.10 10.63 -29.35
N ASP B 174 -58.06 10.53 -30.28
CA ASP B 174 -58.95 11.68 -30.57
C ASP B 174 -60.21 11.74 -29.69
N LYS B 175 -60.38 10.77 -28.78
CA LYS B 175 -61.47 10.84 -27.80
C LYS B 175 -61.63 12.25 -27.23
N GLU B 176 -62.87 12.74 -27.17
CA GLU B 176 -63.12 14.12 -26.73
C GLU B 176 -62.58 14.32 -25.30
N HIS B 177 -62.00 15.50 -25.06
CA HIS B 177 -61.39 15.82 -23.77
C HIS B 177 -62.47 16.33 -22.86
N GLU B 178 -62.55 15.81 -21.64
CA GLU B 178 -63.50 16.32 -20.65
C GLU B 178 -63.04 17.62 -20.01
N ILE B 179 -63.91 18.63 -20.11
CA ILE B 179 -63.65 19.96 -19.61
C ILE B 179 -64.15 20.03 -18.16
N PRO B 180 -63.26 20.42 -17.22
CA PRO B 180 -63.71 20.42 -15.83
C PRO B 180 -64.43 21.73 -15.50
N PHE B 181 -65.22 21.75 -14.44
CA PHE B 181 -65.93 22.99 -14.04
C PHE B 181 -65.89 23.24 -12.52
N ASP B 182 -66.01 24.49 -12.13
CA ASP B 182 -65.76 24.91 -10.74
C ASP B 182 -67.07 25.37 -10.10
N ILE B 183 -67.50 24.67 -9.07
CA ILE B 183 -68.77 25.00 -8.40
C ILE B 183 -68.72 26.25 -7.54
N TYR B 184 -67.55 26.89 -7.47
CA TYR B 184 -67.49 28.18 -6.82
C TYR B 184 -68.40 29.20 -7.51
N HIS B 185 -68.65 29.01 -8.81
CA HIS B 185 -69.56 29.89 -9.53
C HIS B 185 -70.97 29.38 -9.34
N PRO B 186 -71.93 30.30 -9.03
CA PRO B 186 -73.29 29.83 -8.71
C PRO B 186 -73.98 29.09 -9.85
N ALA B 187 -73.77 29.52 -11.08
CA ALA B 187 -74.43 28.85 -12.24
C ALA B 187 -74.01 27.41 -12.32
N THR B 188 -72.69 27.19 -12.27
CA THR B 188 -72.16 25.83 -12.25
C THR B 188 -72.57 25.04 -11.01
N ARG B 189 -72.57 25.67 -9.85
CA ARG B 189 -73.00 24.98 -8.63
C ARG B 189 -74.43 24.43 -8.75
N LYS B 190 -75.34 25.26 -9.27
CA LYS B 190 -76.74 24.86 -9.42
C LYS B 190 -76.84 23.71 -10.42
N PHE B 191 -76.15 23.84 -11.55
CA PHE B 191 -76.11 22.74 -12.50
C PHE B 191 -75.65 21.43 -11.84
N VAL B 192 -74.59 21.50 -11.04
CA VAL B 192 -74.08 20.30 -10.42
C VAL B 192 -75.11 19.64 -9.48
N PHE B 193 -75.71 20.45 -8.61
CA PHE B 193 -76.67 19.89 -7.66
C PHE B 193 -77.96 19.42 -8.31
N ASP B 194 -78.50 20.22 -9.23
CA ASP B 194 -79.69 19.78 -10.01
C ASP B 194 -79.41 18.46 -10.73
N THR B 195 -78.24 18.38 -11.35
CA THR B 195 -77.81 17.16 -12.04
C THR B 195 -77.69 15.95 -11.14
N PHE B 196 -77.14 16.16 -9.94
CA PHE B 196 -77.00 15.09 -8.98
C PHE B 196 -78.35 14.63 -8.43
N GLU B 197 -79.21 15.61 -8.13
CA GLU B 197 -80.62 15.34 -7.75
C GLU B 197 -81.28 14.41 -8.78
N GLN B 198 -81.23 14.78 -10.06
CA GLN B 198 -81.81 13.95 -11.12
C GLN B 198 -81.12 12.60 -11.30
N TRP B 199 -79.78 12.59 -11.22
CA TRP B 199 -79.02 11.34 -11.29
C TRP B 199 -79.46 10.36 -10.19
N LEU B 200 -79.66 10.86 -8.97
CA LEU B 200 -80.11 10.02 -7.87
C LEU B 200 -81.44 9.32 -8.22
N LYS B 201 -82.40 10.11 -8.67
CA LYS B 201 -83.70 9.62 -9.15
C LYS B 201 -83.52 8.58 -10.24
N ASP B 202 -82.58 8.84 -11.16
CA ASP B 202 -82.32 7.96 -12.29
C ASP B 202 -81.46 6.73 -11.99
N SER B 203 -81.08 6.55 -10.72
CA SER B 203 -80.17 5.48 -10.35
C SER B 203 -80.70 4.67 -9.19
N PRO B 204 -81.87 4.03 -9.35
CA PRO B 204 -82.44 3.36 -8.19
C PRO B 204 -81.68 2.11 -7.72
N GLN B 205 -80.87 1.52 -8.60
CA GLN B 205 -80.09 0.33 -8.29
C GLN B 205 -78.79 0.60 -7.52
N THR B 206 -78.31 1.84 -7.55
CA THR B 206 -77.06 2.21 -6.91
C THR B 206 -77.23 2.29 -5.41
N ASP B 207 -76.40 1.55 -4.68
CA ASP B 207 -76.44 1.59 -3.22
C ASP B 207 -75.37 2.50 -2.58
N VAL B 208 -74.26 2.68 -3.29
CA VAL B 208 -73.17 3.50 -2.78
C VAL B 208 -72.69 4.45 -3.87
N VAL B 209 -72.77 5.74 -3.57
CA VAL B 209 -72.23 6.77 -4.44
C VAL B 209 -70.74 6.92 -4.12
N ARG B 210 -69.90 6.50 -5.06
CA ARG B 210 -68.45 6.61 -4.90
C ARG B 210 -67.93 7.90 -5.59
N PHE B 211 -67.95 8.97 -4.82
CA PHE B 211 -67.46 10.28 -5.25
C PHE B 211 -65.96 10.23 -5.54
N THR B 212 -65.61 10.42 -6.81
CA THR B 212 -64.21 10.27 -7.28
C THR B 212 -63.77 11.51 -8.05
N THR B 213 -63.64 12.65 -7.37
CA THR B 213 -63.85 12.76 -5.93
C THR B 213 -64.90 13.86 -5.69
N PHE B 214 -64.46 15.08 -5.35
CA PHE B 214 -65.37 16.19 -5.13
C PHE B 214 -65.02 17.37 -5.99
N PHE B 215 -64.54 18.47 -5.41
CA PHE B 215 -64.54 19.74 -6.15
C PHE B 215 -63.23 20.34 -6.66
N TYR B 216 -62.11 19.99 -6.01
CA TYR B 216 -60.81 20.57 -6.37
C TYR B 216 -59.72 19.52 -6.50
N GLN B 217 -59.19 19.41 -7.72
CA GLN B 217 -58.11 18.46 -8.07
C GLN B 217 -56.77 18.83 -7.41
N PHE B 218 -56.03 17.84 -6.88
CA PHE B 218 -54.65 18.13 -6.41
C PHE B 218 -53.80 18.61 -7.59
N THR B 219 -52.82 19.46 -7.28
CA THR B 219 -51.99 20.12 -8.26
C THR B 219 -51.43 19.07 -9.22
N LEU B 220 -51.74 19.22 -10.51
CA LEU B 220 -51.37 18.26 -11.55
C LEU B 220 -51.37 19.03 -12.86
N LEU B 221 -50.18 19.52 -13.23
CA LEU B 221 -50.01 20.39 -14.36
C LEU B 221 -49.00 19.74 -15.32
N PHE B 222 -49.28 19.83 -16.63
CA PHE B 222 -48.45 19.16 -17.67
C PHE B 222 -47.74 20.17 -18.56
N ASP B 223 -46.63 19.76 -19.18
CA ASP B 223 -45.76 20.65 -19.93
C ASP B 223 -46.03 20.50 -21.43
N GLU B 224 -45.27 21.25 -22.22
CA GLU B 224 -45.50 21.38 -23.65
C GLU B 224 -45.16 20.11 -24.38
N LYS B 225 -44.57 19.15 -23.67
CA LYS B 225 -44.16 17.88 -24.26
C LYS B 225 -45.09 16.78 -23.76
N ARG B 226 -46.24 17.18 -23.21
CA ARG B 226 -47.25 16.25 -22.73
C ARG B 226 -46.75 15.41 -21.57
N ARG B 227 -45.80 15.96 -20.80
CA ARG B 227 -45.28 15.26 -19.64
C ARG B 227 -45.75 15.99 -18.41
N GLU B 228 -45.77 15.31 -17.28
CA GLU B 228 -46.07 16.01 -16.01
C GLU B 228 -45.03 17.08 -15.77
N LYS B 229 -45.49 18.28 -15.37
CA LYS B 229 -44.61 19.41 -15.08
C LYS B 229 -44.53 19.70 -13.58
N VAL B 230 -45.69 19.75 -12.93
CA VAL B 230 -45.78 20.07 -11.50
C VAL B 230 -46.81 19.12 -10.90
N VAL B 231 -46.49 18.52 -9.74
CA VAL B 231 -47.47 17.69 -9.02
C VAL B 231 -47.28 17.81 -7.53
N ASP B 232 -48.38 17.83 -6.80
CA ASP B 232 -48.33 17.75 -5.35
C ASP B 232 -49.65 17.13 -4.95
N TRP B 233 -49.60 15.93 -4.38
CA TRP B 233 -50.84 15.25 -3.92
C TRP B 233 -51.68 16.12 -2.96
N PHE B 234 -51.03 17.08 -2.29
CA PHE B 234 -51.69 17.99 -1.30
C PHE B 234 -51.89 19.40 -1.82
N GLY B 235 -51.49 19.63 -3.06
CA GLY B 235 -51.42 20.98 -3.62
C GLY B 235 -52.75 21.64 -3.95
N CYS B 236 -52.79 22.94 -3.68
CA CYS B 236 -53.98 23.80 -3.84
C CYS B 236 -53.87 24.72 -5.04
N ALA B 237 -53.04 24.40 -6.04
CA ALA B 237 -52.88 25.35 -7.14
C ALA B 237 -54.18 25.53 -7.94
N CYS B 238 -54.89 24.44 -8.19
CA CYS B 238 -56.00 24.40 -9.15
C CYS B 238 -57.34 24.78 -8.52
N THR B 239 -57.33 25.86 -7.78
CA THR B 239 -58.47 26.22 -6.91
C THR B 239 -58.78 27.72 -6.90
N VAL B 240 -58.15 28.50 -7.78
CA VAL B 240 -58.39 29.95 -7.81
C VAL B 240 -59.40 30.38 -8.87
N SER B 241 -59.90 31.62 -8.72
CA SER B 241 -60.72 32.30 -9.74
C SER B 241 -60.76 33.78 -9.33
N PRO B 242 -61.04 34.70 -10.28
CA PRO B 242 -61.15 36.10 -9.90
C PRO B 242 -62.12 36.28 -8.74
N ARG B 243 -63.24 35.54 -8.77
CA ARG B 243 -64.27 35.72 -7.71
C ARG B 243 -63.78 35.21 -6.35
N ALA B 244 -63.14 34.05 -6.35
CA ALA B 244 -62.66 33.45 -5.10
C ALA B 244 -61.61 34.34 -4.48
N LEU B 245 -60.74 34.90 -5.32
CA LEU B 245 -59.64 35.76 -4.84
C LEU B 245 -60.17 37.04 -4.21
N ASP B 246 -61.19 37.59 -4.86
CA ASP B 246 -61.82 38.82 -4.38
C ASP B 246 -62.61 38.51 -3.08
N ASP B 247 -63.29 37.37 -3.01
CA ASP B 247 -64.02 36.98 -1.81
C ASP B 247 -63.07 36.70 -0.63
N PHE B 248 -61.96 36.01 -0.92
CA PHE B 248 -60.94 35.77 0.08
C PHE B 248 -60.50 37.07 0.70
N GLU B 249 -60.14 38.06 -0.11
CA GLU B 249 -59.71 39.34 0.42
C GLU B 249 -60.77 39.96 1.40
N ALA B 250 -62.03 39.78 1.06
CA ALA B 250 -63.14 40.28 1.91
C ALA B 250 -63.31 39.51 3.23
N LYS B 251 -62.91 38.25 3.25
CA LYS B 251 -63.15 37.38 4.41
C LYS B 251 -61.95 37.42 5.34
N TYR B 252 -60.76 37.44 4.73
CA TYR B 252 -59.47 37.36 5.45
C TYR B 252 -58.82 38.72 5.70
N GLY B 253 -59.22 39.72 4.93
CA GLY B 253 -58.79 41.10 5.17
C GLY B 253 -57.40 41.50 4.67
N TYR B 254 -56.92 40.81 3.63
CA TYR B 254 -55.77 41.22 2.82
C TYR B 254 -55.86 40.50 1.47
N ARG B 255 -55.23 41.07 0.44
CA ARG B 255 -55.26 40.50 -0.92
C ARG B 255 -54.06 39.59 -1.18
N LEU B 256 -54.34 38.37 -1.65
CA LEU B 256 -53.26 37.44 -2.00
C LEU B 256 -52.52 37.93 -3.24
N ARG B 257 -51.22 37.71 -3.30
CA ARG B 257 -50.45 38.01 -4.51
C ARG B 257 -50.47 36.74 -5.37
N PRO B 258 -50.24 36.86 -6.69
CA PRO B 258 -49.99 35.59 -7.43
C PRO B 258 -48.83 34.80 -6.81
N GLU B 259 -47.86 35.50 -6.23
CA GLU B 259 -46.69 34.87 -5.60
C GLU B 259 -47.11 33.96 -4.44
N ASP B 260 -48.23 34.24 -3.81
CA ASP B 260 -48.72 33.39 -2.73
C ASP B 260 -49.16 32.02 -3.20
N PHE B 261 -49.34 31.88 -4.52
CA PHE B 261 -49.63 30.56 -5.12
C PHE B 261 -48.45 29.96 -5.87
N VAL B 262 -47.81 30.73 -6.74
CA VAL B 262 -46.65 30.19 -7.47
C VAL B 262 -45.40 30.02 -6.59
N ASP B 263 -45.28 30.85 -5.54
CA ASP B 263 -44.30 30.60 -4.46
C ASP B 263 -42.89 30.46 -5.06
N GLY B 264 -42.52 31.39 -5.93
CA GLY B 264 -41.18 31.39 -6.51
C GLY B 264 -40.88 30.22 -7.44
N GLY B 265 -41.90 29.45 -7.80
CA GLY B 265 -41.68 28.23 -8.57
C GLY B 265 -41.81 26.95 -7.76
N ALA B 266 -42.00 27.08 -6.45
CA ALA B 266 -42.19 25.91 -5.58
C ALA B 266 -43.66 25.42 -5.55
N TYR B 267 -44.57 26.32 -5.96
CA TYR B 267 -46.02 26.10 -5.94
C TYR B 267 -46.52 25.55 -4.60
N ASN B 268 -45.96 26.06 -3.48
CA ASN B 268 -46.46 25.63 -2.15
C ASN B 268 -46.43 24.14 -1.88
N SER B 269 -45.43 23.45 -2.44
CA SER B 269 -45.12 22.09 -2.06
C SER B 269 -45.29 21.92 -0.56
N ALA B 270 -45.89 20.82 -0.16
CA ALA B 270 -46.01 20.44 1.26
C ALA B 270 -44.69 20.37 2.03
N TRP B 271 -43.57 20.26 1.32
CA TRP B 271 -42.25 20.29 1.92
C TRP B 271 -41.81 21.69 2.35
N ARG B 272 -42.43 22.73 1.79
CA ARG B 272 -42.09 24.11 2.16
C ARG B 272 -42.62 24.35 3.56
N VAL B 273 -41.84 25.07 4.37
CA VAL B 273 -42.34 25.52 5.67
C VAL B 273 -43.61 26.34 5.40
N PRO B 274 -44.76 25.95 6.00
CA PRO B 274 -46.05 26.55 5.61
C PRO B 274 -46.10 28.00 6.01
N ARG B 275 -46.65 28.84 5.14
CA ARG B 275 -46.76 30.27 5.36
C ARG B 275 -48.23 30.56 5.70
N LYS B 276 -48.46 31.60 6.49
CA LYS B 276 -49.83 32.05 6.80
C LYS B 276 -50.78 32.06 5.58
N ALA B 277 -50.33 32.59 4.45
CA ALA B 277 -51.18 32.67 3.24
C ALA B 277 -51.66 31.30 2.75
N GLN B 278 -50.83 30.28 2.92
CA GLN B 278 -51.23 28.92 2.56
C GLN B 278 -52.31 28.40 3.49
N ARG B 279 -52.14 28.65 4.79
CA ARG B 279 -53.07 28.12 5.80
C ARG B 279 -54.43 28.81 5.65
N ASP B 280 -54.37 30.09 5.36
CA ASP B 280 -55.60 30.91 5.16
C ASP B 280 -56.38 30.40 3.96
N TRP B 281 -55.64 30.10 2.88
CA TRP B 281 -56.27 29.60 1.67
C TRP B 281 -56.87 28.23 1.93
N ILE B 282 -56.14 27.35 2.62
CA ILE B 282 -56.69 26.01 2.99
C ILE B 282 -57.97 26.14 3.82
N ASP B 283 -58.00 27.10 4.73
CA ASP B 283 -59.19 27.33 5.59
C ASP B 283 -60.37 27.83 4.75
N PHE B 284 -60.07 28.76 3.85
CA PHE B 284 -61.05 29.30 2.90
C PHE B 284 -61.69 28.21 2.02
N LEU B 285 -60.88 27.39 1.33
CA LEU B 285 -61.40 26.33 0.47
C LEU B 285 -62.16 25.28 1.28
N SER B 286 -61.58 24.94 2.43
CA SER B 286 -62.11 23.91 3.27
C SER B 286 -63.56 24.18 3.69
N GLY B 287 -63.82 25.40 4.15
CA GLY B 287 -65.19 25.79 4.54
C GLY B 287 -66.18 25.60 3.38
N PHE B 288 -65.78 26.09 2.22
CA PHE B 288 -66.57 25.95 0.99
C PHE B 288 -66.76 24.48 0.57
N VAL B 289 -65.66 23.71 0.46
CA VAL B 289 -65.76 22.32 0.05
C VAL B 289 -66.62 21.49 1.00
N ARG B 290 -66.34 21.63 2.30
CA ARG B 290 -67.04 20.84 3.29
C ARG B 290 -68.55 21.09 3.28
N GLU B 291 -68.96 22.34 3.14
CA GLU B 291 -70.40 22.60 3.14
C GLU B 291 -71.10 21.92 1.96
N ASN B 292 -70.41 21.91 0.82
CA ASN B 292 -70.94 21.31 -0.39
C ASN B 292 -70.84 19.78 -0.38
N VAL B 293 -69.78 19.25 0.23
CA VAL B 293 -69.70 17.79 0.42
C VAL B 293 -70.82 17.33 1.34
N LYS B 294 -71.11 18.10 2.40
CA LYS B 294 -72.17 17.70 3.31
C LYS B 294 -73.51 17.66 2.55
N GLN B 295 -73.74 18.65 1.68
CA GLN B 295 -74.96 18.67 0.86
C GLN B 295 -75.05 17.42 -0.02
N LEU B 296 -73.96 17.08 -0.71
CA LEU B 296 -73.94 15.85 -1.48
C LEU B 296 -74.24 14.63 -0.64
N ALA B 297 -73.67 14.57 0.56
CA ALA B 297 -73.87 13.41 1.44
C ALA B 297 -75.34 13.35 1.90
N ASP B 298 -75.86 14.50 2.28
CA ASP B 298 -77.26 14.60 2.71
C ASP B 298 -78.21 14.15 1.61
N MET B 299 -78.00 14.65 0.37
CA MET B 299 -78.79 14.25 -0.80
C MET B 299 -78.72 12.76 -1.03
N SER B 300 -77.51 12.22 -0.97
CA SER B 300 -77.29 10.80 -1.10
C SER B 300 -78.12 10.04 -0.07
N HIS B 301 -78.10 10.54 1.17
CA HIS B 301 -78.80 9.88 2.28
C HIS B 301 -80.32 9.96 2.11
N ALA B 302 -80.81 11.08 1.61
CA ALA B 302 -82.28 11.28 1.44
C ALA B 302 -82.83 10.40 0.33
N ALA B 303 -81.93 9.91 -0.53
CA ALA B 303 -82.28 9.01 -1.63
C ALA B 303 -82.10 7.54 -1.25
N GLY B 304 -81.69 7.30 -0.01
CA GLY B 304 -81.47 5.94 0.51
C GLY B 304 -80.11 5.31 0.19
N LYS B 305 -79.12 6.15 -0.10
CA LYS B 305 -77.82 5.66 -0.56
C LYS B 305 -76.69 6.14 0.37
N GLU B 306 -75.58 5.40 0.39
CA GLU B 306 -74.42 5.79 1.18
C GLU B 306 -73.48 6.66 0.35
N ALA B 307 -72.73 7.53 1.03
CA ALA B 307 -71.78 8.44 0.38
C ALA B 307 -70.35 8.03 0.74
N MET B 308 -69.57 7.69 -0.28
CA MET B 308 -68.19 7.25 -0.13
C MET B 308 -67.24 8.20 -0.85
N MET B 309 -66.17 8.61 -0.18
CA MET B 309 -65.21 9.51 -0.81
C MET B 309 -63.91 8.77 -1.18
N PHE B 310 -63.42 9.01 -2.40
CA PHE B 310 -62.11 8.50 -2.79
C PHE B 310 -61.08 9.41 -2.16
N LEU B 311 -60.09 8.83 -1.48
CA LEU B 311 -59.01 9.63 -0.90
C LEU B 311 -57.98 9.95 -1.98
N GLY B 312 -58.24 11.00 -2.74
CA GLY B 312 -57.34 11.39 -3.82
C GLY B 312 -58.08 12.18 -4.87
N ASP B 313 -57.46 12.34 -6.04
CA ASP B 313 -58.02 13.17 -7.12
C ASP B 313 -58.56 14.48 -6.56
N GLN B 314 -59.86 14.78 -6.78
CA GLN B 314 -60.44 16.06 -6.30
C GLN B 314 -60.80 16.04 -4.81
N TRP B 315 -59.79 15.80 -3.98
CA TRP B 315 -59.97 15.73 -2.53
C TRP B 315 -59.50 16.97 -1.79
N ILE B 316 -59.04 17.99 -2.52
CA ILE B 316 -58.51 19.21 -1.87
C ILE B 316 -59.64 19.97 -1.14
N GLY B 317 -59.36 20.40 0.10
CA GLY B 317 -60.36 21.08 0.92
C GLY B 317 -61.19 20.18 1.82
N THR B 318 -61.10 18.87 1.65
CA THR B 318 -61.86 17.94 2.51
C THR B 318 -61.19 17.82 3.89
N GLU B 319 -59.86 17.67 3.91
CA GLU B 319 -59.06 17.62 5.15
C GLU B 319 -59.56 16.54 6.13
N PRO B 320 -59.39 15.26 5.74
CA PRO B 320 -59.90 14.10 6.48
C PRO B 320 -59.40 14.04 7.93
N TYR B 321 -58.26 14.69 8.19
CA TYR B 321 -57.62 14.64 9.51
C TYR B 321 -57.81 15.91 10.33
N LYS B 322 -58.54 16.89 9.78
CA LYS B 322 -58.91 18.08 10.57
C LYS B 322 -60.25 17.86 11.29
N ASP B 323 -60.37 18.50 12.45
CA ASP B 323 -61.61 18.43 13.22
C ASP B 323 -62.79 18.87 12.36
N GLY B 324 -63.94 18.21 12.50
CA GLY B 324 -65.12 18.62 11.73
C GLY B 324 -65.42 17.72 10.54
N PHE B 325 -64.47 16.87 10.17
CA PHE B 325 -64.66 15.99 9.02
C PHE B 325 -65.82 15.03 9.31
N ASP B 326 -65.93 14.61 10.56
CA ASP B 326 -67.06 13.81 10.99
C ASP B 326 -68.44 14.43 10.68
N GLU B 327 -68.54 15.75 10.72
CA GLU B 327 -69.81 16.44 10.52
C GLU B 327 -70.34 16.41 9.08
N LEU B 328 -69.48 15.97 8.16
CA LEU B 328 -69.88 15.73 6.77
C LEU B 328 -70.88 14.59 6.64
N GLY B 329 -70.81 13.62 7.56
CA GLY B 329 -71.66 12.43 7.54
C GLY B 329 -71.33 11.46 6.41
N LEU B 330 -70.07 11.48 5.95
CA LEU B 330 -69.65 10.55 4.91
C LEU B 330 -69.69 9.16 5.50
N ASP B 331 -70.23 8.21 4.76
CA ASP B 331 -70.29 6.84 5.25
C ASP B 331 -68.94 6.16 5.14
N ALA B 332 -68.16 6.51 4.11
CA ALA B 332 -66.91 5.81 3.87
C ALA B 332 -65.82 6.66 3.25
N VAL B 333 -64.58 6.21 3.42
CA VAL B 333 -63.49 6.66 2.58
C VAL B 333 -62.87 5.41 1.97
N VAL B 334 -62.68 5.45 0.66
CA VAL B 334 -61.94 4.40 -0.06
C VAL B 334 -60.62 5.00 -0.54
N GLY B 335 -59.56 4.20 -0.55
CA GLY B 335 -58.27 4.71 -1.03
C GLY B 335 -57.36 3.72 -1.73
N SER B 336 -56.32 4.26 -2.34
CA SER B 336 -55.35 3.50 -3.12
C SER B 336 -54.30 2.89 -2.17
N ILE B 337 -54.25 1.55 -2.13
CA ILE B 337 -53.30 0.81 -1.28
C ILE B 337 -52.01 0.53 -2.07
N GLY B 338 -50.96 1.32 -1.80
CA GLY B 338 -49.68 1.08 -2.45
C GLY B 338 -48.61 0.50 -1.55
N ASP B 339 -48.79 0.64 -0.24
CA ASP B 339 -47.75 0.30 0.74
C ASP B 339 -48.36 0.47 2.12
N GLY B 340 -47.56 0.25 3.17
CA GLY B 340 -48.03 0.46 4.53
C GLY B 340 -48.45 1.88 4.84
N THR B 341 -47.65 2.84 4.38
CA THR B 341 -47.90 4.27 4.64
C THR B 341 -49.24 4.71 4.06
N THR B 342 -49.47 4.35 2.78
CA THR B 342 -50.68 4.74 2.11
C THR B 342 -51.91 3.98 2.69
N THR B 343 -51.68 2.77 3.19
CA THR B 343 -52.73 2.06 3.93
C THR B 343 -53.15 2.87 5.17
N ARG B 344 -52.17 3.27 5.99
CA ARG B 344 -52.45 4.07 7.18
C ARG B 344 -53.13 5.40 6.88
N MET B 345 -52.78 6.05 5.77
CA MET B 345 -53.47 7.30 5.39
C MET B 345 -54.99 7.10 5.37
N ILE B 346 -55.45 5.95 4.87
CA ILE B 346 -56.89 5.60 4.82
C ILE B 346 -57.34 5.12 6.20
N ALA B 347 -56.60 4.18 6.76
CA ALA B 347 -57.07 3.41 7.92
C ALA B 347 -57.33 4.28 9.16
N ASP B 348 -56.51 5.31 9.36
CA ASP B 348 -56.56 6.10 10.59
C ASP B 348 -57.57 7.25 10.58
N ILE B 349 -58.30 7.44 9.48
CA ILE B 349 -59.20 8.59 9.33
C ILE B 349 -60.37 8.42 10.30
N PRO B 350 -60.63 9.46 11.11
CA PRO B 350 -61.78 9.40 12.01
C PRO B 350 -63.05 9.97 11.34
N GLY B 351 -64.21 9.66 11.89
CA GLY B 351 -65.43 10.36 11.47
C GLY B 351 -66.14 9.83 10.24
N VAL B 352 -65.74 8.64 9.77
CA VAL B 352 -66.59 7.90 8.83
C VAL B 352 -67.02 6.57 9.46
N LYS B 353 -68.02 5.93 8.89
CA LYS B 353 -68.50 4.63 9.39
C LYS B 353 -67.58 3.46 9.05
N TYR B 354 -67.05 3.43 7.84
CA TYR B 354 -66.09 2.38 7.43
C TYR B 354 -65.07 2.90 6.43
N THR B 355 -64.01 2.11 6.25
CA THR B 355 -62.94 2.44 5.31
C THR B 355 -62.71 1.30 4.31
N GLU B 356 -62.19 1.65 3.13
CA GLU B 356 -61.95 0.66 2.11
C GLU B 356 -60.64 0.84 1.38
N GLY B 357 -59.93 -0.26 1.18
CA GLY B 357 -58.72 -0.23 0.39
C GLY B 357 -58.98 -0.76 -1.02
N ARG B 358 -58.53 -0.02 -2.02
CA ARG B 358 -58.52 -0.56 -3.38
C ARG B 358 -57.12 -1.14 -3.59
N PHE B 359 -57.04 -2.47 -3.49
CA PHE B 359 -55.77 -3.21 -3.47
C PHE B 359 -55.30 -3.49 -4.86
N LEU B 360 -54.00 -3.79 -4.98
CA LEU B 360 -53.34 -4.07 -6.26
C LEU B 360 -53.27 -5.61 -6.48
N PRO B 361 -53.10 -6.04 -7.76
CA PRO B 361 -53.01 -5.29 -9.00
C PRO B 361 -54.39 -4.88 -9.56
N TYR B 362 -54.44 -3.71 -10.20
CA TYR B 362 -55.61 -3.28 -10.97
C TYR B 362 -55.83 -4.28 -12.12
N PHE B 363 -57.09 -4.65 -12.38
CA PHE B 363 -57.42 -5.68 -13.37
C PHE B 363 -57.36 -5.11 -14.79
N PHE B 364 -56.14 -5.00 -15.33
CA PHE B 364 -55.87 -4.29 -16.62
C PHE B 364 -54.55 -4.83 -17.26
N PRO B 365 -54.52 -4.97 -18.60
CA PRO B 365 -53.49 -5.74 -19.32
C PRO B 365 -51.99 -5.62 -18.90
N ASP B 366 -51.60 -4.51 -18.29
CA ASP B 366 -50.19 -4.29 -17.87
C ASP B 366 -49.64 -5.24 -16.78
N THR B 367 -50.52 -6.04 -16.18
CA THR B 367 -50.11 -7.13 -15.27
C THR B 367 -50.77 -8.46 -15.67
N PHE B 368 -51.90 -8.38 -16.36
CA PHE B 368 -52.64 -9.57 -16.77
C PHE B 368 -52.40 -9.92 -18.25
N TYR B 369 -51.13 -10.19 -18.57
CA TYR B 369 -50.74 -10.73 -19.88
C TYR B 369 -50.35 -12.20 -19.76
N GLU B 370 -50.54 -12.96 -20.84
CA GLU B 370 -50.24 -14.40 -20.84
C GLU B 370 -48.75 -14.64 -20.61
N GLY B 371 -48.44 -15.44 -19.59
CA GLY B 371 -47.04 -15.69 -19.19
C GLY B 371 -46.67 -15.08 -17.85
N ASN B 372 -47.43 -14.07 -17.41
CA ASN B 372 -47.25 -13.43 -16.11
C ASN B 372 -48.04 -14.11 -15.00
N ASP B 373 -47.47 -14.06 -13.79
CA ASP B 373 -48.07 -14.60 -12.58
C ASP B 373 -48.47 -13.41 -11.70
N PRO B 374 -49.73 -12.93 -11.84
CA PRO B 374 -50.19 -11.77 -11.07
C PRO B 374 -50.44 -12.11 -9.60
N SER B 375 -50.41 -13.40 -9.25
CA SER B 375 -50.56 -13.80 -7.86
C SER B 375 -49.47 -13.14 -7.00
N ILE B 376 -48.29 -12.92 -7.58
CA ILE B 376 -47.11 -12.37 -6.87
C ILE B 376 -47.26 -10.90 -6.42
N GLU B 377 -47.60 -10.00 -7.35
CA GLU B 377 -48.00 -8.62 -7.04
C GLU B 377 -49.12 -8.61 -5.99
N GLY B 378 -50.16 -9.42 -6.24
CA GLY B 378 -51.34 -9.53 -5.38
C GLY B 378 -51.02 -9.83 -3.93
N LEU B 379 -50.11 -10.78 -3.71
CA LEU B 379 -49.64 -11.12 -2.36
C LEU B 379 -48.64 -10.11 -1.79
N ASP B 380 -47.76 -9.51 -2.63
CA ASP B 380 -46.85 -8.47 -2.10
C ASP B 380 -47.69 -7.32 -1.53
N ASN B 381 -48.60 -6.79 -2.35
CA ASN B 381 -49.54 -5.75 -1.92
C ASN B 381 -50.30 -6.15 -0.64
N TRP B 382 -50.76 -7.40 -0.54
CA TRP B 382 -51.41 -7.86 0.68
C TRP B 382 -50.50 -7.75 1.89
N ARG B 383 -49.23 -8.15 1.71
CA ARG B 383 -48.24 -8.10 2.79
C ARG B 383 -47.85 -6.69 3.27
N LYS B 384 -47.60 -5.78 2.34
CA LYS B 384 -47.14 -4.41 2.66
C LYS B 384 -48.20 -3.65 3.46
N ALA B 385 -49.43 -3.98 3.14
CA ALA B 385 -50.64 -3.43 3.71
C ALA B 385 -51.07 -4.19 4.96
N ARG B 386 -50.91 -5.51 4.94
CA ARG B 386 -51.31 -6.37 6.05
C ARG B 386 -50.64 -5.96 7.36
N ARG B 387 -49.34 -5.66 7.29
CA ARG B 387 -48.61 -5.28 8.52
C ARG B 387 -49.14 -3.99 9.07
N ALA B 388 -49.54 -3.07 8.19
CA ALA B 388 -50.19 -1.85 8.62
C ALA B 388 -51.63 -2.09 9.09
N ILE B 389 -52.39 -2.95 8.38
CA ILE B 389 -53.78 -3.30 8.80
C ILE B 389 -53.82 -3.88 10.22
N LEU B 390 -52.82 -4.67 10.60
CA LEU B 390 -52.79 -5.19 11.97
C LEU B 390 -52.71 -4.09 13.01
N ARG B 391 -52.07 -2.96 12.68
CA ARG B 391 -51.92 -1.86 13.62
C ARG B 391 -53.11 -0.91 13.55
N SER B 392 -53.77 -0.85 12.40
CA SER B 392 -54.93 0.03 12.19
C SER B 392 -55.82 -0.61 11.12
N PRO B 393 -56.84 -1.38 11.54
CA PRO B 393 -57.61 -2.16 10.55
C PRO B 393 -58.38 -1.28 9.54
N ILE B 394 -58.46 -1.73 8.29
CA ILE B 394 -59.43 -1.18 7.34
C ILE B 394 -60.62 -2.13 7.27
N SER B 395 -61.83 -1.58 7.09
CA SER B 395 -63.08 -2.35 7.22
C SER B 395 -63.29 -3.35 6.10
N ARG B 396 -62.95 -2.91 4.89
CA ARG B 396 -63.27 -3.60 3.66
C ARG B 396 -62.09 -3.59 2.74
N MET B 397 -62.13 -4.51 1.80
CA MET B 397 -61.14 -4.61 0.77
C MET B 397 -61.92 -4.75 -0.55
N GLY B 398 -61.24 -4.48 -1.66
CA GLY B 398 -61.82 -4.72 -2.98
C GLY B 398 -60.79 -4.41 -4.05
N TYR B 399 -61.11 -4.79 -5.29
CA TYR B 399 -60.24 -4.54 -6.44
C TYR B 399 -60.98 -3.75 -7.53
N GLY B 400 -60.25 -3.15 -8.46
CA GLY B 400 -60.87 -2.46 -9.59
C GLY B 400 -60.43 -2.99 -10.95
N GLY B 401 -61.24 -2.73 -11.98
CA GLY B 401 -60.86 -2.98 -13.39
C GLY B 401 -61.69 -4.02 -14.13
N TYR B 402 -61.03 -4.76 -15.04
CA TYR B 402 -61.67 -5.80 -15.85
C TYR B 402 -61.68 -7.17 -15.18
N LEU B 403 -62.83 -7.55 -14.64
CA LEU B 403 -62.99 -8.85 -14.00
C LEU B 403 -62.74 -10.06 -14.95
N SER B 404 -63.07 -9.89 -16.24
CA SER B 404 -62.86 -10.93 -17.27
C SER B 404 -61.39 -11.21 -17.55
N LEU B 405 -60.57 -10.15 -17.45
CA LEU B 405 -59.11 -10.20 -17.59
C LEU B 405 -58.50 -11.01 -16.45
N ALA B 406 -58.95 -10.75 -15.22
CA ALA B 406 -58.53 -11.51 -14.05
C ALA B 406 -59.11 -12.93 -13.96
N ALA B 407 -60.21 -13.19 -14.67
CA ALA B 407 -60.80 -14.54 -14.70
C ALA B 407 -59.92 -15.56 -15.47
N LYS B 408 -59.09 -15.07 -16.38
CA LYS B 408 -58.17 -15.88 -17.20
C LYS B 408 -57.04 -16.56 -16.41
N PHE B 409 -56.69 -15.97 -15.28
CA PHE B 409 -55.53 -16.39 -14.48
C PHE B 409 -55.99 -17.11 -13.23
N PRO B 410 -56.16 -18.45 -13.31
CA PRO B 410 -56.76 -19.24 -12.23
C PRO B 410 -55.94 -19.18 -10.95
N LYS B 411 -54.62 -19.07 -11.10
CA LYS B 411 -53.68 -18.92 -10.00
C LYS B 411 -54.05 -17.71 -9.14
N PHE B 412 -54.23 -16.57 -9.81
CA PHE B 412 -54.59 -15.33 -9.15
C PHE B 412 -56.00 -15.34 -8.53
N VAL B 413 -56.99 -15.92 -9.24
CA VAL B 413 -58.33 -16.10 -8.65
C VAL B 413 -58.21 -16.77 -7.28
N ASP B 414 -57.40 -17.84 -7.24
CA ASP B 414 -57.11 -18.55 -5.98
C ASP B 414 -56.48 -17.65 -4.93
N THR B 415 -55.56 -16.80 -5.42
CA THR B 415 -54.84 -15.84 -4.58
C THR B 415 -55.88 -14.96 -3.88
N VAL B 416 -56.83 -14.45 -4.64
CA VAL B 416 -57.88 -13.60 -4.08
C VAL B 416 -58.75 -14.30 -3.02
N THR B 417 -59.23 -15.52 -3.33
CA THR B 417 -59.98 -16.33 -2.34
C THR B 417 -59.25 -16.41 -1.01
N HIS B 418 -57.95 -16.71 -1.09
CA HIS B 418 -57.08 -16.75 0.07
C HIS B 418 -57.01 -15.38 0.78
N ILE B 419 -56.81 -14.30 0.01
CA ILE B 419 -56.65 -12.96 0.61
C ILE B 419 -57.95 -12.50 1.30
N ALA B 420 -59.07 -12.57 0.59
CA ALA B 420 -60.40 -12.21 1.15
C ALA B 420 -60.76 -13.04 2.41
N ASN B 421 -60.48 -14.35 2.37
CA ASN B 421 -60.67 -15.21 3.54
C ASN B 421 -59.80 -14.77 4.73
N GLU B 422 -58.54 -14.45 4.47
CA GLU B 422 -57.62 -14.09 5.54
C GLU B 422 -57.99 -12.75 6.17
N PHE B 423 -58.31 -11.77 5.30
CA PHE B 423 -58.83 -10.44 5.66
C PHE B 423 -60.05 -10.58 6.59
N ARG B 424 -60.99 -11.45 6.20
CA ARG B 424 -62.19 -11.71 6.99
C ARG B 424 -61.90 -12.44 8.30
N ASP B 425 -60.91 -13.34 8.28
CA ASP B 425 -60.55 -14.11 9.49
C ASP B 425 -59.87 -13.21 10.53
N ILE B 426 -59.08 -12.26 10.05
CA ILE B 426 -58.52 -11.21 10.90
C ILE B 426 -59.68 -10.51 11.62
N HIS B 427 -60.67 -10.00 10.87
CA HIS B 427 -61.87 -9.38 11.48
C HIS B 427 -62.60 -10.27 12.48
N ASP B 428 -62.90 -11.50 12.08
CA ASP B 428 -63.58 -12.46 12.95
C ASP B 428 -62.81 -12.73 14.25
N ARG B 429 -61.49 -12.77 14.16
CA ARG B 429 -60.63 -13.00 15.33
C ARG B 429 -60.40 -11.74 16.14
N THR B 430 -60.27 -10.61 15.43
CA THR B 430 -59.85 -9.33 16.00
C THR B 430 -61.03 -8.49 16.51
N GLY B 431 -62.17 -8.60 15.83
CA GLY B 431 -63.33 -7.76 16.12
C GLY B 431 -63.07 -6.33 15.69
N GLY B 432 -62.24 -6.18 14.65
CA GLY B 432 -61.82 -4.84 14.19
C GLY B 432 -60.97 -4.06 15.19
N VAL B 433 -60.35 -4.76 16.13
CA VAL B 433 -59.53 -4.13 17.16
C VAL B 433 -58.07 -4.02 16.66
N ALA B 434 -57.42 -2.89 16.94
CA ALA B 434 -56.03 -2.74 16.54
C ALA B 434 -55.16 -3.59 17.47
N ALA B 435 -54.02 -4.07 16.97
CA ALA B 435 -53.04 -4.73 17.83
C ALA B 435 -52.54 -3.77 18.92
N GLU B 436 -52.12 -4.34 20.06
CA GLU B 436 -51.56 -3.56 21.16
C GLU B 436 -50.24 -2.90 20.76
N GLY B 437 -50.11 -1.61 21.06
CA GLY B 437 -48.88 -0.87 20.74
C GLY B 437 -48.01 -0.73 21.96
N GLU B 438 -46.70 -0.94 21.79
CA GLU B 438 -45.80 -1.14 22.92
C GLU B 438 -45.07 0.12 23.38
N LEU B 439 -45.24 1.22 22.63
CA LEU B 439 -44.60 2.54 22.90
C LEU B 439 -45.43 3.61 22.17
N ASN B 440 -45.44 4.85 22.68
CA ASN B 440 -46.18 5.92 22.05
C ASN B 440 -45.17 6.82 21.38
N VAL B 441 -45.26 6.92 20.05
CA VAL B 441 -44.26 7.61 19.26
C VAL B 441 -44.95 8.76 18.56
N ALA B 442 -44.34 9.94 18.58
CA ALA B 442 -44.91 11.12 17.95
C ALA B 442 -43.94 11.68 16.90
N ILE B 443 -44.44 11.87 15.69
CA ILE B 443 -43.67 12.53 14.64
C ILE B 443 -44.02 13.99 14.73
N LEU B 444 -42.98 14.82 14.90
CA LEU B 444 -43.13 16.27 15.05
C LEU B 444 -42.67 17.00 13.78
N ASN B 445 -43.56 17.81 13.21
CA ASN B 445 -43.28 18.61 11.98
C ASN B 445 -44.24 19.79 11.96
N SER B 446 -44.21 20.59 10.89
CA SER B 446 -44.94 21.86 10.87
C SER B 446 -46.43 21.63 10.70
N TRP B 447 -46.80 20.48 10.12
CA TRP B 447 -48.19 20.16 9.76
C TRP B 447 -48.98 19.48 10.88
N GLY B 448 -48.36 18.51 11.54
CA GLY B 448 -49.04 17.75 12.59
C GLY B 448 -50.15 16.82 12.08
N LYS B 449 -51.22 16.71 12.88
CA LYS B 449 -52.29 15.71 12.68
C LYS B 449 -52.97 15.85 11.31
N MET B 450 -53.15 17.07 10.84
CA MET B 450 -53.80 17.30 9.53
C MET B 450 -53.09 16.60 8.36
N ARG B 451 -51.81 16.26 8.55
CA ARG B 451 -51.10 15.50 7.54
C ARG B 451 -50.60 14.17 8.08
N SER B 452 -51.44 13.50 8.88
CA SER B 452 -51.12 12.16 9.39
C SER B 452 -50.79 11.18 8.26
N TRP B 453 -49.64 10.51 8.36
CA TRP B 453 -49.12 9.54 7.36
C TRP B 453 -48.82 10.16 6.03
N MET B 454 -48.78 11.49 5.99
CA MET B 454 -48.63 12.22 4.75
C MET B 454 -47.30 12.95 4.57
N ALA B 455 -46.49 12.97 5.62
CA ALA B 455 -45.17 13.56 5.55
C ALA B 455 -44.32 12.88 4.48
N PHE B 456 -43.58 13.71 3.75
CA PHE B 456 -42.59 13.31 2.74
C PHE B 456 -43.17 12.88 1.39
N THR B 457 -44.49 12.89 1.25
CA THR B 457 -45.10 12.54 -0.04
C THR B 457 -45.06 13.73 -0.99
N VAL B 458 -44.73 13.44 -2.24
CA VAL B 458 -44.85 14.41 -3.33
C VAL B 458 -45.97 13.88 -4.21
N ALA B 459 -45.68 12.83 -4.97
CA ALA B 459 -46.72 12.07 -5.70
C ALA B 459 -47.13 10.87 -4.85
N HIS B 460 -48.42 10.62 -4.80
CA HIS B 460 -48.95 9.52 -4.00
C HIS B 460 -48.28 8.19 -4.32
N ALA B 461 -47.76 7.53 -3.28
CA ALA B 461 -47.14 6.20 -3.39
C ALA B 461 -45.86 6.13 -4.24
N LEU B 462 -45.21 7.25 -4.50
CA LEU B 462 -44.05 7.26 -5.41
C LEU B 462 -42.84 7.98 -4.77
N PRO B 463 -42.26 7.36 -3.73
CA PRO B 463 -41.03 7.92 -3.13
C PRO B 463 -39.91 7.92 -4.20
N ASN B 464 -38.98 8.88 -4.15
CA ASN B 464 -37.94 9.00 -5.17
C ASN B 464 -36.56 9.21 -4.52
N LYS B 465 -35.53 9.49 -5.32
CA LYS B 465 -34.19 9.70 -4.75
C LYS B 465 -34.19 10.72 -3.60
N GLN B 466 -34.90 11.82 -3.79
CA GLN B 466 -34.87 12.90 -2.80
C GLN B 466 -35.70 12.61 -1.53
N THR B 467 -36.64 11.66 -1.61
CA THR B 467 -37.58 11.49 -0.50
C THR B 467 -37.50 10.16 0.25
N TYR B 468 -37.00 9.11 -0.40
CA TYR B 468 -37.08 7.75 0.16
C TYR B 468 -36.37 7.54 1.51
N SER B 469 -35.31 8.33 1.78
CA SER B 469 -34.56 8.18 3.03
C SER B 469 -35.37 8.62 4.24
N TYR B 470 -36.43 9.37 3.98
CA TYR B 470 -37.34 9.86 5.01
C TYR B 470 -38.69 9.16 4.95
N TYR B 471 -39.22 8.95 3.74
CA TYR B 471 -40.44 8.15 3.59
C TYR B 471 -40.29 6.81 4.28
N GLY B 472 -39.09 6.22 4.23
CA GLY B 472 -38.85 4.95 4.92
C GLY B 472 -39.16 4.95 6.41
N ILE B 473 -39.07 6.12 7.05
CA ILE B 473 -39.41 6.24 8.47
C ILE B 473 -40.88 5.92 8.65
N LEU B 474 -41.75 6.58 7.87
CA LEU B 474 -43.19 6.27 7.91
C LEU B 474 -43.49 4.86 7.49
N GLU B 475 -42.90 4.39 6.38
CA GLU B 475 -43.20 3.00 5.98
C GLU B 475 -42.83 1.99 7.06
N SER B 476 -41.67 2.21 7.69
CA SER B 476 -41.27 1.36 8.82
C SER B 476 -42.29 1.44 9.94
N LEU B 477 -42.68 2.65 10.32
CA LEU B 477 -43.65 2.82 11.42
C LEU B 477 -45.05 2.29 11.10
N SER B 478 -45.42 2.34 9.82
CA SER B 478 -46.80 2.00 9.39
C SER B 478 -47.28 0.65 9.92
N GLY B 479 -46.38 -0.32 9.94
CA GLY B 479 -46.73 -1.69 10.37
C GLY B 479 -46.00 -2.14 11.65
N MET B 480 -45.42 -1.19 12.36
CA MET B 480 -44.64 -1.49 13.59
C MET B 480 -45.52 -1.57 14.84
N ARG B 481 -45.10 -2.40 15.80
CA ARG B 481 -45.85 -2.60 17.06
C ARG B 481 -45.81 -1.43 18.06
N VAL B 482 -45.97 -0.21 17.57
CA VAL B 482 -45.98 1.00 18.44
C VAL B 482 -47.18 1.88 18.07
N ASN B 483 -47.59 2.79 18.96
CA ASN B 483 -48.65 3.71 18.66
C ASN B 483 -48.07 5.00 18.07
N VAL B 484 -48.43 5.33 16.82
CA VAL B 484 -47.88 6.50 16.15
C VAL B 484 -48.90 7.64 16.11
N ARG B 485 -48.47 8.84 16.51
CA ARG B 485 -49.31 10.03 16.36
C ARG B 485 -48.49 11.12 15.65
N PHE B 486 -49.15 12.15 15.12
CA PHE B 486 -48.52 13.26 14.40
C PHE B 486 -48.80 14.59 15.08
N ILE B 487 -47.76 15.33 15.45
CA ILE B 487 -47.97 16.58 16.18
C ILE B 487 -47.24 17.72 15.50
N SER B 488 -47.70 18.94 15.74
CA SER B 488 -47.13 20.13 15.15
C SER B 488 -46.35 20.92 16.18
N PHE B 489 -45.50 21.82 15.69
CA PHE B 489 -44.76 22.75 16.54
C PHE B 489 -45.71 23.66 17.30
N ASP B 490 -46.84 23.99 16.67
CA ASP B 490 -47.90 24.75 17.33
C ASP B 490 -48.48 24.03 18.53
N ASP B 491 -48.78 22.72 18.38
CA ASP B 491 -49.22 21.85 19.48
C ASP B 491 -48.24 21.93 20.67
N VAL B 492 -46.97 21.65 20.39
CA VAL B 492 -45.91 21.69 21.42
C VAL B 492 -45.77 23.05 22.11
N LEU B 493 -45.73 24.11 21.33
CA LEU B 493 -45.59 25.47 21.89
C LEU B 493 -46.81 25.89 22.72
N ALA B 494 -48.01 25.45 22.31
CA ALA B 494 -49.21 25.81 23.08
C ALA B 494 -49.44 24.94 24.30
N HIS B 495 -49.14 23.64 24.24
CA HIS B 495 -49.53 22.71 25.31
C HIS B 495 -48.41 21.88 25.91
N GLY B 496 -47.18 22.07 25.43
CA GLY B 496 -46.06 21.25 25.88
C GLY B 496 -46.14 19.85 25.25
N ILE B 497 -45.33 18.92 25.76
CA ILE B 497 -45.32 17.56 25.23
C ILE B 497 -46.21 16.66 26.09
N ASP B 498 -47.18 15.98 25.46
CA ASP B 498 -48.11 15.12 26.21
C ASP B 498 -47.36 14.06 27.01
N SER B 499 -47.80 13.88 28.26
CA SER B 499 -47.08 13.05 29.20
C SER B 499 -47.10 11.57 28.84
N ASP B 500 -47.93 11.16 27.88
CA ASP B 500 -47.93 9.73 27.53
C ASP B 500 -46.97 9.37 26.38
N ILE B 501 -46.31 10.38 25.80
CA ILE B 501 -45.41 10.16 24.68
C ILE B 501 -44.09 9.62 25.20
N ASP B 502 -43.60 8.53 24.59
CA ASP B 502 -42.28 7.98 24.91
C ASP B 502 -41.16 8.55 24.01
N VAL B 503 -41.46 8.72 22.72
CA VAL B 503 -40.42 9.13 21.77
C VAL B 503 -40.95 10.18 20.84
N ILE B 504 -40.15 11.24 20.61
CA ILE B 504 -40.44 12.19 19.54
C ILE B 504 -39.45 11.97 18.37
N ILE B 505 -39.96 11.94 17.14
CA ILE B 505 -39.12 11.82 15.94
C ILE B 505 -39.21 13.11 15.13
N ASN B 506 -38.07 13.71 14.84
CA ASN B 506 -38.02 14.87 13.96
C ASN B 506 -37.11 14.50 12.80
N GLY B 507 -37.61 14.63 11.58
CA GLY B 507 -36.85 14.11 10.43
C GLY B 507 -37.02 14.92 9.16
N GLY B 508 -35.96 14.98 8.37
CA GLY B 508 -36.05 15.61 7.03
C GLY B 508 -34.84 16.51 6.77
N PRO B 509 -34.82 17.17 5.61
CA PRO B 509 -33.77 18.11 5.30
C PRO B 509 -34.04 19.46 5.92
N VAL B 510 -32.99 20.26 6.00
CA VAL B 510 -33.06 21.66 6.49
C VAL B 510 -34.09 22.49 5.71
N ASP B 511 -34.77 23.39 6.42
CA ASP B 511 -35.65 24.36 5.78
C ASP B 511 -36.83 23.66 5.08
N THR B 512 -37.35 22.59 5.67
CA THR B 512 -38.60 22.03 5.18
C THR B 512 -39.64 22.06 6.30
N ALA B 513 -40.91 21.83 5.94
CA ALA B 513 -41.99 21.57 6.91
C ALA B 513 -41.65 20.41 7.84
N PHE B 514 -40.80 19.49 7.37
CA PHE B 514 -40.61 18.24 8.13
C PHE B 514 -39.56 18.34 9.23
N THR B 515 -38.60 19.23 9.04
CA THR B 515 -37.69 19.52 10.14
C THR B 515 -38.21 20.72 10.88
N GLY B 516 -38.62 21.75 10.15
CA GLY B 516 -39.39 22.85 10.73
C GLY B 516 -38.89 24.25 10.46
N GLY B 517 -37.64 24.38 10.02
CA GLY B 517 -37.10 25.68 9.64
C GLY B 517 -36.85 26.54 10.86
N ASP B 518 -37.15 27.83 10.77
CA ASP B 518 -36.74 28.77 11.81
C ASP B 518 -37.50 28.65 13.15
N VAL B 519 -38.51 27.80 13.19
CA VAL B 519 -39.12 27.42 14.48
C VAL B 519 -38.06 26.93 15.50
N TRP B 520 -36.95 26.38 15.01
CA TRP B 520 -35.89 25.87 15.88
C TRP B 520 -35.06 26.97 16.50
N THR B 521 -35.22 28.22 16.02
CA THR B 521 -34.62 29.37 16.68
C THR B 521 -35.57 29.98 17.72
N ASN B 522 -36.77 29.41 17.86
CA ASN B 522 -37.67 29.83 18.95
C ASN B 522 -37.21 29.17 20.26
N PRO B 523 -36.73 29.98 21.24
CA PRO B 523 -36.20 29.30 22.42
C PRO B 523 -37.21 28.49 23.23
N LYS B 524 -38.49 28.86 23.19
CA LYS B 524 -39.52 28.09 23.88
C LYS B 524 -39.56 26.66 23.37
N LEU B 525 -39.33 26.49 22.08
CA LEU B 525 -39.39 25.13 21.51
C LEU B 525 -38.26 24.28 22.03
N VAL B 526 -37.06 24.86 21.94
CA VAL B 526 -35.82 24.20 22.36
C VAL B 526 -35.88 23.91 23.87
N GLU B 527 -36.39 24.87 24.66
CA GLU B 527 -36.53 24.64 26.14
C GLU B 527 -37.43 23.46 26.39
N THR B 528 -38.56 23.41 25.68
CA THR B 528 -39.57 22.39 25.90
C THR B 528 -39.05 21.00 25.60
N VAL B 529 -38.39 20.84 24.45
CA VAL B 529 -37.87 19.54 24.09
C VAL B 529 -36.71 19.16 25.01
N ARG B 530 -35.78 20.09 25.25
CA ARG B 530 -34.62 19.73 26.09
C ARG B 530 -35.08 19.30 27.49
N ALA B 531 -36.01 20.04 28.10
CA ALA B 531 -36.43 19.71 29.47
C ALA B 531 -37.13 18.34 29.51
N TRP B 532 -37.95 18.05 28.50
CA TRP B 532 -38.65 16.78 28.43
C TRP B 532 -37.68 15.60 28.26
N VAL B 533 -36.68 15.73 27.38
CA VAL B 533 -35.68 14.67 27.25
C VAL B 533 -34.87 14.52 28.56
N ARG B 534 -34.40 15.65 29.11
CA ARG B 534 -33.65 15.61 30.38
C ARG B 534 -34.41 14.82 31.46
N GLY B 535 -35.74 14.95 31.43
CA GLY B 535 -36.61 14.29 32.39
C GLY B 535 -36.88 12.84 32.05
N GLY B 536 -36.37 12.34 30.93
CA GLY B 536 -36.56 10.93 30.57
C GLY B 536 -37.22 10.69 29.20
N GLY B 537 -37.49 11.77 28.48
CA GLY B 537 -38.05 11.68 27.11
C GLY B 537 -37.03 11.10 26.14
N ALA B 538 -37.43 10.86 24.91
CA ALA B 538 -36.52 10.28 23.93
C ALA B 538 -36.70 11.07 22.64
N PHE B 539 -35.61 11.54 22.05
CA PHE B 539 -35.69 12.35 20.80
C PHE B 539 -34.85 11.68 19.73
N VAL B 540 -35.49 11.34 18.61
CA VAL B 540 -34.81 10.69 17.48
C VAL B 540 -34.78 11.68 16.30
N GLY B 541 -33.58 12.05 15.86
CA GLY B 541 -33.47 13.00 14.78
C GLY B 541 -32.97 12.29 13.54
N VAL B 542 -33.66 12.47 12.43
CA VAL B 542 -33.23 11.84 11.17
C VAL B 542 -32.89 12.87 10.09
N GLY B 543 -31.72 12.72 9.49
CA GLY B 543 -31.30 13.57 8.37
C GLY B 543 -30.70 14.86 8.90
N GLU B 544 -31.49 15.93 8.89
CA GLU B 544 -31.04 17.23 9.45
C GLU B 544 -31.98 17.74 10.51
N PRO B 545 -32.21 16.91 11.57
CA PRO B 545 -33.20 17.26 12.60
C PRO B 545 -32.84 18.55 13.31
N SER B 546 -33.87 19.32 13.67
CA SER B 546 -33.68 20.58 14.43
C SER B 546 -32.80 21.60 13.76
N SER B 547 -32.55 21.45 12.46
CA SER B 547 -31.61 22.34 11.77
C SER B 547 -32.13 23.76 11.55
N ALA B 548 -31.27 24.76 11.80
CA ALA B 548 -31.60 26.13 11.44
C ALA B 548 -30.36 26.75 10.85
N PRO B 549 -30.44 27.17 9.57
CA PRO B 549 -29.24 27.73 8.98
C PRO B 549 -28.92 29.14 9.52
N ARG B 550 -27.63 29.43 9.65
CA ARG B 550 -27.08 30.75 9.97
C ARG B 550 -27.31 31.32 11.36
N PHE B 551 -28.24 30.74 12.12
CA PHE B 551 -28.61 31.27 13.42
C PHE B 551 -27.44 31.25 14.40
N GLN B 552 -26.75 30.11 14.43
CA GLN B 552 -25.52 29.98 15.19
C GLN B 552 -24.44 29.48 14.27
N THR B 553 -23.35 30.25 14.19
CA THR B 553 -22.20 29.88 13.38
C THR B 553 -21.64 28.48 13.73
N GLY B 554 -21.68 28.10 15.00
CA GLY B 554 -21.07 26.86 15.43
C GLY B 554 -22.03 25.70 15.71
N ARG B 555 -23.30 25.85 15.35
CA ARG B 555 -24.34 24.85 15.69
C ARG B 555 -25.45 24.92 14.63
N PHE B 556 -25.55 23.87 13.82
CA PHE B 556 -26.55 23.79 12.74
C PHE B 556 -27.81 23.07 13.25
N PHE B 557 -27.67 21.84 13.72
CA PHE B 557 -28.80 21.14 14.36
C PHE B 557 -28.92 21.80 15.72
N GLN B 558 -30.05 22.42 16.04
CA GLN B 558 -30.14 23.21 17.28
C GLN B 558 -30.16 22.31 18.50
N LEU B 559 -30.61 21.08 18.31
CA LEU B 559 -30.57 20.06 19.36
C LEU B 559 -29.43 19.05 19.20
N ALA B 560 -28.34 19.49 18.60
CA ALA B 560 -27.16 18.62 18.49
C ALA B 560 -26.67 18.13 19.86
N ASP B 561 -26.88 18.95 20.89
CA ASP B 561 -26.49 18.53 22.25
C ASP B 561 -27.29 17.32 22.74
N VAL B 562 -28.55 17.24 22.31
CA VAL B 562 -29.41 16.10 22.65
C VAL B 562 -29.01 14.80 21.94
N ILE B 563 -28.76 14.87 20.63
CA ILE B 563 -28.51 13.65 19.81
C ILE B 563 -27.04 13.35 19.61
N GLY B 564 -26.20 14.30 20.02
CA GLY B 564 -24.78 14.05 20.03
C GLY B 564 -24.07 14.30 18.72
N VAL B 565 -24.79 14.83 17.73
CA VAL B 565 -24.26 14.91 16.36
C VAL B 565 -24.65 16.26 15.78
N ASP B 566 -23.73 16.87 15.04
CA ASP B 566 -24.05 18.03 14.22
C ASP B 566 -23.52 17.83 12.80
N GLU B 567 -24.00 18.67 11.89
CA GLU B 567 -23.49 18.71 10.54
C GLU B 567 -22.52 19.86 10.34
N GLU B 568 -21.28 19.54 9.95
CA GLU B 568 -20.29 20.55 9.53
C GLU B 568 -20.82 21.33 8.30
N ARG B 569 -20.85 22.66 8.39
CA ARG B 569 -21.38 23.50 7.30
C ARG B 569 -20.32 24.42 6.67
N TYR B 570 -19.05 24.06 6.86
CA TYR B 570 -17.87 24.72 6.30
C TYR B 570 -17.60 26.04 7.01
N GLN B 571 -18.24 26.23 8.15
CA GLN B 571 -17.96 27.38 9.03
C GLN B 571 -17.02 26.99 10.16
N THR B 572 -16.89 25.71 10.45
CA THR B 572 -16.08 25.25 11.57
C THR B 572 -14.94 24.30 11.17
N LEU B 573 -14.39 24.51 9.98
CA LEU B 573 -13.32 23.62 9.51
C LEU B 573 -12.03 23.76 10.32
N SER B 574 -11.82 24.94 10.91
CA SER B 574 -10.66 25.11 11.78
C SER B 574 -10.68 24.26 13.06
N VAL B 575 -11.85 23.76 13.46
CA VAL B 575 -12.00 23.00 14.69
C VAL B 575 -11.86 21.50 14.40
N ASP B 576 -10.79 20.89 14.94
CA ASP B 576 -10.52 19.48 14.70
C ASP B 576 -11.70 18.67 15.26
N LYS B 577 -12.16 17.68 14.50
CA LYS B 577 -13.25 16.82 14.97
C LYS B 577 -12.68 15.48 15.43
N TYR B 578 -12.99 15.11 16.67
CA TYR B 578 -12.46 13.84 17.26
C TYR B 578 -13.57 12.80 17.42
N PHE B 579 -13.48 11.71 16.66
CA PHE B 579 -14.51 10.69 16.68
C PHE B 579 -14.14 9.60 17.71
N PRO B 580 -15.02 9.29 18.69
CA PRO B 580 -14.70 8.16 19.55
C PRO B 580 -14.83 6.84 18.78
N PRO B 581 -14.21 5.76 19.30
CA PRO B 581 -14.30 4.50 18.59
C PRO B 581 -15.74 4.04 18.49
N VAL B 582 -16.09 3.48 17.33
CA VAL B 582 -17.43 2.97 17.06
C VAL B 582 -17.70 1.76 17.94
N VAL B 583 -18.92 1.64 18.45
CA VAL B 583 -19.31 0.47 19.25
C VAL B 583 -20.06 -0.50 18.33
N PRO B 584 -19.38 -1.57 17.87
CA PRO B 584 -20.04 -2.46 16.93
C PRO B 584 -21.03 -3.46 17.58
N ASP B 585 -20.97 -3.67 18.90
CA ASP B 585 -21.87 -4.62 19.54
C ASP B 585 -22.76 -3.83 20.48
N HIS B 586 -24.01 -3.62 20.07
CA HIS B 586 -24.89 -2.71 20.79
C HIS B 586 -26.33 -3.17 20.58
N PHE B 587 -27.17 -2.91 21.57
CA PHE B 587 -28.61 -3.17 21.46
C PHE B 587 -29.24 -2.69 20.15
N ILE B 588 -28.91 -1.47 19.72
CA ILE B 588 -29.59 -0.91 18.53
C ILE B 588 -29.28 -1.71 17.26
N THR B 589 -28.02 -2.10 17.12
CA THR B 589 -27.59 -2.79 15.90
C THR B 589 -27.51 -4.32 16.04
N ALA B 590 -28.08 -4.85 17.13
CA ALA B 590 -27.97 -6.30 17.46
C ALA B 590 -28.42 -7.28 16.35
N ASP B 591 -29.37 -6.87 15.53
CA ASP B 591 -29.90 -7.71 14.46
C ASP B 591 -29.25 -7.45 13.09
N VAL B 592 -28.32 -6.49 13.01
CA VAL B 592 -27.61 -6.24 11.76
C VAL B 592 -26.61 -7.35 11.52
N PRO B 593 -26.74 -8.07 10.41
CA PRO B 593 -25.68 -9.03 10.03
C PRO B 593 -24.47 -8.26 9.50
N VAL B 594 -23.28 -8.54 10.00
CA VAL B 594 -22.08 -7.97 9.36
C VAL B 594 -21.18 -9.12 8.90
N ASP B 595 -20.85 -9.14 7.60
CA ASP B 595 -19.92 -10.13 7.08
C ASP B 595 -18.68 -10.15 7.99
N PRO B 596 -18.27 -11.35 8.47
CA PRO B 596 -17.06 -11.47 9.29
C PRO B 596 -15.83 -10.87 8.62
N ALA B 597 -15.67 -11.05 7.30
CA ALA B 597 -14.53 -10.47 6.59
C ALA B 597 -14.58 -8.94 6.53
N ALA B 598 -15.79 -8.39 6.50
CA ALA B 598 -15.98 -6.94 6.53
C ALA B 598 -15.57 -6.39 7.88
N ARG B 599 -16.03 -7.02 8.95
CA ARG B 599 -15.72 -6.54 10.29
C ARG B 599 -14.23 -6.67 10.59
N GLU B 600 -13.65 -7.77 10.11
CA GLU B 600 -12.23 -8.04 10.25
C GLU B 600 -11.43 -6.92 9.60
N ALA B 601 -11.80 -6.55 8.36
CA ALA B 601 -11.14 -5.49 7.60
C ALA B 601 -11.26 -4.15 8.35
N TRP B 602 -12.45 -3.88 8.85
CA TRP B 602 -12.66 -2.67 9.62
C TRP B 602 -11.80 -2.63 10.89
N GLU B 603 -11.73 -3.75 11.59
CA GLU B 603 -10.98 -3.85 12.83
C GLU B 603 -9.50 -3.68 12.54
N GLN B 604 -9.00 -4.30 11.45
CA GLN B 604 -7.58 -4.28 11.11
C GLN B 604 -7.10 -2.89 10.65
N ALA B 605 -7.94 -2.19 9.88
CA ALA B 605 -7.55 -0.88 9.37
C ALA B 605 -7.52 0.18 10.47
N GLY B 606 -8.36 0.02 11.49
CA GLY B 606 -8.37 0.93 12.66
C GLY B 606 -8.84 2.35 12.35
N TYR B 607 -8.33 3.29 13.15
CA TYR B 607 -8.81 4.67 13.14
C TYR B 607 -7.71 5.67 12.78
N ARG B 608 -8.08 6.74 12.09
CA ARG B 608 -7.15 7.83 11.79
C ARG B 608 -6.51 8.37 13.07
N ILE B 609 -5.20 8.52 13.02
CA ILE B 609 -4.40 9.21 14.02
C ILE B 609 -4.64 10.73 13.88
N PRO B 610 -4.72 11.46 15.00
CA PRO B 610 -4.91 12.90 14.87
C PRO B 610 -3.91 13.51 13.89
N LEU B 611 -4.37 14.42 13.04
CA LEU B 611 -3.51 15.12 12.09
C LEU B 611 -3.97 16.56 11.97
N SER B 612 -3.03 17.52 11.86
CA SER B 612 -3.40 18.94 11.87
C SER B 612 -4.49 19.26 10.84
N GLY B 613 -5.54 19.97 11.27
CA GLY B 613 -6.64 20.38 10.42
C GLY B 613 -7.53 19.25 9.93
N CYS B 614 -7.35 18.05 10.47
CA CYS B 614 -8.11 16.86 9.99
C CYS B 614 -8.73 16.06 11.11
N GLY B 615 -8.58 16.52 12.35
CA GLY B 615 -9.10 15.79 13.51
C GLY B 615 -8.52 14.38 13.60
N GLY B 616 -9.35 13.45 14.08
CA GLY B 616 -8.87 12.09 14.27
C GLY B 616 -9.95 11.14 14.70
N GLY B 617 -9.64 9.84 14.60
CA GLY B 617 -10.54 8.85 15.16
C GLY B 617 -11.56 8.26 14.20
N GLN B 618 -11.60 8.76 12.96
CA GLN B 618 -12.54 8.24 11.93
C GLN B 618 -12.02 6.89 11.42
N SER B 619 -12.89 5.87 11.29
CA SER B 619 -12.39 4.59 10.79
C SER B 619 -11.87 4.74 9.36
N ILE B 620 -10.76 4.10 9.07
CA ILE B 620 -10.09 4.18 7.76
C ILE B 620 -10.88 3.30 6.76
N LYS B 621 -11.52 2.25 7.26
CA LYS B 621 -12.40 1.41 6.41
C LYS B 621 -13.82 1.41 6.97
N PRO B 622 -14.84 1.21 6.12
CA PRO B 622 -16.21 1.20 6.68
C PRO B 622 -16.59 -0.13 7.37
N LEU B 623 -17.36 -0.05 8.45
CA LEU B 623 -17.94 -1.25 9.04
C LEU B 623 -19.11 -1.76 8.17
N GLY B 624 -19.98 -0.85 7.72
CA GLY B 624 -21.01 -1.21 6.73
C GLY B 624 -22.15 -2.04 7.29
N GLY B 625 -22.90 -2.71 6.42
CA GLY B 625 -23.94 -3.60 6.89
C GLY B 625 -25.33 -2.96 6.90
N ILE B 626 -25.41 -1.64 6.81
CA ILE B 626 -26.73 -0.93 6.93
C ILE B 626 -26.91 0.07 5.80
N ASP B 627 -28.06 0.01 5.12
CA ASP B 627 -28.39 0.97 4.08
C ASP B 627 -29.06 2.19 4.72
N PHE B 628 -28.32 3.30 4.83
CA PHE B 628 -28.87 4.54 5.38
C PHE B 628 -29.39 5.51 4.31
N GLY B 629 -29.44 5.09 3.05
CA GLY B 629 -29.99 5.96 1.99
C GLY B 629 -29.05 7.12 1.65
N GLU B 630 -29.63 8.30 1.48
CA GLU B 630 -28.89 9.48 0.99
C GLU B 630 -27.98 10.02 2.10
N PRO B 631 -26.71 10.28 1.79
CA PRO B 631 -25.82 10.74 2.86
C PRO B 631 -26.10 12.18 3.31
N VAL B 632 -25.85 12.44 4.59
CA VAL B 632 -25.79 13.79 5.14
C VAL B 632 -24.30 14.04 5.37
N LEU B 633 -23.74 14.92 4.56
CA LEU B 633 -22.30 15.04 4.45
C LEU B 633 -21.71 15.71 5.69
N ASN B 634 -20.62 15.14 6.19
CA ASN B 634 -19.81 15.79 7.25
C ASN B 634 -20.55 15.97 8.61
N THR B 635 -21.46 15.03 8.92
CA THR B 635 -21.96 14.94 10.28
C THR B 635 -20.79 14.43 11.15
N TYR B 636 -20.78 14.85 12.41
CA TYR B 636 -19.65 14.56 13.30
C TYR B 636 -20.16 14.55 14.76
N PRO B 637 -19.43 13.86 15.67
CA PRO B 637 -19.96 13.82 17.03
C PRO B 637 -19.56 15.09 17.81
N VAL B 638 -20.49 15.67 18.57
CA VAL B 638 -20.18 16.92 19.28
C VAL B 638 -19.16 16.77 20.41
N ASN B 639 -19.01 15.56 20.95
CA ASN B 639 -17.96 15.26 21.92
C ASN B 639 -17.70 13.75 21.91
N GLU B 640 -16.72 13.28 22.69
CA GLU B 640 -16.34 11.88 22.63
C GLU B 640 -17.12 10.99 23.60
N ASN B 641 -18.13 11.54 24.27
CA ASN B 641 -19.02 10.74 25.11
C ASN B 641 -20.28 10.29 24.34
N VAL B 642 -20.47 10.81 23.12
CA VAL B 642 -21.52 10.31 22.23
C VAL B 642 -21.14 8.88 21.82
N THR B 643 -22.13 7.99 21.74
CA THR B 643 -21.88 6.64 21.26
C THR B 643 -22.07 6.57 19.74
N LEU B 644 -20.99 6.35 19.02
CA LEU B 644 -21.09 6.14 17.58
C LEU B 644 -21.36 4.68 17.28
N LEU B 645 -22.42 4.43 16.52
CA LEU B 645 -22.80 3.04 16.12
C LEU B 645 -22.48 2.74 14.65
N ARG B 646 -22.57 3.77 13.79
CA ARG B 646 -22.00 3.75 12.47
C ARG B 646 -21.49 5.15 12.15
N ALA B 647 -20.22 5.19 11.76
CA ALA B 647 -19.59 6.44 11.37
C ALA B 647 -18.56 6.13 10.31
N ASP B 648 -19.05 5.68 9.16
CA ASP B 648 -18.23 5.26 8.05
C ASP B 648 -17.97 6.43 7.10
N GLY B 649 -16.82 6.38 6.42
CA GLY B 649 -16.50 7.34 5.37
C GLY B 649 -16.30 8.75 5.91
N GLY B 650 -15.78 8.86 7.13
CA GLY B 650 -15.44 10.19 7.68
C GLY B 650 -16.65 11.02 8.13
N GLN B 651 -17.80 10.38 8.35
CA GLN B 651 -18.96 11.09 8.85
C GLN B 651 -19.84 10.12 9.62
N VAL B 652 -20.97 10.61 10.16
CA VAL B 652 -21.79 9.82 11.10
C VAL B 652 -23.14 9.44 10.49
N GLN B 653 -23.47 8.15 10.59
CA GLN B 653 -24.77 7.67 10.12
C GLN B 653 -25.73 7.32 11.29
N LEU B 654 -25.17 6.87 12.42
CA LEU B 654 -26.01 6.39 13.52
C LEU B 654 -25.28 6.58 14.83
N ALA B 655 -25.94 7.26 15.77
CA ALA B 655 -25.35 7.59 17.10
C ALA B 655 -26.42 7.69 18.16
N THR B 656 -26.03 7.48 19.42
CA THR B 656 -26.94 7.67 20.56
C THR B 656 -26.22 8.44 21.67
N ASN B 657 -26.95 9.25 22.41
CA ASN B 657 -26.35 10.12 23.41
C ASN B 657 -27.26 10.12 24.62
N ASP B 658 -26.71 9.91 25.82
CA ASP B 658 -27.52 10.08 27.03
C ASP B 658 -27.62 11.56 27.33
N TYR B 659 -28.77 12.00 27.84
CA TYR B 659 -29.05 13.41 28.02
C TYR B 659 -29.93 13.53 29.28
N GLY B 660 -29.25 13.70 30.42
CA GLY B 660 -29.89 13.50 31.73
C GLY B 660 -30.53 12.10 31.81
N LYS B 661 -31.81 12.05 32.09
CA LYS B 661 -32.51 10.75 32.28
C LYS B 661 -32.98 10.21 30.95
N GLY B 662 -32.98 11.04 29.92
CA GLY B 662 -33.43 10.62 28.59
C GLY B 662 -32.28 10.40 27.60
N ARG B 663 -32.63 10.19 26.32
CA ARG B 663 -31.65 9.88 25.28
C ARG B 663 -32.02 10.55 23.96
N GLY B 664 -30.99 10.92 23.20
CA GLY B 664 -31.19 11.36 21.82
C GLY B 664 -30.54 10.35 20.89
N VAL B 665 -31.13 10.13 19.72
CA VAL B 665 -30.53 9.26 18.70
C VAL B 665 -30.47 10.03 17.37
N TYR B 666 -29.34 9.94 16.68
CA TYR B 666 -29.22 10.47 15.32
C TYR B 666 -29.19 9.32 14.29
N ILE B 667 -29.98 9.45 13.22
CA ILE B 667 -29.91 8.53 12.06
C ILE B 667 -29.80 9.40 10.80
N SER B 668 -28.83 9.17 9.93
CA SER B 668 -28.69 10.08 8.77
C SER B 668 -29.80 9.91 7.73
N GLY B 669 -30.40 8.72 7.66
CA GLY B 669 -31.44 8.44 6.68
C GLY B 669 -31.89 6.99 6.88
N LEU B 670 -33.06 6.63 6.34
CA LEU B 670 -33.62 5.32 6.68
C LEU B 670 -34.63 4.84 5.64
N PRO B 671 -34.12 4.35 4.49
CA PRO B 671 -34.94 3.66 3.49
C PRO B 671 -35.64 2.49 4.15
N TYR B 672 -36.89 2.22 3.76
CA TYR B 672 -37.61 1.09 4.34
C TYR B 672 -37.05 -0.25 3.87
N SER B 673 -36.89 -1.17 4.82
CA SER B 673 -36.62 -2.57 4.56
C SER B 673 -36.98 -3.21 5.89
N ALA B 674 -37.06 -4.53 5.96
CA ALA B 674 -37.35 -5.18 7.26
C ALA B 674 -36.18 -4.91 8.24
N ALA B 675 -34.95 -4.97 7.73
CA ALA B 675 -33.77 -4.73 8.58
C ALA B 675 -33.85 -3.31 9.19
N ASN B 676 -34.14 -2.31 8.35
CA ASN B 676 -34.22 -0.92 8.79
C ASN B 676 -35.40 -0.62 9.70
N ALA B 677 -36.53 -1.27 9.48
CA ALA B 677 -37.65 -1.21 10.44
C ALA B 677 -37.25 -1.81 11.80
N ARG B 678 -36.53 -2.93 11.79
CA ARG B 678 -36.01 -3.47 13.06
C ARG B 678 -35.05 -2.48 13.74
N LEU B 679 -34.19 -1.88 12.93
CA LEU B 679 -33.23 -0.89 13.45
C LEU B 679 -33.98 0.24 14.12
N LEU B 680 -34.97 0.79 13.43
CA LEU B 680 -35.74 1.88 14.02
C LEU B 680 -36.51 1.43 15.28
N GLU B 681 -37.08 0.24 15.23
CA GLU B 681 -37.84 -0.27 16.38
C GLU B 681 -36.91 -0.36 17.61
N ARG B 682 -35.71 -0.90 17.41
CA ARG B 682 -34.72 -0.99 18.47
C ARG B 682 -34.32 0.40 18.94
N VAL B 683 -34.12 1.33 17.99
CA VAL B 683 -33.85 2.74 18.37
C VAL B 683 -34.94 3.27 19.33
N LEU B 684 -36.19 2.98 19.00
CA LEU B 684 -37.32 3.48 19.80
C LEU B 684 -37.32 2.91 21.25
N PHE B 685 -37.13 1.59 21.39
CA PHE B 685 -37.03 1.01 22.72
C PHE B 685 -35.81 1.47 23.49
N TYR B 686 -34.65 1.56 22.81
CA TYR B 686 -33.42 1.99 23.48
C TYR B 686 -33.50 3.45 23.93
N ALA B 687 -33.98 4.34 23.07
CA ALA B 687 -33.91 5.77 23.37
C ALA B 687 -34.84 6.08 24.53
N SER B 688 -35.94 5.32 24.65
CA SER B 688 -36.90 5.53 25.74
C SER B 688 -36.56 4.73 27.03
N HIS B 689 -35.34 4.19 27.10
CA HIS B 689 -34.88 3.37 28.22
C HIS B 689 -35.85 2.20 28.46
N ASN B 690 -36.34 1.62 27.37
CA ASN B 690 -37.31 0.52 27.44
C ASN B 690 -36.74 -0.77 26.86
N GLU B 691 -35.42 -0.94 26.95
CA GLU B 691 -34.79 -2.16 26.42
C GLU B 691 -35.45 -3.40 27.04
N ASP B 692 -35.77 -3.34 28.33
CA ASP B 692 -36.43 -4.46 28.99
C ASP B 692 -37.81 -4.77 28.42
N LYS B 693 -38.46 -3.79 27.80
CA LYS B 693 -39.80 -4.00 27.26
C LYS B 693 -39.77 -4.57 25.82
N TYR B 694 -38.61 -4.55 25.17
CA TYR B 694 -38.47 -4.99 23.78
C TYR B 694 -38.83 -6.46 23.58
N ALA B 695 -38.35 -7.31 24.48
CA ALA B 695 -38.49 -8.78 24.30
C ALA B 695 -39.94 -9.25 24.15
N ALA B 696 -40.84 -8.72 24.96
CA ALA B 696 -42.22 -9.22 24.96
C ALA B 696 -42.93 -8.94 23.63
N TRP B 697 -43.49 -9.99 23.02
CA TRP B 697 -44.23 -9.87 21.75
C TRP B 697 -43.36 -9.41 20.58
N SER B 698 -42.19 -10.02 20.49
CA SER B 698 -41.26 -9.77 19.42
C SER B 698 -40.95 -11.06 18.65
N SER B 699 -40.61 -10.90 17.38
CA SER B 699 -40.07 -11.97 16.53
C SER B 699 -38.54 -11.86 16.50
N SER B 700 -37.83 -12.98 16.63
CA SER B 700 -36.35 -12.96 16.52
C SER B 700 -35.92 -12.53 15.12
N ASN B 701 -36.63 -13.05 14.12
CA ASN B 701 -36.43 -12.75 12.72
C ASN B 701 -37.06 -11.40 12.37
N PRO B 702 -36.28 -10.47 11.80
CA PRO B 702 -36.85 -9.18 11.32
C PRO B 702 -37.90 -9.24 10.18
N GLU B 703 -37.94 -10.35 9.44
CA GLU B 703 -38.83 -10.51 8.28
C GLU B 703 -40.21 -10.92 8.74
N CYS B 704 -40.33 -11.24 10.02
CA CYS B 704 -41.64 -11.50 10.63
C CYS B 704 -41.96 -10.46 11.66
N GLU B 705 -43.25 -10.29 11.90
CA GLU B 705 -43.73 -9.36 12.90
C GLU B 705 -44.84 -9.98 13.70
N VAL B 706 -44.97 -9.50 14.92
CA VAL B 706 -45.93 -10.03 15.85
C VAL B 706 -46.94 -8.95 16.15
N ALA B 707 -48.20 -9.33 16.07
CA ALA B 707 -49.29 -8.50 16.55
C ALA B 707 -49.93 -9.20 17.75
N HIS B 708 -49.96 -8.51 18.89
CA HIS B 708 -50.55 -9.04 20.10
C HIS B 708 -51.96 -8.50 20.30
N PHE B 709 -52.92 -9.41 20.52
CA PHE B 709 -54.31 -9.03 20.82
C PHE B 709 -54.75 -9.55 22.19
N PRO B 710 -54.53 -8.76 23.25
CA PRO B 710 -54.77 -9.24 24.63
C PRO B 710 -56.24 -9.32 25.07
N GLU B 711 -57.08 -8.35 24.66
CA GLU B 711 -58.50 -8.36 25.06
C GLU B 711 -59.18 -9.62 24.55
N GLN B 712 -58.61 -10.17 23.49
CA GLN B 712 -59.10 -11.39 22.87
C GLN B 712 -58.23 -12.56 23.29
N GLY B 713 -57.24 -12.29 24.15
CA GLY B 713 -56.24 -13.29 24.56
C GLY B 713 -55.71 -14.05 23.36
N LEU B 714 -54.82 -13.42 22.63
CA LEU B 714 -54.42 -13.88 21.30
C LEU B 714 -53.21 -13.08 20.84
N TYR B 715 -52.34 -13.71 20.07
CA TYR B 715 -51.34 -12.99 19.28
C TYR B 715 -51.21 -13.68 17.94
N CYS B 716 -50.80 -12.92 16.93
CA CYS B 716 -50.50 -13.47 15.61
C CYS B 716 -49.09 -13.15 15.18
N VAL B 717 -48.53 -13.94 14.27
CA VAL B 717 -47.24 -13.63 13.68
C VAL B 717 -47.34 -13.73 12.18
N ILE B 718 -46.82 -12.71 11.50
CA ILE B 718 -46.91 -12.60 10.06
C ILE B 718 -45.55 -12.62 9.39
N ASN B 719 -45.53 -13.23 8.20
CA ASN B 719 -44.38 -13.29 7.34
C ASN B 719 -44.55 -12.17 6.32
N ASN B 720 -43.61 -11.24 6.30
CA ASN B 720 -43.79 -10.06 5.46
C ASN B 720 -43.21 -10.31 4.10
N THR B 721 -42.80 -11.56 3.86
CA THR B 721 -42.14 -11.98 2.62
C THR B 721 -42.84 -13.16 1.91
N ASP B 722 -42.45 -13.38 0.67
CA ASP B 722 -42.87 -14.56 -0.10
C ASP B 722 -41.94 -15.76 0.11
N GLN B 723 -41.09 -15.68 1.13
CA GLN B 723 -40.09 -16.71 1.43
C GLN B 723 -40.49 -17.51 2.67
N PRO B 724 -40.01 -18.77 2.79
CA PRO B 724 -40.20 -19.40 4.08
C PRO B 724 -39.44 -18.58 5.12
N GLN B 725 -40.05 -18.43 6.28
CA GLN B 725 -39.40 -17.71 7.34
C GLN B 725 -39.44 -18.52 8.60
N LYS B 726 -38.27 -18.74 9.17
CA LYS B 726 -38.16 -19.31 10.51
C LYS B 726 -37.93 -18.21 11.55
N THR B 727 -38.79 -18.17 12.56
CA THR B 727 -38.66 -17.21 13.65
C THR B 727 -39.12 -17.76 15.01
N THR B 728 -38.50 -17.21 16.06
CA THR B 728 -38.84 -17.47 17.45
C THR B 728 -39.52 -16.26 18.08
N VAL B 729 -40.75 -16.46 18.54
CA VAL B 729 -41.52 -15.39 19.17
C VAL B 729 -41.36 -15.51 20.68
N THR B 730 -40.97 -14.43 21.34
CA THR B 730 -40.87 -14.39 22.82
C THR B 730 -42.15 -13.78 23.36
N LEU B 731 -42.82 -14.48 24.26
CA LEU B 731 -44.07 -14.01 24.81
C LEU B 731 -43.81 -13.20 26.08
N ALA B 732 -44.84 -12.58 26.65
CA ALA B 732 -44.71 -11.73 27.84
C ALA B 732 -44.16 -12.49 29.04
N ASP B 733 -44.69 -13.68 29.29
CA ASP B 733 -44.28 -14.47 30.45
C ASP B 733 -42.82 -14.94 30.32
N GLY B 734 -42.26 -14.81 29.13
CA GLY B 734 -40.85 -15.07 28.90
C GLY B 734 -40.56 -16.36 28.16
N THR B 735 -41.60 -17.13 27.87
CA THR B 735 -41.49 -18.36 27.06
C THR B 735 -41.36 -18.01 25.57
N THR B 736 -40.80 -18.93 24.78
CA THR B 736 -40.64 -18.74 23.33
C THR B 736 -41.32 -19.81 22.46
N GLU B 737 -41.64 -19.42 21.22
CA GLU B 737 -42.37 -20.27 20.27
C GLU B 737 -41.74 -20.18 18.90
N ASP B 738 -41.43 -21.34 18.33
CA ASP B 738 -40.82 -21.40 17.01
C ASP B 738 -41.87 -21.48 15.94
N PHE B 739 -41.61 -20.77 14.85
CA PHE B 739 -42.51 -20.73 13.73
C PHE B 739 -41.69 -20.98 12.49
N ASP B 740 -42.34 -21.61 11.54
CA ASP B 740 -41.78 -21.86 10.23
C ASP B 740 -42.92 -21.50 9.29
N LEU B 741 -42.94 -20.25 8.86
CA LEU B 741 -44.06 -19.70 8.11
C LEU B 741 -43.82 -19.83 6.61
N PRO B 742 -44.86 -20.28 5.88
CA PRO B 742 -44.78 -20.30 4.43
C PRO B 742 -44.85 -18.89 3.87
N ASP B 743 -44.59 -18.75 2.57
CA ASP B 743 -44.87 -17.55 1.78
C ASP B 743 -46.09 -16.74 2.32
N SER B 744 -45.85 -15.50 2.76
CA SER B 744 -46.89 -14.58 3.30
C SER B 744 -47.73 -15.20 4.42
N GLY B 745 -47.13 -16.04 5.25
CA GLY B 745 -47.87 -16.83 6.23
C GLY B 745 -48.41 -16.06 7.42
N ILE B 746 -49.32 -16.69 8.14
CA ILE B 746 -49.88 -16.10 9.35
C ILE B 746 -50.22 -17.25 10.31
N ALA B 747 -49.81 -17.10 11.56
CA ALA B 747 -50.10 -18.09 12.55
C ALA B 747 -50.68 -17.40 13.77
N TRP B 748 -51.67 -18.04 14.37
CA TRP B 748 -52.36 -17.48 15.54
C TRP B 748 -52.19 -18.42 16.73
N ARG B 749 -51.90 -17.89 17.92
CA ARG B 749 -51.79 -18.72 19.14
C ARG B 749 -52.65 -18.24 20.30
N SER C 3 -22.19 -18.68 -30.28
CA SER C 3 -21.49 -19.78 -29.53
C SER C 3 -21.81 -19.79 -28.03
N THR C 4 -22.12 -20.97 -27.51
CA THR C 4 -22.40 -21.12 -26.07
C THR C 4 -21.61 -22.29 -25.49
N GLY C 5 -21.63 -22.47 -24.18
CA GLY C 5 -20.97 -23.65 -23.62
C GLY C 5 -19.54 -23.44 -23.12
N ARG C 6 -18.77 -24.53 -23.04
CA ARG C 6 -17.39 -24.53 -22.49
C ARG C 6 -17.29 -23.93 -21.08
N PHE C 7 -18.36 -24.05 -20.30
CA PHE C 7 -18.42 -23.41 -18.99
C PHE C 7 -19.18 -24.28 -17.97
N THR C 8 -18.52 -24.56 -16.85
CA THR C 8 -19.08 -25.35 -15.76
C THR C 8 -19.52 -24.45 -14.62
N LEU C 9 -20.81 -24.48 -14.32
CA LEU C 9 -21.39 -23.74 -13.22
C LEU C 9 -21.48 -24.58 -11.93
N PRO C 10 -21.09 -24.00 -10.77
CA PRO C 10 -21.28 -24.67 -9.47
C PRO C 10 -22.72 -24.54 -8.96
N SER C 11 -23.24 -25.61 -8.37
CA SER C 11 -24.65 -25.68 -7.98
C SER C 11 -24.78 -25.53 -6.49
N GLU C 12 -26.01 -25.29 -6.04
CA GLU C 12 -26.33 -25.44 -4.62
C GLU C 12 -27.81 -25.64 -4.29
N GLU C 13 -28.01 -26.30 -3.16
CA GLU C 13 -29.30 -26.50 -2.47
C GLU C 13 -30.24 -25.31 -2.60
N ASN C 14 -31.48 -25.56 -3.06
CA ASN C 14 -32.57 -24.57 -2.98
C ASN C 14 -32.27 -23.23 -3.64
N PHE C 15 -31.77 -23.29 -4.88
CA PHE C 15 -31.33 -22.10 -5.56
C PHE C 15 -31.62 -22.25 -7.05
N ALA C 16 -32.67 -23.02 -7.34
CA ALA C 16 -33.02 -23.43 -8.70
C ALA C 16 -33.18 -22.26 -9.66
N GLU C 17 -33.95 -21.27 -9.24
CA GLU C 17 -34.27 -20.15 -10.12
C GLU C 17 -33.04 -19.31 -10.49
N LYS C 18 -32.25 -18.90 -9.49
CA LYS C 18 -30.99 -18.20 -9.74
C LYS C 18 -29.99 -19.03 -10.53
N THR C 19 -29.87 -20.31 -10.19
CA THR C 19 -29.06 -21.23 -10.97
C THR C 19 -29.45 -21.20 -12.46
N LYS C 20 -30.75 -21.26 -12.75
CA LYS C 20 -31.19 -21.23 -14.14
C LYS C 20 -30.81 -19.91 -14.79
N GLU C 21 -30.92 -18.82 -14.02
CA GLU C 21 -30.64 -17.49 -14.54
C GLU C 21 -29.14 -17.30 -14.87
N LEU C 22 -28.29 -17.73 -13.94
CA LEU C 22 -26.84 -17.61 -14.12
C LEU C 22 -26.28 -18.56 -15.21
N ALA C 23 -26.90 -19.72 -15.37
CA ALA C 23 -26.55 -20.65 -16.47
C ALA C 23 -26.84 -20.05 -17.84
N GLU C 24 -27.93 -19.30 -17.95
CA GLU C 24 -28.28 -18.61 -19.20
C GLU C 24 -27.36 -17.43 -19.48
N LEU C 25 -27.11 -16.64 -18.45
CA LEU C 25 -26.30 -15.43 -18.56
C LEU C 25 -24.86 -15.79 -18.93
N TRP C 26 -24.35 -16.86 -18.34
CA TRP C 26 -22.95 -17.26 -18.52
C TRP C 26 -22.76 -18.27 -19.63
N GLY C 27 -23.88 -18.72 -20.21
CA GLY C 27 -23.88 -19.79 -21.19
C GLY C 27 -23.26 -21.07 -20.65
N ALA C 28 -23.62 -21.45 -19.43
CA ALA C 28 -23.11 -22.69 -18.84
C ALA C 28 -23.72 -23.90 -19.56
N ASP C 29 -22.89 -24.91 -19.86
CA ASP C 29 -23.38 -26.15 -20.46
C ASP C 29 -23.21 -27.34 -19.53
N ALA C 30 -22.63 -27.08 -18.36
CA ALA C 30 -22.41 -28.09 -17.34
C ALA C 30 -22.65 -27.54 -15.96
N ILE C 31 -23.16 -28.39 -15.07
CA ILE C 31 -23.35 -28.02 -13.69
C ILE C 31 -22.60 -29.00 -12.82
N ARG C 32 -21.81 -28.49 -11.90
CA ARG C 32 -21.15 -29.37 -10.95
C ARG C 32 -21.93 -29.44 -9.65
N ASN C 33 -22.29 -30.67 -9.28
CA ASN C 33 -22.92 -30.93 -7.99
C ASN C 33 -21.90 -30.58 -6.91
N SER C 34 -22.24 -29.56 -6.11
CA SER C 34 -21.26 -28.94 -5.21
C SER C 34 -21.08 -29.69 -3.91
N VAL C 43 -33.70 -27.82 -11.78
CA VAL C 43 -32.29 -28.09 -11.51
C VAL C 43 -31.70 -29.08 -12.52
N LEU C 44 -31.94 -30.37 -12.28
CA LEU C 44 -31.66 -31.41 -13.25
C LEU C 44 -32.50 -31.19 -14.50
N ALA C 45 -33.58 -30.42 -14.35
CA ALA C 45 -34.53 -30.18 -15.43
C ALA C 45 -33.91 -29.28 -16.50
N LEU C 46 -32.79 -28.63 -16.14
CA LEU C 46 -32.16 -27.68 -17.05
C LEU C 46 -31.45 -28.34 -18.23
N GLY C 47 -31.32 -29.67 -18.21
CA GLY C 47 -30.70 -30.42 -19.33
C GLY C 47 -29.20 -30.19 -19.57
N LYS C 48 -28.49 -29.78 -18.53
CA LYS C 48 -27.04 -29.55 -18.64
C LYS C 48 -26.28 -30.84 -18.38
N LYS C 49 -25.02 -30.84 -18.79
CA LYS C 49 -24.06 -31.91 -18.47
C LYS C 49 -23.75 -31.90 -16.97
N ILE C 50 -24.08 -32.98 -16.27
CA ILE C 50 -23.93 -33.02 -14.81
C ILE C 50 -22.61 -33.65 -14.38
N TYR C 51 -21.83 -32.93 -13.57
CA TYR C 51 -20.61 -33.47 -12.99
C TYR C 51 -20.93 -33.90 -11.55
N ASN C 52 -20.41 -35.05 -11.15
CA ASN C 52 -20.35 -35.42 -9.73
C ASN C 52 -18.94 -35.81 -9.37
N ALA C 53 -18.44 -35.29 -8.26
CA ALA C 53 -17.09 -35.65 -7.83
C ALA C 53 -17.10 -37.05 -7.23
N TYR C 54 -16.01 -37.78 -7.43
CA TYR C 54 -15.86 -39.10 -6.81
C TYR C 54 -14.53 -39.16 -6.06
N PHE C 55 -14.55 -39.79 -4.88
CA PHE C 55 -13.40 -39.84 -3.99
C PHE C 55 -13.04 -41.30 -3.65
N PRO C 56 -12.31 -41.98 -4.56
CA PRO C 56 -12.07 -43.42 -4.45
C PRO C 56 -11.42 -43.90 -3.17
N THR C 57 -10.59 -43.09 -2.51
CA THR C 57 -9.95 -43.61 -1.30
C THR C 57 -10.49 -43.09 0.03
N ARG C 58 -11.66 -42.46 0.03
CA ARG C 58 -12.26 -42.03 1.29
C ARG C 58 -13.78 -42.09 1.20
N ALA C 59 -14.45 -41.48 2.16
CA ALA C 59 -15.93 -41.42 2.23
C ALA C 59 -16.58 -42.76 2.63
N HIS C 60 -15.82 -43.65 3.28
CA HIS C 60 -16.37 -44.94 3.76
C HIS C 60 -15.72 -45.43 5.03
N ASN C 61 -15.87 -44.67 6.12
CA ASN C 61 -15.38 -45.14 7.41
C ASN C 61 -15.96 -46.52 7.77
N GLU C 62 -17.19 -46.81 7.34
CA GLU C 62 -17.84 -48.11 7.64
C GLU C 62 -17.07 -49.31 7.07
N TRP C 63 -16.28 -49.07 6.01
CA TRP C 63 -15.39 -50.12 5.47
C TRP C 63 -14.08 -50.17 6.21
N ILE C 64 -13.36 -49.05 6.22
CA ILE C 64 -11.95 -49.04 6.60
C ILE C 64 -11.74 -49.28 8.10
N THR C 65 -12.66 -48.78 8.94
CA THR C 65 -12.61 -49.06 10.39
C THR C 65 -12.60 -50.55 10.73
N LEU C 66 -13.02 -51.39 9.78
CA LEU C 66 -12.97 -52.85 9.93
C LEU C 66 -11.71 -53.49 9.34
N HIS C 67 -10.91 -52.69 8.63
CA HIS C 67 -9.68 -53.19 7.99
C HIS C 67 -8.56 -52.15 8.16
N MET C 68 -8.31 -51.75 9.39
CA MET C 68 -7.41 -50.63 9.65
C MET C 68 -5.96 -50.82 9.22
N ASP C 69 -5.55 -52.05 8.98
CA ASP C 69 -4.22 -52.27 8.41
C ASP C 69 -4.19 -51.97 6.91
N GLU C 70 -5.34 -51.55 6.37
CA GLU C 70 -5.44 -51.23 4.95
C GLU C 70 -5.44 -49.72 4.65
N THR C 71 -5.21 -48.88 5.66
CA THR C 71 -5.02 -47.44 5.37
C THR C 71 -3.69 -47.25 4.60
N PRO C 72 -3.52 -46.12 3.89
CA PRO C 72 -2.19 -45.88 3.27
C PRO C 72 -1.19 -45.62 4.37
N GLN C 73 0.08 -45.75 4.04
CA GLN C 73 1.13 -45.61 5.01
C GLN C 73 2.29 -44.78 4.45
N VAL C 74 3.16 -44.36 5.34
CA VAL C 74 4.25 -43.44 5.00
C VAL C 74 5.43 -43.72 5.94
N TYR C 75 6.65 -43.67 5.42
CA TYR C 75 7.84 -43.65 6.25
C TYR C 75 8.04 -42.28 6.85
N LEU C 76 8.15 -42.23 8.18
CA LEU C 76 8.41 -40.98 8.90
C LEU C 76 9.75 -40.97 9.59
N LEU C 77 10.34 -39.79 9.63
CA LEU C 77 11.64 -39.64 10.24
C LEU C 77 11.48 -38.82 11.52
N THR C 78 11.95 -39.35 12.62
CA THR C 78 11.80 -38.66 13.90
C THR C 78 12.73 -37.43 13.96
N ASP C 79 12.55 -36.60 14.99
CA ASP C 79 13.58 -35.62 15.32
C ASP C 79 14.88 -36.32 15.60
N ARG C 80 15.97 -35.55 15.50
CA ARG C 80 17.29 -36.01 15.85
C ARG C 80 17.42 -35.95 17.35
N ILE C 81 17.74 -37.07 17.98
CA ILE C 81 17.90 -37.10 19.44
C ILE C 81 19.37 -37.25 19.76
N LEU C 82 19.88 -36.35 20.59
CA LEU C 82 21.27 -36.41 21.00
C LEU C 82 21.51 -37.45 22.11
N ALA C 83 22.34 -38.43 21.81
CA ALA C 83 22.73 -39.39 22.83
C ALA C 83 23.77 -38.71 23.72
N GLU C 84 23.66 -38.93 25.03
CA GLU C 84 24.67 -38.38 25.95
C GLU C 84 25.47 -39.48 26.67
N SER C 85 25.20 -40.73 26.30
CA SER C 85 25.91 -41.89 26.83
C SER C 85 25.74 -42.96 25.76
N ASP C 86 26.04 -44.21 26.10
CA ASP C 86 25.90 -45.32 25.14
C ASP C 86 24.47 -45.84 24.99
N THR C 87 23.48 -45.13 25.56
CA THR C 87 22.07 -45.42 25.34
C THR C 87 21.32 -44.15 24.95
N VAL C 88 20.21 -44.29 24.22
CA VAL C 88 19.36 -43.14 23.85
C VAL C 88 17.96 -43.63 23.56
N ASP C 89 16.97 -42.84 23.98
CA ASP C 89 15.58 -43.09 23.71
C ASP C 89 15.02 -42.14 22.66
N ILE C 90 14.31 -42.68 21.68
CA ILE C 90 13.75 -41.87 20.58
C ILE C 90 12.24 -41.93 20.55
N PRO C 91 11.55 -40.80 20.87
CA PRO C 91 10.11 -40.74 20.69
C PRO C 91 9.79 -40.73 19.21
N LEU C 92 8.79 -41.51 18.84
CA LEU C 92 8.39 -41.60 17.45
C LEU C 92 7.47 -40.46 17.02
N MET C 93 6.59 -40.04 17.93
CA MET C 93 5.44 -39.23 17.51
C MET C 93 5.44 -37.77 17.96
N GLU C 94 6.43 -37.37 18.74
CA GLU C 94 6.43 -36.02 19.34
C GLU C 94 6.36 -34.88 18.32
N SER C 95 6.79 -35.15 17.08
CA SER C 95 6.89 -34.08 16.09
C SER C 95 5.84 -34.19 15.01
N PHE C 96 4.93 -35.14 15.15
CA PHE C 96 3.84 -35.37 14.17
C PHE C 96 2.43 -35.18 14.75
N PHE C 97 1.48 -34.94 13.87
CA PHE C 97 0.09 -34.72 14.24
C PHE C 97 -0.52 -36.10 14.50
N ALA C 98 -0.79 -36.40 15.77
CA ALA C 98 -1.27 -37.74 16.15
C ALA C 98 -2.68 -38.04 15.68
N GLU C 99 -3.42 -37.00 15.26
CA GLU C 99 -4.74 -37.20 14.65
C GLU C 99 -4.65 -37.70 13.22
N GLN C 100 -3.46 -37.51 12.61
CA GLN C 100 -3.27 -37.90 11.22
C GLN C 100 -2.49 -39.19 11.05
N LEU C 101 -1.57 -39.44 11.99
CA LEU C 101 -0.53 -40.46 11.85
C LEU C 101 -0.34 -41.32 13.11
N LYS C 102 -0.16 -42.63 12.91
CA LYS C 102 0.01 -43.58 14.00
C LYS C 102 1.15 -44.54 13.65
N PRO C 103 2.11 -44.79 14.55
CA PRO C 103 3.11 -45.79 14.18
C PRO C 103 2.46 -47.17 13.87
N ASN C 104 2.99 -47.87 12.86
CA ASN C 104 2.49 -49.19 12.48
C ASN C 104 3.21 -50.21 13.35
N ARG C 105 2.48 -50.80 14.29
CA ARG C 105 3.01 -51.80 15.19
C ARG C 105 2.73 -53.24 14.76
N ASP C 106 1.98 -53.39 13.68
CA ASP C 106 1.61 -54.68 13.11
C ASP C 106 2.74 -55.32 12.30
N ALA C 107 3.46 -54.49 11.54
CA ALA C 107 4.49 -54.97 10.64
C ALA C 107 5.84 -54.94 11.35
N ASP C 108 6.51 -56.10 11.44
CA ASP C 108 7.74 -56.27 12.18
C ASP C 108 8.67 -55.03 12.09
N PRO C 109 8.72 -54.20 13.14
CA PRO C 109 9.63 -53.03 13.12
C PRO C 109 11.11 -53.34 12.78
N HIS C 110 11.62 -54.50 13.21
CA HIS C 110 13.00 -54.84 12.86
C HIS C 110 13.18 -55.18 11.38
N LYS C 111 12.10 -55.57 10.70
CA LYS C 111 12.16 -55.81 9.25
C LYS C 111 11.99 -54.49 8.47
N TYR C 112 11.09 -53.62 8.96
CA TYR C 112 10.60 -52.50 8.15
C TYR C 112 11.10 -51.10 8.56
N TRP C 113 11.79 -50.99 9.70
CA TRP C 113 12.29 -49.69 10.22
C TRP C 113 13.81 -49.64 10.27
N GLU C 114 14.36 -48.44 10.44
CA GLU C 114 15.82 -48.26 10.55
C GLU C 114 16.08 -47.21 11.61
N VAL C 115 17.03 -47.50 12.46
CA VAL C 115 17.56 -46.49 13.38
C VAL C 115 18.88 -46.12 12.79
N VAL C 116 19.12 -44.81 12.67
CA VAL C 116 20.32 -44.30 12.03
C VAL C 116 21.07 -43.37 12.98
N ASP C 117 22.36 -43.60 13.12
CA ASP C 117 23.30 -42.64 13.65
C ASP C 117 23.57 -41.60 12.56
N ARG C 118 22.91 -40.44 12.67
CA ARG C 118 23.03 -39.38 11.66
C ARG C 118 24.40 -38.71 11.67
N THR C 119 25.10 -38.77 12.81
CA THR C 119 26.44 -38.22 12.89
C THR C 119 27.45 -38.98 12.01
N THR C 120 27.23 -40.30 11.84
CA THR C 120 28.09 -41.14 10.98
C THR C 120 27.39 -41.64 9.72
N GLY C 121 26.06 -41.58 9.67
CA GLY C 121 25.31 -42.14 8.55
C GLY C 121 25.06 -43.64 8.67
N GLU C 122 25.64 -44.28 9.68
CA GLU C 122 25.51 -45.74 9.84
C GLU C 122 24.18 -46.18 10.42
N VAL C 123 23.68 -47.28 9.88
CA VAL C 123 22.46 -47.91 10.37
C VAL C 123 22.82 -48.70 11.62
N VAL C 124 22.11 -48.43 12.70
CA VAL C 124 22.30 -49.13 13.96
C VAL C 124 21.77 -50.57 13.86
N ASP C 125 22.60 -51.55 14.22
CA ASP C 125 22.18 -52.96 14.22
C ASP C 125 20.81 -53.14 14.90
N SER C 126 19.89 -53.82 14.24
CA SER C 126 18.56 -53.99 14.84
C SER C 126 18.52 -54.76 16.18
N ALA C 127 19.64 -55.40 16.54
CA ALA C 127 19.78 -56.13 17.80
C ALA C 127 20.00 -55.13 18.93
N ASN C 128 20.40 -53.92 18.57
CA ASN C 128 20.71 -52.92 19.56
C ASN C 128 19.55 -51.95 19.82
N TRP C 129 18.36 -52.25 19.29
CA TRP C 129 17.18 -51.45 19.64
C TRP C 129 15.90 -52.22 19.78
N THR C 130 14.99 -51.68 20.59
CA THR C 130 13.70 -52.29 20.77
C THR C 130 12.67 -51.21 20.79
N LEU C 131 11.52 -51.51 20.21
CA LEU C 131 10.37 -50.65 20.35
C LEU C 131 9.73 -50.92 21.71
N ASP C 132 9.47 -49.85 22.48
CA ASP C 132 8.70 -49.99 23.71
C ASP C 132 7.29 -50.57 23.47
N ALA C 133 6.94 -51.58 24.26
CA ALA C 133 5.60 -52.19 24.22
C ALA C 133 4.47 -51.20 24.47
N ASP C 134 4.74 -50.19 25.30
CA ASP C 134 3.66 -49.40 25.91
C ASP C 134 3.56 -47.97 25.43
N GLU C 135 4.67 -47.46 24.92
CA GLU C 135 4.63 -46.14 24.34
C GLU C 135 5.42 -46.10 23.05
N ASP C 136 5.20 -45.01 22.31
CA ASP C 136 5.83 -44.83 21.01
C ASP C 136 7.28 -44.35 21.18
N THR C 137 8.13 -45.24 21.66
CA THR C 137 9.52 -44.89 21.93
C THR C 137 10.42 -46.07 21.58
N VAL C 138 11.54 -45.78 20.94
CA VAL C 138 12.55 -46.77 20.62
C VAL C 138 13.74 -46.60 21.57
N HIS C 139 14.11 -47.70 22.23
CA HIS C 139 15.26 -47.70 23.13
C HIS C 139 16.46 -48.25 22.38
N VAL C 140 17.55 -47.49 22.36
CA VAL C 140 18.73 -47.90 21.60
C VAL C 140 19.87 -48.07 22.59
N SER C 141 20.69 -49.12 22.42
CA SER C 141 21.86 -49.29 23.27
C SER C 141 23.10 -49.56 22.45
N GLY C 142 24.26 -49.49 23.09
CA GLY C 142 25.52 -49.75 22.43
C GLY C 142 25.90 -48.63 21.47
N VAL C 143 25.33 -47.46 21.64
CA VAL C 143 25.59 -46.31 20.75
C VAL C 143 26.73 -45.42 21.19
N ALA C 144 27.08 -44.48 20.31
CA ALA C 144 28.15 -43.52 20.62
C ALA C 144 27.54 -42.27 21.23
N ALA C 145 28.07 -41.88 22.40
CA ALA C 145 27.65 -40.65 23.04
C ALA C 145 27.99 -39.46 22.10
N TRP C 146 27.14 -38.43 22.12
CA TRP C 146 27.36 -37.16 21.39
C TRP C 146 27.11 -37.25 19.88
N HIS C 147 26.48 -38.36 19.44
CA HIS C 147 25.96 -38.47 18.08
C HIS C 147 24.46 -38.22 18.14
N GLU C 148 23.87 -37.89 16.99
CA GLU C 148 22.45 -37.67 16.87
C GLU C 148 21.86 -38.92 16.23
N TYR C 149 20.72 -39.37 16.77
CA TYR C 149 20.08 -40.61 16.29
C TYR C 149 18.64 -40.33 15.86
N THR C 150 18.15 -41.06 14.85
CA THR C 150 16.76 -40.94 14.43
C THR C 150 16.16 -42.33 14.16
N VAL C 151 14.84 -42.41 14.18
CA VAL C 151 14.16 -43.62 13.68
C VAL C 151 13.37 -43.31 12.43
N SER C 152 13.43 -44.20 11.44
CA SER C 152 12.57 -44.10 10.29
C SER C 152 11.58 -45.25 10.43
N PHE C 153 10.30 -44.93 10.57
CA PHE C 153 9.28 -45.96 10.90
C PHE C 153 8.08 -45.84 9.98
N LEU C 154 7.35 -46.95 9.79
CA LEU C 154 6.10 -46.93 9.05
C LEU C 154 4.99 -46.41 9.94
N ALA C 155 4.18 -45.53 9.37
CA ALA C 155 3.05 -44.94 10.07
C ALA C 155 1.84 -45.14 9.16
N TYR C 156 0.74 -45.63 9.74
CA TYR C 156 -0.58 -45.58 9.12
C TYR C 156 -1.06 -44.12 9.07
N ILE C 157 -1.72 -43.77 7.97
CA ILE C 157 -2.31 -42.45 7.74
C ILE C 157 -3.79 -42.62 8.03
N ILE C 158 -4.20 -42.10 9.18
CA ILE C 158 -5.55 -42.42 9.72
C ILE C 158 -6.55 -41.28 9.47
N TRP C 159 -6.08 -40.20 8.84
CA TRP C 159 -6.96 -39.12 8.44
C TRP C 159 -6.54 -38.69 7.05
N ASP C 160 -7.48 -38.72 6.11
CA ASP C 160 -7.18 -38.34 4.74
C ASP C 160 -6.52 -36.94 4.72
N PRO C 161 -5.29 -36.81 4.18
CA PRO C 161 -4.62 -35.51 4.32
C PRO C 161 -5.45 -34.34 3.80
N VAL C 162 -6.08 -34.46 2.63
CA VAL C 162 -6.85 -33.34 2.08
C VAL C 162 -8.11 -33.01 2.94
N GLU C 163 -8.87 -34.04 3.32
CA GLU C 163 -10.05 -33.81 4.19
C GLU C 163 -9.62 -33.19 5.53
N MET C 164 -8.46 -33.61 6.02
CA MET C 164 -7.90 -33.04 7.24
C MET C 164 -7.57 -31.58 7.01
N TYR C 165 -6.86 -31.30 5.93
CA TYR C 165 -6.58 -29.90 5.54
C TYR C 165 -7.85 -29.03 5.52
N ASN C 166 -8.89 -29.52 4.86
CA ASN C 166 -10.16 -28.77 4.78
C ASN C 166 -10.87 -28.59 6.14
N HIS C 167 -10.83 -29.63 6.97
CA HIS C 167 -11.37 -29.57 8.34
C HIS C 167 -10.67 -28.48 9.17
N LEU C 168 -9.34 -28.49 9.15
CA LEU C 168 -8.55 -27.54 9.93
C LEU C 168 -8.70 -26.11 9.40
N THR C 169 -8.68 -25.95 8.08
CA THR C 169 -8.81 -24.64 7.42
C THR C 169 -10.21 -24.03 7.64
N ASN C 170 -11.23 -24.87 7.64
CA ASN C 170 -12.59 -24.38 7.78
C ASN C 170 -13.21 -24.55 9.17
N ASP C 171 -12.37 -24.90 10.14
CA ASP C 171 -12.76 -25.08 11.55
C ASP C 171 -14.02 -25.96 11.69
N TRP C 172 -13.90 -27.20 11.22
CA TRP C 172 -15.01 -28.13 11.24
C TRP C 172 -15.24 -28.72 12.65
N GLY C 173 -14.38 -28.34 13.60
CA GLY C 173 -14.54 -28.69 15.01
C GLY C 173 -14.58 -30.18 15.32
N ASP C 174 -15.70 -30.64 15.87
CA ASP C 174 -15.84 -32.03 16.31
C ASP C 174 -16.27 -33.02 15.22
N LYS C 175 -16.48 -32.54 13.99
CA LYS C 175 -16.95 -33.39 12.88
C LYS C 175 -16.01 -34.60 12.68
N GLU C 176 -16.59 -35.76 12.32
CA GLU C 176 -15.84 -37.02 12.22
C GLU C 176 -14.76 -36.92 11.14
N HIS C 177 -13.59 -37.50 11.44
CA HIS C 177 -12.46 -37.49 10.52
C HIS C 177 -12.60 -38.65 9.53
N GLU C 178 -12.50 -38.35 8.24
CA GLU C 178 -12.51 -39.39 7.22
C GLU C 178 -11.19 -40.15 7.16
N ILE C 179 -11.29 -41.48 7.20
CA ILE C 179 -10.11 -42.34 7.20
C ILE C 179 -9.84 -42.80 5.77
N PRO C 180 -8.60 -42.58 5.28
CA PRO C 180 -8.33 -43.00 3.91
C PRO C 180 -8.02 -44.50 3.81
N PHE C 181 -8.17 -45.05 2.61
CA PHE C 181 -7.83 -46.47 2.39
C PHE C 181 -7.02 -46.70 1.12
N ASP C 182 -6.26 -47.79 1.11
CA ASP C 182 -5.26 -48.06 0.09
C ASP C 182 -5.67 -49.26 -0.75
N ILE C 183 -5.97 -49.02 -2.01
CA ILE C 183 -6.40 -50.12 -2.90
C ILE C 183 -5.27 -51.08 -3.26
N TYR C 184 -4.07 -50.88 -2.70
CA TYR C 184 -3.02 -51.88 -2.93
C TYR C 184 -3.41 -53.24 -2.32
N HIS C 185 -4.19 -53.18 -1.25
CA HIS C 185 -4.64 -54.38 -0.56
C HIS C 185 -5.90 -54.91 -1.25
N PRO C 186 -5.94 -56.22 -1.53
CA PRO C 186 -7.03 -56.70 -2.38
C PRO C 186 -8.43 -56.54 -1.80
N ALA C 187 -8.58 -56.61 -0.48
CA ALA C 187 -9.92 -56.46 0.14
C ALA C 187 -10.48 -55.06 -0.14
N THR C 188 -9.68 -54.05 0.20
CA THR C 188 -10.02 -52.64 -0.07
C THR C 188 -10.27 -52.41 -1.55
N ARG C 189 -9.41 -52.96 -2.41
CA ARG C 189 -9.57 -52.76 -3.83
C ARG C 189 -10.91 -53.29 -4.31
N LYS C 190 -11.27 -54.50 -3.87
CA LYS C 190 -12.57 -55.09 -4.22
C LYS C 190 -13.71 -54.21 -3.71
N PHE C 191 -13.62 -53.74 -2.46
CA PHE C 191 -14.62 -52.83 -1.92
C PHE C 191 -14.81 -51.56 -2.76
N VAL C 192 -13.69 -50.99 -3.19
CA VAL C 192 -13.69 -49.73 -3.91
C VAL C 192 -14.35 -49.90 -5.28
N PHE C 193 -13.97 -50.94 -6.00
CA PHE C 193 -14.56 -51.20 -7.32
C PHE C 193 -16.04 -51.64 -7.24
N ASP C 194 -16.35 -52.49 -6.27
CA ASP C 194 -17.74 -52.90 -6.02
C ASP C 194 -18.63 -51.69 -5.71
N THR C 195 -18.12 -50.81 -4.88
CA THR C 195 -18.86 -49.62 -4.47
C THR C 195 -19.06 -48.68 -5.63
N PHE C 196 -18.01 -48.51 -6.45
CA PHE C 196 -18.13 -47.64 -7.60
C PHE C 196 -19.15 -48.20 -8.59
N GLU C 197 -19.11 -49.52 -8.79
CA GLU C 197 -20.05 -50.20 -9.66
C GLU C 197 -21.48 -49.88 -9.26
N GLN C 198 -21.76 -49.99 -7.97
CA GLN C 198 -23.09 -49.65 -7.43
C GLN C 198 -23.41 -48.17 -7.56
N TRP C 199 -22.47 -47.31 -7.16
CA TRP C 199 -22.63 -45.87 -7.30
C TRP C 199 -23.05 -45.48 -8.71
N LEU C 200 -22.39 -46.06 -9.72
CA LEU C 200 -22.71 -45.76 -11.10
C LEU C 200 -24.15 -46.07 -11.44
N LYS C 201 -24.65 -47.23 -10.99
CA LYS C 201 -26.06 -47.61 -11.16
C LYS C 201 -27.00 -46.66 -10.45
N ASP C 202 -26.61 -46.18 -9.28
CA ASP C 202 -27.46 -45.28 -8.50
C ASP C 202 -27.33 -43.82 -8.90
N SER C 203 -26.52 -43.53 -9.92
CA SER C 203 -26.38 -42.13 -10.40
C SER C 203 -26.69 -41.93 -11.88
N PRO C 204 -27.89 -42.36 -12.35
CA PRO C 204 -28.17 -42.22 -13.78
C PRO C 204 -28.09 -40.77 -14.30
N GLN C 205 -28.26 -39.80 -13.41
CA GLN C 205 -28.24 -38.38 -13.77
C GLN C 205 -26.82 -37.79 -14.00
N THR C 206 -25.79 -38.44 -13.46
CA THR C 206 -24.39 -38.00 -13.63
C THR C 206 -23.90 -38.27 -15.05
N ASP C 207 -23.34 -37.23 -15.71
CA ASP C 207 -22.74 -37.39 -17.03
C ASP C 207 -21.20 -37.48 -17.02
N VAL C 208 -20.58 -36.78 -16.07
CA VAL C 208 -19.14 -36.75 -15.94
C VAL C 208 -18.77 -37.13 -14.53
N VAL C 209 -17.95 -38.16 -14.37
CA VAL C 209 -17.42 -38.50 -13.04
C VAL C 209 -16.12 -37.72 -12.84
N ARG C 210 -16.12 -36.81 -11.88
CA ARG C 210 -14.94 -36.01 -11.57
C ARG C 210 -14.09 -36.60 -10.44
N PHE C 211 -13.23 -37.53 -10.81
CA PHE C 211 -12.36 -38.21 -9.87
C PHE C 211 -11.44 -37.18 -9.20
N THR C 212 -11.62 -37.01 -7.90
CA THR C 212 -10.95 -35.99 -7.11
C THR C 212 -10.20 -36.58 -5.88
N THR C 213 -9.15 -37.37 -6.08
CA THR C 213 -8.64 -37.76 -7.41
C THR C 213 -8.66 -39.28 -7.58
N PHE C 214 -7.53 -39.98 -7.42
CA PHE C 214 -7.50 -41.43 -7.56
C PHE C 214 -6.98 -42.07 -6.27
N PHE C 215 -5.77 -42.66 -6.30
CA PHE C 215 -5.37 -43.62 -5.26
C PHE C 215 -4.33 -43.19 -4.23
N TYR C 216 -3.44 -42.26 -4.62
CA TYR C 216 -2.33 -41.84 -3.75
C TYR C 216 -2.21 -40.35 -3.66
N GLN C 217 -2.33 -39.87 -2.43
CA GLN C 217 -2.25 -38.46 -2.08
C GLN C 217 -0.81 -37.89 -2.13
N PHE C 218 -0.62 -36.69 -2.72
CA PHE C 218 0.71 -36.10 -2.71
C PHE C 218 1.18 -35.87 -1.26
N THR C 219 2.49 -35.92 -1.02
CA THR C 219 3.03 -35.78 0.35
C THR C 219 2.47 -34.56 1.07
N LEU C 220 1.76 -34.81 2.18
CA LEU C 220 1.11 -33.78 2.96
C LEU C 220 1.01 -34.23 4.41
N LEU C 221 2.02 -33.87 5.20
CA LEU C 221 2.19 -34.38 6.57
C LEU C 221 2.15 -33.20 7.53
N PHE C 222 1.36 -33.33 8.59
CA PHE C 222 1.26 -32.30 9.64
C PHE C 222 2.06 -32.61 10.92
N ASP C 223 2.34 -31.55 11.69
CA ASP C 223 3.15 -31.66 12.89
C ASP C 223 2.24 -31.68 14.14
N GLU C 224 2.84 -31.75 15.32
CA GLU C 224 2.08 -31.87 16.57
C GLU C 224 1.32 -30.59 16.91
N LYS C 225 1.68 -29.46 16.26
CA LYS C 225 0.93 -28.21 16.44
C LYS C 225 -0.18 -27.96 15.45
N ARG C 226 -0.54 -29.03 14.73
CA ARG C 226 -1.55 -29.05 13.67
C ARG C 226 -1.21 -28.12 12.51
N ARG C 227 0.09 -27.91 12.27
CA ARG C 227 0.59 -27.13 11.12
C ARG C 227 1.09 -28.09 10.02
N GLU C 228 1.18 -27.62 8.78
CA GLU C 228 1.87 -28.43 7.79
C GLU C 228 3.34 -28.62 8.19
N LYS C 229 3.83 -29.85 8.07
CA LYS C 229 5.18 -30.16 8.45
C LYS C 229 6.01 -30.46 7.19
N VAL C 230 5.46 -31.27 6.29
CA VAL C 230 6.16 -31.66 5.05
C VAL C 230 5.16 -31.61 3.91
N VAL C 231 5.55 -31.01 2.79
CA VAL C 231 4.67 -31.00 1.63
C VAL C 231 5.49 -31.13 0.33
N ASP C 232 4.96 -31.88 -0.62
CA ASP C 232 5.54 -31.93 -1.96
C ASP C 232 4.44 -32.30 -2.94
N TRP C 233 4.07 -31.36 -3.81
CA TRP C 233 2.95 -31.62 -4.70
C TRP C 233 3.20 -32.82 -5.61
N PHE C 234 4.48 -33.20 -5.73
CA PHE C 234 4.86 -34.37 -6.54
C PHE C 234 5.22 -35.58 -5.68
N GLY C 235 5.11 -35.42 -4.37
CA GLY C 235 5.76 -36.36 -3.43
C GLY C 235 5.11 -37.74 -3.37
N CYS C 236 5.95 -38.77 -3.26
CA CYS C 236 5.54 -40.19 -3.15
C CYS C 236 5.60 -40.77 -1.76
N ALA C 237 5.63 -39.94 -0.71
CA ALA C 237 5.74 -40.48 0.64
C ALA C 237 4.57 -41.40 1.10
N CYS C 238 3.35 -41.01 0.74
CA CYS C 238 2.13 -41.63 1.30
C CYS C 238 1.67 -42.79 0.41
N THR C 239 2.60 -43.68 0.07
CA THR C 239 2.35 -44.68 -1.02
C THR C 239 2.90 -46.07 -0.69
N VAL C 240 3.41 -46.25 0.53
CA VAL C 240 4.07 -47.48 0.93
C VAL C 240 3.14 -48.37 1.75
N SER C 241 3.54 -49.64 1.87
CA SER C 241 2.97 -50.58 2.82
C SER C 241 3.97 -51.74 2.90
N PRO C 242 3.86 -52.56 3.95
CA PRO C 242 4.76 -53.71 4.01
C PRO C 242 4.66 -54.59 2.74
N ARG C 243 3.44 -54.81 2.25
CA ARG C 243 3.30 -55.66 1.08
C ARG C 243 3.85 -55.02 -0.20
N ALA C 244 3.62 -53.71 -0.38
CA ALA C 244 4.14 -53.08 -1.59
C ALA C 244 5.66 -53.05 -1.57
N LEU C 245 6.25 -52.79 -0.42
CA LEU C 245 7.72 -52.79 -0.29
C LEU C 245 8.30 -54.20 -0.57
N ASP C 246 7.65 -55.23 -0.03
CA ASP C 246 8.10 -56.61 -0.28
C ASP C 246 7.94 -57.02 -1.77
N ASP C 247 6.83 -56.61 -2.40
CA ASP C 247 6.58 -56.85 -3.80
C ASP C 247 7.60 -56.13 -4.66
N PHE C 248 7.93 -54.89 -4.28
CA PHE C 248 8.93 -54.13 -5.00
C PHE C 248 10.24 -54.93 -5.04
N GLU C 249 10.66 -55.43 -3.87
CA GLU C 249 11.92 -56.16 -3.77
C GLU C 249 11.96 -57.36 -4.73
N ALA C 250 10.85 -58.12 -4.79
CA ALA C 250 10.74 -59.27 -5.69
C ALA C 250 10.85 -58.86 -7.16
N LYS C 251 10.25 -57.73 -7.53
CA LYS C 251 10.19 -57.33 -8.92
C LYS C 251 11.47 -56.64 -9.42
N TYR C 252 12.11 -55.90 -8.54
CA TYR C 252 13.21 -55.04 -8.95
C TYR C 252 14.56 -55.66 -8.62
N GLY C 253 14.53 -56.66 -7.74
CA GLY C 253 15.74 -57.42 -7.37
C GLY C 253 16.60 -56.75 -6.32
N TYR C 254 16.05 -55.74 -5.63
CA TYR C 254 16.74 -55.20 -4.48
C TYR C 254 15.72 -54.64 -3.48
N ARG C 255 16.13 -54.52 -2.23
CA ARG C 255 15.25 -54.04 -1.18
C ARG C 255 15.46 -52.54 -0.93
N LEU C 256 14.38 -51.77 -0.94
CA LEU C 256 14.46 -50.33 -0.56
C LEU C 256 14.68 -50.20 0.95
N ARG C 257 15.60 -49.33 1.36
CA ARG C 257 15.71 -48.96 2.77
C ARG C 257 14.62 -47.93 3.10
N PRO C 258 14.20 -47.82 4.38
CA PRO C 258 13.37 -46.67 4.78
C PRO C 258 14.03 -45.34 4.35
N GLU C 259 15.37 -45.33 4.34
CA GLU C 259 16.13 -44.16 3.86
C GLU C 259 15.81 -43.74 2.41
N ASP C 260 15.40 -44.70 1.58
CA ASP C 260 15.11 -44.40 0.20
C ASP C 260 13.82 -43.60 0.08
N PHE C 261 13.11 -43.47 1.21
CA PHE C 261 11.92 -42.64 1.26
C PHE C 261 12.13 -41.40 2.14
N VAL C 262 12.66 -41.56 3.36
CA VAL C 262 12.86 -40.36 4.22
C VAL C 262 13.99 -39.48 3.71
N ASP C 263 14.95 -40.10 3.02
CA ASP C 263 15.96 -39.33 2.25
C ASP C 263 16.63 -38.31 3.16
N GLY C 264 17.06 -38.76 4.36
CA GLY C 264 17.80 -37.90 5.33
C GLY C 264 16.99 -36.75 5.90
N GLY C 265 15.68 -36.75 5.69
CA GLY C 265 14.82 -35.65 6.09
C GLY C 265 14.36 -34.78 4.94
N ALA C 266 14.86 -35.06 3.73
CA ALA C 266 14.41 -34.36 2.52
C ALA C 266 13.11 -34.92 1.94
N TYR C 267 12.75 -36.15 2.34
CA TYR C 267 11.58 -36.82 1.78
C TYR C 267 11.50 -36.80 0.24
N ASN C 268 12.63 -36.93 -0.45
CA ASN C 268 12.61 -37.03 -1.93
C ASN C 268 11.96 -35.85 -2.62
N SER C 269 12.06 -34.66 -2.01
CA SER C 269 11.68 -33.41 -2.69
C SER C 269 12.09 -33.43 -4.18
N ALA C 270 11.22 -32.96 -5.06
CA ALA C 270 11.47 -32.91 -6.51
C ALA C 270 12.69 -32.03 -6.86
N TRP C 271 13.15 -31.23 -5.89
CA TRP C 271 14.36 -30.42 -6.06
C TRP C 271 15.62 -31.27 -5.89
N ARG C 272 15.53 -32.40 -5.18
CA ARG C 272 16.70 -33.29 -5.05
C ARG C 272 17.02 -33.88 -6.43
N VAL C 273 18.32 -34.08 -6.71
CA VAL C 273 18.72 -34.73 -7.94
C VAL C 273 18.19 -36.19 -7.82
N PRO C 274 17.37 -36.64 -8.78
CA PRO C 274 16.64 -37.92 -8.57
C PRO C 274 17.59 -39.10 -8.51
N ARG C 275 17.31 -40.05 -7.64
CA ARG C 275 18.12 -41.23 -7.45
C ARG C 275 17.36 -42.38 -8.12
N LYS C 276 18.09 -43.44 -8.44
CA LYS C 276 17.49 -44.56 -9.12
C LYS C 276 16.33 -45.16 -8.32
N ALA C 277 16.50 -45.26 -7.00
CA ALA C 277 15.40 -45.76 -6.14
C ALA C 277 14.11 -44.95 -6.28
N GLN C 278 14.21 -43.63 -6.47
CA GLN C 278 13.00 -42.81 -6.61
C GLN C 278 12.33 -43.11 -7.92
N ARG C 279 13.14 -43.26 -8.97
CA ARG C 279 12.58 -43.53 -10.30
C ARG C 279 11.96 -44.93 -10.35
N ASP C 280 12.65 -45.90 -9.76
CA ASP C 280 12.11 -47.26 -9.68
C ASP C 280 10.76 -47.25 -8.94
N TRP C 281 10.68 -46.52 -7.83
CA TRP C 281 9.42 -46.42 -7.08
C TRP C 281 8.30 -45.80 -7.92
N ILE C 282 8.62 -44.71 -8.63
CA ILE C 282 7.67 -44.12 -9.56
C ILE C 282 7.15 -45.13 -10.58
N ASP C 283 8.06 -45.85 -11.24
CA ASP C 283 7.65 -46.85 -12.24
C ASP C 283 6.75 -47.92 -11.65
N PHE C 284 7.12 -48.39 -10.45
CA PHE C 284 6.39 -49.41 -9.71
C PHE C 284 4.99 -48.92 -9.42
N LEU C 285 4.90 -47.76 -8.79
CA LEU C 285 3.63 -47.22 -8.36
C LEU C 285 2.75 -46.89 -9.55
N SER C 286 3.36 -46.32 -10.59
CA SER C 286 2.65 -45.89 -11.78
C SER C 286 1.96 -47.06 -12.55
N GLY C 287 2.67 -48.17 -12.71
CA GLY C 287 2.10 -49.40 -13.30
C GLY C 287 0.80 -49.78 -12.58
N PHE C 288 0.84 -49.81 -11.25
CA PHE C 288 -0.32 -50.16 -10.42
C PHE C 288 -1.42 -49.11 -10.52
N VAL C 289 -1.07 -47.83 -10.27
CA VAL C 289 -2.07 -46.79 -10.36
C VAL C 289 -2.74 -46.79 -11.72
N ARG C 290 -1.97 -46.86 -12.81
CA ARG C 290 -2.52 -46.70 -14.13
C ARG C 290 -3.44 -47.86 -14.47
N GLU C 291 -3.01 -49.06 -14.12
CA GLU C 291 -3.88 -50.24 -14.30
C GLU C 291 -5.29 -49.97 -13.68
N ASN C 292 -5.32 -49.48 -12.46
CA ASN C 292 -6.57 -49.23 -11.75
C ASN C 292 -7.34 -47.97 -12.17
N VAL C 293 -6.62 -46.94 -12.62
CA VAL C 293 -7.30 -45.80 -13.22
C VAL C 293 -8.03 -46.21 -14.51
N LYS C 294 -7.37 -46.98 -15.37
CA LYS C 294 -7.98 -47.43 -16.60
C LYS C 294 -9.24 -48.26 -16.30
N GLN C 295 -9.21 -49.06 -15.22
CA GLN C 295 -10.43 -49.78 -14.83
C GLN C 295 -11.55 -48.80 -14.48
N LEU C 296 -11.26 -47.77 -13.68
CA LEU C 296 -12.31 -46.81 -13.31
C LEU C 296 -12.85 -46.11 -14.56
N ALA C 297 -11.98 -45.79 -15.52
CA ALA C 297 -12.39 -45.14 -16.76
C ALA C 297 -13.26 -46.05 -17.62
N ASP C 298 -12.81 -47.30 -17.77
CA ASP C 298 -13.59 -48.31 -18.51
C ASP C 298 -15.00 -48.49 -17.90
N MET C 299 -15.10 -48.61 -16.58
CA MET C 299 -16.39 -48.77 -15.87
C MET C 299 -17.29 -47.55 -16.05
N SER C 300 -16.70 -46.36 -15.97
CA SER C 300 -17.41 -45.12 -16.27
C SER C 300 -17.96 -45.16 -17.70
N HIS C 301 -17.10 -45.50 -18.65
CA HIS C 301 -17.51 -45.58 -20.04
C HIS C 301 -18.64 -46.60 -20.31
N ALA C 302 -18.54 -47.78 -19.72
CA ALA C 302 -19.58 -48.81 -19.91
C ALA C 302 -20.94 -48.34 -19.39
N ALA C 303 -20.92 -47.38 -18.47
CA ALA C 303 -22.14 -46.85 -17.87
C ALA C 303 -22.60 -45.59 -18.60
N GLY C 304 -21.93 -45.28 -19.71
CA GLY C 304 -22.24 -44.12 -20.53
C GLY C 304 -21.83 -42.78 -19.92
N LYS C 305 -20.77 -42.78 -19.12
CA LYS C 305 -20.30 -41.56 -18.47
C LYS C 305 -18.85 -41.25 -18.85
N GLU C 306 -18.48 -39.97 -18.77
CA GLU C 306 -17.10 -39.57 -18.99
C GLU C 306 -16.28 -39.67 -17.71
N ALA C 307 -14.98 -39.91 -17.86
CA ALA C 307 -14.04 -39.96 -16.74
C ALA C 307 -13.16 -38.71 -16.73
N MET C 308 -13.24 -37.92 -15.66
CA MET C 308 -12.44 -36.67 -15.52
C MET C 308 -11.54 -36.79 -14.29
N MET C 309 -10.28 -36.36 -14.43
CA MET C 309 -9.30 -36.45 -13.37
C MET C 309 -8.94 -35.05 -12.92
N PHE C 310 -9.00 -34.80 -11.61
CA PHE C 310 -8.49 -33.55 -11.07
C PHE C 310 -6.96 -33.65 -11.04
N LEU C 311 -6.28 -32.63 -11.57
CA LEU C 311 -4.82 -32.56 -11.53
C LEU C 311 -4.39 -32.06 -10.17
N GLY C 312 -4.33 -32.99 -9.22
CA GLY C 312 -3.93 -32.62 -7.87
C GLY C 312 -4.41 -33.66 -6.89
N ASP C 313 -4.28 -33.34 -5.61
CA ASP C 313 -4.68 -34.27 -4.52
C ASP C 313 -4.13 -35.68 -4.78
N GLN C 314 -4.99 -36.69 -4.91
CA GLN C 314 -4.52 -38.04 -5.09
C GLN C 314 -4.13 -38.36 -6.53
N TRP C 315 -3.17 -37.60 -7.08
CA TRP C 315 -2.77 -37.78 -8.47
C TRP C 315 -1.45 -38.54 -8.61
N ILE C 316 -0.85 -38.94 -7.49
CA ILE C 316 0.45 -39.64 -7.51
C ILE C 316 0.40 -40.94 -8.29
N GLY C 317 1.37 -41.14 -9.20
CA GLY C 317 1.47 -42.34 -10.03
C GLY C 317 0.69 -42.29 -11.35
N THR C 318 -0.03 -41.17 -11.60
CA THR C 318 -0.75 -41.05 -12.86
C THR C 318 0.19 -40.66 -13.97
N GLU C 319 1.08 -39.73 -13.65
CA GLU C 319 2.12 -39.27 -14.55
C GLU C 319 1.56 -38.82 -15.88
N PRO C 320 0.77 -37.72 -15.88
CA PRO C 320 0.10 -37.23 -17.09
C PRO C 320 1.07 -36.89 -18.24
N TYR C 321 2.34 -36.62 -17.93
CA TYR C 321 3.32 -36.28 -18.98
C TYR C 321 4.24 -37.44 -19.41
N LYS C 322 4.05 -38.63 -18.83
CA LYS C 322 4.86 -39.78 -19.27
C LYS C 322 4.11 -40.58 -20.35
N ASP C 323 4.87 -41.22 -21.23
CA ASP C 323 4.30 -42.01 -22.32
C ASP C 323 3.28 -43.00 -21.76
N GLY C 324 2.18 -43.20 -22.49
CA GLY C 324 1.19 -44.22 -22.10
C GLY C 324 -0.02 -43.66 -21.36
N PHE C 325 0.02 -42.36 -21.02
CA PHE C 325 -1.09 -41.74 -20.29
C PHE C 325 -2.37 -41.82 -21.13
N ASP C 326 -2.23 -41.67 -22.44
CA ASP C 326 -3.37 -41.74 -23.36
C ASP C 326 -4.09 -43.09 -23.25
N GLU C 327 -3.36 -44.16 -22.99
CA GLU C 327 -3.95 -45.51 -22.96
C GLU C 327 -4.96 -45.67 -21.84
N LEU C 328 -4.97 -44.74 -20.90
CA LEU C 328 -5.96 -44.77 -19.82
C LEU C 328 -7.39 -44.52 -20.31
N GLY C 329 -7.52 -43.81 -21.43
CA GLY C 329 -8.83 -43.43 -21.94
C GLY C 329 -9.58 -42.41 -21.08
N LEU C 330 -8.85 -41.62 -20.29
CA LEU C 330 -9.48 -40.53 -19.56
C LEU C 330 -10.03 -39.53 -20.53
N ASP C 331 -11.25 -39.05 -20.26
CA ASP C 331 -11.89 -38.07 -21.13
C ASP C 331 -11.28 -36.68 -20.95
N ALA C 332 -10.95 -36.34 -19.72
CA ALA C 332 -10.49 -34.98 -19.45
C ALA C 332 -9.63 -34.86 -18.20
N VAL C 333 -8.91 -33.74 -18.12
CA VAL C 333 -8.23 -33.33 -16.89
C VAL C 333 -8.74 -31.95 -16.55
N VAL C 334 -9.14 -31.76 -15.30
CA VAL C 334 -9.51 -30.45 -14.77
C VAL C 334 -8.46 -30.05 -13.73
N GLY C 335 -8.16 -28.76 -13.67
CA GLY C 335 -7.18 -28.34 -12.70
C GLY C 335 -7.43 -26.93 -12.20
N SER C 336 -6.68 -26.57 -11.15
CA SER C 336 -6.77 -25.24 -10.54
C SER C 336 -5.94 -24.24 -11.30
N ILE C 337 -6.59 -23.15 -11.67
CA ILE C 337 -5.90 -22.05 -12.37
C ILE C 337 -5.38 -21.08 -11.33
N GLY C 338 -4.07 -21.10 -11.09
CA GLY C 338 -3.48 -20.24 -10.07
C GLY C 338 -2.63 -19.12 -10.65
N ASP C 339 -2.18 -19.35 -11.89
CA ASP C 339 -1.31 -18.45 -12.64
C ASP C 339 -1.07 -19.05 -14.04
N GLY C 340 -0.15 -18.47 -14.79
CA GLY C 340 0.13 -18.97 -16.14
C GLY C 340 0.79 -20.35 -16.13
N THR C 341 1.76 -20.54 -15.22
CA THR C 341 2.50 -21.82 -15.13
C THR C 341 1.53 -23.00 -14.81
N THR C 342 0.65 -22.77 -13.85
CA THR C 342 -0.27 -23.83 -13.44
C THR C 342 -1.35 -24.05 -14.50
N THR C 343 -1.65 -23.00 -15.29
CA THR C 343 -2.55 -23.12 -16.44
C THR C 343 -1.92 -24.08 -17.46
N ARG C 344 -0.64 -23.88 -17.73
CA ARG C 344 0.10 -24.70 -18.72
C ARG C 344 0.27 -26.14 -18.26
N MET C 345 0.41 -26.34 -16.94
CA MET C 345 0.48 -27.70 -16.39
C MET C 345 -0.72 -28.50 -16.90
N ILE C 346 -1.89 -27.88 -16.91
CA ILE C 346 -3.12 -28.55 -17.40
C ILE C 346 -3.20 -28.60 -18.91
N ALA C 347 -2.97 -27.43 -19.54
CA ALA C 347 -3.22 -27.26 -20.96
C ALA C 347 -2.41 -28.16 -21.86
N ASP C 348 -1.19 -28.48 -21.45
CA ASP C 348 -0.25 -29.17 -22.34
C ASP C 348 -0.37 -30.70 -22.20
N ILE C 349 -1.25 -31.19 -21.34
CA ILE C 349 -1.32 -32.64 -21.11
C ILE C 349 -1.85 -33.33 -22.38
N PRO C 350 -1.09 -34.30 -22.94
CA PRO C 350 -1.62 -34.99 -24.12
C PRO C 350 -2.45 -36.22 -23.71
N GLY C 351 -3.13 -36.83 -24.67
CA GLY C 351 -3.82 -38.08 -24.37
C GLY C 351 -5.17 -38.01 -23.66
N VAL C 352 -5.74 -36.81 -23.49
CA VAL C 352 -7.15 -36.67 -23.09
C VAL C 352 -7.97 -36.00 -24.20
N LYS C 353 -9.29 -36.12 -24.13
CA LYS C 353 -10.16 -35.55 -25.16
C LYS C 353 -10.29 -34.03 -24.94
N TYR C 354 -10.33 -33.60 -23.68
CA TYR C 354 -10.46 -32.17 -23.38
C TYR C 354 -9.89 -31.76 -22.03
N THR C 355 -9.64 -30.46 -21.85
CA THR C 355 -9.13 -29.94 -20.60
C THR C 355 -10.02 -28.82 -20.03
N GLU C 356 -9.95 -28.63 -18.72
CA GLU C 356 -10.82 -27.68 -18.04
C GLU C 356 -10.06 -26.96 -16.93
N GLY C 357 -10.25 -25.65 -16.81
CA GLY C 357 -9.68 -24.91 -15.70
C GLY C 357 -10.76 -24.50 -14.73
N ARG C 358 -10.46 -24.61 -13.44
CA ARG C 358 -11.26 -24.03 -12.39
C ARG C 358 -10.58 -22.68 -12.05
N PHE C 359 -11.27 -21.60 -12.37
CA PHE C 359 -10.75 -20.24 -12.19
C PHE C 359 -11.08 -19.70 -10.81
N LEU C 360 -10.42 -18.59 -10.43
CA LEU C 360 -10.65 -17.87 -9.19
C LEU C 360 -11.37 -16.55 -9.47
N PRO C 361 -12.02 -15.96 -8.46
CA PRO C 361 -12.07 -16.41 -7.06
C PRO C 361 -12.99 -17.61 -6.85
N TYR C 362 -12.71 -18.36 -5.78
CA TYR C 362 -13.62 -19.37 -5.27
C TYR C 362 -14.78 -18.56 -4.68
N PHE C 363 -16.02 -18.98 -4.91
CA PHE C 363 -17.18 -18.17 -4.50
C PHE C 363 -17.36 -18.45 -3.00
N PHE C 364 -16.68 -17.67 -2.17
CA PHE C 364 -16.60 -17.95 -0.75
C PHE C 364 -16.63 -16.62 0.01
N PRO C 365 -17.04 -16.63 1.29
CA PRO C 365 -17.17 -15.36 2.06
C PRO C 365 -15.85 -14.60 2.29
N ASP C 366 -14.71 -15.29 2.19
CA ASP C 366 -13.41 -14.62 2.36
C ASP C 366 -13.09 -13.57 1.26
N THR C 367 -13.64 -13.76 0.07
CA THR C 367 -13.60 -12.72 -0.95
C THR C 367 -14.97 -12.10 -1.27
N PHE C 368 -16.04 -12.86 -1.16
CA PHE C 368 -17.37 -12.31 -1.43
C PHE C 368 -17.97 -11.71 -0.15
N TYR C 369 -17.46 -10.52 0.23
CA TYR C 369 -17.96 -9.80 1.40
C TYR C 369 -18.27 -8.32 1.09
N GLU C 370 -19.26 -7.77 1.79
CA GLU C 370 -19.66 -6.39 1.55
C GLU C 370 -18.46 -5.47 1.69
N GLY C 371 -18.20 -4.69 0.66
CA GLY C 371 -17.04 -3.80 0.70
C GLY C 371 -15.87 -4.25 -0.15
N ASN C 372 -15.91 -5.50 -0.63
CA ASN C 372 -14.87 -6.01 -1.50
C ASN C 372 -15.35 -6.03 -2.94
N ASP C 373 -14.43 -5.90 -3.90
CA ASP C 373 -14.80 -5.95 -5.33
C ASP C 373 -14.18 -7.21 -5.99
N PRO C 374 -14.94 -8.34 -6.01
CA PRO C 374 -14.35 -9.62 -6.46
C PRO C 374 -14.04 -9.65 -7.96
N SER C 375 -14.65 -8.75 -8.71
CA SER C 375 -14.37 -8.68 -10.15
C SER C 375 -12.87 -8.39 -10.44
N ILE C 376 -12.21 -7.65 -9.55
CA ILE C 376 -10.77 -7.38 -9.67
C ILE C 376 -9.96 -8.68 -9.73
N GLU C 377 -10.16 -9.52 -8.69
CA GLU C 377 -9.50 -10.84 -8.64
C GLU C 377 -9.93 -11.76 -9.80
N GLY C 378 -11.18 -11.66 -10.23
CA GLY C 378 -11.68 -12.47 -11.33
C GLY C 378 -10.95 -12.13 -12.62
N LEU C 379 -10.77 -10.83 -12.87
CA LEU C 379 -10.03 -10.41 -14.05
C LEU C 379 -8.55 -10.66 -13.88
N ASP C 380 -7.99 -10.48 -12.68
CA ASP C 380 -6.57 -10.82 -12.45
C ASP C 380 -6.30 -12.27 -12.88
N ASN C 381 -7.11 -13.20 -12.37
CA ASN C 381 -6.95 -14.64 -12.66
C ASN C 381 -7.13 -14.95 -14.13
N TRP C 382 -8.20 -14.44 -14.74
CA TRP C 382 -8.36 -14.55 -16.19
C TRP C 382 -7.16 -14.02 -16.98
N ARG C 383 -6.65 -12.82 -16.67
CA ARG C 383 -5.51 -12.30 -17.46
C ARG C 383 -4.29 -13.21 -17.36
N LYS C 384 -4.01 -13.73 -16.18
CA LYS C 384 -2.79 -14.56 -15.96
C LYS C 384 -2.87 -15.87 -16.74
N ALA C 385 -4.10 -16.37 -16.87
CA ALA C 385 -4.36 -17.61 -17.56
C ALA C 385 -4.48 -17.43 -19.06
N ARG C 386 -5.14 -16.36 -19.49
CA ARG C 386 -5.38 -16.08 -20.89
C ARG C 386 -4.08 -16.00 -21.68
N ARG C 387 -3.08 -15.35 -21.10
CA ARG C 387 -1.82 -15.20 -21.85
C ARG C 387 -1.17 -16.55 -22.10
N ALA C 388 -1.40 -17.51 -21.19
CA ALA C 388 -0.93 -18.88 -21.37
C ALA C 388 -1.84 -19.66 -22.34
N ILE C 389 -3.15 -19.45 -22.23
CA ILE C 389 -4.13 -20.19 -23.08
C ILE C 389 -3.93 -19.91 -24.58
N LEU C 390 -3.50 -18.69 -24.92
CA LEU C 390 -3.20 -18.39 -26.31
C LEU C 390 -2.07 -19.27 -26.86
N ARG C 391 -1.14 -19.64 -25.97
CA ARG C 391 -0.01 -20.51 -26.37
C ARG C 391 -0.39 -21.99 -26.33
N SER C 392 -1.38 -22.33 -25.52
CA SER C 392 -1.76 -23.76 -25.35
C SER C 392 -3.22 -23.76 -24.93
N PRO C 393 -4.15 -23.90 -25.90
CA PRO C 393 -5.59 -23.77 -25.60
C PRO C 393 -6.08 -24.74 -24.52
N ILE C 394 -7.02 -24.30 -23.68
CA ILE C 394 -7.71 -25.23 -22.78
C ILE C 394 -9.18 -25.24 -23.19
N SER C 395 -9.82 -26.40 -23.11
CA SER C 395 -11.14 -26.57 -23.69
C SER C 395 -12.25 -25.82 -22.96
N ARG C 396 -12.22 -25.81 -21.63
CA ARG C 396 -13.35 -25.33 -20.85
C ARG C 396 -12.91 -24.51 -19.64
N MET C 397 -13.83 -23.74 -19.09
CA MET C 397 -13.58 -23.00 -17.86
C MET C 397 -14.76 -23.22 -16.91
N GLY C 398 -14.68 -22.63 -15.72
CA GLY C 398 -15.75 -22.73 -14.74
C GLY C 398 -15.25 -22.29 -13.40
N TYR C 399 -16.15 -22.31 -12.41
CA TYR C 399 -15.87 -21.80 -11.08
C TYR C 399 -16.38 -22.79 -10.04
N GLY C 400 -15.94 -22.59 -8.79
CA GLY C 400 -16.41 -23.40 -7.67
C GLY C 400 -16.88 -22.51 -6.54
N GLY C 401 -17.66 -23.08 -5.61
CA GLY C 401 -18.10 -22.38 -4.41
C GLY C 401 -19.60 -22.22 -4.36
N TYR C 402 -20.06 -21.20 -3.61
CA TYR C 402 -21.49 -20.91 -3.46
C TYR C 402 -22.02 -19.93 -4.49
N LEU C 403 -22.84 -20.43 -5.41
CA LEU C 403 -23.45 -19.60 -6.43
C LEU C 403 -24.23 -18.43 -5.82
N SER C 404 -24.89 -18.68 -4.68
CA SER C 404 -25.69 -17.66 -3.98
C SER C 404 -24.84 -16.49 -3.48
N LEU C 405 -23.57 -16.74 -3.18
CA LEU C 405 -22.66 -15.69 -2.76
C LEU C 405 -22.27 -14.81 -3.95
N ALA C 406 -21.91 -15.45 -5.08
CA ALA C 406 -21.56 -14.74 -6.31
C ALA C 406 -22.73 -13.92 -6.85
N ALA C 407 -23.95 -14.47 -6.77
CA ALA C 407 -25.15 -13.82 -7.31
C ALA C 407 -25.46 -12.48 -6.66
N LYS C 408 -24.94 -12.26 -5.45
CA LYS C 408 -25.16 -11.02 -4.68
C LYS C 408 -24.24 -9.86 -5.10
N PHE C 409 -23.34 -10.12 -6.04
CA PHE C 409 -22.36 -9.12 -6.49
C PHE C 409 -22.55 -8.95 -7.96
N PRO C 410 -23.45 -8.02 -8.37
CA PRO C 410 -23.83 -7.98 -9.78
C PRO C 410 -22.66 -7.54 -10.71
N LYS C 411 -21.74 -6.72 -10.20
CA LYS C 411 -20.57 -6.41 -11.03
C LYS C 411 -19.74 -7.68 -11.30
N PHE C 412 -19.59 -8.52 -10.29
CA PHE C 412 -18.91 -9.78 -10.48
C PHE C 412 -19.64 -10.65 -11.50
N VAL C 413 -20.96 -10.72 -11.38
CA VAL C 413 -21.76 -11.49 -12.33
C VAL C 413 -21.52 -11.06 -13.79
N ASP C 414 -21.47 -9.75 -14.01
CA ASP C 414 -21.26 -9.22 -15.36
C ASP C 414 -19.82 -9.48 -15.80
N THR C 415 -18.90 -9.48 -14.84
CA THR C 415 -17.48 -9.74 -15.14
C THR C 415 -17.34 -11.19 -15.67
N VAL C 416 -17.97 -12.14 -15.00
CA VAL C 416 -17.99 -13.52 -15.49
C VAL C 416 -18.65 -13.64 -16.87
N THR C 417 -19.73 -12.91 -17.10
CA THR C 417 -20.34 -12.97 -18.44
C THR C 417 -19.30 -12.58 -19.48
N HIS C 418 -18.54 -11.53 -19.17
CA HIS C 418 -17.54 -11.06 -20.12
C HIS C 418 -16.42 -12.08 -20.31
N ILE C 419 -15.92 -12.66 -19.21
CA ILE C 419 -14.85 -13.69 -19.31
C ILE C 419 -15.32 -14.92 -20.11
N ALA C 420 -16.50 -15.42 -19.75
CA ALA C 420 -17.07 -16.54 -20.48
C ALA C 420 -17.19 -16.25 -21.97
N ASN C 421 -17.76 -15.10 -22.35
CA ASN C 421 -17.87 -14.80 -23.79
C ASN C 421 -16.52 -14.67 -24.49
N GLU C 422 -15.55 -14.07 -23.83
CA GLU C 422 -14.19 -13.98 -24.40
C GLU C 422 -13.51 -15.35 -24.54
N PHE C 423 -13.59 -16.16 -23.48
CA PHE C 423 -13.08 -17.54 -23.53
C PHE C 423 -13.60 -18.27 -24.78
N ARG C 424 -14.93 -18.25 -24.96
CA ARG C 424 -15.55 -18.86 -26.12
C ARG C 424 -15.16 -18.17 -27.42
N ASP C 425 -15.03 -16.84 -27.40
CA ASP C 425 -14.68 -16.12 -28.62
C ASP C 425 -13.29 -16.56 -29.12
N ILE C 426 -12.36 -16.81 -28.19
CA ILE C 426 -11.01 -17.28 -28.60
C ILE C 426 -11.14 -18.61 -29.36
N HIS C 427 -11.93 -19.54 -28.80
CA HIS C 427 -12.22 -20.78 -29.51
C HIS C 427 -12.94 -20.58 -30.82
N ASP C 428 -13.92 -19.68 -30.86
CA ASP C 428 -14.70 -19.50 -32.10
C ASP C 428 -13.83 -19.03 -33.26
N ARG C 429 -12.83 -18.20 -32.95
CA ARG C 429 -12.00 -17.57 -33.98
C ARG C 429 -10.84 -18.46 -34.40
N THR C 430 -10.42 -19.32 -33.50
CA THR C 430 -9.10 -19.88 -33.56
C THR C 430 -9.09 -21.43 -33.54
N GLY C 431 -10.20 -22.02 -33.11
CA GLY C 431 -10.43 -23.48 -33.24
C GLY C 431 -9.50 -24.36 -32.42
N GLY C 432 -9.02 -23.84 -31.29
CA GLY C 432 -8.16 -24.63 -30.39
C GLY C 432 -6.76 -24.86 -30.93
N VAL C 433 -6.36 -24.04 -31.89
CA VAL C 433 -5.02 -24.03 -32.46
C VAL C 433 -4.15 -23.10 -31.62
N ALA C 434 -2.94 -23.55 -31.29
CA ALA C 434 -2.02 -22.73 -30.52
C ALA C 434 -1.45 -21.64 -31.41
N ALA C 435 -1.18 -20.50 -30.81
CA ALA C 435 -0.51 -19.40 -31.51
C ALA C 435 0.88 -19.85 -31.99
N GLU C 436 1.31 -19.22 -33.08
CA GLU C 436 2.65 -19.42 -33.63
C GLU C 436 3.73 -19.05 -32.61
N GLY C 437 4.68 -19.95 -32.42
CA GLY C 437 5.82 -19.72 -31.53
C GLY C 437 7.00 -19.26 -32.36
N GLU C 438 7.66 -18.19 -31.92
CA GLU C 438 8.70 -17.54 -32.72
C GLU C 438 10.11 -18.11 -32.51
N LEU C 439 10.31 -18.86 -31.43
CA LEU C 439 11.56 -19.55 -31.17
C LEU C 439 11.17 -20.85 -30.52
N ASN C 440 12.09 -21.82 -30.55
CA ASN C 440 11.91 -23.09 -29.84
C ASN C 440 12.85 -23.14 -28.66
N VAL C 441 12.27 -23.21 -27.47
CA VAL C 441 13.02 -23.07 -26.22
C VAL C 441 12.85 -24.35 -25.46
N ALA C 442 13.98 -24.89 -24.97
CA ALA C 442 13.98 -26.10 -24.17
C ALA C 442 14.54 -25.86 -22.76
N ILE C 443 13.76 -26.22 -21.75
CA ILE C 443 14.22 -26.25 -20.38
C ILE C 443 14.88 -27.59 -20.08
N LEU C 444 16.14 -27.55 -19.63
CA LEU C 444 16.92 -28.77 -19.40
C LEU C 444 17.15 -28.98 -17.89
N ASN C 445 16.69 -30.12 -17.37
CA ASN C 445 16.90 -30.49 -15.96
C ASN C 445 16.86 -32.02 -15.85
N SER C 446 16.89 -32.56 -14.65
CA SER C 446 17.00 -34.01 -14.47
C SER C 446 15.69 -34.75 -14.80
N TRP C 447 14.57 -34.04 -14.65
CA TRP C 447 13.24 -34.65 -14.85
C TRP C 447 12.76 -34.64 -16.30
N GLY C 448 12.98 -33.52 -16.99
CA GLY C 448 12.49 -33.41 -18.37
C GLY C 448 10.98 -33.40 -18.52
N LYS C 449 10.51 -34.07 -19.57
CA LYS C 449 9.12 -33.93 -20.02
C LYS C 449 8.11 -34.36 -18.96
N MET C 450 8.47 -35.36 -18.14
CA MET C 450 7.54 -35.86 -17.12
C MET C 450 7.17 -34.79 -16.08
N ARG C 451 7.99 -33.75 -15.97
CA ARG C 451 7.68 -32.63 -15.08
C ARG C 451 7.53 -31.30 -15.88
N SER C 452 6.83 -31.41 -17.01
CA SER C 452 6.50 -30.26 -17.84
C SER C 452 5.74 -29.24 -17.00
N TRP C 453 6.27 -28.02 -16.96
CA TRP C 453 5.68 -26.87 -16.26
C TRP C 453 5.72 -27.04 -14.76
N MET C 454 6.45 -28.05 -14.30
CA MET C 454 6.39 -28.46 -12.89
C MET C 454 7.69 -28.20 -12.16
N ALA C 455 8.68 -27.67 -12.86
CA ALA C 455 9.97 -27.33 -12.25
C ALA C 455 9.80 -26.19 -11.26
N PHE C 456 10.53 -26.26 -10.15
CA PHE C 456 10.59 -25.25 -9.10
C PHE C 456 9.37 -25.22 -8.16
N THR C 457 8.35 -26.02 -8.41
CA THR C 457 7.21 -26.05 -7.52
C THR C 457 7.54 -26.89 -6.28
N VAL C 458 7.12 -26.43 -5.10
CA VAL C 458 7.12 -27.23 -3.87
C VAL C 458 5.64 -27.47 -3.56
N ALA C 459 4.95 -26.47 -3.00
CA ALA C 459 3.47 -26.50 -2.93
C ALA C 459 2.87 -25.83 -4.17
N HIS C 460 1.81 -26.43 -4.72
CA HIS C 460 1.13 -25.91 -5.94
C HIS C 460 0.74 -24.43 -5.84
N ALA C 461 1.17 -23.66 -6.85
CA ALA C 461 0.86 -22.22 -6.96
C ALA C 461 1.35 -21.35 -5.79
N LEU C 462 2.33 -21.82 -5.03
CA LEU C 462 2.79 -21.11 -3.85
C LEU C 462 4.31 -20.89 -3.86
N PRO C 463 4.81 -20.09 -4.82
CA PRO C 463 6.27 -19.84 -4.82
C PRO C 463 6.64 -19.02 -3.58
N ASN C 464 7.89 -19.11 -3.14
CA ASN C 464 8.30 -18.53 -1.86
C ASN C 464 9.70 -17.94 -2.03
N LYS C 465 10.31 -17.45 -0.93
CA LYS C 465 11.61 -16.77 -1.01
C LYS C 465 12.66 -17.63 -1.72
N GLN C 466 12.59 -18.94 -1.46
CA GLN C 466 13.61 -19.87 -1.96
C GLN C 466 13.45 -20.22 -3.44
N THR C 467 12.24 -20.02 -3.96
CA THR C 467 11.89 -20.57 -5.26
C THR C 467 11.54 -19.52 -6.30
N TYR C 468 11.04 -18.36 -5.87
CA TYR C 468 10.41 -17.43 -6.83
C TYR C 468 11.36 -16.93 -7.90
N SER C 469 12.66 -16.83 -7.58
CA SER C 469 13.69 -16.36 -8.55
C SER C 469 13.84 -17.30 -9.75
N TYR C 470 13.36 -18.54 -9.60
CA TYR C 470 13.44 -19.53 -10.65
C TYR C 470 12.09 -19.80 -11.20
N TYR C 471 11.06 -19.90 -10.35
CA TYR C 471 9.68 -20.07 -10.83
C TYR C 471 9.30 -18.98 -11.85
N GLY C 472 9.81 -17.77 -11.60
CA GLY C 472 9.60 -16.63 -12.51
C GLY C 472 9.98 -16.93 -13.96
N ILE C 473 10.97 -17.81 -14.14
CA ILE C 473 11.32 -18.24 -15.49
C ILE C 473 10.11 -18.92 -16.16
N LEU C 474 9.47 -19.84 -15.46
CA LEU C 474 8.35 -20.53 -16.07
C LEU C 474 7.18 -19.59 -16.22
N GLU C 475 6.92 -18.77 -15.20
CA GLU C 475 5.77 -17.85 -15.31
C GLU C 475 5.92 -16.91 -16.53
N SER C 476 7.13 -16.41 -16.77
CA SER C 476 7.42 -15.57 -17.94
C SER C 476 7.13 -16.36 -19.21
N LEU C 477 7.66 -17.58 -19.26
CA LEU C 477 7.55 -18.42 -20.45
C LEU C 477 6.14 -18.89 -20.72
N SER C 478 5.34 -19.04 -19.65
CA SER C 478 4.02 -19.68 -19.77
C SER C 478 3.10 -19.01 -20.80
N GLY C 479 3.17 -17.67 -20.91
CA GLY C 479 2.36 -16.94 -21.89
C GLY C 479 3.18 -16.24 -22.97
N MET C 480 4.47 -16.57 -23.07
CA MET C 480 5.38 -15.94 -24.05
C MET C 480 5.21 -16.53 -25.45
N ARG C 481 5.45 -15.71 -26.49
CA ARG C 481 5.25 -16.09 -27.89
C ARG C 481 6.34 -17.00 -28.44
N VAL C 482 6.76 -17.98 -27.63
CA VAL C 482 7.77 -18.99 -28.03
C VAL C 482 7.24 -20.41 -27.72
N ASN C 483 7.81 -21.43 -28.35
CA ASN C 483 7.45 -22.85 -28.10
C ASN C 483 8.38 -23.38 -27.02
N VAL C 484 7.78 -23.82 -25.90
CA VAL C 484 8.56 -24.27 -24.76
C VAL C 484 8.39 -25.77 -24.61
N ARG C 485 9.50 -26.49 -24.48
CA ARG C 485 9.46 -27.91 -24.15
C ARG C 485 10.42 -28.17 -23.00
N PHE C 486 10.30 -29.34 -22.38
CA PHE C 486 11.11 -29.73 -21.20
C PHE C 486 11.84 -31.01 -21.53
N ILE C 487 13.16 -31.02 -21.34
CA ILE C 487 13.99 -32.14 -21.77
C ILE C 487 14.94 -32.50 -20.64
N SER C 488 15.40 -33.76 -20.62
CA SER C 488 16.25 -34.23 -19.49
C SER C 488 17.70 -34.42 -19.94
N PHE C 489 18.61 -34.51 -18.99
CA PHE C 489 19.99 -34.90 -19.30
C PHE C 489 20.05 -36.25 -20.01
N ASP C 490 19.16 -37.18 -19.62
CA ASP C 490 19.14 -38.52 -20.25
C ASP C 490 18.82 -38.37 -21.73
N ASP C 491 17.86 -37.49 -22.05
CA ASP C 491 17.51 -37.22 -23.46
C ASP C 491 18.75 -36.76 -24.22
N VAL C 492 19.46 -35.82 -23.63
CA VAL C 492 20.57 -35.16 -24.32
C VAL C 492 21.76 -36.12 -24.54
N LEU C 493 22.02 -36.94 -23.52
CA LEU C 493 23.09 -37.93 -23.54
C LEU C 493 22.76 -39.08 -24.50
N ALA C 494 21.49 -39.45 -24.58
CA ALA C 494 21.08 -40.54 -25.48
C ALA C 494 20.97 -40.12 -26.94
N HIS C 495 20.45 -38.91 -27.21
CA HIS C 495 20.11 -38.51 -28.57
C HIS C 495 20.71 -37.19 -29.05
N GLY C 496 21.48 -36.52 -28.19
CA GLY C 496 21.95 -35.18 -28.52
C GLY C 496 20.82 -34.17 -28.41
N ILE C 497 21.10 -32.95 -28.88
CA ILE C 497 20.15 -31.84 -28.82
C ILE C 497 19.38 -31.78 -30.12
N ASP C 498 18.06 -31.90 -30.06
CA ASP C 498 17.23 -31.87 -31.25
C ASP C 498 17.53 -30.65 -32.11
N SER C 499 17.50 -30.84 -33.42
CA SER C 499 18.01 -29.84 -34.35
C SER C 499 17.10 -28.60 -34.48
N ASP C 500 15.88 -28.67 -33.94
CA ASP C 500 14.94 -27.55 -34.04
C ASP C 500 15.00 -26.57 -32.87
N ILE C 501 15.77 -26.91 -31.83
CA ILE C 501 15.83 -26.10 -30.62
C ILE C 501 16.69 -24.84 -30.89
N ASP C 502 16.19 -23.67 -30.52
CA ASP C 502 16.96 -22.44 -30.66
C ASP C 502 17.73 -22.14 -29.41
N VAL C 503 17.12 -22.41 -28.25
CA VAL C 503 17.68 -21.98 -26.97
C VAL C 503 17.46 -23.06 -25.92
N ILE C 504 18.52 -23.38 -25.17
CA ILE C 504 18.40 -24.19 -23.94
C ILE C 504 18.56 -23.30 -22.72
N ILE C 505 17.67 -23.51 -21.74
CA ILE C 505 17.75 -22.83 -20.44
C ILE C 505 18.07 -23.87 -19.36
N ASN C 506 19.07 -23.57 -18.54
CA ASN C 506 19.40 -24.38 -17.38
C ASN C 506 19.38 -23.43 -16.20
N GLY C 507 18.53 -23.70 -15.20
CA GLY C 507 18.40 -22.76 -14.07
C GLY C 507 18.14 -23.43 -12.73
N GLY C 508 18.64 -22.82 -11.66
CA GLY C 508 18.41 -23.33 -10.32
C GLY C 508 19.67 -23.18 -9.49
N PRO C 509 19.61 -23.57 -8.20
CA PRO C 509 20.76 -23.62 -7.32
C PRO C 509 21.56 -24.89 -7.58
N VAL C 510 22.79 -24.87 -7.09
CA VAL C 510 23.69 -26.02 -7.17
C VAL C 510 23.05 -27.27 -6.49
N ASP C 511 23.34 -28.46 -7.03
CA ASP C 511 22.96 -29.71 -6.38
C ASP C 511 21.43 -29.88 -6.30
N THR C 512 20.71 -29.45 -7.32
CA THR C 512 19.29 -29.70 -7.40
C THR C 512 19.00 -30.39 -8.71
N ALA C 513 17.82 -31.01 -8.80
CA ALA C 513 17.34 -31.56 -10.06
C ALA C 513 17.32 -30.53 -11.19
N PHE C 514 17.22 -29.25 -10.83
CA PHE C 514 16.99 -28.21 -11.83
C PHE C 514 18.26 -27.74 -12.51
N THR C 515 19.38 -27.73 -11.78
CA THR C 515 20.67 -27.50 -12.42
C THR C 515 21.21 -28.83 -12.92
N GLY C 516 21.19 -29.85 -12.05
CA GLY C 516 21.46 -31.24 -12.49
C GLY C 516 22.47 -32.01 -11.66
N GLY C 517 23.34 -31.30 -10.95
CA GLY C 517 24.27 -31.93 -10.00
C GLY C 517 25.47 -32.47 -10.75
N ASP C 518 25.98 -33.62 -10.31
CA ASP C 518 27.20 -34.21 -10.88
C ASP C 518 27.10 -34.68 -12.33
N VAL C 519 25.90 -34.67 -12.93
CA VAL C 519 25.79 -34.92 -14.37
C VAL C 519 26.68 -33.93 -15.14
N TRP C 520 26.95 -32.76 -14.54
CA TRP C 520 27.80 -31.75 -15.20
C TRP C 520 29.28 -32.09 -15.17
N THR C 521 29.64 -33.15 -14.47
CA THR C 521 31.00 -33.69 -14.50
C THR C 521 31.11 -34.79 -15.57
N ASN C 522 30.00 -35.12 -16.22
CA ASN C 522 30.05 -36.13 -17.28
C ASN C 522 30.57 -35.45 -18.55
N PRO C 523 31.77 -35.83 -19.03
CA PRO C 523 32.33 -35.03 -20.12
C PRO C 523 31.48 -35.08 -21.39
N LYS C 524 30.71 -36.14 -21.61
CA LYS C 524 29.84 -36.18 -22.80
C LYS C 524 28.79 -35.08 -22.78
N LEU C 525 28.30 -34.72 -21.59
CA LEU C 525 27.31 -33.66 -21.51
C LEU C 525 27.94 -32.32 -21.87
N VAL C 526 29.07 -32.02 -21.24
CA VAL C 526 29.78 -30.79 -21.51
C VAL C 526 30.18 -30.72 -23.01
N GLU C 527 30.69 -31.83 -23.58
CA GLU C 527 31.02 -31.86 -25.02
C GLU C 527 29.80 -31.52 -25.90
N THR C 528 28.69 -32.17 -25.63
CA THR C 528 27.48 -31.99 -26.43
C THR C 528 26.96 -30.55 -26.42
N VAL C 529 26.86 -29.96 -25.23
CA VAL C 529 26.39 -28.60 -25.11
C VAL C 529 27.35 -27.58 -25.74
N ARG C 530 28.65 -27.77 -25.49
CA ARG C 530 29.64 -26.83 -25.99
C ARG C 530 29.64 -26.85 -27.54
N ALA C 531 29.69 -28.04 -28.13
CA ALA C 531 29.67 -28.21 -29.60
C ALA C 531 28.41 -27.59 -30.21
N TRP C 532 27.28 -27.85 -29.58
CA TRP C 532 26.00 -27.27 -30.00
C TRP C 532 25.98 -25.74 -29.92
N VAL C 533 26.45 -25.14 -28.82
CA VAL C 533 26.52 -23.66 -28.78
C VAL C 533 27.53 -23.12 -29.81
N ARG C 534 28.70 -23.76 -29.89
CA ARG C 534 29.70 -23.33 -30.86
C ARG C 534 29.15 -23.28 -32.28
N GLY C 535 28.27 -24.21 -32.61
CA GLY C 535 27.69 -24.30 -33.96
C GLY C 535 26.47 -23.41 -34.19
N GLY C 536 26.08 -22.62 -33.18
CA GLY C 536 25.00 -21.65 -33.36
C GLY C 536 23.88 -21.72 -32.34
N GLY C 537 23.98 -22.69 -31.42
CA GLY C 537 23.04 -22.80 -30.28
C GLY C 537 23.08 -21.61 -29.32
N ALA C 538 22.13 -21.57 -28.40
CA ALA C 538 22.09 -20.51 -27.40
C ALA C 538 21.83 -21.20 -26.06
N PHE C 539 22.63 -20.86 -25.05
CA PHE C 539 22.53 -21.44 -23.71
C PHE C 539 22.31 -20.31 -22.71
N VAL C 540 21.18 -20.37 -22.01
CA VAL C 540 20.85 -19.34 -21.02
C VAL C 540 20.88 -19.99 -19.68
N GLY C 541 21.78 -19.52 -18.82
CA GLY C 541 22.00 -20.12 -17.52
C GLY C 541 21.52 -19.18 -16.44
N VAL C 542 20.70 -19.71 -15.53
CA VAL C 542 20.08 -18.88 -14.48
C VAL C 542 20.46 -19.37 -13.09
N GLY C 543 21.00 -18.46 -12.28
CA GLY C 543 21.38 -18.75 -10.90
C GLY C 543 22.74 -19.43 -10.81
N GLU C 544 22.73 -20.76 -10.68
CA GLU C 544 23.98 -21.55 -10.60
C GLU C 544 23.96 -22.62 -11.71
N PRO C 545 23.85 -22.18 -12.97
CA PRO C 545 23.71 -23.11 -14.09
C PRO C 545 24.98 -24.00 -14.24
N SER C 546 24.81 -25.26 -14.61
CA SER C 546 25.95 -26.19 -14.88
C SER C 546 26.86 -26.36 -13.67
N SER C 547 26.37 -26.04 -12.47
CA SER C 547 27.26 -26.07 -11.31
C SER C 547 27.58 -27.50 -10.83
N ALA C 548 28.82 -27.73 -10.42
CA ALA C 548 29.21 -28.99 -9.79
C ALA C 548 30.27 -28.64 -8.76
N PRO C 549 29.97 -28.90 -7.47
CA PRO C 549 30.90 -28.53 -6.40
C PRO C 549 32.11 -29.47 -6.34
N ARG C 550 33.26 -28.89 -6.00
CA ARG C 550 34.51 -29.64 -5.77
C ARG C 550 35.22 -30.29 -6.95
N PHE C 551 34.53 -30.52 -8.06
CA PHE C 551 35.13 -31.23 -9.19
C PHE C 551 36.37 -30.53 -9.74
N GLN C 552 36.26 -29.22 -9.97
CA GLN C 552 37.39 -28.36 -10.31
C GLN C 552 37.55 -27.26 -9.30
N THR C 553 38.76 -27.16 -8.77
CA THR C 553 39.08 -26.11 -7.84
C THR C 553 38.77 -24.73 -8.41
N GLY C 554 39.04 -24.52 -9.69
CA GLY C 554 38.96 -23.19 -10.28
C GLY C 554 37.75 -22.93 -11.18
N ARG C 555 36.80 -23.86 -11.21
CA ARG C 555 35.61 -23.71 -12.06
C ARG C 555 34.42 -24.38 -11.38
N PHE C 556 33.41 -23.57 -11.02
CA PHE C 556 32.23 -24.05 -10.30
C PHE C 556 31.09 -24.30 -11.33
N PHE C 557 30.77 -23.26 -12.12
CA PHE C 557 29.85 -23.46 -13.24
C PHE C 557 30.66 -24.18 -14.30
N GLN C 558 30.27 -25.40 -14.66
CA GLN C 558 31.13 -26.17 -15.60
C GLN C 558 31.12 -25.53 -16.98
N LEU C 559 30.02 -24.87 -17.34
CA LEU C 559 29.93 -24.13 -18.59
C LEU C 559 30.22 -22.63 -18.42
N ALA C 560 30.99 -22.26 -17.40
CA ALA C 560 31.42 -20.88 -17.21
C ALA C 560 31.98 -20.31 -18.51
N ASP C 561 32.64 -21.14 -19.32
CA ASP C 561 33.26 -20.62 -20.53
C ASP C 561 32.21 -20.18 -21.54
N VAL C 562 31.07 -20.88 -21.56
CA VAL C 562 29.98 -20.56 -22.48
C VAL C 562 29.26 -19.24 -22.11
N ILE C 563 28.94 -19.06 -20.83
CA ILE C 563 28.12 -17.91 -20.43
C ILE C 563 28.97 -16.73 -19.98
N GLY C 564 30.27 -16.95 -19.82
CA GLY C 564 31.22 -15.88 -19.45
C GLY C 564 31.30 -15.54 -17.96
N VAL C 565 30.63 -16.34 -17.14
CA VAL C 565 30.50 -16.00 -15.71
C VAL C 565 30.73 -17.25 -14.88
N ASP C 566 31.44 -17.13 -13.76
CA ASP C 566 31.48 -18.20 -12.79
C ASP C 566 31.16 -17.61 -11.43
N GLU C 567 30.96 -18.49 -10.44
CA GLU C 567 30.80 -18.10 -9.04
C GLU C 567 32.08 -18.38 -8.23
N GLU C 568 32.62 -17.35 -7.59
CA GLU C 568 33.72 -17.51 -6.64
C GLU C 568 33.23 -18.37 -5.45
N ARG C 569 33.98 -19.41 -5.11
CA ARG C 569 33.58 -20.32 -4.04
C ARG C 569 34.56 -20.30 -2.86
N TYR C 570 35.35 -19.22 -2.80
CA TYR C 570 36.32 -18.95 -1.74
C TYR C 570 37.54 -19.83 -1.91
N GLN C 571 37.67 -20.44 -3.08
CA GLN C 571 38.86 -21.22 -3.41
C GLN C 571 39.84 -20.38 -4.24
N THR C 572 39.33 -19.33 -4.86
CA THR C 572 40.13 -18.55 -5.80
C THR C 572 40.29 -17.07 -5.44
N LEU C 573 40.31 -16.78 -4.15
CA LEU C 573 40.45 -15.40 -3.71
C LEU C 573 41.80 -14.78 -4.05
N SER C 574 42.82 -15.61 -4.23
CA SER C 574 44.17 -15.10 -4.55
C SER C 574 44.23 -14.53 -5.95
N VAL C 575 43.26 -14.92 -6.77
CA VAL C 575 43.23 -14.48 -8.17
C VAL C 575 42.39 -13.20 -8.28
N ASP C 576 43.04 -12.11 -8.67
CA ASP C 576 42.34 -10.85 -8.87
C ASP C 576 41.30 -10.96 -9.98
N LYS C 577 40.07 -10.51 -9.73
CA LYS C 577 39.01 -10.52 -10.76
C LYS C 577 38.91 -9.12 -11.40
N TYR C 578 38.96 -9.06 -12.72
CA TYR C 578 38.89 -7.80 -13.44
C TYR C 578 37.59 -7.76 -14.27
N PHE C 579 36.74 -6.80 -13.95
CA PHE C 579 35.42 -6.70 -14.60
C PHE C 579 35.56 -5.68 -15.73
N PRO C 580 35.11 -6.02 -16.96
CA PRO C 580 35.08 -5.00 -18.02
C PRO C 580 33.91 -4.02 -17.78
N PRO C 581 33.95 -2.82 -18.39
CA PRO C 581 32.90 -1.85 -18.07
C PRO C 581 31.54 -2.39 -18.49
N VAL C 582 30.55 -2.11 -17.66
CA VAL C 582 29.18 -2.52 -17.98
C VAL C 582 28.64 -1.76 -19.20
N VAL C 583 27.85 -2.46 -20.04
CA VAL C 583 27.28 -1.89 -21.26
C VAL C 583 25.80 -1.64 -21.00
N PRO C 584 25.42 -0.38 -20.69
CA PRO C 584 24.02 -0.05 -20.34
C PRO C 584 23.06 0.05 -21.51
N ASP C 585 23.58 0.26 -22.72
CA ASP C 585 22.71 0.36 -23.88
C ASP C 585 22.89 -0.90 -24.70
N HIS C 586 21.91 -1.80 -24.60
CA HIS C 586 22.03 -3.11 -25.27
C HIS C 586 20.64 -3.61 -25.67
N PHE C 587 20.59 -4.42 -26.72
CA PHE C 587 19.31 -5.00 -27.18
C PHE C 587 18.59 -5.67 -25.99
N ILE C 588 19.32 -6.41 -25.16
CA ILE C 588 18.66 -7.22 -24.09
C ILE C 588 17.95 -6.33 -23.04
N THR C 589 18.57 -5.20 -22.71
CA THR C 589 18.03 -4.31 -21.69
C THR C 589 17.23 -3.10 -22.24
N ALA C 590 16.83 -3.16 -23.50
CA ALA C 590 16.31 -1.95 -24.18
C ALA C 590 14.99 -1.50 -23.58
N ASP C 591 14.20 -2.46 -23.06
CA ASP C 591 12.91 -2.10 -22.44
C ASP C 591 12.95 -1.90 -20.93
N VAL C 592 14.10 -2.05 -20.29
CA VAL C 592 14.22 -1.74 -18.87
C VAL C 592 13.95 -0.23 -18.63
N PRO C 593 13.03 0.10 -17.70
CA PRO C 593 12.79 1.52 -17.45
C PRO C 593 14.05 2.24 -16.98
N VAL C 594 14.35 3.35 -17.64
CA VAL C 594 15.51 4.16 -17.32
C VAL C 594 15.28 4.86 -15.96
N ASP C 595 16.32 4.92 -15.15
CA ASP C 595 16.33 5.73 -13.92
C ASP C 595 17.48 6.75 -14.05
N PRO C 596 17.17 8.00 -14.49
CA PRO C 596 18.20 9.00 -14.76
C PRO C 596 19.14 9.24 -13.60
N ALA C 597 18.61 9.51 -12.40
CA ALA C 597 19.45 9.70 -11.20
C ALA C 597 20.42 8.53 -10.97
N ALA C 598 19.94 7.31 -11.15
CA ALA C 598 20.81 6.14 -10.89
C ALA C 598 21.92 6.04 -11.93
N ARG C 599 21.56 6.24 -13.20
CA ARG C 599 22.54 6.16 -14.29
C ARG C 599 23.59 7.25 -14.12
N GLU C 600 23.13 8.45 -13.78
CA GLU C 600 24.00 9.60 -13.57
C GLU C 600 25.01 9.34 -12.46
N ALA C 601 24.57 8.79 -11.35
CA ALA C 601 25.46 8.56 -10.21
C ALA C 601 26.42 7.41 -10.50
N TRP C 602 25.91 6.38 -11.17
CA TRP C 602 26.72 5.25 -11.63
C TRP C 602 27.82 5.74 -12.59
N GLU C 603 27.48 6.61 -13.54
CA GLU C 603 28.47 7.15 -14.49
C GLU C 603 29.52 7.98 -13.77
N GLN C 604 29.11 8.76 -12.77
CA GLN C 604 30.00 9.69 -12.07
C GLN C 604 30.96 8.98 -11.13
N ALA C 605 30.50 7.91 -10.50
CA ALA C 605 31.35 7.20 -9.55
C ALA C 605 32.34 6.29 -10.27
N GLY C 606 31.96 5.79 -11.45
CA GLY C 606 32.89 4.98 -12.27
C GLY C 606 33.23 3.66 -11.60
N TYR C 607 34.40 3.13 -11.99
CA TYR C 607 34.80 1.78 -11.59
C TYR C 607 35.99 1.74 -10.63
N ARG C 608 36.03 0.73 -9.77
CA ARG C 608 37.19 0.49 -8.92
C ARG C 608 38.52 0.41 -9.70
N ILE C 609 39.53 1.15 -9.23
CA ILE C 609 40.87 0.98 -9.79
C ILE C 609 41.47 -0.31 -9.20
N PRO C 610 42.30 -1.01 -9.98
CA PRO C 610 42.91 -2.24 -9.43
C PRO C 610 43.57 -1.99 -8.09
N LEU C 611 43.33 -2.90 -7.15
CA LEU C 611 43.93 -2.81 -5.80
C LEU C 611 44.34 -4.23 -5.43
N SER C 612 45.50 -4.37 -4.80
CA SER C 612 46.01 -5.70 -4.44
C SER C 612 44.98 -6.56 -3.69
N GLY C 613 44.81 -7.77 -4.17
CA GLY C 613 43.87 -8.74 -3.57
C GLY C 613 42.39 -8.40 -3.78
N CYS C 614 42.09 -7.35 -4.57
CA CYS C 614 40.71 -6.85 -4.68
C CYS C 614 40.19 -6.77 -6.12
N GLY C 615 41.00 -7.25 -7.06
CA GLY C 615 40.68 -7.06 -8.49
C GLY C 615 40.45 -5.59 -8.87
N GLY C 616 39.61 -5.38 -9.89
CA GLY C 616 39.33 -4.03 -10.36
C GLY C 616 38.15 -4.02 -11.32
N GLY C 617 37.65 -2.84 -11.63
CA GLY C 617 36.64 -2.72 -12.69
C GLY C 617 35.19 -2.82 -12.25
N GLN C 618 34.94 -3.18 -10.98
CA GLN C 618 33.57 -3.24 -10.43
C GLN C 618 33.04 -1.81 -10.28
N SER C 619 31.81 -1.55 -10.72
CA SER C 619 31.23 -0.21 -10.52
C SER C 619 31.16 0.08 -9.03
N ILE C 620 31.50 1.31 -8.66
CA ILE C 620 31.48 1.75 -7.27
C ILE C 620 30.06 1.98 -6.82
N LYS C 621 29.18 2.35 -7.75
CA LYS C 621 27.75 2.52 -7.46
C LYS C 621 26.91 1.60 -8.34
N PRO C 622 25.72 1.17 -7.84
CA PRO C 622 24.89 0.25 -8.65
C PRO C 622 24.07 1.00 -9.70
N LEU C 623 24.11 0.48 -10.92
CA LEU C 623 23.21 0.96 -11.97
C LEU C 623 21.73 0.60 -11.67
N GLY C 624 21.46 -0.65 -11.30
CA GLY C 624 20.14 -1.03 -10.79
C GLY C 624 19.06 -1.08 -11.86
N GLY C 625 17.79 -0.97 -11.43
CA GLY C 625 16.67 -0.89 -12.38
C GLY C 625 16.04 -2.23 -12.72
N ILE C 626 16.66 -3.32 -12.27
CA ILE C 626 16.14 -4.68 -12.55
C ILE C 626 16.09 -5.50 -11.27
N ASP C 627 14.97 -6.19 -11.07
CA ASP C 627 14.80 -7.06 -9.91
C ASP C 627 15.25 -8.46 -10.30
N PHE C 628 16.43 -8.84 -9.81
CA PHE C 628 16.95 -10.18 -10.12
C PHE C 628 16.68 -11.18 -9.02
N GLY C 629 15.77 -10.84 -8.11
CA GLY C 629 15.49 -11.79 -7.00
C GLY C 629 16.65 -12.07 -6.07
N GLU C 630 16.81 -13.33 -5.69
CA GLU C 630 17.80 -13.75 -4.71
C GLU C 630 19.21 -13.65 -5.29
N PRO C 631 20.13 -13.04 -4.54
CA PRO C 631 21.46 -12.84 -5.10
C PRO C 631 22.22 -14.17 -5.24
N VAL C 632 23.08 -14.26 -6.24
CA VAL C 632 24.08 -15.33 -6.27
C VAL C 632 25.39 -14.64 -5.93
N LEU C 633 25.93 -14.90 -4.74
CA LEU C 633 27.08 -14.10 -4.27
C LEU C 633 28.35 -14.33 -5.07
N ASN C 634 29.10 -13.25 -5.37
CA ASN C 634 30.44 -13.33 -5.91
C ASN C 634 30.56 -14.00 -7.30
N THR C 635 29.52 -13.88 -8.11
CA THR C 635 29.65 -14.19 -9.54
C THR C 635 30.62 -13.17 -10.14
N TYR C 636 31.46 -13.60 -11.08
CA TYR C 636 32.45 -12.70 -11.69
C TYR C 636 32.65 -13.10 -13.15
N PRO C 637 33.14 -12.14 -14.00
CA PRO C 637 33.32 -12.48 -15.42
C PRO C 637 34.62 -13.26 -15.61
N VAL C 638 34.58 -14.31 -16.42
CA VAL C 638 35.77 -15.18 -16.48
C VAL C 638 36.90 -14.53 -17.27
N ASN C 639 36.57 -13.54 -18.11
CA ASN C 639 37.58 -12.73 -18.84
C ASN C 639 36.93 -11.41 -19.26
N GLU C 640 37.71 -10.49 -19.85
CA GLU C 640 37.21 -9.16 -20.12
C GLU C 640 36.49 -9.03 -21.48
N ASN C 641 36.34 -10.15 -22.18
CA ASN C 641 35.56 -10.18 -23.43
C ASN C 641 34.07 -10.50 -23.26
N VAL C 642 33.68 -10.91 -22.04
CA VAL C 642 32.27 -11.13 -21.70
C VAL C 642 31.60 -9.76 -21.66
N THR C 643 30.34 -9.67 -22.12
CA THR C 643 29.61 -8.39 -22.01
C THR C 643 28.83 -8.38 -20.70
N LEU C 644 29.20 -7.49 -19.80
CA LEU C 644 28.41 -7.31 -18.58
C LEU C 644 27.29 -6.26 -18.81
N LEU C 645 26.06 -6.68 -18.49
CA LEU C 645 24.88 -5.85 -18.68
C LEU C 645 24.37 -5.34 -17.36
N ARG C 646 24.52 -6.18 -16.32
CA ARG C 646 24.40 -5.72 -14.93
C ARG C 646 25.43 -6.44 -14.07
N ALA C 647 26.22 -5.65 -13.37
CA ALA C 647 27.21 -6.19 -12.45
C ALA C 647 27.39 -5.22 -11.28
N ASP C 648 26.32 -5.08 -10.50
CA ASP C 648 26.29 -4.16 -9.36
C ASP C 648 26.68 -4.85 -8.06
N GLY C 649 27.20 -4.08 -7.10
CA GLY C 649 27.50 -4.61 -5.78
C GLY C 649 28.67 -5.59 -5.77
N GLY C 650 29.57 -5.48 -6.74
CA GLY C 650 30.76 -6.31 -6.73
C GLY C 650 30.53 -7.71 -7.28
N GLN C 651 29.42 -7.90 -7.97
CA GLN C 651 29.15 -9.23 -8.56
C GLN C 651 28.32 -9.08 -9.84
N VAL C 652 27.95 -10.20 -10.47
CA VAL C 652 27.33 -10.17 -11.78
C VAL C 652 25.89 -10.68 -11.71
N GLN C 653 24.98 -9.88 -12.29
CA GLN C 653 23.58 -10.29 -12.43
C GLN C 653 23.15 -10.67 -13.84
N LEU C 654 23.75 -10.04 -14.88
CA LEU C 654 23.33 -10.27 -16.25
C LEU C 654 24.52 -10.05 -17.17
N ALA C 655 24.76 -11.00 -18.04
CA ALA C 655 25.95 -10.99 -18.92
C ALA C 655 25.66 -11.79 -20.16
N THR C 656 26.37 -11.47 -21.25
CA THR C 656 26.26 -12.26 -22.46
C THR C 656 27.66 -12.53 -23.01
N ASN C 657 27.83 -13.68 -23.64
CA ASN C 657 29.17 -14.07 -24.11
C ASN C 657 29.06 -14.69 -25.50
N ASP C 658 29.86 -14.21 -26.44
CA ASP C 658 29.94 -14.88 -27.73
C ASP C 658 30.79 -16.16 -27.63
N TYR C 659 30.30 -17.25 -28.24
CA TYR C 659 30.97 -18.55 -28.14
C TYR C 659 30.91 -19.26 -29.49
N GLY C 660 31.91 -19.01 -30.35
CA GLY C 660 31.83 -19.50 -31.70
C GLY C 660 30.67 -18.80 -32.42
N LYS C 661 29.81 -19.56 -33.08
CA LYS C 661 28.64 -18.98 -33.78
C LYS C 661 27.51 -18.69 -32.79
N GLY C 662 27.54 -19.33 -31.61
CA GLY C 662 26.45 -19.17 -30.65
C GLY C 662 26.75 -18.20 -29.52
N ARG C 663 25.85 -18.18 -28.53
CA ARG C 663 26.00 -17.25 -27.39
C ARG C 663 25.53 -17.95 -26.13
N GLY C 664 26.16 -17.59 -25.01
CA GLY C 664 25.66 -17.95 -23.68
C GLY C 664 25.23 -16.68 -22.96
N VAL C 665 24.24 -16.81 -22.08
CA VAL C 665 23.76 -15.67 -21.31
C VAL C 665 23.65 -16.13 -19.87
N TYR C 666 24.13 -15.28 -18.96
CA TYR C 666 23.96 -15.56 -17.53
C TYR C 666 22.94 -14.60 -16.92
N ILE C 667 22.01 -15.12 -16.11
CA ILE C 667 21.08 -14.25 -15.38
C ILE C 667 21.12 -14.77 -13.94
N SER C 668 21.33 -13.90 -12.94
CA SER C 668 21.43 -14.43 -11.56
C SER C 668 20.09 -14.93 -10.97
N GLY C 669 18.98 -14.37 -11.45
CA GLY C 669 17.62 -14.76 -11.00
C GLY C 669 16.59 -14.00 -11.79
N LEU C 670 15.35 -14.47 -11.78
CA LEU C 670 14.33 -13.82 -12.62
C LEU C 670 12.92 -13.97 -12.09
N PRO C 671 12.57 -13.18 -11.07
CA PRO C 671 11.18 -13.11 -10.58
C PRO C 671 10.29 -12.69 -11.73
N TYR C 672 9.06 -13.22 -11.77
CA TYR C 672 8.15 -12.81 -12.85
C TYR C 672 7.65 -11.36 -12.69
N SER C 673 7.72 -10.60 -13.78
CA SER C 673 7.00 -9.33 -13.95
C SER C 673 6.93 -9.09 -15.44
N ALA C 674 6.11 -8.13 -15.87
CA ALA C 674 6.08 -7.81 -17.30
C ALA C 674 7.49 -7.43 -17.80
N ALA C 675 8.20 -6.63 -16.99
CA ALA C 675 9.55 -6.18 -17.39
C ALA C 675 10.54 -7.36 -17.50
N ASN C 676 10.48 -8.29 -16.57
CA ASN C 676 11.42 -9.42 -16.57
C ASN C 676 11.08 -10.47 -17.61
N ALA C 677 9.82 -10.57 -17.97
CA ALA C 677 9.40 -11.51 -19.01
C ALA C 677 9.92 -10.95 -20.33
N ARG C 678 9.82 -9.63 -20.49
CA ARG C 678 10.37 -8.96 -21.71
C ARG C 678 11.89 -9.11 -21.75
N LEU C 679 12.54 -8.88 -20.61
CA LEU C 679 13.98 -9.12 -20.50
C LEU C 679 14.33 -10.55 -20.94
N LEU C 680 13.65 -11.56 -20.39
CA LEU C 680 13.89 -12.93 -20.85
C LEU C 680 13.62 -13.14 -22.34
N GLU C 681 12.52 -12.61 -22.84
CA GLU C 681 12.23 -12.74 -24.27
C GLU C 681 13.35 -12.19 -25.12
N ARG C 682 13.81 -11.00 -24.76
CA ARG C 682 14.91 -10.40 -25.49
C ARG C 682 16.17 -11.25 -25.41
N VAL C 683 16.44 -11.79 -24.23
CA VAL C 683 17.58 -12.71 -24.02
C VAL C 683 17.48 -13.88 -25.00
N LEU C 684 16.28 -14.44 -25.14
CA LEU C 684 16.07 -15.58 -26.05
C LEU C 684 16.36 -15.20 -27.52
N PHE C 685 15.84 -14.06 -27.98
CA PHE C 685 16.09 -13.66 -29.37
C PHE C 685 17.57 -13.29 -29.57
N TYR C 686 18.15 -12.61 -28.59
CA TYR C 686 19.55 -12.17 -28.75
C TYR C 686 20.50 -13.35 -28.73
N ALA C 687 20.32 -14.23 -27.74
CA ALA C 687 21.26 -15.34 -27.57
C ALA C 687 21.26 -16.27 -28.77
N SER C 688 20.12 -16.36 -29.47
CA SER C 688 20.03 -17.24 -30.64
C SER C 688 20.32 -16.50 -31.95
N HIS C 689 20.91 -15.30 -31.87
CA HIS C 689 21.26 -14.52 -33.07
C HIS C 689 20.03 -14.26 -33.94
N ASN C 690 18.90 -14.05 -33.28
CA ASN C 690 17.63 -13.84 -33.93
C ASN C 690 17.08 -12.44 -33.62
N GLU C 691 17.95 -11.46 -33.40
CA GLU C 691 17.49 -10.08 -33.20
C GLU C 691 16.65 -9.58 -34.37
N ASP C 692 16.91 -10.09 -35.57
CA ASP C 692 16.15 -9.65 -36.77
C ASP C 692 14.72 -10.17 -36.77
N LYS C 693 14.48 -11.23 -36.01
CA LYS C 693 13.21 -11.91 -35.95
C LYS C 693 12.32 -11.37 -34.80
N TYR C 694 12.92 -10.60 -33.91
CA TYR C 694 12.24 -10.08 -32.71
C TYR C 694 10.99 -9.24 -33.05
N ALA C 695 11.12 -8.34 -34.02
CA ALA C 695 10.05 -7.36 -34.30
C ALA C 695 8.76 -7.97 -34.78
N ALA C 696 8.83 -8.99 -35.63
CA ALA C 696 7.60 -9.55 -36.20
C ALA C 696 6.66 -10.13 -35.11
N TRP C 697 5.41 -9.67 -35.13
CA TRP C 697 4.38 -10.13 -34.17
C TRP C 697 4.79 -9.83 -32.73
N SER C 698 5.15 -8.57 -32.49
CA SER C 698 5.56 -8.10 -31.18
C SER C 698 4.78 -6.84 -30.77
N SER C 699 4.71 -6.60 -29.46
CA SER C 699 4.06 -5.44 -28.87
C SER C 699 5.17 -4.53 -28.38
N SER C 700 5.14 -3.23 -28.71
CA SER C 700 6.14 -2.30 -28.15
C SER C 700 6.08 -2.28 -26.61
N ASN C 701 4.86 -2.26 -26.09
CA ASN C 701 4.65 -2.10 -24.65
C ASN C 701 4.75 -3.51 -24.03
N PRO C 702 5.62 -3.68 -23.02
CA PRO C 702 5.79 -5.00 -22.37
C PRO C 702 4.55 -5.50 -21.61
N GLU C 703 3.61 -4.61 -21.30
CA GLU C 703 2.38 -4.97 -20.60
C GLU C 703 1.36 -5.66 -21.51
N CYS C 704 1.62 -5.69 -22.82
CA CYS C 704 0.72 -6.38 -23.75
C CYS C 704 1.51 -7.46 -24.47
N GLU C 705 0.79 -8.44 -25.01
CA GLU C 705 1.40 -9.51 -25.82
C GLU C 705 0.59 -9.76 -27.10
N VAL C 706 1.21 -10.43 -28.06
CA VAL C 706 0.64 -10.66 -29.38
C VAL C 706 0.63 -12.14 -29.63
N ALA C 707 -0.48 -12.65 -30.16
CA ALA C 707 -0.56 -14.03 -30.61
C ALA C 707 -0.88 -14.06 -32.08
N HIS C 708 -0.02 -14.66 -32.89
CA HIS C 708 -0.26 -14.72 -34.33
C HIS C 708 -0.82 -16.09 -34.74
N PHE C 709 -1.89 -16.10 -35.51
CA PHE C 709 -2.52 -17.34 -36.00
C PHE C 709 -2.55 -17.36 -37.54
N PRO C 710 -1.44 -17.77 -38.17
CA PRO C 710 -1.28 -17.65 -39.62
C PRO C 710 -2.28 -18.47 -40.42
N GLU C 711 -2.62 -19.69 -40.00
CA GLU C 711 -3.55 -20.51 -40.78
C GLU C 711 -5.03 -20.02 -40.71
N GLN C 712 -5.31 -19.16 -39.73
CA GLN C 712 -6.61 -18.47 -39.62
C GLN C 712 -6.56 -17.03 -40.19
N GLY C 713 -5.39 -16.59 -40.61
CA GLY C 713 -5.20 -15.20 -41.06
C GLY C 713 -5.56 -14.17 -40.00
N LEU C 714 -5.16 -14.42 -38.75
CA LEU C 714 -5.48 -13.51 -37.65
C LEU C 714 -4.28 -13.23 -36.74
N TYR C 715 -4.35 -12.11 -36.01
CA TYR C 715 -3.60 -11.98 -34.76
C TYR C 715 -4.42 -11.26 -33.72
N CYS C 716 -4.09 -11.46 -32.45
CA CYS C 716 -4.62 -10.63 -31.38
C CYS C 716 -3.53 -10.02 -30.53
N VAL C 717 -3.91 -8.96 -29.82
CA VAL C 717 -3.05 -8.29 -28.87
C VAL C 717 -3.83 -8.23 -27.56
N ILE C 718 -3.22 -8.69 -26.47
CA ILE C 718 -3.87 -8.68 -25.18
C ILE C 718 -3.18 -7.74 -24.21
N ASN C 719 -4.00 -7.09 -23.40
CA ASN C 719 -3.56 -6.34 -22.26
C ASN C 719 -3.47 -7.26 -21.04
N ASN C 720 -2.24 -7.47 -20.53
CA ASN C 720 -2.05 -8.33 -19.35
C ASN C 720 -2.27 -7.62 -18.00
N THR C 721 -2.69 -6.35 -18.02
CA THR C 721 -2.89 -5.57 -16.80
C THR C 721 -4.33 -5.09 -16.70
N ASP C 722 -4.70 -4.59 -15.51
CA ASP C 722 -6.02 -3.97 -15.34
C ASP C 722 -6.02 -2.45 -15.57
N GLN C 723 -5.04 -1.95 -16.31
CA GLN C 723 -4.94 -0.49 -16.60
C GLN C 723 -4.99 -0.29 -18.10
N PRO C 724 -5.44 0.89 -18.58
CA PRO C 724 -5.34 1.20 -20.02
C PRO C 724 -3.88 1.08 -20.50
N GLN C 725 -3.69 0.54 -21.69
CA GLN C 725 -2.34 0.36 -22.25
C GLN C 725 -2.37 0.67 -23.73
N LYS C 726 -1.50 1.58 -24.15
CA LYS C 726 -1.29 1.83 -25.55
C LYS C 726 -0.11 1.00 -26.01
N THR C 727 -0.23 0.42 -27.19
CA THR C 727 0.89 -0.34 -27.76
C THR C 727 0.88 -0.28 -29.25
N THR C 728 2.05 -0.51 -29.84
CA THR C 728 2.20 -0.66 -31.28
C THR C 728 2.57 -2.07 -31.60
N VAL C 729 1.81 -2.69 -32.48
CA VAL C 729 2.12 -4.03 -32.90
C VAL C 729 2.83 -3.95 -34.24
N THR C 730 3.94 -4.67 -34.39
CA THR C 730 4.64 -4.81 -35.67
C THR C 730 4.29 -6.17 -36.30
N LEU C 731 3.83 -6.13 -37.56
CA LEU C 731 3.47 -7.35 -38.31
C LEU C 731 4.68 -7.92 -39.09
N ALA C 732 4.51 -9.08 -39.73
CA ALA C 732 5.60 -9.73 -40.45
C ALA C 732 6.16 -8.85 -41.58
N ASP C 733 5.29 -8.07 -42.22
CA ASP C 733 5.73 -7.19 -43.32
C ASP C 733 6.42 -5.89 -42.89
N GLY C 734 6.50 -5.64 -41.59
CA GLY C 734 7.10 -4.40 -41.10
C GLY C 734 6.10 -3.28 -40.93
N THR C 735 4.89 -3.45 -41.44
CA THR C 735 3.84 -2.49 -41.09
C THR C 735 3.48 -2.62 -39.60
N THR C 736 2.80 -1.60 -39.08
CA THR C 736 2.47 -1.58 -37.68
C THR C 736 1.02 -1.13 -37.52
N GLU C 737 0.44 -1.42 -36.37
CA GLU C 737 -0.83 -0.83 -36.00
C GLU C 737 -0.79 -0.46 -34.52
N ASP C 738 -1.50 0.62 -34.17
CA ASP C 738 -1.47 1.12 -32.84
C ASP C 738 -2.77 0.74 -32.17
N PHE C 739 -2.66 0.40 -30.89
CA PHE C 739 -3.82 0.00 -30.10
C PHE C 739 -3.92 0.81 -28.82
N ASP C 740 -5.15 1.00 -28.36
CA ASP C 740 -5.35 1.50 -27.02
C ASP C 740 -6.30 0.57 -26.32
N LEU C 741 -5.75 -0.30 -25.48
CA LEU C 741 -6.55 -1.38 -24.89
C LEU C 741 -7.03 -1.00 -23.51
N PRO C 742 -8.32 -1.21 -23.20
CA PRO C 742 -8.81 -1.00 -21.84
C PRO C 742 -8.30 -2.10 -20.87
N ASP C 743 -8.60 -1.94 -19.58
CA ASP C 743 -8.47 -2.98 -18.54
C ASP C 743 -8.75 -4.38 -19.10
N SER C 744 -7.76 -5.27 -19.01
CA SER C 744 -7.91 -6.67 -19.46
C SER C 744 -8.33 -6.87 -20.90
N GLY C 745 -8.13 -5.86 -21.75
CA GLY C 745 -8.63 -5.90 -23.13
C GLY C 745 -7.95 -6.88 -24.08
N ILE C 746 -8.63 -7.17 -25.19
CA ILE C 746 -8.07 -7.96 -26.30
C ILE C 746 -8.51 -7.27 -27.59
N ALA C 747 -7.71 -7.32 -28.65
CA ALA C 747 -8.11 -6.79 -29.94
C ALA C 747 -7.66 -7.75 -30.99
N TRP C 748 -8.55 -7.99 -31.97
CA TRP C 748 -8.32 -8.93 -33.10
C TRP C 748 -8.19 -8.17 -34.41
N ARG C 749 -7.24 -8.56 -35.23
CA ARG C 749 -7.07 -7.97 -36.55
C ARG C 749 -6.74 -9.05 -37.55
N GLU C 750 -7.09 -8.79 -38.80
CA GLU C 750 -6.80 -9.73 -39.86
C GLU C 750 -5.30 -9.69 -40.19
N ALA C 751 -4.79 -10.82 -40.64
CA ALA C 751 -3.41 -10.96 -41.16
C ALA C 751 -3.45 -11.88 -42.38
N LEU C 752 -2.32 -12.00 -43.09
CA LEU C 752 -2.23 -12.94 -44.21
C LEU C 752 -2.49 -14.37 -43.74
N GLU C 753 -3.28 -15.10 -44.52
CA GLU C 753 -3.60 -16.50 -44.21
C GLU C 753 -2.66 -17.41 -44.98
N HIS C 754 -1.83 -18.17 -44.25
CA HIS C 754 -0.80 -19.02 -44.85
C HIS C 754 -1.20 -20.48 -44.85
N SER D 3 59.72 12.11 28.53
CA SER D 3 60.07 10.72 28.17
C SER D 3 60.89 10.72 26.90
N THR D 4 61.76 9.73 26.74
CA THR D 4 62.47 9.58 25.47
C THR D 4 62.66 8.11 25.04
N GLY D 5 62.82 7.89 23.74
CA GLY D 5 63.11 6.56 23.22
C GLY D 5 61.90 5.77 22.75
N ARG D 6 62.14 4.50 22.43
CA ARG D 6 61.09 3.61 21.87
C ARG D 6 60.47 4.12 20.59
N PHE D 7 61.21 4.97 19.86
CA PHE D 7 60.72 5.63 18.63
C PHE D 7 61.82 5.69 17.57
N THR D 8 61.47 5.23 16.37
CA THR D 8 62.37 5.19 15.22
C THR D 8 62.00 6.27 14.20
N LEU D 9 62.99 7.11 13.89
CA LEU D 9 62.81 8.27 13.01
C LEU D 9 63.46 7.93 11.68
N PRO D 10 62.74 8.12 10.56
CA PRO D 10 63.40 8.04 9.26
C PRO D 10 64.15 9.35 8.99
N SER D 11 65.25 9.27 8.26
CA SER D 11 65.89 10.51 7.81
C SER D 11 66.16 10.46 6.30
N GLU D 12 67.07 11.31 5.85
CA GLU D 12 67.49 11.41 4.45
C GLU D 12 68.68 12.37 4.35
N GLU D 13 69.50 12.18 3.31
CA GLU D 13 70.71 13.02 3.14
C GLU D 13 70.41 14.51 2.97
N ASN D 14 71.32 15.34 3.49
CA ASN D 14 71.23 16.82 3.45
C ASN D 14 70.02 17.37 4.22
N PHE D 15 69.77 16.80 5.40
CA PHE D 15 68.61 17.16 6.19
C PHE D 15 68.97 17.02 7.68
N ALA D 16 70.23 17.37 8.00
CA ALA D 16 70.80 17.17 9.33
C ALA D 16 70.09 17.96 10.43
N GLU D 17 69.86 19.25 10.19
CA GLU D 17 69.27 20.11 11.23
C GLU D 17 67.82 19.76 11.54
N LYS D 18 67.03 19.46 10.51
CA LYS D 18 65.64 19.06 10.72
C LYS D 18 65.48 17.70 11.37
N THR D 19 66.37 16.76 11.00
CA THR D 19 66.44 15.44 11.64
C THR D 19 66.73 15.55 13.14
N LYS D 20 67.80 16.27 13.48
CA LYS D 20 68.17 16.58 14.86
C LYS D 20 67.00 17.23 15.63
N GLU D 21 66.35 18.22 15.00
CA GLU D 21 65.19 18.91 15.59
C GLU D 21 63.97 18.00 15.81
N LEU D 22 63.66 17.16 14.81
CA LEU D 22 62.56 16.21 14.92
C LEU D 22 62.90 15.01 15.82
N ALA D 23 64.17 14.61 15.86
CA ALA D 23 64.65 13.59 16.81
C ALA D 23 64.48 14.04 18.27
N GLU D 24 64.68 15.33 18.52
CA GLU D 24 64.48 15.90 19.85
C GLU D 24 62.98 16.06 20.13
N LEU D 25 62.24 16.61 19.18
CA LEU D 25 60.81 16.85 19.33
C LEU D 25 60.03 15.57 19.65
N TRP D 26 60.45 14.46 19.01
CA TRP D 26 59.74 13.19 19.05
C TRP D 26 60.29 12.18 20.05
N GLY D 27 61.43 12.51 20.65
CA GLY D 27 62.13 11.60 21.55
C GLY D 27 62.61 10.36 20.82
N ALA D 28 63.10 10.53 19.59
CA ALA D 28 63.64 9.39 18.83
C ALA D 28 64.91 8.87 19.49
N ASP D 29 65.06 7.56 19.53
CA ASP D 29 66.31 6.94 19.98
C ASP D 29 66.94 6.06 18.88
N ALA D 30 66.26 6.02 17.74
CA ALA D 30 66.79 5.35 16.56
C ALA D 30 66.56 6.21 15.33
N ILE D 31 67.53 6.17 14.41
CA ILE D 31 67.36 6.82 13.11
C ILE D 31 67.59 5.78 12.03
N ARG D 32 66.67 5.76 11.06
CA ARG D 32 66.68 4.77 9.98
C ARG D 32 67.08 5.42 8.67
N ASN D 33 67.99 4.76 7.94
CA ASN D 33 68.64 5.29 6.73
C ASN D 33 67.74 5.34 5.51
N VAL D 43 74.49 13.91 12.04
CA VAL D 43 73.38 13.05 12.44
C VAL D 43 73.89 11.79 13.14
N LEU D 44 74.97 11.24 12.60
CA LEU D 44 75.65 10.10 13.21
C LEU D 44 76.27 10.43 14.58
N ALA D 45 76.46 11.71 14.88
CA ALA D 45 77.04 12.14 16.16
C ALA D 45 75.97 12.33 17.25
N LEU D 46 74.72 12.02 16.91
CA LEU D 46 73.57 12.19 17.80
C LEU D 46 73.48 11.12 18.90
N GLY D 47 74.36 10.13 18.80
CA GLY D 47 74.37 8.99 19.73
C GLY D 47 73.14 8.09 19.62
N LYS D 48 72.53 8.03 18.44
CA LYS D 48 71.31 7.25 18.23
C LYS D 48 71.64 5.85 17.74
N LYS D 49 70.65 4.95 17.86
CA LYS D 49 70.72 3.60 17.28
C LYS D 49 70.43 3.75 15.79
N ILE D 50 71.35 3.28 14.94
CA ILE D 50 71.26 3.47 13.48
C ILE D 50 70.74 2.22 12.74
N TYR D 51 69.62 2.37 12.01
CA TYR D 51 69.02 1.28 11.20
C TYR D 51 69.45 1.37 9.74
N ASN D 52 69.90 0.27 9.18
CA ASN D 52 70.07 0.16 7.73
C ASN D 52 69.32 -1.04 7.18
N ALA D 53 68.50 -0.80 6.16
CA ALA D 53 67.75 -1.87 5.53
C ALA D 53 68.71 -2.79 4.75
N TYR D 54 68.37 -4.07 4.65
CA TYR D 54 69.20 -4.96 3.87
C TYR D 54 68.30 -5.86 3.02
N PHE D 55 68.68 -6.08 1.77
CA PHE D 55 67.83 -6.82 0.83
C PHE D 55 68.60 -8.02 0.27
N PRO D 56 68.62 -9.13 1.03
CA PRO D 56 69.51 -10.27 0.72
C PRO D 56 69.38 -10.86 -0.69
N THR D 57 68.19 -10.81 -1.29
CA THR D 57 68.02 -11.46 -2.61
C THR D 57 67.90 -10.48 -3.78
N ARG D 58 68.36 -9.24 -3.60
CA ARG D 58 68.38 -8.31 -4.75
C ARG D 58 69.50 -7.31 -4.63
N ALA D 59 69.44 -6.25 -5.45
CA ALA D 59 70.40 -5.13 -5.47
C ALA D 59 71.79 -5.52 -5.94
N HIS D 60 71.88 -6.60 -6.73
CA HIS D 60 73.14 -7.05 -7.34
C HIS D 60 72.93 -7.69 -8.69
N ASN D 61 72.43 -6.90 -9.63
CA ASN D 61 72.30 -7.32 -11.01
C ASN D 61 73.63 -7.79 -11.59
N GLU D 62 74.75 -7.19 -11.12
CA GLU D 62 76.09 -7.60 -11.58
C GLU D 62 76.42 -9.07 -11.25
N TRP D 63 75.82 -9.60 -10.19
CA TRP D 63 75.94 -11.01 -9.90
C TRP D 63 74.98 -11.84 -10.74
N ILE D 64 73.68 -11.52 -10.63
CA ILE D 64 72.68 -12.48 -11.11
C ILE D 64 72.58 -12.58 -12.64
N THR D 65 72.98 -11.50 -13.33
CA THR D 65 72.99 -11.53 -14.80
C THR D 65 73.96 -12.59 -15.34
N LEU D 66 74.94 -12.98 -14.54
CA LEU D 66 75.94 -14.01 -14.90
C LEU D 66 75.50 -15.41 -14.46
N HIS D 67 74.37 -15.51 -13.76
CA HIS D 67 73.93 -16.79 -13.19
C HIS D 67 72.41 -16.91 -13.28
N MET D 68 71.84 -16.65 -14.45
CA MET D 68 70.40 -16.42 -14.58
C MET D 68 69.50 -17.60 -14.30
N ASP D 69 70.04 -18.81 -14.34
CA ASP D 69 69.24 -19.96 -13.96
C ASP D 69 69.13 -20.08 -12.42
N GLU D 70 69.69 -19.11 -11.69
CA GLU D 70 69.56 -19.08 -10.24
C GLU D 70 68.58 -17.99 -9.71
N THR D 71 67.79 -17.39 -10.59
CA THR D 71 66.69 -16.51 -10.15
C THR D 71 65.66 -17.41 -9.46
N PRO D 72 64.83 -16.86 -8.56
CA PRO D 72 63.76 -17.72 -8.01
C PRO D 72 62.79 -18.12 -9.12
N GLN D 73 62.01 -19.17 -8.88
CA GLN D 73 61.08 -19.69 -9.89
C GLN D 73 59.72 -20.00 -9.29
N VAL D 74 58.74 -20.22 -10.18
CA VAL D 74 57.34 -20.36 -9.75
C VAL D 74 56.62 -21.20 -10.79
N TYR D 75 55.73 -22.08 -10.34
CA TYR D 75 54.79 -22.71 -11.26
C TYR D 75 53.64 -21.78 -11.63
N LEU D 76 53.46 -21.60 -12.94
CA LEU D 76 52.41 -20.74 -13.50
C LEU D 76 51.34 -21.60 -14.20
N LEU D 77 50.07 -21.20 -14.09
CA LEU D 77 48.99 -21.90 -14.79
C LEU D 77 48.49 -21.02 -15.94
N THR D 78 48.44 -21.56 -17.16
CA THR D 78 47.98 -20.78 -18.32
C THR D 78 46.46 -20.59 -18.21
N ASP D 79 45.89 -19.73 -19.07
CA ASP D 79 44.43 -19.66 -19.26
C ASP D 79 43.97 -21.01 -19.76
N ARG D 80 42.69 -21.28 -19.58
CA ARG D 80 42.01 -22.45 -20.12
C ARG D 80 41.77 -22.25 -21.60
N ILE D 81 42.31 -23.16 -22.42
CA ILE D 81 42.11 -23.07 -23.87
C ILE D 81 41.14 -24.16 -24.35
N LEU D 82 40.11 -23.76 -25.09
CA LEU D 82 39.15 -24.73 -25.58
C LEU D 82 39.69 -25.48 -26.79
N ALA D 83 39.71 -26.82 -26.72
CA ALA D 83 40.03 -27.62 -27.89
C ALA D 83 38.79 -27.69 -28.78
N GLU D 84 38.98 -27.45 -30.07
CA GLU D 84 37.86 -27.61 -30.99
C GLU D 84 38.02 -28.77 -31.97
N SER D 85 39.04 -29.58 -31.73
CA SER D 85 39.30 -30.80 -32.49
C SER D 85 40.29 -31.57 -31.62
N ASP D 86 41.04 -32.52 -32.18
CA ASP D 86 41.96 -33.34 -31.40
C ASP D 86 43.34 -32.69 -31.19
N THR D 87 43.49 -31.42 -31.57
CA THR D 87 44.73 -30.68 -31.25
C THR D 87 44.38 -29.31 -30.68
N VAL D 88 45.28 -28.73 -29.89
CA VAL D 88 45.05 -27.43 -29.34
C VAL D 88 46.39 -26.80 -29.05
N ASP D 89 46.53 -25.52 -29.35
CA ASP D 89 47.76 -24.81 -29.01
C ASP D 89 47.52 -23.94 -27.78
N ILE D 90 48.47 -23.95 -26.86
CA ILE D 90 48.37 -23.19 -25.61
C ILE D 90 49.53 -22.22 -25.46
N PRO D 91 49.25 -20.91 -25.64
CA PRO D 91 50.25 -19.90 -25.36
C PRO D 91 50.56 -19.87 -23.87
N LEU D 92 51.84 -19.75 -23.53
CA LEU D 92 52.23 -19.86 -22.14
C LEU D 92 52.15 -18.53 -21.40
N MET D 93 52.48 -17.45 -22.10
CA MET D 93 52.79 -16.17 -21.46
C MET D 93 51.73 -15.08 -21.69
N GLU D 94 50.71 -15.42 -22.47
CA GLU D 94 49.72 -14.40 -22.87
C GLU D 94 49.01 -13.73 -21.71
N SER D 95 48.95 -14.42 -20.56
CA SER D 95 48.23 -13.87 -19.41
C SER D 95 49.14 -13.37 -18.31
N PHE D 96 50.46 -13.40 -18.54
CA PHE D 96 51.46 -13.01 -17.55
C PHE D 96 52.26 -11.80 -17.96
N PHE D 97 52.84 -11.13 -16.96
CA PHE D 97 53.64 -9.94 -17.22
C PHE D 97 55.02 -10.43 -17.68
N ALA D 98 55.33 -10.20 -18.95
CA ALA D 98 56.60 -10.68 -19.54
C ALA D 98 57.83 -10.01 -18.94
N GLU D 99 57.66 -8.84 -18.34
CA GLU D 99 58.77 -8.17 -17.67
C GLU D 99 59.12 -8.82 -16.31
N GLN D 100 58.19 -9.59 -15.76
CA GLN D 100 58.40 -10.23 -14.47
C GLN D 100 58.74 -11.72 -14.58
N LEU D 101 58.21 -12.34 -15.62
CA LEU D 101 58.16 -13.81 -15.71
C LEU D 101 58.60 -14.31 -17.08
N LYS D 102 59.43 -15.33 -17.07
CA LYS D 102 59.95 -15.93 -18.32
C LYS D 102 59.82 -17.45 -18.22
N PRO D 103 59.28 -18.12 -19.26
CA PRO D 103 59.24 -19.58 -19.03
C PRO D 103 60.65 -20.18 -18.91
N ASN D 104 60.81 -21.19 -18.05
CA ASN D 104 62.10 -21.88 -17.90
C ASN D 104 62.21 -22.96 -19.00
N ARG D 105 63.03 -22.68 -20.02
CA ARG D 105 63.30 -23.65 -21.08
C ARG D 105 64.54 -24.49 -20.83
N ASP D 106 65.28 -24.19 -19.77
CA ASP D 106 66.50 -24.95 -19.45
C ASP D 106 66.18 -26.30 -18.82
N ALA D 107 65.23 -26.31 -17.89
CA ALA D 107 64.86 -27.53 -17.19
C ALA D 107 63.79 -28.33 -17.95
N ASP D 108 64.13 -29.55 -18.35
CA ASP D 108 63.29 -30.39 -19.22
C ASP D 108 61.77 -30.24 -19.00
N PRO D 109 61.06 -29.54 -19.91
CA PRO D 109 59.61 -29.33 -19.72
C PRO D 109 58.86 -30.63 -19.47
N HIS D 110 59.29 -31.71 -20.11
CA HIS D 110 58.62 -32.98 -19.91
C HIS D 110 58.85 -33.61 -18.55
N LYS D 111 59.92 -33.23 -17.88
CA LYS D 111 60.12 -33.67 -16.50
C LYS D 111 59.34 -32.79 -15.51
N TYR D 112 59.29 -31.48 -15.75
CA TYR D 112 58.88 -30.50 -14.73
C TYR D 112 57.50 -29.84 -14.94
N TRP D 113 56.94 -29.96 -16.15
CA TRP D 113 55.64 -29.35 -16.45
C TRP D 113 54.55 -30.40 -16.54
N GLU D 114 53.31 -29.94 -16.66
CA GLU D 114 52.19 -30.83 -16.75
C GLU D 114 51.15 -30.15 -17.65
N VAL D 115 50.56 -30.89 -18.59
CA VAL D 115 49.39 -30.38 -19.33
C VAL D 115 48.17 -31.12 -18.77
N VAL D 116 47.09 -30.38 -18.47
CA VAL D 116 45.93 -30.94 -17.82
C VAL D 116 44.66 -30.69 -18.67
N ASP D 117 43.88 -31.75 -18.87
CA ASP D 117 42.51 -31.64 -19.37
C ASP D 117 41.65 -31.28 -18.14
N ARG D 118 41.28 -30.02 -18.04
CA ARG D 118 40.51 -29.52 -16.92
C ARG D 118 39.09 -30.06 -16.90
N THR D 119 38.56 -30.43 -18.07
CA THR D 119 37.23 -30.98 -18.15
C THR D 119 37.10 -32.33 -17.47
N THR D 120 38.17 -33.13 -17.47
CA THR D 120 38.13 -34.44 -16.84
C THR D 120 39.06 -34.49 -15.64
N GLY D 121 39.99 -33.54 -15.57
CA GLY D 121 41.00 -33.53 -14.52
C GLY D 121 42.23 -34.39 -14.83
N GLU D 122 42.24 -35.05 -15.99
CA GLU D 122 43.34 -35.97 -16.29
C GLU D 122 44.57 -35.25 -16.80
N VAL D 123 45.75 -35.76 -16.41
CA VAL D 123 47.02 -35.26 -16.93
C VAL D 123 47.19 -35.82 -18.35
N VAL D 124 47.50 -34.96 -19.32
CA VAL D 124 47.71 -35.39 -20.69
C VAL D 124 49.09 -36.06 -20.73
N ASP D 125 49.18 -37.26 -21.31
CA ASP D 125 50.46 -37.99 -21.41
C ASP D 125 51.50 -37.06 -22.02
N SER D 126 52.72 -37.01 -21.47
CA SER D 126 53.73 -36.07 -22.00
C SER D 126 54.17 -36.38 -23.44
N ALA D 127 53.89 -37.59 -23.94
CA ALA D 127 54.16 -37.92 -25.34
C ALA D 127 53.21 -37.20 -26.27
N ASN D 128 52.12 -36.65 -25.72
CA ASN D 128 51.13 -35.94 -26.51
C ASN D 128 51.25 -34.42 -26.53
N TRP D 129 52.33 -33.88 -25.97
CA TRP D 129 52.56 -32.46 -26.14
C TRP D 129 54.02 -32.08 -26.38
N THR D 130 54.23 -30.94 -27.07
CA THR D 130 55.56 -30.44 -27.30
C THR D 130 55.61 -28.97 -27.03
N LEU D 131 56.78 -28.50 -26.60
CA LEU D 131 57.03 -27.08 -26.46
C LEU D 131 57.60 -26.61 -27.79
N ASP D 132 56.96 -25.62 -28.41
CA ASP D 132 57.47 -25.01 -29.64
C ASP D 132 58.93 -24.53 -29.48
N ALA D 133 59.76 -24.84 -30.48
CA ALA D 133 61.16 -24.44 -30.44
C ALA D 133 61.36 -22.93 -30.45
N ASP D 134 60.44 -22.20 -31.05
CA ASP D 134 60.64 -20.78 -31.31
C ASP D 134 59.68 -19.82 -30.61
N GLU D 135 58.53 -20.34 -30.20
CA GLU D 135 57.47 -19.56 -29.54
C GLU D 135 57.17 -20.20 -28.19
N ASP D 136 56.76 -19.37 -27.23
CA ASP D 136 56.37 -19.87 -25.91
C ASP D 136 54.94 -20.45 -25.97
N THR D 137 54.81 -21.57 -26.67
CA THR D 137 53.53 -22.17 -27.00
C THR D 137 53.67 -23.68 -26.91
N VAL D 138 52.69 -24.31 -26.26
CA VAL D 138 52.65 -25.76 -26.17
C VAL D 138 51.65 -26.28 -27.19
N HIS D 139 52.08 -27.26 -27.99
CA HIS D 139 51.24 -27.92 -28.96
C HIS D 139 50.74 -29.22 -28.38
N VAL D 140 49.42 -29.37 -28.26
CA VAL D 140 48.87 -30.56 -27.65
C VAL D 140 48.14 -31.33 -28.72
N SER D 141 48.27 -32.65 -28.70
CA SER D 141 47.59 -33.49 -29.70
C SER D 141 46.99 -34.74 -29.09
N GLY D 142 46.15 -35.39 -29.87
CA GLY D 142 45.43 -36.56 -29.42
C GLY D 142 44.45 -36.23 -28.31
N VAL D 143 43.92 -35.00 -28.31
CA VAL D 143 43.08 -34.52 -27.22
C VAL D 143 41.60 -34.64 -27.58
N ALA D 144 40.73 -34.47 -26.59
CA ALA D 144 39.28 -34.52 -26.84
C ALA D 144 38.76 -33.14 -27.21
N ALA D 145 37.99 -33.06 -28.29
CA ALA D 145 37.34 -31.78 -28.66
C ALA D 145 36.36 -31.35 -27.56
N TRP D 146 36.22 -30.03 -27.36
CA TRP D 146 35.25 -29.42 -26.43
C TRP D 146 35.62 -29.54 -24.94
N HIS D 147 36.88 -29.90 -24.67
CA HIS D 147 37.45 -29.91 -23.32
C HIS D 147 38.34 -28.67 -23.22
N GLU D 148 38.55 -28.20 -21.99
CA GLU D 148 39.48 -27.10 -21.76
C GLU D 148 40.81 -27.64 -21.29
N TYR D 149 41.90 -27.09 -21.81
CA TYR D 149 43.26 -27.54 -21.46
C TYR D 149 44.10 -26.42 -20.88
N THR D 150 44.98 -26.76 -19.94
CA THR D 150 45.95 -25.80 -19.42
C THR D 150 47.36 -26.39 -19.39
N VAL D 151 48.37 -25.52 -19.32
CA VAL D 151 49.75 -25.92 -19.01
C VAL D 151 50.16 -25.34 -17.66
N SER D 152 50.79 -26.19 -16.85
CA SER D 152 51.46 -25.76 -15.64
C SER D 152 52.94 -25.82 -15.92
N PHE D 153 53.56 -24.65 -15.94
CA PHE D 153 54.97 -24.57 -16.37
C PHE D 153 55.85 -23.85 -15.34
N LEU D 154 57.15 -24.17 -15.33
CA LEU D 154 58.10 -23.45 -14.48
C LEU D 154 58.51 -22.15 -15.17
N ALA D 155 58.52 -21.05 -14.42
CA ALA D 155 58.97 -19.75 -14.93
C ALA D 155 60.02 -19.17 -14.04
N TYR D 156 61.03 -18.56 -14.67
CA TYR D 156 61.94 -17.71 -13.94
C TYR D 156 61.26 -16.41 -13.54
N ILE D 157 61.52 -15.97 -12.32
CA ILE D 157 61.13 -14.64 -11.85
C ILE D 157 62.30 -13.68 -12.09
N ILE D 158 62.15 -12.82 -13.11
CA ILE D 158 63.27 -11.98 -13.59
C ILE D 158 63.26 -10.53 -13.08
N TRP D 159 62.24 -10.19 -12.27
CA TRP D 159 62.14 -8.86 -11.67
C TRP D 159 61.60 -9.06 -10.25
N ASP D 160 62.32 -8.56 -9.25
CA ASP D 160 61.95 -8.75 -7.85
C ASP D 160 60.53 -8.25 -7.66
N PRO D 161 59.58 -9.12 -7.20
CA PRO D 161 58.17 -8.70 -7.22
C PRO D 161 57.88 -7.38 -6.51
N VAL D 162 58.52 -7.13 -5.36
CA VAL D 162 58.28 -5.92 -4.59
C VAL D 162 58.93 -4.67 -5.22
N GLU D 163 60.19 -4.77 -5.64
CA GLU D 163 60.81 -3.65 -6.37
C GLU D 163 59.96 -3.34 -7.63
N MET D 164 59.46 -4.39 -8.32
CA MET D 164 58.60 -4.21 -9.49
C MET D 164 57.33 -3.43 -9.10
N TYR D 165 56.67 -3.88 -8.03
CA TYR D 165 55.50 -3.19 -7.47
C TYR D 165 55.79 -1.69 -7.24
N ASN D 166 56.86 -1.40 -6.52
CA ASN D 166 57.27 -0.03 -6.26
C ASN D 166 57.56 0.76 -7.52
N HIS D 167 58.24 0.13 -8.46
CA HIS D 167 58.54 0.75 -9.75
C HIS D 167 57.24 1.16 -10.45
N LEU D 168 56.30 0.22 -10.54
CA LEU D 168 55.03 0.48 -11.22
C LEU D 168 54.19 1.50 -10.49
N THR D 169 54.15 1.40 -9.16
CA THR D 169 53.34 2.27 -8.33
C THR D 169 53.83 3.74 -8.41
N ASN D 170 55.15 3.90 -8.48
CA ASN D 170 55.78 5.23 -8.54
C ASN D 170 56.19 5.74 -9.94
N ASP D 171 55.81 5.00 -10.98
CA ASP D 171 56.24 5.24 -12.36
C ASP D 171 57.72 5.62 -12.46
N TRP D 172 58.59 4.67 -12.11
CA TRP D 172 60.02 4.90 -12.23
C TRP D 172 60.52 4.77 -13.67
N GLY D 173 59.61 4.48 -14.60
CA GLY D 173 59.91 4.51 -16.03
C GLY D 173 61.10 3.66 -16.47
N ASP D 174 62.21 4.33 -16.80
CA ASP D 174 63.42 3.72 -17.37
C ASP D 174 64.36 3.05 -16.37
N LYS D 175 64.13 3.33 -15.09
CA LYS D 175 64.95 2.76 -14.00
C LYS D 175 65.19 1.27 -14.21
N GLU D 176 66.47 0.86 -14.15
CA GLU D 176 66.84 -0.55 -14.28
C GLU D 176 66.02 -1.47 -13.34
N HIS D 177 65.52 -2.58 -13.88
CA HIS D 177 64.76 -3.56 -13.06
C HIS D 177 65.67 -4.46 -12.25
N GLU D 178 65.43 -4.52 -10.94
CA GLU D 178 66.21 -5.42 -10.09
C GLU D 178 65.76 -6.85 -10.23
N ILE D 179 66.70 -7.69 -10.63
CA ILE D 179 66.50 -9.14 -10.83
C ILE D 179 66.79 -9.87 -9.50
N PRO D 180 65.82 -10.71 -9.02
CA PRO D 180 66.04 -11.35 -7.73
C PRO D 180 66.85 -12.64 -7.86
N PHE D 181 67.43 -13.12 -6.77
CA PHE D 181 68.18 -14.38 -6.82
C PHE D 181 67.86 -15.30 -5.66
N ASP D 182 68.11 -16.60 -5.87
CA ASP D 182 67.62 -17.66 -5.00
C ASP D 182 68.81 -18.38 -4.36
N ILE D 183 68.95 -18.22 -3.05
CA ILE D 183 70.05 -18.81 -2.30
C ILE D 183 69.99 -20.33 -2.14
N TYR D 184 68.95 -20.96 -2.68
CA TYR D 184 68.95 -22.43 -2.74
C TYR D 184 70.15 -22.94 -3.54
N HIS D 185 70.56 -22.17 -4.55
CA HIS D 185 71.69 -22.55 -5.40
C HIS D 185 73.01 -22.12 -4.73
N PRO D 186 74.03 -23.01 -4.67
CA PRO D 186 75.22 -22.71 -3.83
C PRO D 186 76.06 -21.49 -4.25
N ALA D 187 76.17 -21.26 -5.55
CA ALA D 187 76.90 -20.11 -6.06
C ALA D 187 76.31 -18.83 -5.52
N THR D 188 74.98 -18.69 -5.71
CA THR D 188 74.27 -17.51 -5.24
C THR D 188 74.34 -17.42 -3.72
N ARG D 189 74.22 -18.55 -3.03
CA ARG D 189 74.26 -18.51 -1.57
C ARG D 189 75.60 -17.96 -1.06
N LYS D 190 76.68 -18.43 -1.70
CA LYS D 190 78.01 -18.00 -1.33
C LYS D 190 78.16 -16.52 -1.63
N PHE D 191 77.66 -16.08 -2.78
CA PHE D 191 77.72 -14.66 -3.10
C PHE D 191 77.02 -13.80 -2.05
N VAL D 192 75.81 -14.20 -1.67
CA VAL D 192 75.02 -13.43 -0.71
C VAL D 192 75.70 -13.33 0.67
N PHE D 193 76.23 -14.46 1.17
CA PHE D 193 76.91 -14.45 2.49
C PHE D 193 78.26 -13.73 2.45
N ASP D 194 79.02 -13.93 1.36
CA ASP D 194 80.29 -13.19 1.21
C ASP D 194 80.04 -11.69 1.15
N THR D 195 79.04 -11.30 0.35
CA THR D 195 78.63 -9.92 0.21
C THR D 195 78.17 -9.30 1.53
N PHE D 196 77.40 -10.05 2.32
CA PHE D 196 76.93 -9.55 3.63
C PHE D 196 78.07 -9.36 4.63
N GLU D 197 79.00 -10.29 4.64
CA GLU D 197 80.19 -10.23 5.49
C GLU D 197 81.00 -8.96 5.23
N GLN D 198 81.18 -8.61 3.96
CA GLN D 198 81.86 -7.40 3.60
C GLN D 198 81.04 -6.15 3.93
N TRP D 199 79.73 -6.19 3.67
CA TRP D 199 78.85 -5.05 3.96
C TRP D 199 78.95 -4.69 5.44
N LEU D 200 78.94 -5.71 6.30
CA LEU D 200 79.06 -5.51 7.74
C LEU D 200 80.35 -4.80 8.11
N LYS D 201 81.43 -5.16 7.41
CA LYS D 201 82.74 -4.53 7.57
C LYS D 201 82.70 -3.10 7.10
N ASP D 202 82.01 -2.86 5.99
CA ASP D 202 81.89 -1.51 5.45
C ASP D 202 80.85 -0.64 6.16
N SER D 203 80.17 -1.19 7.17
CA SER D 203 79.08 -0.46 7.85
C SER D 203 79.25 -0.31 9.35
N PRO D 204 80.41 0.23 9.83
CA PRO D 204 80.63 0.23 11.30
C PRO D 204 79.62 1.09 12.10
N GLN D 205 78.97 2.04 11.45
CA GLN D 205 78.03 2.90 12.15
C GLN D 205 76.56 2.41 12.16
N THR D 206 76.29 1.30 11.45
CA THR D 206 74.97 0.64 11.51
C THR D 206 74.87 -0.18 12.79
N ASP D 207 73.78 0.00 13.53
CA ASP D 207 73.58 -0.75 14.78
C ASP D 207 72.57 -1.87 14.64
N VAL D 208 71.60 -1.65 13.76
CA VAL D 208 70.51 -2.61 13.53
C VAL D 208 70.40 -2.89 12.03
N VAL D 209 70.51 -4.15 11.66
CA VAL D 209 70.29 -4.56 10.27
C VAL D 209 68.80 -4.86 10.11
N ARG D 210 68.14 -4.06 9.30
CA ARG D 210 66.71 -4.22 9.08
C ARG D 210 66.49 -5.04 7.80
N PHE D 211 66.48 -6.35 7.97
CA PHE D 211 66.30 -7.31 6.89
C PHE D 211 64.87 -7.19 6.35
N THR D 212 64.78 -6.76 5.11
CA THR D 212 63.51 -6.46 4.42
C THR D 212 63.48 -7.17 3.06
N THR D 213 63.36 -8.50 3.06
CA THR D 213 63.26 -9.30 4.28
C THR D 213 64.34 -10.36 4.19
N PHE D 214 63.97 -11.63 3.90
CA PHE D 214 65.00 -12.67 3.72
C PHE D 214 65.03 -13.25 2.31
N PHE D 215 64.57 -14.49 2.14
CA PHE D 215 64.93 -15.27 0.96
C PHE D 215 63.83 -15.61 -0.02
N TYR D 216 62.58 -15.65 0.45
CA TYR D 216 61.45 -16.01 -0.42
C TYR D 216 60.27 -15.07 -0.26
N GLN D 217 59.92 -14.44 -1.38
CA GLN D 217 58.84 -13.46 -1.51
C GLN D 217 57.45 -14.11 -1.49
N PHE D 218 56.51 -13.52 -0.75
CA PHE D 218 55.13 -14.03 -0.75
C PHE D 218 54.56 -13.94 -2.16
N THR D 219 53.67 -14.87 -2.52
CA THR D 219 53.08 -14.89 -3.85
C THR D 219 52.62 -13.52 -4.33
N LEU D 220 53.21 -13.06 -5.42
CA LEU D 220 52.90 -11.75 -5.97
C LEU D 220 53.22 -11.80 -7.46
N LEU D 221 52.20 -12.10 -8.27
CA LEU D 221 52.40 -12.27 -9.71
C LEU D 221 51.54 -11.30 -10.50
N PHE D 222 52.10 -10.73 -11.57
CA PHE D 222 51.42 -9.70 -12.37
C PHE D 222 50.99 -10.21 -13.73
N ASP D 223 49.99 -9.55 -14.32
CA ASP D 223 49.46 -9.96 -15.61
C ASP D 223 49.98 -9.15 -16.79
N GLU D 224 49.52 -9.50 -17.96
CA GLU D 224 49.98 -8.89 -19.21
C GLU D 224 49.58 -7.42 -19.33
N LYS D 225 48.67 -6.98 -18.46
CA LYS D 225 48.30 -5.56 -18.44
C LYS D 225 49.00 -4.79 -17.31
N ARG D 226 50.04 -5.36 -16.72
CA ARG D 226 50.82 -4.72 -15.66
C ARG D 226 49.99 -4.53 -14.38
N ARG D 227 49.00 -5.39 -14.18
CA ARG D 227 48.17 -5.38 -12.96
C ARG D 227 48.49 -6.62 -12.13
N GLU D 228 48.24 -6.55 -10.82
CA GLU D 228 48.38 -7.75 -10.02
C GLU D 228 47.48 -8.88 -10.56
N LYS D 229 48.03 -10.08 -10.62
CA LYS D 229 47.27 -11.21 -11.13
C LYS D 229 46.89 -12.20 -10.02
N VAL D 230 47.87 -12.54 -9.19
CA VAL D 230 47.72 -13.51 -8.07
C VAL D 230 48.49 -12.91 -6.91
N VAL D 231 47.90 -12.92 -5.71
CA VAL D 231 48.60 -12.45 -4.50
C VAL D 231 48.11 -13.33 -3.32
N ASP D 232 49.04 -13.68 -2.46
CA ASP D 232 48.71 -14.31 -1.17
C ASP D 232 49.85 -13.96 -0.26
N TRP D 233 49.54 -13.18 0.77
CA TRP D 233 50.56 -12.73 1.71
C TRP D 233 51.24 -13.93 2.39
N PHE D 234 50.60 -15.09 2.36
CA PHE D 234 51.16 -16.30 2.94
C PHE D 234 51.72 -17.25 1.89
N GLY D 235 51.59 -16.91 0.61
CA GLY D 235 51.76 -17.89 -0.48
C GLY D 235 53.21 -18.31 -0.72
N CYS D 236 53.40 -19.62 -0.98
CA CYS D 236 54.72 -20.22 -1.32
C CYS D 236 54.99 -20.41 -2.80
N ALA D 237 54.26 -19.70 -3.67
CA ALA D 237 54.41 -20.00 -5.10
C ALA D 237 55.85 -19.78 -5.58
N CYS D 238 56.47 -18.70 -5.11
CA CYS D 238 57.72 -18.21 -5.68
C CYS D 238 58.92 -18.82 -4.95
N THR D 239 58.93 -20.13 -4.80
CA THR D 239 59.94 -20.76 -3.96
C THR D 239 60.52 -22.07 -4.54
N VAL D 240 60.24 -22.36 -5.81
CA VAL D 240 60.61 -23.64 -6.39
C VAL D 240 61.81 -23.49 -7.32
N SER D 241 62.44 -24.63 -7.62
CA SER D 241 63.46 -24.75 -8.64
C SER D 241 63.53 -26.23 -9.05
N PRO D 242 64.14 -26.52 -10.22
CA PRO D 242 64.34 -27.92 -10.58
C PRO D 242 65.06 -28.66 -9.47
N ARG D 243 66.13 -28.07 -8.93
CA ARG D 243 66.87 -28.77 -7.87
C ARG D 243 66.07 -28.92 -6.57
N ALA D 244 65.41 -27.86 -6.12
CA ALA D 244 64.67 -28.03 -4.87
C ALA D 244 63.56 -29.07 -5.01
N LEU D 245 62.92 -29.16 -6.19
CA LEU D 245 61.82 -30.10 -6.39
C LEU D 245 62.34 -31.54 -6.37
N ASP D 246 63.47 -31.74 -7.05
CA ASP D 246 64.10 -33.07 -7.08
C ASP D 246 64.59 -33.50 -5.67
N ASP D 247 65.19 -32.54 -4.94
CA ASP D 247 65.62 -32.75 -3.53
C ASP D 247 64.43 -33.07 -2.64
N PHE D 248 63.31 -32.35 -2.85
CA PHE D 248 62.09 -32.68 -2.12
C PHE D 248 61.71 -34.13 -2.39
N GLU D 249 61.70 -34.53 -3.65
CA GLU D 249 61.26 -35.90 -3.98
C GLU D 249 62.08 -36.98 -3.20
N ALA D 250 63.39 -36.80 -3.19
CA ALA D 250 64.29 -37.75 -2.53
C ALA D 250 64.05 -37.78 -1.01
N LYS D 251 63.68 -36.64 -0.44
CA LYS D 251 63.52 -36.50 1.00
C LYS D 251 62.15 -37.01 1.49
N TYR D 252 61.09 -36.76 0.70
CA TYR D 252 59.70 -37.00 1.11
C TYR D 252 59.10 -38.28 0.56
N GLY D 253 59.78 -38.89 -0.42
CA GLY D 253 59.38 -40.20 -0.96
C GLY D 253 58.18 -40.11 -1.89
N TYR D 254 57.99 -38.93 -2.48
CA TYR D 254 57.00 -38.73 -3.56
C TYR D 254 57.34 -37.45 -4.30
N ARG D 255 56.99 -37.38 -5.58
CA ARG D 255 57.28 -36.19 -6.37
C ARG D 255 56.05 -35.32 -6.39
N LEU D 256 56.23 -34.02 -6.13
CA LEU D 256 55.15 -33.06 -6.21
C LEU D 256 54.77 -32.87 -7.67
N ARG D 257 53.47 -32.86 -7.94
CA ARG D 257 52.98 -32.44 -9.25
C ARG D 257 53.04 -30.91 -9.34
N PRO D 258 53.25 -30.35 -10.55
CA PRO D 258 53.02 -28.91 -10.67
C PRO D 258 51.63 -28.54 -10.07
N GLU D 259 50.66 -29.46 -10.19
CA GLU D 259 49.32 -29.26 -9.61
C GLU D 259 49.36 -29.03 -8.09
N ASP D 260 50.39 -29.53 -7.42
CA ASP D 260 50.50 -29.31 -5.95
C ASP D 260 50.89 -27.86 -5.60
N PHE D 261 51.26 -27.08 -6.63
CA PHE D 261 51.49 -25.63 -6.49
C PHE D 261 50.41 -24.77 -7.13
N VAL D 262 50.06 -25.05 -8.39
CA VAL D 262 49.03 -24.18 -9.04
C VAL D 262 47.63 -24.54 -8.51
N ASP D 263 47.45 -25.77 -8.03
CA ASP D 263 46.27 -26.09 -7.24
C ASP D 263 45.00 -25.73 -8.01
N GLY D 264 44.95 -26.10 -9.30
CA GLY D 264 43.72 -25.87 -10.10
C GLY D 264 43.37 -24.42 -10.40
N GLY D 265 44.30 -23.51 -10.13
CA GLY D 265 44.05 -22.08 -10.27
C GLY D 265 43.95 -21.35 -8.93
N ALA D 266 43.91 -22.10 -7.84
CA ALA D 266 43.82 -21.50 -6.47
C ALA D 266 45.17 -21.07 -5.94
N TYR D 267 46.23 -21.66 -6.48
CA TYR D 267 47.61 -21.38 -6.03
C TYR D 267 47.78 -21.53 -4.49
N ASN D 268 47.10 -22.51 -3.89
CA ASN D 268 47.24 -22.82 -2.45
C ASN D 268 46.91 -21.67 -1.52
N SER D 269 45.98 -20.82 -1.94
CA SER D 269 45.43 -19.79 -1.09
C SER D 269 45.27 -20.30 0.35
N ALA D 270 45.64 -19.47 1.32
CA ALA D 270 45.44 -19.79 2.74
C ALA D 270 44.00 -20.15 3.13
N TRP D 271 43.02 -19.79 2.28
CA TRP D 271 41.62 -20.10 2.47
C TRP D 271 41.30 -21.54 2.09
N ARG D 272 42.15 -22.18 1.29
CA ARG D 272 41.93 -23.58 0.92
C ARG D 272 42.20 -24.46 2.15
N VAL D 273 41.40 -25.49 2.36
CA VAL D 273 41.71 -26.47 3.39
C VAL D 273 43.09 -27.05 3.08
N PRO D 274 44.03 -26.94 4.03
CA PRO D 274 45.40 -27.27 3.73
C PRO D 274 45.54 -28.72 3.37
N ARG D 275 46.34 -29.00 2.33
CA ARG D 275 46.65 -30.35 1.88
C ARG D 275 48.03 -30.74 2.41
N LYS D 276 48.25 -32.04 2.57
CA LYS D 276 49.53 -32.52 3.09
C LYS D 276 50.70 -32.00 2.25
N ALA D 277 50.52 -31.92 0.92
CA ALA D 277 51.58 -31.41 0.05
C ALA D 277 51.98 -29.98 0.40
N GLN D 278 51.01 -29.16 0.81
CA GLN D 278 51.34 -27.79 1.24
C GLN D 278 52.17 -27.77 2.52
N ARG D 279 51.75 -28.60 3.47
CA ARG D 279 52.39 -28.64 4.77
C ARG D 279 53.82 -29.18 4.61
N ASP D 280 53.97 -30.20 3.76
CA ASP D 280 55.28 -30.79 3.45
C ASP D 280 56.20 -29.73 2.86
N TRP D 281 55.68 -28.95 1.91
CA TRP D 281 56.50 -27.97 1.24
C TRP D 281 56.90 -26.88 2.22
N ILE D 282 55.97 -26.39 3.02
CA ILE D 282 56.27 -25.43 4.11
C ILE D 282 57.38 -25.96 5.03
N ASP D 283 57.25 -27.21 5.49
CA ASP D 283 58.29 -27.83 6.34
C ASP D 283 59.66 -27.83 5.66
N PHE D 284 59.67 -28.27 4.40
CA PHE D 284 60.88 -28.38 3.61
C PHE D 284 61.52 -27.00 3.42
N LEU D 285 60.72 -26.02 2.99
CA LEU D 285 61.24 -24.65 2.82
C LEU D 285 61.73 -24.01 4.13
N SER D 286 60.98 -24.20 5.20
CA SER D 286 61.28 -23.55 6.47
C SER D 286 62.57 -24.02 7.07
N GLY D 287 62.88 -25.30 6.92
CA GLY D 287 64.15 -25.86 7.43
C GLY D 287 65.28 -25.08 6.83
N PHE D 288 65.21 -24.90 5.52
CA PHE D 288 66.25 -24.25 4.75
C PHE D 288 66.32 -22.76 5.10
N VAL D 289 65.18 -22.07 5.11
CA VAL D 289 65.16 -20.62 5.33
C VAL D 289 65.71 -20.29 6.72
N ARG D 290 65.22 -21.02 7.72
CA ARG D 290 65.60 -20.83 9.11
C ARG D 290 67.09 -21.06 9.36
N GLU D 291 67.68 -22.08 8.77
CA GLU D 291 69.14 -22.24 8.93
C GLU D 291 69.90 -21.03 8.41
N ASN D 292 69.48 -20.51 7.25
CA ASN D 292 70.14 -19.36 6.66
C ASN D 292 69.84 -18.02 7.31
N VAL D 293 68.63 -17.91 7.87
CA VAL D 293 68.31 -16.73 8.68
C VAL D 293 69.18 -16.73 9.94
N LYS D 294 69.33 -17.90 10.55
CA LYS D 294 70.13 -17.99 11.78
C LYS D 294 71.55 -17.53 11.48
N GLN D 295 72.07 -17.91 10.31
CA GLN D 295 73.42 -17.50 9.93
C GLN D 295 73.53 -15.98 9.76
N LEU D 296 72.55 -15.37 9.09
CA LEU D 296 72.55 -13.91 8.96
C LEU D 296 72.49 -13.21 10.32
N ALA D 297 71.70 -13.75 11.25
CA ALA D 297 71.58 -13.22 12.61
C ALA D 297 72.92 -13.39 13.38
N ASP D 298 73.51 -14.59 13.27
CA ASP D 298 74.81 -14.89 13.88
C ASP D 298 75.93 -13.96 13.36
N MET D 299 75.95 -13.70 12.05
CA MET D 299 76.93 -12.80 11.47
C MET D 299 76.69 -11.38 11.94
N SER D 300 75.43 -10.97 11.94
CA SER D 300 75.05 -9.70 12.49
C SER D 300 75.51 -9.51 13.95
N HIS D 301 75.30 -10.52 14.80
CA HIS D 301 75.72 -10.46 16.19
C HIS D 301 77.25 -10.42 16.37
N ALA D 302 77.97 -11.16 15.53
CA ALA D 302 79.44 -11.19 15.57
C ALA D 302 80.05 -9.84 15.20
N ALA D 303 79.35 -9.06 14.39
CA ALA D 303 79.79 -7.73 14.04
C ALA D 303 79.25 -6.64 14.99
N GLY D 304 78.67 -7.06 16.12
CA GLY D 304 78.18 -6.11 17.13
C GLY D 304 76.84 -5.45 16.78
N LYS D 305 76.05 -6.08 15.92
CA LYS D 305 74.81 -5.48 15.43
C LYS D 305 73.59 -6.34 15.71
N GLU D 306 72.44 -5.71 15.80
CA GLU D 306 71.16 -6.41 15.98
C GLU D 306 70.56 -6.85 14.65
N ALA D 307 69.92 -8.02 14.64
CA ALA D 307 69.20 -8.49 13.46
C ALA D 307 67.70 -8.26 13.63
N MET D 308 67.10 -7.47 12.73
CA MET D 308 65.67 -7.16 12.75
C MET D 308 65.03 -7.65 11.47
N MET D 309 63.86 -8.31 11.60
CA MET D 309 63.14 -8.85 10.44
C MET D 309 61.85 -8.07 10.21
N PHE D 310 61.64 -7.67 8.96
CA PHE D 310 60.38 -7.05 8.56
C PHE D 310 59.39 -8.20 8.38
N LEU D 311 58.23 -8.09 9.04
CA LEU D 311 57.15 -9.09 8.90
C LEU D 311 56.43 -8.86 7.59
N GLY D 312 57.01 -9.40 6.51
CA GLY D 312 56.43 -9.17 5.18
C GLY D 312 57.42 -9.40 4.07
N ASP D 313 57.00 -9.07 2.85
CA ASP D 313 57.82 -9.26 1.66
C ASP D 313 58.45 -10.65 1.67
N GLN D 314 59.79 -10.75 1.71
CA GLN D 314 60.42 -12.07 1.65
C GLN D 314 60.45 -12.79 2.99
N TRP D 315 59.28 -13.06 3.55
CA TRP D 315 59.20 -13.64 4.87
C TRP D 315 58.75 -15.08 4.81
N ILE D 316 58.59 -15.61 3.60
CA ILE D 316 58.09 -16.99 3.46
C ILE D 316 59.16 -17.98 4.00
N GLY D 317 58.72 -18.95 4.79
CA GLY D 317 59.63 -19.94 5.37
C GLY D 317 60.14 -19.58 6.76
N THR D 318 59.81 -18.38 7.26
CA THR D 318 60.35 -17.98 8.57
C THR D 318 59.46 -18.53 9.70
N GLU D 319 58.15 -18.44 9.46
CA GLU D 319 57.14 -19.00 10.33
C GLU D 319 57.25 -18.51 11.78
N PRO D 320 57.00 -17.19 12.00
CA PRO D 320 57.20 -16.53 13.30
C PRO D 320 56.39 -17.17 14.42
N TYR D 321 55.29 -17.84 14.07
CA TYR D 321 54.42 -18.44 15.07
C TYR D 321 54.58 -19.96 15.24
N LYS D 322 55.50 -20.59 14.51
CA LYS D 322 55.81 -22.01 14.73
C LYS D 322 56.98 -22.19 15.69
N ASP D 323 56.96 -23.29 16.46
CA ASP D 323 58.03 -23.56 17.43
C ASP D 323 59.41 -23.52 16.78
N GLY D 324 60.40 -23.01 17.52
CA GLY D 324 61.75 -22.94 16.98
C GLY D 324 62.14 -21.58 16.47
N PHE D 325 61.15 -20.69 16.26
CA PHE D 325 61.45 -19.33 15.77
C PHE D 325 62.40 -18.61 16.71
N ASP D 326 62.26 -18.85 18.01
CA ASP D 326 63.17 -18.27 19.01
C ASP D 326 64.63 -18.70 18.80
N GLU D 327 64.85 -19.85 18.19
CA GLU D 327 66.22 -20.38 18.04
C GLU D 327 67.01 -19.64 16.97
N LEU D 328 66.34 -18.81 16.17
CA LEU D 328 67.01 -17.99 15.15
C LEU D 328 67.87 -16.89 15.76
N GLY D 329 67.47 -16.45 16.95
CA GLY D 329 68.21 -15.41 17.69
C GLY D 329 67.99 -14.04 17.09
N LEU D 330 66.89 -13.86 16.36
CA LEU D 330 66.52 -12.52 15.90
C LEU D 330 66.24 -11.57 17.06
N ASP D 331 66.80 -10.36 16.99
CA ASP D 331 66.56 -9.39 18.04
C ASP D 331 65.17 -8.78 18.00
N ALA D 332 64.64 -8.56 16.80
CA ALA D 332 63.35 -7.90 16.67
C ALA D 332 62.56 -8.32 15.42
N VAL D 333 61.25 -8.06 15.45
CA VAL D 333 60.41 -8.06 14.25
C VAL D 333 59.81 -6.66 14.16
N VAL D 334 59.90 -6.05 12.98
CA VAL D 334 59.20 -4.82 12.69
C VAL D 334 58.12 -5.16 11.67
N GLY D 335 56.95 -4.55 11.79
CA GLY D 335 55.89 -4.76 10.78
C GLY D 335 55.03 -3.54 10.51
N SER D 336 54.18 -3.64 9.49
CA SER D 336 53.32 -2.53 9.05
C SER D 336 52.05 -2.53 9.87
N ILE D 337 51.75 -1.38 10.46
CA ILE D 337 50.51 -1.21 11.23
C ILE D 337 49.42 -0.68 10.32
N GLY D 338 48.46 -1.54 9.99
CA GLY D 338 47.37 -1.14 9.15
C GLY D 338 46.04 -1.04 9.87
N ASP D 339 45.96 -1.65 11.04
CA ASP D 339 44.70 -1.84 11.81
C ASP D 339 45.05 -2.64 13.07
N GLY D 340 44.07 -2.99 13.91
CA GLY D 340 44.35 -3.77 15.14
C GLY D 340 44.87 -5.18 14.85
N THR D 341 44.33 -5.81 13.82
CA THR D 341 44.71 -7.19 13.48
C THR D 341 46.14 -7.31 13.09
N THR D 342 46.59 -6.39 12.21
CA THR D 342 47.96 -6.43 11.75
C THR D 342 48.93 -5.95 12.84
N THR D 343 48.46 -5.11 13.78
CA THR D 343 49.22 -4.80 15.00
C THR D 343 49.47 -6.08 15.81
N ARG D 344 48.40 -6.86 16.06
CA ARG D 344 48.54 -8.08 16.83
C ARG D 344 49.42 -9.09 16.11
N MET D 345 49.39 -9.10 14.78
CA MET D 345 50.24 -10.07 14.04
C MET D 345 51.67 -9.94 14.51
N ILE D 346 52.07 -8.69 14.72
CA ILE D 346 53.43 -8.35 15.17
C ILE D 346 53.60 -8.57 16.65
N ALA D 347 52.65 -8.03 17.42
CA ALA D 347 52.78 -7.86 18.85
C ALA D 347 52.88 -9.20 19.56
N ASP D 348 52.15 -10.22 19.05
CA ASP D 348 52.07 -11.53 19.71
C ASP D 348 53.18 -12.51 19.34
N ILE D 349 54.13 -12.12 18.49
CA ILE D 349 55.19 -13.03 18.10
C ILE D 349 56.11 -13.35 19.30
N PRO D 350 56.31 -14.65 19.62
CA PRO D 350 57.23 -14.97 20.71
C PRO D 350 58.60 -15.22 20.11
N GLY D 351 59.63 -15.23 20.93
CA GLY D 351 60.93 -15.61 20.41
C GLY D 351 61.82 -14.46 19.96
N VAL D 352 61.36 -13.22 20.16
CA VAL D 352 62.23 -12.08 19.87
C VAL D 352 62.40 -11.16 21.07
N LYS D 353 63.49 -10.42 21.09
CA LYS D 353 63.75 -9.50 22.19
C LYS D 353 62.71 -8.39 22.22
N TYR D 354 62.46 -7.74 21.08
CA TYR D 354 61.45 -6.67 21.01
C TYR D 354 60.70 -6.58 19.69
N THR D 355 59.60 -5.85 19.70
CA THR D 355 58.79 -5.65 18.49
C THR D 355 58.65 -4.18 18.13
N GLU D 356 58.50 -3.90 16.85
CA GLU D 356 58.35 -2.52 16.40
C GLU D 356 57.23 -2.39 15.37
N GLY D 357 56.44 -1.33 15.51
CA GLY D 357 55.46 -0.99 14.50
C GLY D 357 55.96 0.14 13.60
N ARG D 358 55.72 -0.02 12.30
CA ARG D 358 55.88 1.06 11.32
C ARG D 358 54.48 1.64 11.07
N PHE D 359 54.18 2.74 11.76
CA PHE D 359 52.83 3.31 11.75
C PHE D 359 52.60 4.14 10.50
N LEU D 360 51.34 4.48 10.26
CA LEU D 360 50.91 5.27 9.12
C LEU D 360 50.59 6.69 9.60
N PRO D 361 50.59 7.69 8.69
CA PRO D 361 50.85 7.58 7.23
C PRO D 361 52.32 7.40 6.88
N TYR D 362 52.57 6.72 5.76
CA TYR D 362 53.92 6.72 5.17
C TYR D 362 54.29 8.18 4.74
N PHE D 363 55.53 8.59 4.94
CA PHE D 363 55.95 9.96 4.65
C PHE D 363 56.19 10.10 3.15
N PHE D 364 55.10 10.43 2.46
CA PHE D 364 55.01 10.22 1.02
C PHE D 364 53.92 11.12 0.44
N PRO D 365 54.11 11.65 -0.80
CA PRO D 365 53.14 12.55 -1.49
C PRO D 365 51.68 12.07 -1.53
N ASP D 366 51.50 10.76 -1.42
CA ASP D 366 50.19 10.11 -1.43
C ASP D 366 49.24 10.69 -0.38
N THR D 367 49.79 11.07 0.77
CA THR D 367 48.98 11.71 1.83
C THR D 367 49.50 13.11 2.16
N PHE D 368 50.79 13.32 1.92
CA PHE D 368 51.43 14.62 2.17
C PHE D 368 51.45 15.48 0.90
N TYR D 369 50.33 16.15 0.66
CA TYR D 369 50.16 17.07 -0.48
C TYR D 369 49.39 18.28 0.03
N GLU D 370 49.66 19.46 -0.57
CA GLU D 370 49.11 20.74 -0.09
C GLU D 370 47.59 20.68 0.14
N GLY D 371 47.17 21.13 1.32
CA GLY D 371 45.75 21.15 1.64
C GLY D 371 45.23 19.91 2.33
N ASN D 372 46.02 18.83 2.37
CA ASN D 372 45.63 17.66 3.18
C ASN D 372 46.13 17.79 4.61
N ASP D 373 45.37 17.21 5.55
CA ASP D 373 45.69 17.17 6.98
C ASP D 373 45.99 15.70 7.39
N PRO D 374 47.27 15.28 7.25
CA PRO D 374 47.71 13.90 7.54
C PRO D 374 47.64 13.54 9.02
N SER D 375 47.39 14.50 9.89
CA SER D 375 47.21 14.19 11.29
C SER D 375 45.94 13.38 11.53
N ILE D 376 44.95 13.50 10.65
CA ILE D 376 43.74 12.67 10.71
C ILE D 376 44.10 11.17 10.53
N GLU D 377 44.72 10.86 9.40
CA GLU D 377 45.29 9.51 9.14
C GLU D 377 46.18 9.04 10.30
N GLY D 378 47.04 9.97 10.74
CA GLY D 378 47.95 9.74 11.84
C GLY D 378 47.26 9.26 13.10
N LEU D 379 46.18 9.95 13.49
CA LEU D 379 45.44 9.61 14.70
C LEU D 379 44.54 8.38 14.46
N ASP D 380 43.96 8.28 13.26
CA ASP D 380 43.19 7.09 12.90
C ASP D 380 44.02 5.80 13.10
N ASN D 381 45.23 5.78 12.53
CA ASN D 381 46.16 4.65 12.66
C ASN D 381 46.52 4.42 14.12
N TRP D 382 46.78 5.51 14.84
CA TRP D 382 47.13 5.33 16.25
C TRP D 382 45.99 4.67 17.05
N ARG D 383 44.74 5.08 16.83
CA ARG D 383 43.61 4.54 17.62
C ARG D 383 43.36 3.05 17.31
N LYS D 384 43.46 2.68 16.04
CA LYS D 384 43.21 1.28 15.64
C LYS D 384 44.25 0.35 16.24
N ALA D 385 45.48 0.87 16.35
CA ALA D 385 46.60 0.13 16.89
C ALA D 385 46.60 0.22 18.39
N ARG D 386 46.35 1.41 18.91
CA ARG D 386 46.33 1.63 20.35
C ARG D 386 45.43 0.63 21.05
N ARG D 387 44.21 0.42 20.55
CA ARG D 387 43.28 -0.51 21.27
C ARG D 387 43.84 -1.95 21.33
N ALA D 388 44.58 -2.34 20.29
CA ALA D 388 45.27 -3.63 20.27
C ALA D 388 46.51 -3.62 21.16
N ILE D 389 47.27 -2.53 21.11
CA ILE D 389 48.48 -2.42 21.97
C ILE D 389 48.21 -2.60 23.47
N LEU D 390 47.05 -2.17 23.95
CA LEU D 390 46.73 -2.31 25.38
C LEU D 390 46.56 -3.78 25.73
N ARG D 391 46.10 -4.57 24.74
CA ARG D 391 45.90 -6.01 24.95
C ARG D 391 47.20 -6.80 24.76
N SER D 392 48.10 -6.28 23.94
CA SER D 392 49.38 -6.93 23.66
C SER D 392 50.35 -5.85 23.21
N PRO D 393 51.24 -5.42 24.12
CA PRO D 393 52.17 -4.30 23.85
C PRO D 393 53.19 -4.59 22.73
N ILE D 394 53.45 -3.59 21.90
CA ILE D 394 54.65 -3.59 21.07
C ILE D 394 55.73 -2.74 21.75
N SER D 395 56.99 -3.16 21.60
CA SER D 395 58.08 -2.51 22.29
C SER D 395 58.35 -1.09 21.79
N ARG D 396 58.21 -0.88 20.48
CA ARG D 396 58.65 0.37 19.85
C ARG D 396 57.71 0.82 18.76
N MET D 397 57.82 2.11 18.43
CA MET D 397 57.07 2.65 17.29
C MET D 397 58.00 3.45 16.38
N GLY D 398 57.49 3.85 15.23
CA GLY D 398 58.25 4.64 14.30
C GLY D 398 57.49 4.81 13.00
N TYR D 399 58.07 5.61 12.10
CA TYR D 399 57.50 5.90 10.79
C TYR D 399 58.56 5.72 9.74
N GLY D 400 58.14 5.64 8.48
CA GLY D 400 59.09 5.57 7.41
C GLY D 400 58.77 6.60 6.33
N GLY D 401 59.71 6.76 5.39
CA GLY D 401 59.54 7.65 4.24
C GLY D 401 60.43 8.89 4.29
N TYR D 402 59.94 9.98 3.70
CA TYR D 402 60.67 11.24 3.54
C TYR D 402 60.40 12.18 4.69
N LEU D 403 61.38 12.31 5.57
CA LEU D 403 61.29 13.23 6.71
C LEU D 403 61.05 14.68 6.26
N SER D 404 61.71 15.07 5.16
CA SER D 404 61.55 16.42 4.58
C SER D 404 60.10 16.75 4.22
N LEU D 405 59.36 15.74 3.75
CA LEU D 405 57.96 15.92 3.39
C LEU D 405 57.09 16.17 4.62
N ALA D 406 57.16 15.26 5.59
CA ALA D 406 56.40 15.35 6.85
C ALA D 406 56.74 16.61 7.65
N ALA D 407 58.01 17.01 7.63
CA ALA D 407 58.47 18.22 8.33
C ALA D 407 57.74 19.51 7.89
N LYS D 408 57.04 19.46 6.74
CA LYS D 408 56.29 20.62 6.20
C LYS D 408 54.84 20.76 6.70
N PHE D 409 54.38 19.77 7.46
CA PHE D 409 53.00 19.75 7.96
C PHE D 409 53.02 19.88 9.49
N PRO D 410 53.00 21.14 9.99
CA PRO D 410 53.25 21.37 11.44
C PRO D 410 52.22 20.70 12.35
N LYS D 411 50.97 20.60 11.87
CA LYS D 411 49.89 19.95 12.60
C LYS D 411 50.18 18.45 12.74
N PHE D 412 50.64 17.84 11.64
CA PHE D 412 51.12 16.47 11.66
C PHE D 412 52.30 16.20 12.61
N VAL D 413 53.32 17.06 12.54
CA VAL D 413 54.52 16.96 13.36
C VAL D 413 54.12 16.95 14.82
N ASP D 414 53.17 17.81 15.16
CA ASP D 414 52.64 17.93 16.52
C ASP D 414 51.94 16.70 16.99
N THR D 415 51.05 16.23 16.13
CA THR D 415 50.37 14.97 16.32
C THR D 415 51.36 13.87 16.66
N VAL D 416 52.46 13.76 15.93
CA VAL D 416 53.47 12.71 16.19
C VAL D 416 54.15 12.89 17.55
N THR D 417 54.38 14.14 17.95
CA THR D 417 54.87 14.45 19.31
C THR D 417 53.97 13.86 20.40
N HIS D 418 52.67 14.17 20.30
CA HIS D 418 51.60 13.60 21.10
C HIS D 418 51.51 12.06 21.07
N ILE D 419 51.54 11.47 19.89
CA ILE D 419 51.45 10.01 19.80
C ILE D 419 52.65 9.35 20.51
N ALA D 420 53.87 9.77 20.15
CA ALA D 420 55.10 9.25 20.75
C ALA D 420 55.10 9.36 22.27
N ASN D 421 54.62 10.49 22.78
CA ASN D 421 54.53 10.70 24.24
C ASN D 421 53.55 9.74 24.89
N GLU D 422 52.39 9.57 24.26
CA GLU D 422 51.36 8.69 24.79
C GLU D 422 51.79 7.22 24.75
N PHE D 423 52.47 6.84 23.66
CA PHE D 423 53.09 5.52 23.47
C PHE D 423 54.06 5.24 24.61
N ARG D 424 54.92 6.22 24.92
CA ARG D 424 55.82 6.05 26.07
C ARG D 424 55.03 6.03 27.39
N ASP D 425 54.06 6.94 27.53
CA ASP D 425 53.25 7.01 28.75
C ASP D 425 52.59 5.67 29.08
N ILE D 426 52.01 5.03 28.05
CA ILE D 426 51.34 3.74 28.18
C ILE D 426 52.31 2.69 28.72
N HIS D 427 53.47 2.56 28.10
CA HIS D 427 54.51 1.64 28.53
C HIS D 427 54.95 1.93 29.97
N ASP D 428 55.23 3.19 30.27
CA ASP D 428 55.74 3.58 31.59
C ASP D 428 54.77 3.22 32.72
N ARG D 429 53.50 3.60 32.55
CA ARG D 429 52.43 3.33 33.52
C ARG D 429 52.13 1.85 33.69
N THR D 430 52.48 1.08 32.66
CA THR D 430 51.96 -0.26 32.48
C THR D 430 53.03 -1.33 32.62
N GLY D 431 54.29 -0.89 32.56
CA GLY D 431 55.45 -1.80 32.58
C GLY D 431 55.60 -2.65 31.32
N GLY D 432 54.81 -2.35 30.29
CA GLY D 432 54.77 -3.16 29.07
C GLY D 432 54.05 -4.48 29.31
N VAL D 433 53.16 -4.48 30.30
CA VAL D 433 52.34 -5.65 30.62
C VAL D 433 51.02 -5.54 29.82
N ALA D 434 50.49 -6.67 29.38
CA ALA D 434 49.18 -6.73 28.74
C ALA D 434 48.06 -6.47 29.78
N ALA D 435 46.95 -5.85 29.34
CA ALA D 435 45.81 -5.59 30.22
C ALA D 435 45.21 -6.93 30.56
N GLU D 436 44.54 -7.03 31.72
CA GLU D 436 43.99 -8.32 32.10
C GLU D 436 42.85 -8.67 31.13
N GLY D 437 42.80 -9.93 30.70
CA GLY D 437 41.71 -10.39 29.85
C GLY D 437 40.59 -10.95 30.70
N GLU D 438 39.35 -10.65 30.34
CA GLU D 438 38.21 -11.07 31.17
C GLU D 438 37.63 -12.45 30.80
N LEU D 439 38.03 -13.01 29.65
CA LEU D 439 37.59 -14.34 29.20
C LEU D 439 38.68 -14.90 28.32
N ASN D 440 38.72 -16.23 28.19
CA ASN D 440 39.69 -16.89 27.34
C ASN D 440 38.94 -17.37 26.08
N VAL D 441 39.32 -16.83 24.94
CA VAL D 441 38.63 -17.07 23.67
C VAL D 441 39.60 -17.75 22.70
N ALA D 442 39.14 -18.80 22.01
CA ALA D 442 39.96 -19.57 21.10
C ALA D 442 39.32 -19.58 19.70
N ILE D 443 40.11 -19.22 18.69
CA ILE D 443 39.65 -19.25 17.31
C ILE D 443 40.11 -20.59 16.76
N LEU D 444 39.17 -21.36 16.23
CA LEU D 444 39.44 -22.71 15.81
C LEU D 444 39.35 -22.81 14.29
N ASN D 445 40.44 -23.24 13.65
CA ASN D 445 40.48 -23.40 12.19
C ASN D 445 41.54 -24.45 11.86
N SER D 446 41.80 -24.66 10.56
CA SER D 446 42.76 -25.69 10.13
C SER D 446 44.20 -25.34 10.43
N TRP D 447 44.54 -24.06 10.50
CA TRP D 447 45.94 -23.61 10.69
C TRP D 447 46.34 -23.52 12.16
N GLY D 448 45.46 -22.98 12.99
CA GLY D 448 45.79 -22.78 14.40
C GLY D 448 46.88 -21.74 14.64
N LYS D 449 47.81 -22.03 15.56
CA LYS D 449 48.74 -21.02 16.09
C LYS D 449 49.69 -20.42 15.06
N MET D 450 50.11 -21.22 14.08
CA MET D 450 51.05 -20.77 13.06
C MET D 450 50.49 -19.62 12.18
N ARG D 451 49.17 -19.48 12.15
CA ARG D 451 48.52 -18.35 11.51
C ARG D 451 47.75 -17.49 12.55
N SER D 452 48.39 -17.23 13.69
CA SER D 452 47.83 -16.33 14.69
C SER D 452 47.59 -14.95 14.05
N TRP D 453 46.37 -14.41 14.20
CA TRP D 453 45.96 -13.10 13.67
C TRP D 453 46.01 -12.97 12.14
N MET D 454 46.12 -14.11 11.44
CA MET D 454 46.41 -14.15 10.01
C MET D 454 45.23 -14.76 9.24
N ALA D 455 44.23 -15.25 9.96
CA ALA D 455 43.01 -15.79 9.34
C ALA D 455 42.29 -14.74 8.50
N PHE D 456 41.74 -15.19 7.36
CA PHE D 456 40.92 -14.33 6.49
C PHE D 456 41.70 -13.31 5.66
N THR D 457 43.02 -13.24 5.83
CA THR D 457 43.81 -12.31 5.03
C THR D 457 44.11 -12.91 3.65
N VAL D 458 43.98 -12.07 2.61
CA VAL D 458 44.49 -12.38 1.26
C VAL D 458 45.72 -11.51 1.03
N ALA D 459 45.50 -10.21 0.78
CA ALA D 459 46.59 -9.25 0.76
C ALA D 459 46.59 -8.55 2.11
N HIS D 460 47.80 -8.28 2.59
CA HIS D 460 47.99 -7.69 3.93
C HIS D 460 47.21 -6.37 4.12
N ALA D 461 46.37 -6.30 5.17
CA ALA D 461 45.60 -5.09 5.55
C ALA D 461 44.55 -4.62 4.51
N LEU D 462 44.15 -5.53 3.61
CA LEU D 462 43.22 -5.17 2.51
C LEU D 462 42.00 -6.11 2.49
N PRO D 463 41.14 -6.03 3.53
CA PRO D 463 39.93 -6.88 3.45
C PRO D 463 39.05 -6.38 2.30
N ASN D 464 38.24 -7.27 1.75
CA ASN D 464 37.44 -6.93 0.60
C ASN D 464 36.03 -7.48 0.77
N LYS D 465 35.24 -7.39 -0.29
CA LYS D 465 33.82 -7.82 -0.25
C LYS D 465 33.68 -9.24 0.24
N GLN D 466 34.59 -10.09 -0.22
CA GLN D 466 34.53 -11.53 0.11
C GLN D 466 35.03 -11.89 1.51
N THR D 467 35.84 -11.02 2.10
CA THR D 467 36.49 -11.38 3.34
C THR D 467 36.06 -10.56 4.54
N TYR D 468 35.54 -9.35 4.34
CA TYR D 468 35.40 -8.39 5.47
C TYR D 468 34.43 -8.85 6.57
N SER D 469 33.46 -9.70 6.21
CA SER D 469 32.45 -10.20 7.15
C SER D 469 33.05 -11.11 8.20
N TYR D 470 34.24 -11.63 7.87
CA TYR D 470 34.98 -12.55 8.75
C TYR D 470 36.19 -11.87 9.32
N TYR D 471 36.90 -11.08 8.50
CA TYR D 471 38.03 -10.31 9.03
C TYR D 471 37.64 -9.46 10.25
N GLY D 472 36.41 -8.95 10.20
CA GLY D 472 35.84 -8.13 11.29
C GLY D 472 35.82 -8.84 12.64
N ILE D 473 35.73 -10.17 12.62
CA ILE D 473 35.84 -10.95 13.86
C ILE D 473 37.20 -10.67 14.50
N LEU D 474 38.26 -10.76 13.70
CA LEU D 474 39.60 -10.58 14.25
C LEU D 474 39.83 -9.12 14.60
N GLU D 475 39.35 -8.20 13.76
CA GLU D 475 39.53 -6.78 14.05
C GLU D 475 38.81 -6.43 15.37
N SER D 476 37.58 -6.92 15.56
CA SER D 476 36.90 -6.70 16.85
C SER D 476 37.74 -7.26 18.00
N LEU D 477 38.23 -8.48 17.84
CA LEU D 477 38.97 -9.17 18.90
C LEU D 477 40.32 -8.53 19.23
N SER D 478 40.93 -7.90 18.23
CA SER D 478 42.32 -7.47 18.37
C SER D 478 42.51 -6.48 19.50
N GLY D 479 41.47 -5.67 19.75
CA GLY D 479 41.57 -4.63 20.79
C GLY D 479 40.63 -4.88 21.95
N MET D 480 39.97 -6.03 21.94
CA MET D 480 38.97 -6.39 22.95
C MET D 480 39.58 -6.91 24.28
N ARG D 481 38.88 -6.67 25.40
CA ARG D 481 39.35 -7.06 26.77
C ARG D 481 39.24 -8.57 27.10
N VAL D 482 39.63 -9.40 26.14
CA VAL D 482 39.64 -10.85 26.34
C VAL D 482 41.01 -11.37 25.91
N ASN D 483 41.36 -12.57 26.35
CA ASN D 483 42.56 -13.23 25.89
C ASN D 483 42.24 -14.13 24.69
N VAL D 484 42.96 -13.93 23.58
CA VAL D 484 42.65 -14.61 22.31
C VAL D 484 43.77 -15.58 21.96
N ARG D 485 43.42 -16.84 21.68
CA ARG D 485 44.39 -17.78 21.16
C ARG D 485 43.84 -18.47 19.92
N PHE D 486 44.73 -19.11 19.18
CA PHE D 486 44.39 -19.73 17.91
C PHE D 486 44.79 -21.18 17.96
N ILE D 487 43.83 -22.05 17.68
CA ILE D 487 44.02 -23.50 17.80
C ILE D 487 43.55 -24.19 16.54
N SER D 488 44.12 -25.37 16.28
CA SER D 488 43.77 -26.12 15.08
C SER D 488 42.88 -27.33 15.40
N PHE D 489 42.29 -27.92 14.38
CA PHE D 489 41.58 -29.17 14.58
C PHE D 489 42.51 -30.31 15.00
N ASP D 490 43.73 -30.28 14.52
CA ASP D 490 44.71 -31.28 14.99
C ASP D 490 44.95 -31.17 16.50
N ASP D 491 45.02 -29.94 17.04
CA ASP D 491 45.16 -29.68 18.48
C ASP D 491 44.00 -30.34 19.24
N VAL D 492 42.78 -30.04 18.79
CA VAL D 492 41.58 -30.52 19.43
C VAL D 492 41.45 -32.05 19.38
N LEU D 493 41.73 -32.62 18.21
CA LEU D 493 41.68 -34.06 17.99
C LEU D 493 42.76 -34.76 18.83
N ALA D 494 43.93 -34.15 18.95
CA ALA D 494 45.03 -34.77 19.73
C ALA D 494 44.85 -34.61 21.24
N HIS D 495 44.39 -33.44 21.70
CA HIS D 495 44.44 -33.12 23.13
C HIS D 495 43.12 -32.69 23.75
N GLY D 496 42.04 -32.69 22.98
CA GLY D 496 40.77 -32.18 23.47
C GLY D 496 40.87 -30.66 23.62
N ILE D 497 39.88 -30.08 24.28
CA ILE D 497 39.80 -28.64 24.47
C ILE D 497 40.36 -28.27 25.85
N ASP D 498 41.34 -27.37 25.86
CA ASP D 498 42.02 -26.97 27.10
C ASP D 498 41.01 -26.44 28.12
N SER D 499 41.12 -26.87 29.38
CA SER D 499 40.16 -26.49 30.45
C SER D 499 40.01 -25.00 30.76
N ASP D 500 40.96 -24.18 30.32
CA ASP D 500 40.86 -22.74 30.62
C ASP D 500 40.09 -21.95 29.57
N ILE D 501 39.76 -22.60 28.45
CA ILE D 501 39.05 -21.89 27.40
C ILE D 501 37.58 -21.68 27.79
N ASP D 502 37.09 -20.46 27.65
CA ASP D 502 35.69 -20.15 27.88
C ASP D 502 34.84 -20.29 26.62
N VAL D 503 35.35 -19.77 25.48
CA VAL D 503 34.57 -19.71 24.22
C VAL D 503 35.47 -20.18 23.08
N ILE D 504 34.89 -20.99 22.17
CA ILE D 504 35.49 -21.32 20.87
C ILE D 504 34.72 -20.61 19.77
N ILE D 505 35.44 -19.92 18.87
CA ILE D 505 34.83 -19.34 17.68
C ILE D 505 35.29 -20.08 16.43
N ASN D 506 34.33 -20.42 15.58
CA ASN D 506 34.62 -21.04 14.30
C ASN D 506 33.84 -20.24 13.28
N GLY D 507 34.54 -19.72 12.28
CA GLY D 507 33.90 -18.81 11.36
C GLY D 507 34.47 -18.90 9.95
N GLY D 508 33.58 -18.67 8.97
CA GLY D 508 34.00 -18.53 7.57
C GLY D 508 33.01 -19.19 6.64
N PRO D 509 33.30 -19.21 5.31
CA PRO D 509 32.45 -19.94 4.40
C PRO D 509 32.75 -21.42 4.44
N VAL D 510 31.83 -22.21 3.91
CA VAL D 510 32.01 -23.67 3.73
C VAL D 510 33.26 -23.99 2.90
N ASP D 511 33.89 -25.14 3.17
CA ASP D 511 35.06 -25.64 2.42
C ASP D 511 36.23 -24.68 2.41
N THR D 512 36.49 -24.03 3.54
CA THR D 512 37.68 -23.22 3.69
C THR D 512 38.47 -23.71 4.90
N ALA D 513 39.74 -23.35 4.94
CA ALA D 513 40.61 -23.58 6.11
C ALA D 513 39.98 -23.00 7.37
N PHE D 514 39.13 -21.99 7.22
CA PHE D 514 38.64 -21.26 8.40
C PHE D 514 37.40 -21.92 9.02
N THR D 515 36.57 -22.60 8.21
CA THR D 515 35.54 -23.43 8.83
C THR D 515 36.05 -24.83 9.08
N GLY D 516 36.76 -25.37 8.09
CA GLY D 516 37.49 -26.65 8.24
C GLY D 516 37.22 -27.73 7.22
N GLY D 517 36.11 -27.63 6.49
CA GLY D 517 35.78 -28.65 5.50
C GLY D 517 35.43 -29.98 6.15
N ASP D 518 35.84 -31.07 5.50
CA ASP D 518 35.42 -32.42 5.88
C ASP D 518 35.87 -32.90 7.26
N VAL D 519 36.79 -32.17 7.90
CA VAL D 519 37.09 -32.44 9.32
C VAL D 519 35.80 -32.48 10.16
N TRP D 520 34.77 -31.73 9.75
CA TRP D 520 33.48 -31.75 10.46
C TRP D 520 32.65 -33.02 10.29
N THR D 521 33.07 -33.89 9.37
CA THR D 521 32.53 -35.26 9.24
C THR D 521 33.32 -36.27 10.07
N ASN D 522 34.40 -35.81 10.73
CA ASN D 522 35.12 -36.69 11.66
C ASN D 522 34.35 -36.74 13.01
N PRO D 523 33.78 -37.91 13.37
CA PRO D 523 32.93 -37.95 14.58
C PRO D 523 33.64 -37.56 15.85
N LYS D 524 34.94 -37.80 15.95
CA LYS D 524 35.65 -37.45 17.15
C LYS D 524 35.64 -35.94 17.38
N LEU D 525 35.71 -35.17 16.29
CA LEU D 525 35.69 -33.69 16.44
C LEU D 525 34.34 -33.24 17.00
N VAL D 526 33.28 -33.76 16.41
CA VAL D 526 31.95 -33.36 16.80
C VAL D 526 31.63 -33.83 18.23
N GLU D 527 32.11 -35.03 18.59
CA GLU D 527 31.92 -35.54 19.96
C GLU D 527 32.60 -34.60 20.94
N THR D 528 33.85 -34.24 20.66
CA THR D 528 34.66 -33.37 21.54
C THR D 528 33.95 -32.04 21.77
N VAL D 529 33.56 -31.35 20.69
CA VAL D 529 32.93 -30.02 20.87
C VAL D 529 31.58 -30.13 21.57
N ARG D 530 30.74 -31.07 21.17
CA ARG D 530 29.43 -31.16 21.76
C ARG D 530 29.53 -31.47 23.26
N ALA D 531 30.44 -32.38 23.63
CA ALA D 531 30.55 -32.79 25.06
C ALA D 531 30.99 -31.59 25.89
N TRP D 532 31.94 -30.84 25.33
CA TRP D 532 32.50 -29.67 26.01
C TRP D 532 31.46 -28.54 26.19
N VAL D 533 30.72 -28.22 25.13
CA VAL D 533 29.63 -27.24 25.28
C VAL D 533 28.59 -27.76 26.28
N ARG D 534 28.22 -29.04 26.16
CA ARG D 534 27.20 -29.59 27.05
C ARG D 534 27.58 -29.42 28.53
N GLY D 535 28.88 -29.51 28.82
CA GLY D 535 29.40 -29.36 30.16
C GLY D 535 29.64 -27.93 30.61
N GLY D 536 29.40 -26.97 29.71
CA GLY D 536 29.39 -25.55 30.06
C GLY D 536 30.26 -24.68 29.15
N GLY D 537 30.80 -25.28 28.10
CA GLY D 537 31.57 -24.52 27.12
C GLY D 537 30.65 -23.62 26.31
N ALA D 538 31.22 -22.79 25.44
CA ALA D 538 30.44 -21.87 24.61
C ALA D 538 31.04 -21.93 23.20
N PHE D 539 30.16 -22.10 22.23
CA PHE D 539 30.59 -22.18 20.83
C PHE D 539 29.91 -21.10 20.01
N VAL D 540 30.70 -20.26 19.33
CA VAL D 540 30.13 -19.17 18.52
C VAL D 540 30.53 -19.48 17.10
N GLY D 541 29.54 -19.61 16.24
CA GLY D 541 29.77 -19.95 14.84
C GLY D 541 29.40 -18.76 13.97
N VAL D 542 30.29 -18.39 13.06
CA VAL D 542 30.06 -17.21 12.22
C VAL D 542 30.01 -17.64 10.75
N GLY D 543 28.92 -17.32 10.07
CA GLY D 543 28.85 -17.48 8.61
C GLY D 543 28.31 -18.87 8.32
N GLU D 544 29.21 -19.81 8.02
CA GLU D 544 28.84 -21.21 7.77
C GLU D 544 29.65 -22.13 8.67
N PRO D 545 29.49 -21.96 10.00
CA PRO D 545 30.32 -22.70 10.94
C PRO D 545 30.03 -24.19 10.88
N SER D 546 31.08 -25.00 11.07
CA SER D 546 30.99 -26.48 11.11
C SER D 546 30.37 -27.09 9.85
N SER D 547 30.46 -26.38 8.72
CA SER D 547 29.70 -26.79 7.54
C SER D 547 30.40 -27.94 6.80
N ALA D 548 29.63 -28.90 6.31
CA ALA D 548 30.19 -29.98 5.50
C ALA D 548 29.19 -30.30 4.43
N PRO D 549 29.56 -30.09 3.16
CA PRO D 549 28.56 -30.29 2.12
C PRO D 549 28.29 -31.77 1.85
N ARG D 550 27.04 -32.07 1.52
CA ARG D 550 26.60 -33.39 1.05
C ARG D 550 26.60 -34.54 2.07
N PHE D 551 27.39 -34.40 3.13
CA PHE D 551 27.54 -35.45 4.13
C PHE D 551 26.21 -35.95 4.74
N GLN D 552 25.38 -35.02 5.17
CA GLN D 552 24.03 -35.33 5.61
C GLN D 552 23.07 -34.51 4.78
N THR D 553 22.11 -35.18 4.16
CA THR D 553 21.12 -34.48 3.36
C THR D 553 20.38 -33.40 4.13
N GLY D 554 20.13 -33.64 5.42
CA GLY D 554 19.29 -32.75 6.17
C GLY D 554 20.02 -31.85 7.16
N ARG D 555 21.35 -31.86 7.12
CA ARG D 555 22.15 -31.06 8.07
C ARG D 555 23.44 -30.59 7.37
N PHE D 556 23.58 -29.27 7.20
CA PHE D 556 24.73 -28.66 6.51
C PHE D 556 25.74 -28.22 7.58
N PHE D 557 25.32 -27.38 8.51
CA PHE D 557 26.16 -27.06 9.68
C PHE D 557 26.11 -28.31 10.58
N GLN D 558 27.24 -29.00 10.74
CA GLN D 558 27.26 -30.23 11.52
C GLN D 558 26.90 -29.99 12.99
N LEU D 559 27.25 -28.81 13.49
CA LEU D 559 26.85 -28.40 14.84
C LEU D 559 25.65 -27.46 14.85
N ALA D 560 24.73 -27.60 13.90
CA ALA D 560 23.46 -26.86 13.95
C ALA D 560 22.71 -27.06 15.27
N ASP D 561 22.80 -28.26 15.85
CA ASP D 561 22.11 -28.52 17.11
C ASP D 561 22.65 -27.66 18.26
N VAL D 562 23.94 -27.35 18.21
CA VAL D 562 24.60 -26.52 19.22
C VAL D 562 24.20 -25.03 19.13
N ILE D 563 24.26 -24.50 17.91
CA ILE D 563 23.98 -23.07 17.71
C ILE D 563 22.54 -22.75 17.36
N GLY D 564 21.74 -23.77 17.08
CA GLY D 564 20.31 -23.55 16.88
C GLY D 564 19.91 -23.13 15.46
N VAL D 565 20.87 -23.12 14.54
CA VAL D 565 20.67 -22.59 13.19
C VAL D 565 21.33 -23.53 12.20
N ASP D 566 20.65 -23.79 11.07
CA ASP D 566 21.30 -24.44 9.93
C ASP D 566 21.01 -23.61 8.68
N GLU D 567 21.69 -23.94 7.60
CA GLU D 567 21.46 -23.31 6.30
C GLU D 567 20.70 -24.25 5.36
N GLU D 568 19.56 -23.78 4.84
CA GLU D 568 18.78 -24.53 3.82
C GLU D 568 19.68 -24.58 2.58
N ARG D 569 19.83 -25.78 2.00
CA ARG D 569 20.69 -25.98 0.82
C ARG D 569 19.88 -26.49 -0.37
N TYR D 570 18.57 -26.23 -0.32
CA TYR D 570 17.61 -26.55 -1.39
C TYR D 570 17.36 -28.06 -1.47
N GLN D 571 17.79 -28.80 -0.45
CA GLN D 571 17.48 -30.23 -0.28
C GLN D 571 16.27 -30.45 0.62
N THR D 572 15.99 -29.46 1.46
CA THR D 572 14.93 -29.59 2.46
C THR D 572 13.79 -28.60 2.30
N LEU D 573 13.49 -28.16 1.07
CA LEU D 573 12.39 -27.23 0.82
C LEU D 573 10.99 -27.79 1.16
N SER D 574 10.83 -29.11 1.09
CA SER D 574 9.55 -29.73 1.47
C SER D 574 9.18 -29.57 2.96
N VAL D 575 10.18 -29.29 3.79
CA VAL D 575 10.01 -29.21 5.25
C VAL D 575 9.73 -27.74 5.64
N ASP D 576 8.51 -27.49 6.12
CA ASP D 576 8.14 -26.14 6.56
C ASP D 576 9.07 -25.67 7.64
N LYS D 577 9.57 -24.44 7.49
CA LYS D 577 10.41 -23.82 8.52
C LYS D 577 9.60 -22.90 9.40
N TYR D 578 9.65 -23.10 10.70
CA TYR D 578 8.84 -22.29 11.64
C TYR D 578 9.78 -21.50 12.55
N PHE D 579 9.72 -20.18 12.44
CA PHE D 579 10.59 -19.25 13.17
C PHE D 579 9.83 -18.79 14.41
N PRO D 580 10.44 -18.93 15.60
CA PRO D 580 9.80 -18.36 16.80
C PRO D 580 9.93 -16.85 16.79
N PRO D 581 9.06 -16.13 17.53
CA PRO D 581 9.16 -14.68 17.56
C PRO D 581 10.54 -14.19 17.97
N VAL D 582 11.01 -13.14 17.31
CA VAL D 582 12.31 -12.55 17.64
C VAL D 582 12.23 -11.89 19.01
N VAL D 583 13.31 -11.98 19.76
CA VAL D 583 13.42 -11.32 21.05
C VAL D 583 14.25 -10.02 20.90
N PRO D 584 13.56 -8.87 20.78
CA PRO D 584 14.26 -7.62 20.48
C PRO D 584 15.05 -7.09 21.67
N ASP D 585 14.66 -7.47 22.89
CA ASP D 585 15.31 -6.94 24.10
C ASP D 585 16.08 -8.06 24.78
N HIS D 586 17.41 -8.04 24.61
CA HIS D 586 18.29 -9.13 25.07
C HIS D 586 19.65 -8.56 25.47
N PHE D 587 20.31 -9.23 26.41
CA PHE D 587 21.66 -8.93 26.82
C PHE D 587 22.56 -8.65 25.62
N ILE D 588 22.52 -9.55 24.63
CA ILE D 588 23.46 -9.45 23.49
C ILE D 588 23.27 -8.16 22.67
N THR D 589 22.03 -7.75 22.44
CA THR D 589 21.76 -6.60 21.56
C THR D 589 21.50 -5.31 22.36
N ALA D 590 21.81 -5.36 23.65
CA ALA D 590 21.46 -4.25 24.59
C ALA D 590 22.00 -2.88 24.15
N ASP D 591 23.17 -2.86 23.51
CA ASP D 591 23.80 -1.63 23.06
C ASP D 591 23.49 -1.23 21.60
N VAL D 592 22.69 -2.04 20.89
CA VAL D 592 22.38 -1.72 19.51
C VAL D 592 21.47 -0.50 19.56
N PRO D 593 21.89 0.59 18.88
CA PRO D 593 21.05 1.79 18.83
C PRO D 593 19.64 1.49 18.30
N VAL D 594 18.64 2.02 18.99
CA VAL D 594 17.26 1.87 18.57
C VAL D 594 16.98 2.80 17.38
N ASP D 595 16.12 2.32 16.48
CA ASP D 595 15.66 3.10 15.32
C ASP D 595 14.13 3.08 15.47
N PRO D 596 13.57 4.09 16.18
CA PRO D 596 12.16 4.01 16.60
C PRO D 596 11.17 3.71 15.48
N ALA D 597 11.31 4.40 14.36
CA ALA D 597 10.41 4.19 13.25
C ALA D 597 10.56 2.76 12.67
N ALA D 598 11.78 2.23 12.63
CA ALA D 598 12.00 0.86 12.12
C ALA D 598 11.36 -0.16 13.05
N ARG D 599 11.59 -0.03 14.36
CA ARG D 599 10.97 -0.94 15.33
C ARG D 599 9.44 -0.92 15.27
N GLU D 600 8.86 0.27 15.09
CA GLU D 600 7.40 0.36 14.97
C GLU D 600 6.82 -0.38 13.79
N ALA D 601 7.45 -0.20 12.62
CA ALA D 601 7.03 -0.84 11.39
C ALA D 601 7.18 -2.36 11.53
N TRP D 602 8.27 -2.79 12.18
CA TRP D 602 8.53 -4.20 12.43
C TRP D 602 7.47 -4.79 13.36
N GLU D 603 7.20 -4.08 14.45
CA GLU D 603 6.15 -4.49 15.39
C GLU D 603 4.81 -4.62 14.71
N GLN D 604 4.45 -3.62 13.90
CA GLN D 604 3.12 -3.52 13.30
C GLN D 604 2.93 -4.50 12.16
N ALA D 605 3.98 -4.77 11.38
CA ALA D 605 3.86 -5.73 10.29
C ALA D 605 3.69 -7.15 10.80
N GLY D 606 4.30 -7.46 11.94
CA GLY D 606 4.18 -8.80 12.54
C GLY D 606 4.84 -9.91 11.72
N TYR D 607 4.33 -11.13 11.87
CA TYR D 607 5.00 -12.33 11.38
C TYR D 607 4.07 -13.05 10.41
N ARG D 608 4.67 -13.76 9.45
CA ARG D 608 3.91 -14.55 8.50
C ARG D 608 3.13 -15.64 9.21
N ILE D 609 1.89 -15.79 8.80
CA ILE D 609 1.00 -16.88 9.20
C ILE D 609 1.47 -18.12 8.41
N PRO D 610 1.47 -19.32 9.05
CA PRO D 610 1.77 -20.56 8.34
C PRO D 610 1.06 -20.64 7.01
N LEU D 611 1.80 -21.06 5.98
CA LEU D 611 1.25 -21.18 4.64
C LEU D 611 1.92 -22.37 4.00
N SER D 612 1.15 -23.20 3.30
CA SER D 612 1.66 -24.45 2.73
C SER D 612 2.93 -24.20 1.91
N GLY D 613 3.98 -24.95 2.19
CA GLY D 613 5.20 -24.86 1.42
C GLY D 613 6.08 -23.66 1.78
N CYS D 614 5.65 -22.87 2.75
CA CYS D 614 6.33 -21.60 3.06
C CYS D 614 6.65 -21.43 4.55
N GLY D 615 6.29 -22.42 5.37
CA GLY D 615 6.51 -22.29 6.82
C GLY D 615 5.76 -21.12 7.43
N GLY D 616 6.32 -20.51 8.45
CA GLY D 616 5.65 -19.42 9.19
C GLY D 616 6.58 -18.78 10.22
N GLY D 617 6.21 -17.61 10.71
CA GLY D 617 6.91 -17.03 11.85
C GLY D 617 7.91 -15.99 11.45
N GLN D 618 8.20 -15.87 10.15
CA GLN D 618 9.20 -14.89 9.66
C GLN D 618 8.62 -13.48 9.73
N SER D 619 9.38 -12.52 10.25
CA SER D 619 8.90 -11.13 10.27
C SER D 619 8.70 -10.65 8.85
N ILE D 620 7.59 -9.96 8.63
CA ILE D 620 7.23 -9.44 7.32
C ILE D 620 8.10 -8.22 6.96
N LYS D 621 8.47 -7.46 7.98
CA LYS D 621 9.40 -6.34 7.80
C LYS D 621 10.63 -6.59 8.65
N PRO D 622 11.77 -5.97 8.30
CA PRO D 622 12.97 -6.24 9.06
C PRO D 622 13.07 -5.34 10.27
N LEU D 623 13.58 -5.90 11.36
CA LEU D 623 13.93 -5.08 12.53
C LEU D 623 15.17 -4.21 12.28
N GLY D 624 16.19 -4.76 11.62
CA GLY D 624 17.38 -4.01 11.20
C GLY D 624 18.26 -3.55 12.35
N GLY D 625 19.12 -2.57 12.09
CA GLY D 625 19.92 -1.90 13.15
C GLY D 625 21.34 -2.42 13.33
N ILE D 626 21.62 -3.57 12.73
CA ILE D 626 22.95 -4.18 12.83
C ILE D 626 23.48 -4.54 11.43
N ASP D 627 24.72 -4.17 11.15
CA ASP D 627 25.35 -4.50 9.88
C ASP D 627 26.06 -5.84 10.04
N PHE D 628 25.43 -6.87 9.47
CA PHE D 628 25.95 -8.25 9.46
C PHE D 628 26.77 -8.58 8.22
N GLY D 629 27.06 -7.58 7.39
CA GLY D 629 27.89 -7.82 6.19
C GLY D 629 27.22 -8.74 5.17
N GLU D 630 27.97 -9.68 4.64
CA GLU D 630 27.48 -10.51 3.54
C GLU D 630 26.43 -11.52 4.01
N PRO D 631 25.29 -11.60 3.31
CA PRO D 631 24.24 -12.48 3.78
C PRO D 631 24.63 -13.96 3.66
N VAL D 632 24.15 -14.78 4.60
CA VAL D 632 24.15 -16.23 4.42
C VAL D 632 22.69 -16.62 4.14
N LEU D 633 22.42 -17.01 2.90
CA LEU D 633 21.05 -17.16 2.45
C LEU D 633 20.37 -18.39 3.09
N ASN D 634 19.12 -18.19 3.46
CA ASN D 634 18.24 -19.26 3.94
C ASN D 634 18.71 -20.02 5.19
N THR D 635 19.44 -19.33 6.05
CA THR D 635 19.58 -19.82 7.43
C THR D 635 18.20 -19.81 8.11
N TYR D 636 17.98 -20.79 9.00
CA TYR D 636 16.72 -20.95 9.68
C TYR D 636 16.96 -21.61 11.05
N PRO D 637 16.01 -21.41 11.99
CA PRO D 637 16.20 -21.98 13.32
C PRO D 637 15.83 -23.48 13.28
N VAL D 638 16.62 -24.32 13.92
CA VAL D 638 16.36 -25.78 13.80
C VAL D 638 15.13 -26.26 14.61
N ASN D 639 14.71 -25.47 15.59
CA ASN D 639 13.47 -25.72 16.35
C ASN D 639 13.02 -24.38 16.96
N GLU D 640 11.84 -24.34 17.56
CA GLU D 640 11.38 -23.05 18.08
C GLU D 640 11.86 -22.73 19.50
N ASN D 641 12.76 -23.54 20.06
CA ASN D 641 13.38 -23.18 21.35
C ASN D 641 14.66 -22.36 21.20
N VAL D 642 15.07 -22.18 19.94
CA VAL D 642 16.25 -21.34 19.67
C VAL D 642 15.82 -19.90 19.87
N THR D 643 16.66 -19.07 20.50
CA THR D 643 16.34 -17.64 20.61
C THR D 643 16.83 -16.91 19.37
N LEU D 644 15.92 -16.35 18.60
CA LEU D 644 16.25 -15.51 17.46
C LEU D 644 16.38 -14.06 17.92
N LEU D 645 17.55 -13.47 17.73
CA LEU D 645 17.78 -12.05 18.07
C LEU D 645 17.68 -11.12 16.84
N ARG D 646 18.09 -11.62 15.66
CA ARG D 646 17.77 -11.00 14.39
C ARG D 646 17.51 -12.09 13.38
N ALA D 647 16.35 -12.01 12.74
CA ALA D 647 15.97 -12.93 11.66
C ALA D 647 15.14 -12.18 10.60
N ASP D 648 15.80 -11.23 9.95
CA ASP D 648 15.20 -10.32 8.99
C ASP D 648 15.26 -10.88 7.59
N GLY D 649 14.27 -10.52 6.78
CA GLY D 649 14.19 -10.93 5.39
C GLY D 649 14.11 -12.43 5.16
N GLY D 650 13.40 -13.14 6.02
CA GLY D 650 13.16 -14.57 5.79
C GLY D 650 14.33 -15.51 6.09
N GLN D 651 15.33 -15.03 6.85
CA GLN D 651 16.50 -15.84 7.24
C GLN D 651 17.10 -15.32 8.56
N VAL D 652 18.17 -15.96 9.05
CA VAL D 652 18.66 -15.67 10.39
C VAL D 652 20.04 -15.03 10.32
N GLN D 653 20.23 -13.97 11.10
CA GLN D 653 21.52 -13.29 11.21
C GLN D 653 22.13 -13.51 12.57
N LEU D 654 21.29 -13.63 13.60
CA LEU D 654 21.77 -13.68 14.99
C LEU D 654 20.83 -14.52 15.89
N ALA D 655 21.43 -15.48 16.59
CA ALA D 655 20.64 -16.42 17.40
C ALA D 655 21.46 -17.02 18.52
N THR D 656 20.81 -17.43 19.60
CA THR D 656 21.52 -18.10 20.67
C THR D 656 20.69 -19.34 21.11
N ASN D 657 21.37 -20.39 21.54
CA ASN D 657 20.70 -21.65 21.88
C ASN D 657 21.32 -22.21 23.13
N ASP D 658 20.49 -22.64 24.07
CA ASP D 658 20.99 -23.35 25.25
C ASP D 658 21.27 -24.79 24.87
N TYR D 659 22.41 -25.29 25.31
CA TYR D 659 22.87 -26.63 24.97
C TYR D 659 23.48 -27.29 26.20
N GLY D 660 22.65 -28.00 26.95
CA GLY D 660 23.09 -28.50 28.26
C GLY D 660 23.39 -27.34 29.17
N LYS D 661 24.54 -27.37 29.82
CA LYS D 661 25.05 -26.31 30.71
C LYS D 661 25.66 -25.19 29.89
N GLY D 662 25.95 -25.44 28.61
CA GLY D 662 26.55 -24.40 27.78
C GLY D 662 25.65 -23.75 26.77
N ARG D 663 26.24 -22.97 25.85
CA ARG D 663 25.46 -22.21 24.86
C ARG D 663 26.17 -22.17 23.53
N GLY D 664 25.40 -22.09 22.45
CA GLY D 664 25.94 -21.85 21.12
C GLY D 664 25.29 -20.57 20.64
N VAL D 665 26.04 -19.81 19.84
CA VAL D 665 25.52 -18.60 19.24
C VAL D 665 25.88 -18.63 17.73
N TYR D 666 24.92 -18.24 16.90
CA TYR D 666 25.15 -18.08 15.46
C TYR D 666 25.16 -16.59 15.10
N ILE D 667 26.10 -16.19 14.25
CA ILE D 667 26.17 -14.83 13.70
C ILE D 667 26.45 -15.00 12.21
N SER D 668 25.62 -14.43 11.34
CA SER D 668 25.79 -14.68 9.89
C SER D 668 27.03 -13.98 9.34
N GLY D 669 27.40 -12.84 9.94
CA GLY D 669 28.61 -12.11 9.52
C GLY D 669 28.89 -10.96 10.47
N LEU D 670 30.13 -10.47 10.51
CA LEU D 670 30.48 -9.44 11.50
C LEU D 670 31.57 -8.45 11.00
N PRO D 671 31.18 -7.50 10.12
CA PRO D 671 32.17 -6.47 9.79
C PRO D 671 32.56 -5.72 11.03
N TYR D 672 33.80 -5.24 11.07
CA TYR D 672 34.24 -4.47 12.21
C TYR D 672 33.57 -3.11 12.29
N SER D 673 33.04 -2.81 13.48
CA SER D 673 32.67 -1.45 13.92
C SER D 673 32.72 -1.46 15.44
N ALA D 674 32.65 -0.28 16.04
CA ALA D 674 32.59 -0.19 17.49
C ALA D 674 31.32 -0.92 17.97
N ALA D 675 30.21 -0.71 17.29
CA ALA D 675 28.99 -1.43 17.62
C ALA D 675 29.13 -2.96 17.52
N ASN D 676 29.73 -3.41 16.42
CA ASN D 676 29.82 -4.85 16.19
C ASN D 676 30.83 -5.53 17.11
N ALA D 677 31.90 -4.81 17.47
CA ALA D 677 32.84 -5.32 18.47
C ALA D 677 32.15 -5.45 19.81
N ARG D 678 31.31 -4.48 20.16
CA ARG D 678 30.50 -4.60 21.39
C ARG D 678 29.48 -5.76 21.32
N LEU D 679 28.82 -5.92 20.17
CA LEU D 679 27.90 -7.05 19.96
C LEU D 679 28.69 -8.34 20.18
N LEU D 680 29.84 -8.47 19.51
CA LEU D 680 30.62 -9.70 19.70
C LEU D 680 31.05 -9.88 21.16
N GLU D 681 31.53 -8.81 21.79
CA GLU D 681 31.92 -8.92 23.21
C GLU D 681 30.75 -9.41 24.09
N ARG D 682 29.54 -8.88 23.90
CA ARG D 682 28.39 -9.33 24.67
C ARG D 682 28.03 -10.80 24.37
N VAL D 683 28.22 -11.20 23.11
CA VAL D 683 28.07 -12.61 22.71
C VAL D 683 29.02 -13.49 23.52
N LEU D 684 30.27 -13.05 23.67
CA LEU D 684 31.25 -13.87 24.36
C LEU D 684 30.87 -14.04 25.84
N PHE D 685 30.46 -12.95 26.49
CA PHE D 685 30.03 -13.04 27.90
C PHE D 685 28.77 -13.88 28.06
N TYR D 686 27.79 -13.62 27.21
CA TYR D 686 26.55 -14.34 27.29
C TYR D 686 26.71 -15.85 27.03
N ALA D 687 27.43 -16.21 25.98
CA ALA D 687 27.52 -17.64 25.62
C ALA D 687 28.22 -18.47 26.69
N SER D 688 29.18 -17.85 27.39
CA SER D 688 29.93 -18.53 28.45
C SER D 688 29.25 -18.45 29.85
N HIS D 689 27.97 -18.07 29.89
CA HIS D 689 27.26 -17.86 31.17
C HIS D 689 28.00 -16.91 32.14
N ASN D 690 28.63 -15.89 31.57
CA ASN D 690 29.40 -14.89 32.30
C ASN D 690 28.81 -13.47 32.21
N GLU D 691 27.50 -13.36 32.04
CA GLU D 691 26.81 -12.06 32.05
C GLU D 691 27.14 -11.24 33.32
N ASP D 692 27.25 -11.92 34.45
CA ASP D 692 27.59 -11.28 35.74
C ASP D 692 28.98 -10.64 35.77
N LYS D 693 29.87 -11.17 34.92
CA LYS D 693 31.26 -10.75 34.84
C LYS D 693 31.45 -9.57 33.87
N TYR D 694 30.39 -9.26 33.12
CA TYR D 694 30.48 -8.29 32.03
C TYR D 694 30.70 -6.85 32.49
N ALA D 695 30.03 -6.46 33.57
CA ALA D 695 30.05 -5.07 34.03
C ALA D 695 31.41 -4.60 34.49
N ALA D 696 32.15 -5.46 35.18
CA ALA D 696 33.44 -5.05 35.72
C ALA D 696 34.37 -4.62 34.59
N TRP D 697 34.83 -3.38 34.66
CA TRP D 697 35.82 -2.82 33.76
C TRP D 697 35.27 -2.67 32.34
N SER D 698 34.06 -2.13 32.23
CA SER D 698 33.41 -1.90 30.96
C SER D 698 33.01 -0.44 30.78
N SER D 699 32.81 -0.05 29.51
CA SER D 699 32.40 1.30 29.15
C SER D 699 30.97 1.28 28.62
N SER D 700 30.10 2.12 29.17
CA SER D 700 28.70 2.18 28.75
C SER D 700 28.60 2.51 27.25
N ASN D 701 29.42 3.48 26.83
CA ASN D 701 29.59 3.85 25.41
C ASN D 701 30.40 2.81 24.61
N PRO D 702 29.77 2.18 23.59
CA PRO D 702 30.52 1.21 22.77
C PRO D 702 31.72 1.82 22.02
N GLU D 703 31.72 3.13 21.81
CA GLU D 703 32.84 3.84 21.15
C GLU D 703 34.08 3.99 22.01
N CYS D 704 33.95 3.74 23.31
CA CYS D 704 35.11 3.68 24.21
C CYS D 704 35.35 2.27 24.66
N GLU D 705 36.59 2.02 25.09
CA GLU D 705 37.00 0.75 25.65
C GLU D 705 37.88 1.00 26.84
N VAL D 706 37.97 -0.02 27.70
CA VAL D 706 38.64 0.03 29.01
C VAL D 706 39.73 -1.02 29.10
N ALA D 707 40.86 -0.64 29.71
CA ALA D 707 41.95 -1.58 29.96
C ALA D 707 42.31 -1.56 31.43
N HIS D 708 42.14 -2.68 32.11
CA HIS D 708 42.43 -2.75 33.55
C HIS D 708 43.78 -3.42 33.80
N PHE D 709 44.63 -2.75 34.57
CA PHE D 709 45.98 -3.22 34.88
C PHE D 709 46.14 -3.48 36.38
N PRO D 710 45.66 -4.63 36.87
CA PRO D 710 45.55 -4.86 38.31
C PRO D 710 46.87 -4.72 39.07
N GLU D 711 47.94 -5.34 38.58
CA GLU D 711 49.22 -5.32 39.31
C GLU D 711 49.87 -3.93 39.42
N GLN D 712 49.41 -2.98 38.61
CA GLN D 712 49.78 -1.57 38.75
C GLN D 712 48.62 -0.72 39.32
N GLY D 713 47.62 -1.37 39.91
CA GLY D 713 46.45 -0.68 40.47
C GLY D 713 45.83 0.42 39.63
N LEU D 714 45.88 0.25 38.30
CA LEU D 714 45.38 1.24 37.34
C LEU D 714 44.36 0.66 36.35
N TYR D 715 43.63 1.57 35.72
CA TYR D 715 42.89 1.27 34.51
C TYR D 715 42.99 2.50 33.61
N CYS D 716 42.75 2.30 32.32
CA CYS D 716 42.61 3.41 31.40
C CYS D 716 41.37 3.22 30.54
N VAL D 717 40.83 4.33 30.03
CA VAL D 717 39.68 4.31 29.14
C VAL D 717 40.07 5.12 27.93
N ILE D 718 39.78 4.57 26.76
CA ILE D 718 40.21 5.15 25.50
C ILE D 718 39.03 5.39 24.59
N ASN D 719 39.13 6.49 23.86
CA ASN D 719 38.22 6.88 22.80
C ASN D 719 38.77 6.36 21.49
N ASN D 720 38.01 5.46 20.86
CA ASN D 720 38.43 4.80 19.61
C ASN D 720 37.97 5.61 18.41
N THR D 721 37.50 6.83 18.66
CA THR D 721 37.02 7.70 17.58
C THR D 721 37.73 9.06 17.64
N ASP D 722 37.51 9.85 16.61
CA ASP D 722 38.04 11.21 16.57
C ASP D 722 36.99 12.24 17.03
N GLN D 723 35.92 11.76 17.66
CA GLN D 723 34.86 12.67 18.12
C GLN D 723 34.82 12.66 19.64
N PRO D 724 34.24 13.71 20.27
CA PRO D 724 34.17 13.64 21.73
C PRO D 724 33.26 12.49 22.13
N GLN D 725 33.61 11.77 23.18
CA GLN D 725 32.75 10.68 23.65
C GLN D 725 32.53 10.77 25.13
N LYS D 726 31.25 10.82 25.51
CA LYS D 726 30.90 10.70 26.92
C LYS D 726 30.72 9.21 27.20
N THR D 727 31.30 8.73 28.29
CA THR D 727 31.07 7.36 28.73
C THR D 727 31.19 7.22 30.24
N THR D 728 30.55 6.19 30.77
CA THR D 728 30.63 5.82 32.17
C THR D 728 31.30 4.47 32.30
N VAL D 729 32.36 4.42 33.12
CA VAL D 729 33.05 3.16 33.40
C VAL D 729 32.51 2.55 34.72
N THR D 730 32.25 1.25 34.70
CA THR D 730 31.91 0.49 35.89
C THR D 730 33.14 -0.31 36.34
N LEU D 731 33.48 -0.21 37.64
CA LEU D 731 34.63 -0.96 38.21
C LEU D 731 34.20 -2.28 38.84
N ALA D 732 35.17 -3.03 39.37
CA ALA D 732 34.92 -4.36 39.94
C ALA D 732 33.97 -4.35 41.13
N ASP D 733 34.00 -3.29 41.93
CA ASP D 733 33.19 -3.22 43.15
C ASP D 733 31.75 -2.80 42.85
N GLY D 734 31.51 -2.26 41.66
CA GLY D 734 30.19 -1.80 41.28
C GLY D 734 30.06 -0.29 41.25
N THR D 735 31.12 0.40 41.68
CA THR D 735 31.18 1.87 41.56
C THR D 735 31.36 2.27 40.10
N THR D 736 30.86 3.44 39.75
CA THR D 736 31.02 3.97 38.39
C THR D 736 31.76 5.30 38.39
N GLU D 737 32.42 5.61 37.27
CA GLU D 737 33.14 6.88 37.09
C GLU D 737 32.85 7.44 35.70
N ASP D 738 32.70 8.76 35.60
CA ASP D 738 32.26 9.36 34.34
C ASP D 738 33.36 10.12 33.58
N PHE D 739 33.18 10.22 32.27
CA PHE D 739 34.24 10.72 31.40
C PHE D 739 33.68 11.46 30.21
N ASP D 740 34.30 12.58 29.88
CA ASP D 740 34.06 13.23 28.60
C ASP D 740 35.40 13.26 27.87
N LEU D 741 35.54 12.38 26.89
CA LEU D 741 36.83 12.20 26.22
C LEU D 741 36.89 12.97 24.91
N PRO D 742 37.98 13.75 24.71
CA PRO D 742 38.17 14.42 23.42
C PRO D 742 38.61 13.39 22.34
N ASP D 743 38.63 13.83 21.08
CA ASP D 743 39.21 13.09 19.95
C ASP D 743 40.44 12.26 20.35
N SER D 744 40.37 10.93 20.15
CA SER D 744 41.50 10.01 20.41
C SER D 744 42.01 10.01 21.86
N GLY D 745 41.16 10.43 22.80
CA GLY D 745 41.58 10.61 24.18
C GLY D 745 41.89 9.34 24.93
N ILE D 746 42.59 9.50 26.05
CA ILE D 746 42.89 8.42 26.97
C ILE D 746 42.86 9.05 28.36
N ALA D 747 42.44 8.29 29.37
CA ALA D 747 42.41 8.77 30.73
C ALA D 747 42.81 7.64 31.66
N TRP D 748 43.55 7.98 32.70
CA TRP D 748 44.00 7.00 33.68
C TRP D 748 43.42 7.28 35.07
N ARG D 749 43.09 6.21 35.78
CA ARG D 749 42.52 6.32 37.12
C ARG D 749 43.04 5.17 37.94
N GLU D 750 43.07 5.31 39.26
CA GLU D 750 43.60 4.25 40.12
C GLU D 750 42.60 3.15 40.47
#